data_7D65
#
_entry.id   7D65
#
_cell.length_a   1.00
_cell.length_b   1.00
_cell.length_c   1.00
_cell.angle_alpha   90.00
_cell.angle_beta   90.00
_cell.angle_gamma   90.00
#
_symmetry.space_group_name_H-M   'P 1'
#
loop_
_entity.id
_entity.type
_entity.pdbx_description
1 polymer 'Calcium homeostasis modulator protein 5'
2 non-polymer 1,2-DIOCTANOYL-SN-GLYCERO-3-PHOSPHATE
#
_entity_poly.entity_id   1
_entity_poly.type   'polypeptide(L)'
_entity_poly.pdbx_seq_one_letter_code
;MDAFQGILKFFLNQKTVIGYSFMALLTVGSERLFSVVAFKCPCSTENMTYGLVFLFAPAWVLLILGFFLNNRSWRLFTGC
CVNPRKIFPRGHSCRFFYVLGQITLSSLVAPVMWLSVALLNGTFYECAMSGTRSSGLLELICKGKPKECWEELHKVSCGK
TSMLPTVNEELKLSLQAQSQILGWCLICSASFFSLLTTCYARCRSKVSYLQLSFWKTYAQKEKEQLENTFLDYANKLSER
NLKCFFENKRPDPFPMPTFAAWEAASELHSFHQSQQHYSTLHRVVDNG
;
_entity_poly.pdbx_strand_id   A,B,C,D,E,F,G,H,I,J,K
#
loop_
_chem_comp.id
_chem_comp.type
_chem_comp.name
_chem_comp.formula
PA8 non-polymer 1,2-DIOCTANOYL-SN-GLYCERO-3-PHOSPHATE 'C19 H36 O8 P -1'
#
# COMPACT_ATOMS: atom_id res chain seq x y z
N MET A 1 25.55 5.71 -9.00
CA MET A 1 26.88 5.27 -9.43
C MET A 1 27.76 6.47 -9.79
N ASP A 2 27.64 6.94 -11.03
CA ASP A 2 28.41 8.08 -11.50
C ASP A 2 27.58 9.14 -12.22
N ALA A 3 26.41 8.79 -12.77
CA ALA A 3 25.57 9.77 -13.44
C ALA A 3 24.75 10.60 -12.46
N PHE A 4 24.48 10.07 -11.26
CA PHE A 4 23.74 10.83 -10.27
C PHE A 4 24.60 11.93 -9.65
N GLN A 5 25.92 11.72 -9.61
CA GLN A 5 26.82 12.79 -9.19
C GLN A 5 27.25 13.68 -10.34
N GLY A 6 27.00 13.26 -11.58
CA GLY A 6 27.26 14.11 -12.72
C GLY A 6 26.22 15.21 -12.89
N ILE A 7 25.01 14.97 -12.41
CA ILE A 7 24.00 16.03 -12.39
C ILE A 7 24.03 16.82 -11.10
N LEU A 8 24.69 16.29 -10.05
CA LEU A 8 24.97 17.11 -8.87
C LEU A 8 26.00 18.18 -9.18
N LYS A 9 26.88 17.92 -10.16
CA LYS A 9 27.89 18.91 -10.55
C LYS A 9 27.26 20.09 -11.28
N PHE A 10 26.21 19.84 -12.08
CA PHE A 10 25.51 20.93 -12.74
C PHE A 10 24.70 21.76 -11.77
N PHE A 11 24.23 21.17 -10.68
CA PHE A 11 23.52 21.91 -9.65
C PHE A 11 24.44 22.51 -8.61
N LEU A 12 25.75 22.36 -8.76
CA LEU A 12 26.72 22.95 -7.84
C LEU A 12 27.61 23.98 -8.50
N ASN A 13 27.82 23.88 -9.82
CA ASN A 13 28.52 24.94 -10.52
C ASN A 13 27.64 26.18 -10.65
N GLN A 14 26.34 25.98 -10.82
CA GLN A 14 25.37 27.07 -10.79
C GLN A 14 24.74 27.18 -9.41
N LYS A 15 25.56 27.51 -8.42
CA LYS A 15 25.11 27.63 -7.04
C LYS A 15 24.61 29.02 -6.69
N THR A 16 24.93 30.03 -7.50
CA THR A 16 24.53 31.40 -7.21
C THR A 16 23.21 31.80 -7.85
N VAL A 17 22.61 30.96 -8.68
CA VAL A 17 21.30 31.25 -9.25
C VAL A 17 20.20 30.45 -8.58
N ILE A 18 20.54 29.42 -7.82
CA ILE A 18 19.53 28.72 -7.01
C ILE A 18 19.35 29.43 -5.68
N GLY A 19 20.39 30.09 -5.18
CA GLY A 19 20.25 30.87 -3.96
C GLY A 19 19.45 32.13 -4.15
N TYR A 20 19.47 32.71 -5.35
CA TYR A 20 18.68 33.90 -5.62
C TYR A 20 17.28 33.55 -6.06
N SER A 21 17.08 32.38 -6.66
CA SER A 21 15.73 31.93 -7.00
C SER A 21 14.96 31.52 -5.76
N PHE A 22 15.65 30.88 -4.80
CA PHE A 22 15.01 30.50 -3.55
C PHE A 22 14.76 31.71 -2.66
N MET A 23 15.55 32.77 -2.83
CA MET A 23 15.32 33.98 -2.05
C MET A 23 14.08 34.73 -2.53
N ALA A 24 13.79 34.68 -3.83
CA ALA A 24 12.61 35.33 -4.34
C ALA A 24 11.35 34.51 -4.10
N LEU A 25 11.48 33.18 -4.02
CA LEU A 25 10.32 32.34 -3.75
C LEU A 25 9.88 32.45 -2.30
N LEU A 26 10.78 32.83 -1.41
CA LEU A 26 10.39 33.06 -0.02
C LEU A 26 9.78 34.44 0.17
N THR A 27 10.26 35.44 -0.58
CA THR A 27 9.72 36.79 -0.43
C THR A 27 8.34 36.92 -1.06
N VAL A 28 8.05 36.11 -2.08
CA VAL A 28 6.72 36.12 -2.68
C VAL A 28 5.70 35.49 -1.74
N GLY A 29 6.01 34.30 -1.22
CA GLY A 29 5.08 33.58 -0.37
C GLY A 29 4.91 34.16 1.01
N SER A 30 5.89 34.92 1.50
CA SER A 30 5.76 35.57 2.79
C SER A 30 5.00 36.89 2.69
N GLU A 31 4.97 37.51 1.51
CA GLU A 31 4.16 38.72 1.34
C GLU A 31 2.68 38.39 1.29
N ARG A 32 2.31 37.22 0.76
CA ARG A 32 0.91 36.81 0.74
C ARG A 32 0.42 36.42 2.12
N LEU A 33 1.32 36.10 3.05
CA LEU A 33 0.94 35.83 4.42
C LEU A 33 0.65 37.10 5.20
N PHE A 34 1.17 38.24 4.76
CA PHE A 34 0.95 39.51 5.46
C PHE A 34 -0.28 40.25 4.94
N SER A 35 -0.44 40.34 3.63
CA SER A 35 -1.52 41.14 3.05
C SER A 35 -2.86 40.45 3.08
N VAL A 36 -2.91 39.17 3.42
CA VAL A 36 -4.17 38.44 3.55
C VAL A 36 -4.58 38.32 5.02
N VAL A 37 -3.64 37.96 5.88
CA VAL A 37 -3.96 37.57 7.25
C VAL A 37 -3.82 38.72 8.22
N ALA A 38 -2.81 39.57 8.06
CA ALA A 38 -2.52 40.60 9.05
C ALA A 38 -2.91 42.01 8.63
N PHE A 39 -2.92 42.32 7.34
CA PHE A 39 -3.19 43.68 6.88
C PHE A 39 -4.68 43.92 6.80
N LYS A 40 -5.17 44.88 7.58
CA LYS A 40 -6.53 45.39 7.46
C LYS A 40 -6.46 46.90 7.56
N CYS A 41 -6.66 47.58 6.46
CA CYS A 41 -6.49 49.02 6.40
C CYS A 41 -7.61 49.69 7.17
N PRO A 42 -7.30 50.65 8.05
CA PRO A 42 -8.38 51.47 8.62
C PRO A 42 -8.85 52.50 7.61
N CYS A 43 -9.72 53.39 8.01
CA CYS A 43 -10.18 54.40 7.07
C CYS A 43 -10.15 55.75 7.76
N SER A 44 -9.02 56.05 8.38
CA SER A 44 -8.84 57.19 9.26
C SER A 44 -7.76 58.09 8.68
N THR A 45 -7.32 59.06 9.48
CA THR A 45 -6.18 59.88 9.10
C THR A 45 -4.85 59.16 9.26
N GLU A 46 -4.84 58.00 9.92
CA GLU A 46 -3.63 57.20 10.05
C GLU A 46 -3.48 56.17 8.94
N ASN A 47 -3.98 56.46 7.74
CA ASN A 47 -3.74 55.59 6.60
C ASN A 47 -2.34 55.76 6.05
N MET A 48 -1.86 57.00 6.01
CA MET A 48 -0.54 57.29 5.45
C MET A 48 0.57 56.63 6.24
N THR A 49 0.40 56.51 7.55
CA THR A 49 1.42 55.88 8.38
C THR A 49 1.29 54.36 8.35
N TYR A 50 0.07 53.85 8.27
CA TYR A 50 -0.14 52.42 8.44
C TYR A 50 0.30 51.63 7.21
N GLY A 51 0.06 52.17 6.02
CA GLY A 51 0.48 51.48 4.82
C GLY A 51 1.94 51.65 4.49
N LEU A 52 2.55 52.72 4.98
CA LEU A 52 3.94 53.02 4.71
C LEU A 52 4.89 52.30 5.66
N VAL A 53 4.37 51.68 6.71
CA VAL A 53 5.16 50.88 7.63
C VAL A 53 5.18 49.42 7.20
N PHE A 54 4.06 48.90 6.70
CA PHE A 54 4.05 47.55 6.14
C PHE A 54 4.84 47.43 4.85
N LEU A 55 5.21 48.53 4.23
CA LEU A 55 5.99 48.56 3.01
C LEU A 55 7.49 48.62 3.31
N PHE A 56 7.89 49.51 4.21
CA PHE A 56 9.28 49.82 4.44
C PHE A 56 9.91 49.13 5.64
N ALA A 57 9.15 48.81 6.69
CA ALA A 57 9.75 48.19 7.87
C ALA A 57 10.18 46.73 7.72
N PRO A 58 9.53 45.86 6.93
CA PRO A 58 10.17 44.57 6.65
C PRO A 58 11.32 44.66 5.65
N ALA A 59 11.57 45.82 5.05
CA ALA A 59 12.74 46.02 4.22
C ALA A 59 13.93 46.52 5.02
N TRP A 60 13.68 47.15 6.17
CA TRP A 60 14.76 47.56 7.06
C TRP A 60 15.27 46.39 7.90
N VAL A 61 14.42 45.43 8.21
CA VAL A 61 14.85 44.26 8.95
C VAL A 61 15.67 43.33 8.07
N LEU A 62 15.28 43.19 6.80
CA LEU A 62 16.03 42.36 5.87
C LEU A 62 17.36 42.97 5.47
N LEU A 63 17.53 44.27 5.64
CA LEU A 63 18.82 44.90 5.41
C LEU A 63 19.78 44.63 6.56
N ILE A 64 19.27 44.66 7.79
CA ILE A 64 20.12 44.46 8.96
C ILE A 64 20.45 42.99 9.13
N LEU A 65 19.51 42.11 8.77
CA LEU A 65 19.77 40.68 8.72
C LEU A 65 20.79 40.29 7.67
N GLY A 66 21.02 41.15 6.67
CA GLY A 66 22.04 40.88 5.69
C GLY A 66 23.44 41.29 6.10
N PHE A 67 23.55 42.13 7.14
CA PHE A 67 24.86 42.45 7.71
C PHE A 67 25.33 41.40 8.70
N PHE A 68 24.40 40.67 9.30
CA PHE A 68 24.76 39.61 10.23
C PHE A 68 25.32 38.40 9.51
N LEU A 69 24.69 37.99 8.42
CA LEU A 69 25.04 36.77 7.72
C LEU A 69 26.16 36.94 6.71
N ASN A 70 26.73 38.13 6.60
CA ASN A 70 27.81 38.38 5.66
C ASN A 70 29.13 38.06 6.36
N ASN A 71 29.85 37.06 5.83
CA ASN A 71 31.05 36.59 6.51
C ASN A 71 32.23 37.53 6.36
N ARG A 72 32.25 38.36 5.32
CA ARG A 72 33.37 39.25 5.11
C ARG A 72 33.17 40.62 5.72
N SER A 73 32.06 40.83 6.43
CA SER A 73 31.89 42.03 7.23
C SER A 73 32.49 41.89 8.62
N TRP A 74 32.67 40.66 9.09
CA TRP A 74 33.34 40.39 10.35
C TRP A 74 34.84 40.22 10.20
N ARG A 75 35.31 39.80 9.02
CA ARG A 75 36.73 39.74 8.76
C ARG A 75 37.35 41.13 8.70
N LEU A 76 36.57 42.11 8.28
CA LEU A 76 37.09 43.46 8.17
C LEU A 76 37.16 44.16 9.52
N PHE A 77 36.19 43.92 10.40
CA PHE A 77 35.98 44.78 11.55
C PHE A 77 36.47 44.21 12.88
N THR A 78 36.80 42.93 12.96
CA THR A 78 37.24 42.35 14.23
C THR A 78 38.64 42.83 14.58
N GLY A 79 38.80 43.32 15.79
CA GLY A 79 40.08 43.85 16.22
C GLY A 79 40.43 45.18 15.60
N CYS A 80 39.43 45.97 15.23
CA CYS A 80 39.66 47.20 14.48
C CYS A 80 40.31 48.28 15.35
N CYS A 81 39.84 48.45 16.59
CA CYS A 81 40.33 49.54 17.42
C CYS A 81 41.68 49.27 18.06
N VAL A 82 42.24 48.07 17.88
CA VAL A 82 43.60 47.80 18.34
C VAL A 82 44.59 48.59 17.50
N ASN A 83 44.48 48.49 16.18
CA ASN A 83 45.35 49.19 15.26
C ASN A 83 44.53 49.51 14.02
N PRO A 84 44.02 50.74 13.90
CA PRO A 84 43.15 51.07 12.76
C PRO A 84 43.89 51.17 11.43
N ARG A 85 45.21 51.24 11.44
CA ARG A 85 46.00 51.44 10.24
C ARG A 85 46.16 50.17 9.41
N LYS A 86 45.63 49.05 9.85
CA LYS A 86 45.62 47.84 9.04
C LYS A 86 44.37 47.71 8.20
N ILE A 87 43.36 48.55 8.44
CA ILE A 87 42.19 48.62 7.58
C ILE A 87 42.23 49.88 6.70
N PHE A 88 42.98 50.89 7.08
CA PHE A 88 43.29 52.06 6.26
C PHE A 88 44.77 52.05 5.91
N PRO A 89 45.22 51.21 4.98
CA PRO A 89 46.65 51.12 4.70
C PRO A 89 47.15 52.35 3.95
N ARG A 90 48.47 52.57 4.05
CA ARG A 90 49.05 53.77 3.46
C ARG A 90 49.17 53.70 1.95
N GLY A 91 49.43 52.51 1.41
CA GLY A 91 49.58 52.35 -0.03
C GLY A 91 48.31 52.53 -0.80
N HIS A 92 47.23 51.87 -0.37
CA HIS A 92 45.93 51.91 -1.05
C HIS A 92 44.86 52.28 -0.03
N SER A 93 44.65 53.59 0.17
CA SER A 93 43.71 54.07 1.17
C SER A 93 42.26 54.05 0.71
N CYS A 94 41.99 53.62 -0.51
CA CYS A 94 40.64 53.62 -1.04
C CYS A 94 40.03 52.22 -1.10
N ARG A 95 40.77 51.18 -0.73
CA ARG A 95 40.19 49.85 -0.72
C ARG A 95 39.27 49.62 0.48
N PHE A 96 39.32 50.47 1.50
CA PHE A 96 38.37 50.34 2.58
C PHE A 96 36.95 50.66 2.13
N PHE A 97 36.79 51.70 1.31
CA PHE A 97 35.48 52.04 0.78
C PHE A 97 35.05 51.13 -0.36
N TYR A 98 36.00 50.49 -1.03
CA TYR A 98 35.63 49.52 -2.05
C TYR A 98 35.05 48.26 -1.43
N VAL A 99 35.64 47.79 -0.33
CA VAL A 99 35.13 46.58 0.32
C VAL A 99 33.83 46.90 1.06
N LEU A 100 33.76 48.07 1.70
CA LEU A 100 32.55 48.49 2.41
C LEU A 100 31.37 48.68 1.47
N GLY A 101 31.62 49.07 0.22
CA GLY A 101 30.58 49.11 -0.77
C GLY A 101 30.14 47.75 -1.26
N GLN A 102 30.98 46.73 -1.10
CA GLN A 102 30.61 45.40 -1.53
C GLN A 102 29.64 44.74 -0.56
N ILE A 103 29.78 44.99 0.74
CA ILE A 103 28.82 44.48 1.71
C ILE A 103 27.47 45.16 1.56
N THR A 104 27.48 46.47 1.31
CA THR A 104 26.24 47.25 1.23
C THR A 104 25.40 46.87 0.02
N LEU A 105 26.04 46.68 -1.14
CA LEU A 105 25.29 46.33 -2.34
C LEU A 105 24.85 44.87 -2.34
N SER A 106 25.60 44.00 -1.69
CA SER A 106 25.23 42.58 -1.67
C SER A 106 24.11 42.29 -0.68
N SER A 107 23.86 43.19 0.27
CA SER A 107 22.80 43.02 1.25
C SER A 107 21.58 43.87 0.95
N LEU A 108 21.62 44.65 -0.12
CA LEU A 108 20.48 45.41 -0.60
C LEU A 108 19.63 44.63 -1.60
N VAL A 109 19.93 43.35 -1.81
CA VAL A 109 19.18 42.57 -2.79
C VAL A 109 17.85 42.12 -2.23
N ALA A 110 17.84 41.63 -0.99
CA ALA A 110 16.61 41.21 -0.33
C ALA A 110 15.64 42.34 0.04
N PRO A 111 16.07 43.57 0.38
CA PRO A 111 15.08 44.65 0.47
C PRO A 111 14.45 45.03 -0.85
N VAL A 112 15.21 45.03 -1.94
CA VAL A 112 14.68 45.42 -3.24
C VAL A 112 13.73 44.34 -3.77
N MET A 113 13.96 43.08 -3.41
CA MET A 113 13.00 42.04 -3.71
C MET A 113 11.77 42.07 -2.81
N TRP A 114 11.77 42.86 -1.75
CA TRP A 114 10.57 43.00 -0.94
C TRP A 114 9.68 44.10 -1.47
N LEU A 115 10.25 45.27 -1.79
CA LEU A 115 9.47 46.38 -2.31
C LEU A 115 8.89 46.11 -3.68
N SER A 116 9.50 45.23 -4.47
CA SER A 116 8.99 44.93 -5.80
C SER A 116 7.75 44.04 -5.73
N VAL A 117 7.79 43.00 -4.90
CA VAL A 117 6.65 42.11 -4.76
C VAL A 117 5.53 42.79 -3.99
N ALA A 118 5.86 43.67 -3.05
CA ALA A 118 4.82 44.33 -2.28
C ALA A 118 4.14 45.45 -3.05
N LEU A 119 4.78 46.02 -4.06
CA LEU A 119 4.12 47.01 -4.90
C LEU A 119 3.38 46.39 -6.06
N LEU A 120 3.76 45.19 -6.50
CA LEU A 120 3.05 44.49 -7.55
C LEU A 120 1.77 43.82 -7.06
N ASN A 121 1.59 43.74 -5.76
CA ASN A 121 0.35 43.32 -5.13
C ASN A 121 -0.15 44.56 -4.41
N GLY A 122 -0.86 45.42 -5.14
CA GLY A 122 -1.03 46.79 -4.71
C GLY A 122 -1.98 47.09 -3.57
N THR A 123 -1.90 46.34 -2.47
CA THR A 123 -2.70 46.63 -1.29
C THR A 123 -2.03 47.65 -0.38
N PHE A 124 -0.71 47.58 -0.21
CA PHE A 124 -0.03 48.51 0.69
C PHE A 124 0.00 49.92 0.13
N TYR A 125 0.04 50.07 -1.19
CA TYR A 125 0.09 51.39 -1.80
C TYR A 125 -1.28 52.03 -1.88
N GLU A 126 -2.34 51.22 -1.96
CA GLU A 126 -3.69 51.74 -2.02
C GLU A 126 -4.13 52.31 -0.68
N CYS A 127 -3.75 51.66 0.43
CA CYS A 127 -3.97 52.21 1.75
C CYS A 127 -3.13 53.45 2.00
N ALA A 128 -1.91 53.51 1.47
CA ALA A 128 -1.01 54.60 1.80
C ALA A 128 -1.28 55.85 0.97
N MET A 129 -1.65 55.69 -0.30
CA MET A 129 -1.85 56.83 -1.19
C MET A 129 -3.24 57.43 -1.03
N SER A 130 -4.19 56.70 -0.46
CA SER A 130 -5.54 57.24 -0.23
C SER A 130 -5.50 58.40 0.77
N GLY A 131 -4.91 58.19 1.93
CA GLY A 131 -4.77 59.29 2.85
C GLY A 131 -3.59 60.17 2.51
N THR A 132 -3.71 60.98 1.46
CA THR A 132 -2.55 61.72 0.96
C THR A 132 -2.46 63.15 1.46
N ARG A 133 -3.57 63.90 1.44
CA ARG A 133 -3.66 65.30 1.90
C ARG A 133 -2.60 66.21 1.28
N SER A 134 -2.69 66.35 -0.04
CA SER A 134 -1.72 67.14 -0.78
C SER A 134 -2.42 67.87 -1.92
N SER A 135 -1.93 69.07 -2.23
CA SER A 135 -2.55 69.90 -3.27
C SER A 135 -2.34 69.27 -4.64
N GLY A 136 -1.08 69.04 -5.02
CA GLY A 136 -0.78 68.15 -6.12
C GLY A 136 -0.96 66.70 -5.69
N LEU A 137 -0.80 65.78 -6.65
CA LEU A 137 -0.91 64.33 -6.51
C LEU A 137 -2.32 63.86 -6.15
N LEU A 138 -3.28 64.76 -6.01
CA LEU A 138 -4.65 64.44 -5.65
C LEU A 138 -5.63 64.74 -6.77
N GLU A 139 -5.32 65.72 -7.62
CA GLU A 139 -6.06 65.91 -8.85
C GLU A 139 -5.75 64.84 -9.87
N LEU A 140 -4.59 64.19 -9.77
CA LEU A 140 -4.28 63.11 -10.69
C LEU A 140 -5.10 61.86 -10.40
N ILE A 141 -5.53 61.69 -9.16
CA ILE A 141 -6.39 60.56 -8.82
C ILE A 141 -7.85 60.91 -8.96
N CYS A 142 -8.26 62.06 -8.42
CA CYS A 142 -9.62 62.57 -8.57
C CYS A 142 -9.59 63.58 -9.70
N LYS A 143 -9.99 63.15 -10.91
CA LYS A 143 -10.00 64.04 -12.07
C LYS A 143 -11.39 64.23 -12.65
N GLY A 144 -12.11 63.16 -12.94
CA GLY A 144 -13.45 63.27 -13.46
C GLY A 144 -14.49 62.75 -12.47
N LYS A 145 -14.31 63.08 -11.20
CA LYS A 145 -15.09 62.57 -10.10
C LYS A 145 -15.92 63.68 -9.46
N PRO A 146 -16.94 63.34 -8.62
CA PRO A 146 -17.65 64.38 -7.87
C PRO A 146 -16.80 65.12 -6.84
N LYS A 147 -17.41 66.08 -6.15
CA LYS A 147 -16.64 66.93 -5.25
C LYS A 147 -16.25 66.23 -3.96
N GLU A 148 -16.88 65.10 -3.62
CA GLU A 148 -16.54 64.36 -2.42
C GLU A 148 -15.41 63.35 -2.64
N CYS A 149 -14.56 63.59 -3.63
CA CYS A 149 -13.30 62.86 -3.74
C CYS A 149 -12.16 63.61 -3.07
N TRP A 150 -12.33 64.90 -2.81
CA TRP A 150 -11.31 65.69 -2.14
C TRP A 150 -11.38 65.60 -0.63
N GLU A 151 -12.45 65.02 -0.09
CA GLU A 151 -12.66 64.97 1.35
C GLU A 151 -13.09 63.63 1.89
N GLU A 152 -13.37 62.64 1.05
CA GLU A 152 -13.75 61.31 1.51
C GLU A 152 -12.98 60.24 0.76
N LEU A 153 -11.76 60.55 0.31
CA LEU A 153 -11.01 59.58 -0.47
C LEU A 153 -10.49 58.45 0.40
N HIS A 154 -10.11 58.72 1.65
CA HIS A 154 -9.45 57.71 2.47
C HIS A 154 -10.37 56.60 2.92
N LYS A 155 -11.66 56.67 2.64
CA LYS A 155 -12.59 55.58 2.96
C LYS A 155 -12.85 54.67 1.78
N VAL A 156 -12.13 54.83 0.67
CA VAL A 156 -12.41 54.03 -0.52
C VAL A 156 -11.88 52.60 -0.39
N SER A 157 -11.03 52.33 0.59
CA SER A 157 -10.49 50.97 0.75
C SER A 157 -11.47 50.08 1.49
N CYS A 158 -12.03 50.58 2.59
CA CYS A 158 -12.96 49.81 3.40
C CYS A 158 -14.33 49.65 2.73
N GLY A 159 -14.61 50.43 1.70
CA GLY A 159 -15.98 50.62 1.28
C GLY A 159 -16.63 51.65 2.16
N LYS A 160 -17.97 51.69 2.12
CA LYS A 160 -18.79 52.56 2.95
C LYS A 160 -18.47 54.04 2.73
N THR A 161 -18.50 54.45 1.47
CA THR A 161 -18.44 55.83 1.07
C THR A 161 -19.63 56.12 0.17
N SER A 162 -20.32 57.23 0.41
CA SER A 162 -21.54 57.53 -0.34
C SER A 162 -21.24 58.40 -1.56
N MET A 163 -20.60 57.77 -2.54
CA MET A 163 -20.36 58.40 -3.84
C MET A 163 -20.59 57.45 -5.01
N LEU A 164 -21.73 56.72 -5.02
CA LEU A 164 -22.21 55.96 -6.18
C LEU A 164 -21.25 54.84 -6.59
N PRO A 165 -21.35 53.65 -5.96
CA PRO A 165 -20.22 52.69 -5.92
C PRO A 165 -19.67 52.16 -7.24
N THR A 166 -20.17 52.60 -8.40
CA THR A 166 -19.41 52.36 -9.63
C THR A 166 -18.21 53.30 -9.69
N VAL A 167 -18.28 54.43 -8.99
CA VAL A 167 -17.11 55.29 -8.84
C VAL A 167 -16.11 54.65 -7.88
N ASN A 168 -16.60 54.01 -6.83
CA ASN A 168 -15.74 53.39 -5.84
C ASN A 168 -15.15 52.07 -6.30
N GLU A 169 -15.45 51.62 -7.51
CA GLU A 169 -14.74 50.50 -8.09
C GLU A 169 -13.65 50.93 -9.05
N GLU A 170 -13.82 52.05 -9.73
CA GLU A 170 -12.77 52.57 -10.60
C GLU A 170 -12.00 53.71 -9.95
N LEU A 171 -12.04 53.82 -8.62
CA LEU A 171 -11.01 54.51 -7.86
C LEU A 171 -10.11 53.55 -7.11
N LYS A 172 -10.59 52.34 -6.86
CA LYS A 172 -9.73 51.28 -6.37
C LYS A 172 -8.92 50.63 -7.47
N LEU A 173 -9.30 50.81 -8.73
CA LEU A 173 -8.51 50.28 -9.84
C LEU A 173 -7.51 51.27 -10.39
N SER A 174 -7.73 52.55 -10.18
CA SER A 174 -6.75 53.52 -10.63
C SER A 174 -5.62 53.70 -9.63
N LEU A 175 -5.78 53.23 -8.40
CA LEU A 175 -4.71 53.23 -7.41
C LEU A 175 -3.99 51.90 -7.38
N GLN A 176 -4.69 50.80 -7.63
CA GLN A 176 -4.05 49.49 -7.66
C GLN A 176 -3.23 49.29 -8.92
N ALA A 177 -3.42 50.12 -9.94
CA ALA A 177 -2.64 50.05 -11.17
C ALA A 177 -1.50 51.06 -11.22
N GLN A 178 -1.51 52.09 -10.38
CA GLN A 178 -0.35 52.96 -10.25
C GLN A 178 0.76 52.34 -9.44
N SER A 179 0.45 51.34 -8.64
CA SER A 179 1.46 50.66 -7.85
C SER A 179 2.13 49.55 -8.64
N GLN A 180 1.41 48.93 -9.55
CA GLN A 180 2.00 47.90 -10.39
C GLN A 180 2.85 48.49 -11.50
N ILE A 181 2.72 49.78 -11.78
CA ILE A 181 3.65 50.43 -12.69
C ILE A 181 4.93 50.81 -11.95
N LEU A 182 4.81 51.31 -10.72
CA LEU A 182 5.99 51.58 -9.89
C LEU A 182 6.68 50.30 -9.45
N GLY A 183 5.95 49.20 -9.38
CA GLY A 183 6.59 47.93 -9.06
C GLY A 183 7.51 47.47 -10.16
N TRP A 184 7.15 47.68 -11.42
CA TRP A 184 7.98 47.27 -12.55
C TRP A 184 9.08 48.26 -12.87
N CYS A 185 8.93 49.52 -12.46
CA CYS A 185 10.01 50.48 -12.66
C CYS A 185 11.17 50.23 -11.71
N LEU A 186 10.94 49.50 -10.63
CA LEU A 186 11.96 49.16 -9.66
C LEU A 186 12.72 47.89 -10.04
N ILE A 187 12.04 46.90 -10.64
CA ILE A 187 12.76 45.72 -11.08
C ILE A 187 13.58 46.02 -12.33
N CYS A 188 13.15 46.99 -13.13
CA CYS A 188 13.82 47.27 -14.40
C CYS A 188 15.02 48.19 -14.26
N SER A 189 15.07 49.00 -13.21
CA SER A 189 16.19 49.90 -13.01
C SER A 189 17.18 49.41 -11.97
N ALA A 190 16.79 48.45 -11.14
CA ALA A 190 17.74 47.80 -10.26
C ALA A 190 18.43 46.60 -10.89
N SER A 191 17.83 46.02 -11.93
CA SER A 191 18.53 45.01 -12.71
C SER A 191 19.52 45.62 -13.67
N PHE A 192 19.23 46.83 -14.16
CA PHE A 192 20.17 47.53 -15.03
C PHE A 192 21.33 48.14 -14.25
N PHE A 193 21.07 48.61 -13.03
CA PHE A 193 22.15 49.14 -12.20
C PHE A 193 23.04 48.02 -11.68
N SER A 194 22.48 46.84 -11.42
CA SER A 194 23.27 45.73 -10.92
C SER A 194 24.20 45.17 -11.99
N LEU A 195 23.84 45.29 -13.26
CA LEU A 195 24.72 44.84 -14.32
C LEU A 195 25.82 45.85 -14.60
N LEU A 196 25.55 47.13 -14.38
CA LEU A 196 26.52 48.17 -14.71
C LEU A 196 27.64 48.26 -13.69
N THR A 197 27.37 47.91 -12.43
CA THR A 197 28.43 47.93 -11.42
C THR A 197 29.24 46.64 -11.43
N THR A 198 28.64 45.52 -11.81
CA THR A 198 29.41 44.30 -11.94
C THR A 198 30.30 44.34 -13.18
N CYS A 199 29.78 44.87 -14.29
CA CYS A 199 30.59 44.96 -15.51
C CYS A 199 31.68 46.00 -15.41
N TYR A 200 31.56 46.98 -14.53
CA TYR A 200 32.63 47.92 -14.30
C TYR A 200 33.66 47.43 -13.30
N ALA A 201 33.27 46.51 -12.42
CA ALA A 201 34.25 45.92 -11.51
C ALA A 201 35.10 44.86 -12.20
N ARG A 202 34.61 44.26 -13.27
CA ARG A 202 35.39 43.29 -14.02
C ARG A 202 36.20 43.92 -15.14
N CYS A 203 35.74 45.05 -15.69
CA CYS A 203 36.52 45.72 -16.71
C CYS A 203 37.76 46.37 -16.13
N ARG A 204 37.74 46.72 -14.85
CA ARG A 204 38.87 47.33 -14.18
C ARG A 204 39.54 46.37 -13.21
N SER A 205 39.49 45.08 -13.51
CA SER A 205 40.20 44.09 -12.72
C SER A 205 41.69 44.16 -13.00
N LYS A 206 42.47 43.61 -12.10
CA LYS A 206 43.93 43.62 -12.24
C LYS A 206 44.45 42.39 -12.97
N VAL A 207 43.65 41.35 -13.11
CA VAL A 207 44.06 40.11 -13.74
C VAL A 207 43.08 39.79 -14.86
N SER A 208 43.49 38.88 -15.74
CA SER A 208 42.64 38.46 -16.84
C SER A 208 41.69 37.37 -16.36
N TYR A 209 40.97 36.74 -17.29
CA TYR A 209 39.95 35.78 -16.89
C TYR A 209 40.54 34.48 -16.36
N LEU A 210 41.66 34.05 -16.90
CA LEU A 210 42.19 32.76 -16.53
C LEU A 210 42.91 32.80 -15.19
N GLN A 211 43.53 33.93 -14.87
CA GLN A 211 44.17 34.08 -13.57
C GLN A 211 43.15 34.30 -12.47
N LEU A 212 42.02 34.93 -12.78
CA LEU A 212 40.97 35.11 -11.78
C LEU A 212 40.25 33.83 -11.47
N SER A 213 40.36 32.82 -12.34
CA SER A 213 39.74 31.54 -12.07
C SER A 213 40.64 30.64 -11.23
N PHE A 214 41.93 30.90 -11.20
CA PHE A 214 42.82 30.19 -10.28
C PHE A 214 42.80 30.82 -8.91
N TRP A 215 42.65 32.14 -8.85
CA TRP A 215 42.53 32.87 -7.59
C TRP A 215 41.27 32.45 -6.83
N LYS A 216 40.18 32.18 -7.52
CA LYS A 216 38.96 31.77 -6.83
C LYS A 216 39.02 30.32 -6.37
N THR A 217 39.77 29.46 -7.06
CA THR A 217 39.94 28.08 -6.61
C THR A 217 40.89 28.01 -5.43
N TYR A 218 41.88 28.90 -5.37
CA TYR A 218 42.80 28.91 -4.24
C TYR A 218 42.12 29.40 -2.99
N ALA A 219 41.32 30.45 -3.09
CA ALA A 219 40.70 31.03 -1.91
C ALA A 219 39.60 30.15 -1.34
N GLN A 220 39.09 29.19 -2.10
CA GLN A 220 38.12 28.25 -1.55
C GLN A 220 38.80 27.14 -0.78
N LYS A 221 40.01 26.75 -1.19
CA LYS A 221 40.73 25.67 -0.55
C LYS A 221 41.80 26.17 0.38
N GLU A 222 41.78 27.44 0.75
CA GLU A 222 42.50 27.87 1.92
C GLU A 222 41.54 28.08 3.08
N LYS A 223 40.25 27.94 2.84
CA LYS A 223 39.31 27.86 3.95
C LYS A 223 39.12 26.44 4.42
N GLU A 224 39.19 25.48 3.51
CA GLU A 224 39.08 24.08 3.90
C GLU A 224 40.32 23.62 4.66
N GLN A 225 41.50 24.05 4.20
CA GLN A 225 42.73 23.62 4.84
C GLN A 225 42.97 24.35 6.15
N LEU A 226 42.42 25.55 6.31
CA LEU A 226 42.57 26.28 7.56
C LEU A 226 41.64 25.78 8.65
N GLU A 227 40.51 25.19 8.30
CA GLU A 227 39.63 24.61 9.31
C GLU A 227 40.07 23.23 9.74
N ASN A 228 41.03 22.62 9.04
CA ASN A 228 41.59 21.34 9.44
C ASN A 228 42.90 21.48 10.18
N THR A 229 43.62 22.59 10.00
CA THR A 229 44.80 22.84 10.81
C THR A 229 44.41 23.35 12.18
N PHE A 230 43.37 24.21 12.25
CA PHE A 230 42.91 24.73 13.52
C PHE A 230 42.35 23.65 14.41
N LEU A 231 41.82 22.58 13.83
CA LEU A 231 41.23 21.48 14.56
C LEU A 231 42.24 20.39 14.87
N ASP A 232 43.41 20.47 14.25
CA ASP A 232 44.52 19.55 14.49
C ASP A 232 45.48 20.08 15.54
N TYR A 233 45.60 21.39 15.67
CA TYR A 233 46.40 22.02 16.70
C TYR A 233 45.59 22.34 17.95
N ALA A 234 44.28 22.10 17.94
CA ALA A 234 43.46 22.26 19.12
C ALA A 234 43.22 20.95 19.85
N ASN A 235 43.26 19.83 19.15
CA ASN A 235 43.27 18.53 19.82
C ASN A 235 44.59 18.28 20.50
N LYS A 236 45.68 18.73 19.90
CA LYS A 236 47.01 18.49 20.46
C LYS A 236 47.37 19.46 21.56
N LEU A 237 46.59 20.51 21.79
CA LEU A 237 46.84 21.43 22.88
C LEU A 237 45.95 21.14 24.07
N SER A 238 44.73 20.68 23.85
CA SER A 238 43.88 20.31 24.97
C SER A 238 44.27 18.96 25.56
N GLU A 239 44.87 18.07 24.77
CA GLU A 239 45.42 16.84 25.32
C GLU A 239 46.61 17.12 26.23
N ARG A 240 47.40 18.12 25.90
CA ARG A 240 48.56 18.46 26.69
C ARG A 240 48.17 19.16 27.98
N ASN A 241 47.08 19.92 27.97
CA ASN A 241 46.69 20.70 29.14
C ASN A 241 45.98 19.87 30.18
N LEU A 242 45.23 18.84 29.77
CA LEU A 242 44.47 18.06 30.73
C LEU A 242 45.33 17.00 31.42
N LYS A 243 46.39 16.54 30.77
CA LYS A 243 47.28 15.59 31.41
C LYS A 243 48.21 16.26 32.40
N CYS A 244 48.59 17.50 32.16
CA CYS A 244 49.48 18.20 33.06
C CYS A 244 48.73 18.90 34.20
N PHE A 245 47.41 18.78 34.23
CA PHE A 245 46.60 19.28 35.34
C PHE A 245 46.19 18.18 36.29
N PHE A 246 45.88 16.99 35.79
CA PHE A 246 45.47 15.89 36.65
C PHE A 246 46.65 15.13 37.22
N GLU A 247 47.82 15.19 36.59
CA GLU A 247 48.98 14.46 37.05
C GLU A 247 49.96 15.34 37.81
N ASN A 248 49.71 16.64 37.88
CA ASN A 248 50.55 17.64 38.55
C ASN A 248 51.98 17.63 37.98
N LYS A 249 52.08 17.72 36.67
CA LYS A 249 53.36 17.72 35.96
C LYS A 249 53.61 19.08 35.35
N ARG A 250 54.79 19.20 34.74
CA ARG A 250 55.15 20.38 33.95
C ARG A 250 55.11 20.03 32.47
N PRO A 251 54.60 20.95 31.63
CA PRO A 251 54.39 20.62 30.23
C PRO A 251 55.57 20.99 29.33
N ASP A 252 55.63 20.29 28.20
CA ASP A 252 56.58 20.64 27.15
C ASP A 252 56.06 21.86 26.38
N PRO A 253 56.96 22.74 25.93
CA PRO A 253 56.52 23.98 25.30
C PRO A 253 55.83 23.76 23.97
N PHE A 254 54.80 24.57 23.71
CA PHE A 254 53.97 24.43 22.52
C PHE A 254 54.33 25.50 21.52
N PRO A 255 54.80 25.15 20.32
CA PRO A 255 55.17 26.16 19.33
C PRO A 255 53.96 26.67 18.55
N MET A 256 53.56 27.91 18.83
CA MET A 256 52.49 28.65 18.21
C MET A 256 53.05 29.94 17.63
N PRO A 257 52.41 30.52 16.61
CA PRO A 257 52.89 31.79 16.06
C PRO A 257 52.74 32.95 17.05
N THR A 258 53.56 33.96 16.85
CA THR A 258 53.54 35.13 17.72
C THR A 258 52.30 35.97 17.46
N PHE A 259 52.07 36.94 18.35
CA PHE A 259 50.95 37.85 18.16
C PHE A 259 51.20 38.80 17.00
N ALA A 260 52.47 39.11 16.70
CA ALA A 260 52.78 39.99 15.59
C ALA A 260 52.57 39.33 14.24
N ALA A 261 52.54 37.99 14.18
CA ALA A 261 52.25 37.29 12.94
C ALA A 261 50.81 36.80 12.85
N TRP A 262 50.08 36.77 13.96
CA TRP A 262 48.65 36.57 13.89
C TRP A 262 47.95 37.81 13.38
N GLU A 263 48.51 38.99 13.63
CA GLU A 263 47.93 40.25 13.19
C GLU A 263 48.30 40.62 11.77
N ALA A 264 49.46 40.16 11.29
CA ALA A 264 49.87 40.48 9.93
C ALA A 264 49.09 39.67 8.90
N ALA A 265 48.74 38.43 9.23
CA ALA A 265 48.00 37.57 8.31
C ALA A 265 46.50 37.78 8.39
N SER A 266 46.05 38.89 8.97
CA SER A 266 44.63 39.23 9.04
C SER A 266 44.35 40.59 8.42
N GLU A 267 45.21 41.06 7.54
CA GLU A 267 45.03 42.38 6.94
C GLU A 267 44.16 42.27 5.70
N LEU A 268 44.10 43.35 4.92
CA LEU A 268 43.29 43.41 3.72
C LEU A 268 44.18 43.19 2.50
N HIS A 269 43.73 42.34 1.59
CA HIS A 269 44.53 41.94 0.45
C HIS A 269 44.22 42.79 -0.78
N SER A 270 45.27 43.17 -1.50
CA SER A 270 45.15 43.82 -2.79
C SER A 270 46.19 43.23 -3.72
N PHE A 271 45.78 42.95 -4.97
CA PHE A 271 46.67 42.29 -5.91
C PHE A 271 47.73 43.26 -6.44
N HIS A 272 48.93 42.73 -6.63
CA HIS A 272 50.01 43.42 -7.33
C HIS A 272 50.48 42.52 -8.44
N GLN A 273 50.63 43.07 -9.65
CA GLN A 273 51.08 42.26 -10.76
C GLN A 273 52.60 42.12 -10.83
N SER A 274 53.34 42.75 -9.90
CA SER A 274 54.78 42.52 -9.83
C SER A 274 55.10 41.28 -9.00
N GLN A 275 54.62 41.21 -7.77
CA GLN A 275 54.68 40.00 -6.95
C GLN A 275 53.26 39.45 -6.87
N GLN A 276 53.02 38.31 -7.50
CA GLN A 276 51.67 37.78 -7.56
C GLN A 276 51.39 36.94 -6.32
N HIS A 277 50.60 37.49 -5.41
CA HIS A 277 50.22 36.83 -4.17
C HIS A 277 48.70 36.72 -4.15
N TYR A 278 48.20 35.52 -3.90
CA TYR A 278 46.78 35.25 -3.99
C TYR A 278 46.06 35.33 -2.66
N SER A 279 46.77 35.60 -1.57
CA SER A 279 46.16 35.82 -0.27
C SER A 279 47.13 36.61 0.59
N THR A 280 46.62 37.17 1.68
CA THR A 280 47.50 37.90 2.59
C THR A 280 48.28 36.97 3.50
N LEU A 281 47.94 35.68 3.54
CA LEU A 281 48.77 34.69 4.18
C LEU A 281 49.87 34.21 3.26
N HIS A 282 49.64 34.22 1.94
CA HIS A 282 50.69 33.96 0.97
C HIS A 282 51.72 35.07 0.93
N ARG A 283 51.36 36.27 1.35
CA ARG A 283 52.32 37.38 1.33
C ARG A 283 53.23 37.35 2.54
N VAL A 284 52.71 36.98 3.71
CA VAL A 284 53.55 36.95 4.92
C VAL A 284 54.45 35.74 4.98
N VAL A 285 54.27 34.76 4.11
CA VAL A 285 55.11 33.57 4.09
C VAL A 285 56.24 33.72 3.07
N ASP A 286 55.93 34.30 1.91
CA ASP A 286 56.96 34.56 0.91
C ASP A 286 57.91 35.68 1.34
N ASN A 287 57.45 36.58 2.19
CA ASN A 287 58.19 37.77 2.54
C ASN A 287 58.62 37.77 4.00
N GLY A 288 59.11 36.64 4.51
CA GLY A 288 59.56 36.55 5.88
C GLY A 288 58.43 36.46 6.90
N MET B 1 21.79 -1.12 -16.40
CA MET B 1 22.65 -2.16 -16.94
C MET B 1 23.55 -1.60 -18.04
N ASP B 2 23.12 -1.74 -19.29
CA ASP B 2 23.85 -1.20 -20.43
C ASP B 2 22.98 -0.42 -21.41
N ALA B 3 21.67 -0.66 -21.45
CA ALA B 3 20.78 0.07 -22.35
C ALA B 3 20.22 1.34 -21.72
N PHE B 4 20.31 1.49 -20.40
CA PHE B 4 19.82 2.70 -19.75
C PHE B 4 20.76 3.87 -19.99
N GLN B 5 22.06 3.61 -20.05
CA GLN B 5 23.03 4.64 -20.43
C GLN B 5 23.11 4.81 -21.95
N GLY B 6 22.55 3.87 -22.71
CA GLY B 6 22.50 4.02 -24.15
C GLY B 6 21.42 4.98 -24.61
N ILE B 7 20.33 5.09 -23.85
CA ILE B 7 19.33 6.11 -24.14
C ILE B 7 19.63 7.41 -23.40
N LEU B 8 20.53 7.39 -22.42
CA LEU B 8 21.05 8.64 -21.87
C LEU B 8 21.93 9.37 -22.88
N LYS B 9 22.55 8.63 -23.80
CA LYS B 9 23.34 9.25 -24.86
C LYS B 9 22.46 10.00 -25.85
N PHE B 10 21.25 9.50 -26.11
CA PHE B 10 20.33 10.20 -27.00
C PHE B 10 19.79 11.47 -26.36
N PHE B 11 19.66 11.50 -25.05
CA PHE B 11 19.23 12.70 -24.34
C PHE B 11 20.37 13.64 -24.04
N LEU B 12 21.61 13.28 -24.36
CA LEU B 12 22.76 14.13 -24.13
C LEU B 12 23.38 14.64 -25.42
N ASN B 13 23.23 13.91 -26.52
CA ASN B 13 23.67 14.43 -27.81
C ASN B 13 22.72 15.52 -28.30
N GLN B 14 21.43 15.36 -28.06
CA GLN B 14 20.46 16.41 -28.34
C GLN B 14 20.16 17.21 -27.08
N LYS B 15 21.17 17.94 -26.62
CA LYS B 15 21.04 18.74 -25.41
C LYS B 15 20.60 20.16 -25.67
N THR B 16 20.75 20.66 -26.90
CA THR B 16 20.40 22.03 -27.24
C THR B 16 18.97 22.17 -27.72
N VAL B 17 18.18 21.10 -27.75
CA VAL B 17 16.76 21.19 -28.06
C VAL B 17 15.89 20.91 -26.85
N ILE B 18 16.44 20.35 -25.78
CA ILE B 18 15.70 20.22 -24.53
C ILE B 18 15.81 21.48 -23.70
N GLY B 19 16.93 22.20 -23.80
CA GLY B 19 17.05 23.48 -23.11
C GLY B 19 16.17 24.56 -23.70
N TYR B 20 15.92 24.51 -25.00
CA TYR B 20 15.04 25.48 -25.63
C TYR B 20 13.57 25.08 -25.49
N SER B 21 13.29 23.78 -25.35
CA SER B 21 11.93 23.35 -25.09
C SER B 21 11.52 23.64 -23.66
N PHE B 22 12.45 23.49 -22.72
CA PHE B 22 12.15 23.80 -21.32
C PHE B 22 12.07 25.30 -21.09
N MET B 23 12.72 26.09 -21.94
CA MET B 23 12.61 27.53 -21.84
C MET B 23 11.25 28.01 -22.33
N ALA B 24 10.72 27.38 -23.37
CA ALA B 24 9.40 27.75 -23.88
C ALA B 24 8.28 27.24 -23.00
N LEU B 25 8.50 26.14 -22.30
CA LEU B 25 7.50 25.63 -21.38
C LEU B 25 7.42 26.44 -20.09
N LEU B 26 8.52 27.12 -19.73
CA LEU B 26 8.48 27.98 -18.55
C LEU B 26 7.87 29.34 -18.86
N THR B 27 8.10 29.87 -20.06
CA THR B 27 7.56 31.18 -20.42
C THR B 27 6.06 31.12 -20.65
N VAL B 28 5.54 29.97 -21.08
CA VAL B 28 4.10 29.80 -21.27
C VAL B 28 3.39 29.77 -19.91
N GLY B 29 3.88 28.94 -18.99
CA GLY B 29 3.24 28.81 -17.70
C GLY B 29 3.43 29.99 -16.78
N SER B 30 4.46 30.80 -17.01
CA SER B 30 4.65 32.01 -16.22
C SER B 30 3.81 33.17 -16.71
N GLU B 31 3.40 33.14 -17.98
CA GLU B 31 2.51 34.18 -18.49
C GLU B 31 1.09 33.98 -17.98
N ARG B 32 0.66 32.74 -17.79
CA ARG B 32 -0.66 32.47 -17.26
C ARG B 32 -0.77 32.84 -15.79
N LEU B 33 0.34 32.93 -15.08
CA LEU B 33 0.35 33.38 -13.69
C LEU B 33 0.20 34.89 -13.59
N PHE B 34 0.52 35.63 -14.65
CA PHE B 34 0.44 37.08 -14.63
C PHE B 34 -0.90 37.59 -15.14
N SER B 35 -1.39 37.05 -16.25
CA SER B 35 -2.62 37.55 -16.87
C SER B 35 -3.88 37.07 -16.18
N VAL B 36 -3.78 36.20 -15.20
CA VAL B 36 -4.92 35.74 -14.42
C VAL B 36 -4.94 36.37 -13.04
N VAL B 37 -3.80 36.35 -12.36
CA VAL B 37 -3.72 36.71 -10.95
C VAL B 37 -3.41 38.18 -10.74
N ALA B 38 -2.52 38.76 -11.56
CA ALA B 38 -2.04 40.11 -11.32
C ALA B 38 -2.60 41.15 -12.28
N PHE B 39 -2.88 40.80 -13.53
CA PHE B 39 -3.33 41.79 -14.51
C PHE B 39 -4.82 42.02 -14.37
N LYS B 40 -5.21 43.26 -14.11
CA LYS B 40 -6.59 43.70 -14.26
C LYS B 40 -6.58 45.12 -14.78
N CYS B 41 -7.11 45.30 -15.96
CA CYS B 41 -6.99 46.57 -16.66
C CYS B 41 -7.87 47.61 -15.99
N PRO B 42 -7.39 48.83 -15.79
CA PRO B 42 -8.29 49.94 -15.44
C PRO B 42 -9.05 50.37 -16.69
N CYS B 43 -9.82 51.42 -16.56
CA CYS B 43 -10.57 51.92 -17.69
C CYS B 43 -10.44 53.42 -17.76
N SER B 44 -9.20 53.87 -17.68
CA SER B 44 -8.85 55.26 -17.55
C SER B 44 -8.02 55.69 -18.75
N THR B 45 -7.41 56.87 -18.65
CA THR B 45 -6.45 57.28 -19.66
C THR B 45 -5.10 56.60 -19.52
N GLU B 46 -4.88 55.86 -18.43
CA GLU B 46 -3.64 55.14 -18.21
C GLU B 46 -3.71 53.69 -18.69
N ASN B 47 -4.52 53.40 -19.71
CA ASN B 47 -4.48 52.07 -20.30
C ASN B 47 -3.25 51.88 -21.16
N MET B 48 -2.86 52.91 -21.90
CA MET B 48 -1.76 52.82 -22.84
C MET B 48 -0.43 52.57 -22.13
N THR B 49 -0.27 53.09 -20.93
CA THR B 49 0.94 52.85 -20.16
C THR B 49 0.88 51.53 -19.41
N TYR B 50 -0.30 51.14 -18.91
CA TYR B 50 -0.40 49.97 -18.04
C TYR B 50 -0.24 48.69 -18.81
N GLY B 51 -0.88 48.56 -19.97
CA GLY B 51 -0.77 47.33 -20.73
C GLY B 51 0.52 47.18 -21.46
N LEU B 52 1.22 48.29 -21.71
CA LEU B 52 2.47 48.28 -22.45
C LEU B 52 3.66 48.00 -21.55
N VAL B 53 3.48 48.06 -20.23
CA VAL B 53 4.53 47.72 -19.29
C VAL B 53 4.54 46.22 -19.01
N PHE B 54 3.36 45.60 -18.91
CA PHE B 54 3.30 44.16 -18.77
C PHE B 54 3.74 43.40 -20.02
N LEU B 55 3.84 44.08 -21.15
CA LEU B 55 4.34 43.49 -22.39
C LEU B 55 5.85 43.55 -22.45
N PHE B 56 6.44 44.72 -22.22
CA PHE B 56 7.84 44.98 -22.50
C PHE B 56 8.75 44.87 -21.28
N ALA B 57 8.28 45.16 -20.08
CA ALA B 57 9.18 45.15 -18.92
C ALA B 57 9.60 43.76 -18.45
N PRO B 58 8.79 42.69 -18.53
CA PRO B 58 9.38 41.35 -18.34
C PRO B 58 10.29 40.90 -19.48
N ALA B 59 10.33 41.59 -20.61
CA ALA B 59 11.28 41.28 -21.66
C ALA B 59 12.60 41.99 -21.48
N TRP B 60 12.60 43.14 -20.79
CA TRP B 60 13.84 43.83 -20.49
C TRP B 60 14.60 43.13 -19.35
N VAL B 61 13.88 42.46 -18.46
CA VAL B 61 14.53 41.74 -17.37
C VAL B 61 15.13 40.43 -17.87
N LEU B 62 14.44 39.76 -18.80
CA LEU B 62 14.95 38.53 -19.37
C LEU B 62 16.13 38.76 -20.30
N LEU B 63 16.30 39.98 -20.79
CA LEU B 63 17.47 40.29 -21.61
C LEU B 63 18.69 40.54 -20.74
N ILE B 64 18.53 41.24 -19.63
CA ILE B 64 19.64 41.52 -18.73
C ILE B 64 20.05 40.27 -17.97
N LEU B 65 19.08 39.39 -17.68
CA LEU B 65 19.39 38.10 -17.08
C LEU B 65 20.11 37.17 -18.05
N GLY B 66 20.08 37.46 -19.34
CA GLY B 66 20.83 36.68 -20.31
C GLY B 66 22.26 37.13 -20.49
N PHE B 67 22.60 38.34 -20.06
CA PHE B 67 23.99 38.78 -20.05
C PHE B 67 24.73 38.30 -18.81
N PHE B 68 24.02 38.03 -17.72
CA PHE B 68 24.65 37.51 -16.52
C PHE B 68 25.06 36.06 -16.69
N LEU B 69 24.17 35.24 -17.26
CA LEU B 69 24.38 33.80 -17.34
C LEU B 69 25.21 33.38 -18.54
N ASN B 70 25.66 34.31 -19.37
CA ASN B 70 26.48 33.98 -20.52
C ASN B 70 27.94 33.92 -20.10
N ASN B 71 28.56 32.75 -20.27
CA ASN B 71 29.91 32.55 -19.77
C ASN B 71 30.98 33.23 -20.61
N ARG B 72 30.70 33.50 -21.88
CA ARG B 72 31.70 34.10 -22.74
C ARG B 72 31.56 35.61 -22.84
N SER B 73 30.62 36.21 -22.10
CA SER B 73 30.61 37.65 -21.95
C SER B 73 31.59 38.11 -20.88
N TRP B 74 31.95 37.22 -19.96
CA TRP B 74 32.93 37.54 -18.93
C TRP B 74 34.34 37.21 -19.35
N ARG B 75 34.53 36.23 -20.24
CA ARG B 75 35.85 35.93 -20.75
C ARG B 75 36.37 37.04 -21.64
N LEU B 76 35.48 37.72 -22.35
CA LEU B 76 35.90 38.81 -23.22
C LEU B 76 36.26 40.06 -22.42
N PHE B 77 35.53 40.36 -21.36
CA PHE B 77 35.58 41.68 -20.76
C PHE B 77 36.41 41.77 -19.49
N THR B 78 36.81 40.66 -18.89
CA THR B 78 37.58 40.72 -17.64
C THR B 78 38.99 41.20 -17.90
N GLY B 79 39.43 42.22 -17.17
CA GLY B 79 40.74 42.77 -17.35
C GLY B 79 40.88 43.61 -18.58
N CYS B 80 39.79 44.20 -19.07
CA CYS B 80 39.81 44.92 -20.34
C CYS B 80 40.57 46.23 -20.25
N CYS B 81 40.40 47.00 -19.17
CA CYS B 81 41.01 48.31 -19.08
C CYS B 81 42.49 48.27 -18.73
N VAL B 82 43.06 47.09 -18.46
CA VAL B 82 44.50 46.98 -18.27
C VAL B 82 45.21 47.20 -19.60
N ASN B 83 44.79 46.50 -20.64
CA ASN B 83 45.38 46.62 -21.97
C ASN B 83 44.27 46.32 -22.96
N PRO B 84 43.67 47.34 -23.57
CA PRO B 84 42.53 47.11 -24.47
C PRO B 84 42.90 46.50 -25.81
N ARG B 85 44.19 46.49 -26.16
CA ARG B 85 44.63 46.00 -27.45
C ARG B 85 44.67 44.48 -27.54
N LYS B 86 44.33 43.76 -26.48
CA LYS B 86 44.16 42.32 -26.56
C LYS B 86 42.73 41.94 -26.94
N ILE B 87 41.82 42.90 -26.97
CA ILE B 87 40.46 42.68 -27.43
C ILE B 87 40.23 43.32 -28.80
N PHE B 88 40.97 44.35 -29.16
CA PHE B 88 41.02 44.93 -30.49
C PHE B 88 42.37 44.63 -31.11
N PRO B 89 42.61 43.41 -31.61
CA PRO B 89 43.95 43.10 -32.14
C PRO B 89 44.20 43.80 -33.47
N ARG B 90 45.48 43.89 -33.82
CA ARG B 90 45.87 44.65 -35.01
C ARG B 90 45.54 43.90 -36.29
N GLY B 91 45.67 42.58 -36.28
CA GLY B 91 45.43 41.79 -37.47
C GLY B 91 43.98 41.70 -37.88
N HIS B 92 43.10 41.38 -36.92
CA HIS B 92 41.67 41.18 -37.19
C HIS B 92 40.89 42.10 -36.25
N SER B 93 40.67 43.34 -36.67
CA SER B 93 40.04 44.34 -35.82
C SER B 93 38.53 44.26 -35.79
N CYS B 94 37.93 43.32 -36.51
CA CYS B 94 36.47 43.21 -36.58
C CYS B 94 35.93 41.98 -35.87
N ARG B 95 36.78 41.19 -35.23
CA ARG B 95 36.28 40.04 -34.48
C ARG B 95 35.67 40.47 -33.15
N PHE B 96 35.96 41.67 -32.67
CA PHE B 96 35.30 42.15 -31.46
C PHE B 96 33.81 42.35 -31.67
N PHE B 97 33.40 42.85 -32.83
CA PHE B 97 31.99 43.01 -33.13
C PHE B 97 31.34 41.70 -33.56
N TYR B 98 32.13 40.71 -33.97
CA TYR B 98 31.57 39.41 -34.27
C TYR B 98 31.22 38.66 -33.00
N VAL B 99 32.09 38.72 -31.98
CA VAL B 99 31.80 38.02 -30.73
C VAL B 99 30.72 38.76 -29.95
N LEU B 100 30.76 40.09 -29.96
CA LEU B 100 29.75 40.87 -29.25
C LEU B 100 28.36 40.70 -29.86
N GLY B 101 28.29 40.44 -31.16
CA GLY B 101 27.03 40.08 -31.78
C GLY B 101 26.57 38.67 -31.48
N GLN B 102 27.45 37.81 -30.99
CA GLN B 102 27.05 36.46 -30.64
C GLN B 102 26.38 36.41 -29.27
N ILE B 103 26.84 37.24 -28.33
CA ILE B 103 26.19 37.33 -27.03
C ILE B 103 24.81 37.98 -27.17
N THR B 104 24.71 39.00 -28.03
CA THR B 104 23.46 39.75 -28.16
C THR B 104 22.36 38.93 -28.81
N LEU B 105 22.68 38.17 -29.86
CA LEU B 105 21.66 37.34 -30.50
C LEU B 105 21.31 36.11 -29.69
N SER B 106 22.21 35.65 -28.83
CA SER B 106 21.92 34.47 -28.03
C SER B 106 21.09 34.79 -26.79
N SER B 107 21.07 36.06 -26.37
CA SER B 107 20.27 36.50 -25.24
C SER B 107 19.02 37.25 -25.66
N LEU B 108 18.76 37.35 -26.96
CA LEU B 108 17.51 37.88 -27.48
C LEU B 108 16.49 36.79 -27.75
N VAL B 109 16.74 35.57 -27.31
CA VAL B 109 15.84 34.45 -27.56
C VAL B 109 14.73 34.39 -26.52
N ALA B 110 15.08 34.56 -25.25
CA ALA B 110 14.11 34.63 -24.16
C ALA B 110 13.20 35.87 -24.15
N PRO B 111 13.63 37.07 -24.62
CA PRO B 111 12.62 38.12 -24.82
C PRO B 111 11.65 37.86 -25.95
N VAL B 112 12.09 37.24 -27.05
CA VAL B 112 11.21 37.00 -28.19
C VAL B 112 10.21 35.91 -27.86
N MET B 113 10.58 34.94 -27.04
CA MET B 113 9.62 33.95 -26.57
C MET B 113 8.68 34.50 -25.51
N TRP B 114 8.92 35.68 -24.97
CA TRP B 114 7.95 36.28 -24.06
C TRP B 114 6.91 37.09 -24.81
N LEU B 115 7.32 37.88 -25.80
CA LEU B 115 6.36 38.69 -26.55
C LEU B 115 5.44 37.84 -27.41
N SER B 116 5.87 36.65 -27.81
CA SER B 116 5.04 35.80 -28.64
C SER B 116 3.92 35.16 -27.85
N VAL B 117 4.20 34.67 -26.64
CA VAL B 117 3.15 34.11 -25.81
C VAL B 117 2.27 35.20 -25.22
N ALA B 118 2.81 36.39 -25.00
CA ALA B 118 2.01 37.46 -24.41
C ALA B 118 1.07 38.10 -25.42
N LEU B 119 1.37 38.00 -26.71
CA LEU B 119 0.46 38.49 -27.73
C LEU B 119 -0.50 37.42 -28.22
N LEU B 120 -0.17 36.14 -28.07
CA LEU B 120 -1.07 35.06 -28.44
C LEU B 120 -2.19 34.85 -27.42
N ASN B 121 -1.98 35.27 -26.19
CA ASN B 121 -3.00 35.33 -25.16
C ASN B 121 -3.34 36.81 -25.05
N GLY B 122 -4.25 37.27 -25.90
CA GLY B 122 -4.32 38.68 -26.22
C GLY B 122 -4.94 39.62 -25.21
N THR B 123 -4.59 39.51 -23.93
CA THR B 123 -5.11 40.42 -22.92
C THR B 123 -4.27 41.67 -22.73
N PHE B 124 -2.95 41.60 -22.94
CA PHE B 124 -2.12 42.79 -22.76
C PHE B 124 -2.30 43.76 -23.92
N TYR B 125 -2.59 43.25 -25.11
CA TYR B 125 -2.77 44.13 -26.27
C TYR B 125 -4.15 44.75 -26.28
N GLU B 126 -5.15 44.08 -25.71
CA GLU B 126 -6.49 44.62 -25.70
C GLU B 126 -6.62 45.78 -24.72
N CYS B 127 -5.92 45.70 -23.59
CA CYS B 127 -5.87 46.82 -22.66
C CYS B 127 -5.08 47.99 -23.23
N ALA B 128 -3.98 47.72 -23.94
CA ALA B 128 -3.11 48.80 -24.39
C ALA B 128 -3.58 49.47 -25.66
N MET B 129 -4.29 48.75 -26.54
CA MET B 129 -4.75 49.34 -27.79
C MET B 129 -6.08 50.06 -27.65
N SER B 130 -6.85 49.76 -26.59
CA SER B 130 -8.11 50.46 -26.36
C SER B 130 -7.89 51.94 -26.06
N GLY B 131 -6.98 52.24 -25.15
CA GLY B 131 -6.66 53.63 -24.92
C GLY B 131 -5.66 54.14 -25.93
N THR B 132 -6.08 54.38 -27.17
CA THR B 132 -5.13 54.71 -28.23
C THR B 132 -4.97 56.20 -28.50
N ARG B 133 -6.08 56.95 -28.62
CA ARG B 133 -6.10 58.40 -28.86
C ARG B 133 -5.28 58.79 -30.10
N SER B 134 -5.73 58.33 -31.25
CA SER B 134 -5.01 58.56 -32.49
C SER B 134 -6.02 58.72 -33.63
N SER B 135 -5.69 59.59 -34.57
CA SER B 135 -6.59 59.87 -35.70
C SER B 135 -6.69 58.66 -36.62
N GLY B 136 -5.56 58.21 -37.15
CA GLY B 136 -5.49 56.89 -37.73
C GLY B 136 -5.47 55.83 -36.63
N LEU B 137 -5.50 54.56 -37.04
CA LEU B 137 -5.49 53.36 -36.22
C LEU B 137 -6.73 53.22 -35.33
N LEU B 138 -7.69 54.13 -35.44
CA LEU B 138 -8.92 54.11 -34.65
C LEU B 138 -10.15 53.91 -35.51
N GLU B 139 -10.12 54.34 -36.77
CA GLU B 139 -11.17 53.98 -37.70
C GLU B 139 -11.11 52.52 -38.09
N LEU B 140 -9.94 51.90 -38.02
CA LEU B 140 -9.84 50.47 -38.32
C LEU B 140 -10.45 49.60 -37.25
N ILE B 141 -10.58 50.12 -36.03
CA ILE B 141 -11.23 49.38 -34.95
C ILE B 141 -12.70 49.74 -34.87
N CYS B 142 -13.01 51.03 -34.95
CA CYS B 142 -14.38 51.53 -34.96
C CYS B 142 -14.74 51.85 -36.40
N LYS B 143 -15.39 50.91 -37.09
CA LYS B 143 -15.77 51.10 -38.48
C LYS B 143 -17.29 51.12 -38.67
N GLY B 144 -17.99 50.10 -38.20
CA GLY B 144 -19.43 50.06 -38.36
C GLY B 144 -20.16 50.12 -37.03
N LYS B 145 -19.67 50.96 -36.13
CA LYS B 145 -20.15 51.10 -34.77
C LYS B 145 -20.81 52.46 -34.58
N PRO B 146 -21.58 52.66 -33.47
CA PRO B 146 -22.12 54.00 -33.18
C PRO B 146 -21.07 55.07 -32.90
N LYS B 147 -21.52 56.29 -32.63
CA LYS B 147 -20.61 57.41 -32.52
C LYS B 147 -19.83 57.41 -31.22
N GLU B 148 -20.27 56.65 -30.21
CA GLU B 148 -19.57 56.58 -28.93
C GLU B 148 -18.49 55.50 -28.91
N CYS B 149 -17.96 55.13 -30.08
CA CYS B 149 -16.72 54.36 -30.15
C CYS B 149 -15.50 55.24 -30.19
N TRP B 150 -15.66 56.52 -30.51
CA TRP B 150 -14.55 57.43 -30.60
C TRP B 150 -14.22 58.10 -29.27
N GLU B 151 -15.07 57.94 -28.26
CA GLU B 151 -14.88 58.61 -26.98
C GLU B 151 -15.09 57.72 -25.77
N GLU B 152 -15.55 56.49 -25.94
CA GLU B 152 -15.74 55.57 -24.83
C GLU B 152 -15.14 54.21 -25.14
N LEU B 153 -14.09 54.17 -25.95
CA LEU B 153 -13.51 52.89 -26.32
C LEU B 153 -12.72 52.27 -25.17
N HIS B 154 -12.08 53.10 -24.34
CA HIS B 154 -11.18 52.59 -23.32
C HIS B 154 -11.89 51.88 -22.18
N LYS B 155 -13.21 51.83 -22.17
CA LYS B 155 -13.96 51.11 -21.14
C LYS B 155 -14.50 49.79 -21.65
N VAL B 156 -14.10 49.35 -22.83
CA VAL B 156 -14.64 48.12 -23.40
C VAL B 156 -14.06 46.87 -22.76
N SER B 157 -12.96 47.00 -22.01
CA SER B 157 -12.34 45.86 -21.36
C SER B 157 -13.02 45.52 -20.04
N CYS B 158 -13.28 46.54 -19.22
CA CYS B 158 -13.98 46.34 -17.95
C CYS B 158 -15.44 45.98 -18.13
N GLY B 159 -16.00 46.24 -19.31
CA GLY B 159 -17.44 46.28 -19.43
C GLY B 159 -17.92 47.66 -19.02
N LYS B 160 -19.23 47.77 -18.81
CA LYS B 160 -19.89 48.99 -18.32
C LYS B 160 -19.67 50.17 -19.26
N THR B 161 -19.89 49.93 -20.55
CA THR B 161 -20.03 50.99 -21.54
C THR B 161 -21.45 50.87 -22.09
N SER B 162 -22.16 51.99 -22.20
CA SER B 162 -23.56 51.94 -22.63
C SER B 162 -23.67 52.09 -24.14
N MET B 163 -23.25 51.04 -24.84
CA MET B 163 -23.45 50.94 -26.29
C MET B 163 -23.91 49.56 -26.73
N LEU B 164 -24.94 48.99 -26.07
CA LEU B 164 -25.66 47.80 -26.53
C LEU B 164 -24.79 46.55 -26.60
N PRO B 165 -24.62 45.82 -25.49
CA PRO B 165 -23.47 44.91 -25.31
C PRO B 165 -23.26 43.78 -26.32
N THR B 166 -24.08 43.65 -27.36
CA THR B 166 -23.66 42.82 -28.48
C THR B 166 -22.59 43.52 -29.30
N VAL B 167 -22.53 44.85 -29.22
CA VAL B 167 -21.44 45.59 -29.83
C VAL B 167 -20.19 45.49 -28.96
N ASN B 168 -20.37 45.44 -27.64
CA ASN B 168 -19.23 45.43 -26.74
C ASN B 168 -18.59 44.05 -26.65
N GLU B 169 -19.21 43.04 -27.27
CA GLU B 169 -18.55 41.74 -27.35
C GLU B 169 -17.75 41.62 -28.64
N GLU B 170 -18.27 42.16 -29.74
CA GLU B 170 -17.54 42.06 -30.99
C GLU B 170 -16.63 43.26 -31.20
N LEU B 171 -16.43 44.08 -30.16
CA LEU B 171 -15.30 44.99 -30.15
C LEU B 171 -14.15 44.38 -29.37
N LYS B 172 -14.47 43.58 -28.36
CA LYS B 172 -13.45 42.84 -27.64
C LYS B 172 -12.87 41.71 -28.47
N LEU B 173 -13.63 41.18 -29.43
CA LEU B 173 -13.17 40.09 -30.26
C LEU B 173 -12.38 40.56 -31.46
N SER B 174 -12.52 41.80 -31.85
CA SER B 174 -11.73 42.35 -32.95
C SER B 174 -10.39 42.86 -32.50
N LEU B 175 -10.21 43.10 -31.20
CA LEU B 175 -8.91 43.45 -30.63
C LEU B 175 -8.16 42.25 -30.08
N GLN B 176 -8.89 41.20 -29.68
CA GLN B 176 -8.25 39.98 -29.25
C GLN B 176 -7.73 39.16 -30.42
N ALA B 177 -8.12 39.51 -31.64
CA ALA B 177 -7.70 38.81 -32.84
C ALA B 177 -6.65 39.56 -33.65
N GLN B 178 -6.47 40.85 -33.42
CA GLN B 178 -5.35 41.54 -34.03
C GLN B 178 -4.05 41.29 -33.29
N SER B 179 -4.12 40.84 -32.04
CA SER B 179 -2.91 40.50 -31.32
C SER B 179 -2.45 39.10 -31.64
N GLN B 180 -3.37 38.19 -31.94
CA GLN B 180 -2.96 36.84 -32.29
C GLN B 180 -2.46 36.75 -33.72
N ILE B 181 -2.70 37.77 -34.54
CA ILE B 181 -2.07 37.82 -35.86
C ILE B 181 -0.68 38.41 -35.75
N LEU B 182 -0.48 39.42 -34.91
CA LEU B 182 0.86 39.93 -34.65
C LEU B 182 1.69 38.94 -33.85
N GLY B 183 1.03 38.09 -33.06
CA GLY B 183 1.76 37.07 -32.33
C GLY B 183 2.37 36.02 -33.23
N TRP B 184 1.73 35.73 -34.36
CA TRP B 184 2.28 34.76 -35.31
C TRP B 184 3.24 35.38 -36.30
N CYS B 185 3.13 36.68 -36.57
CA CYS B 185 4.08 37.34 -37.45
C CYS B 185 5.45 37.49 -36.81
N LEU B 186 5.52 37.39 -35.48
CA LEU B 186 6.77 37.47 -34.75
C LEU B 186 7.46 36.12 -34.64
N ILE B 187 6.71 35.03 -34.48
CA ILE B 187 7.34 33.71 -34.47
C ILE B 187 7.80 33.32 -35.87
N CYS B 188 7.10 33.78 -36.89
CA CYS B 188 7.42 33.36 -38.25
C CYS B 188 8.58 34.13 -38.86
N SER B 189 8.91 35.29 -38.33
CA SER B 189 10.01 36.07 -38.87
C SER B 189 11.24 36.05 -37.98
N ALA B 190 11.10 35.65 -36.73
CA ALA B 190 12.26 35.39 -35.88
C ALA B 190 12.74 33.96 -35.97
N SER B 191 11.99 33.08 -36.62
CA SER B 191 12.49 31.77 -36.99
C SER B 191 13.19 31.79 -38.34
N PHE B 192 12.82 32.72 -39.20
CA PHE B 192 13.47 32.86 -40.50
C PHE B 192 14.76 33.66 -40.40
N PHE B 193 14.79 34.68 -39.54
CA PHE B 193 16.02 35.44 -39.32
C PHE B 193 17.05 34.63 -38.55
N SER B 194 16.59 33.75 -37.67
CA SER B 194 17.52 32.94 -36.89
C SER B 194 18.18 31.85 -37.73
N LEU B 195 17.49 31.36 -38.76
CA LEU B 195 18.10 30.38 -39.65
C LEU B 195 19.02 31.03 -40.66
N LEU B 196 18.75 32.27 -41.04
CA LEU B 196 19.54 32.92 -42.08
C LEU B 196 20.90 33.36 -41.58
N THR B 197 21.01 33.71 -40.30
CA THR B 197 22.31 34.11 -39.76
C THR B 197 23.13 32.91 -39.33
N THR B 198 22.50 31.81 -38.92
CA THR B 198 23.25 30.60 -38.61
C THR B 198 23.74 29.94 -39.89
N CYS B 199 22.95 29.96 -40.95
CA CYS B 199 23.39 29.39 -42.22
C CYS B 199 24.42 30.26 -42.91
N TYR B 200 24.50 31.54 -42.57
CA TYR B 200 25.54 32.38 -43.13
C TYR B 200 26.83 32.33 -42.31
N ALA B 201 26.75 31.98 -41.03
CA ALA B 201 27.95 31.84 -40.23
C ALA B 201 28.66 30.52 -40.53
N ARG B 202 27.93 29.48 -40.92
CA ARG B 202 28.56 28.23 -41.29
C ARG B 202 29.06 28.24 -42.72
N CYS B 203 28.39 28.96 -43.62
CA CYS B 203 28.83 29.02 -45.00
C CYS B 203 30.13 29.78 -45.16
N ARG B 204 30.45 30.67 -44.22
CA ARG B 204 31.69 31.43 -44.24
C ARG B 204 32.63 31.00 -43.14
N SER B 205 32.56 29.74 -42.73
CA SER B 205 33.50 29.19 -41.78
C SER B 205 34.86 28.99 -42.45
N LYS B 206 35.89 28.89 -41.62
CA LYS B 206 37.25 28.70 -42.13
C LYS B 206 37.62 27.24 -42.31
N VAL B 207 36.91 26.33 -41.64
CA VAL B 207 37.19 24.91 -41.68
C VAL B 207 35.97 24.19 -42.24
N SER B 208 36.16 22.93 -42.59
CA SER B 208 35.07 22.11 -43.12
C SER B 208 34.33 21.47 -41.97
N TYR B 209 33.45 20.51 -42.27
CA TYR B 209 32.59 19.94 -41.23
C TYR B 209 33.35 19.00 -40.33
N LEU B 210 34.31 18.26 -40.87
CA LEU B 210 35.02 17.28 -40.08
C LEU B 210 36.03 17.93 -39.14
N GLN B 211 36.70 18.99 -39.58
CA GLN B 211 37.62 19.70 -38.71
C GLN B 211 36.89 20.50 -37.65
N LEU B 212 35.67 20.96 -37.94
CA LEU B 212 34.91 21.69 -36.94
C LEU B 212 34.36 20.77 -35.88
N SER B 213 34.32 19.47 -36.14
CA SER B 213 33.85 18.54 -35.13
C SER B 213 34.95 18.09 -34.19
N PHE B 214 36.21 18.20 -34.61
CA PHE B 214 37.33 17.97 -33.70
C PHE B 214 37.60 19.19 -32.84
N TRP B 215 37.40 20.38 -33.41
CA TRP B 215 37.58 21.62 -32.68
C TRP B 215 36.59 21.74 -31.53
N LYS B 216 35.37 21.24 -31.69
CA LYS B 216 34.40 21.32 -30.61
C LYS B 216 34.63 20.26 -29.54
N THR B 217 35.23 19.14 -29.89
CA THR B 217 35.59 18.13 -28.88
C THR B 217 36.81 18.56 -28.09
N TYR B 218 37.71 19.29 -28.72
CA TYR B 218 38.90 19.77 -28.01
C TYR B 218 38.53 20.84 -27.01
N ALA B 219 37.65 21.77 -27.38
CA ALA B 219 37.33 22.88 -26.50
C ALA B 219 36.47 22.46 -25.32
N GLN B 220 35.80 21.31 -25.38
CA GLN B 220 35.06 20.85 -24.23
C GLN B 220 35.95 20.08 -23.27
N LYS B 221 37.01 19.48 -23.76
CA LYS B 221 37.93 18.75 -22.91
C LYS B 221 39.20 19.51 -22.60
N GLU B 222 39.27 20.79 -22.96
CA GLU B 222 40.24 21.67 -22.35
C GLU B 222 39.65 22.45 -21.19
N LYS B 223 38.33 22.39 -21.01
CA LYS B 223 37.72 22.95 -19.82
C LYS B 223 37.72 21.98 -18.66
N GLU B 224 37.63 20.68 -18.95
CA GLU B 224 37.66 19.68 -17.89
C GLU B 224 39.06 19.55 -17.32
N GLN B 225 40.09 19.61 -18.16
CA GLN B 225 41.45 19.47 -17.68
C GLN B 225 41.94 20.74 -17.00
N LEU B 226 41.43 21.90 -17.38
CA LEU B 226 41.81 23.13 -16.72
C LEU B 226 41.22 23.22 -15.32
N GLU B 227 40.03 22.68 -15.11
CA GLU B 227 39.45 22.67 -13.77
C GLU B 227 40.07 21.61 -12.88
N ASN B 228 40.83 20.67 -13.42
CA ASN B 228 41.55 19.68 -12.64
C ASN B 228 42.99 20.06 -12.38
N THR B 229 43.60 20.89 -13.24
CA THR B 229 44.94 21.38 -12.98
C THR B 229 44.91 22.55 -12.02
N PHE B 230 43.87 23.38 -12.10
CA PHE B 230 43.72 24.50 -11.16
C PHE B 230 43.45 24.01 -9.76
N LEU B 231 42.85 22.84 -9.62
CA LEU B 231 42.52 22.28 -8.32
C LEU B 231 43.62 21.38 -7.78
N ASP B 232 44.56 21.00 -8.64
CA ASP B 232 45.73 20.22 -8.23
C ASP B 232 46.89 21.12 -7.82
N TYR B 233 47.00 22.30 -8.41
CA TYR B 233 48.01 23.28 -8.02
C TYR B 233 47.55 24.22 -6.93
N ALA B 234 46.32 24.11 -6.48
CA ALA B 234 45.84 24.92 -5.36
C ALA B 234 45.81 24.16 -4.05
N ASN B 235 45.69 22.84 -4.09
CA ASN B 235 45.94 22.04 -2.89
C ASN B 235 47.41 22.03 -2.54
N LYS B 236 48.29 22.03 -3.54
CA LYS B 236 49.71 21.96 -3.27
C LYS B 236 50.30 23.29 -2.85
N LEU B 237 49.62 24.40 -3.11
CA LEU B 237 50.10 25.69 -2.66
C LEU B 237 49.59 26.05 -1.28
N SER B 238 48.35 25.68 -0.95
CA SER B 238 47.83 26.02 0.37
C SER B 238 48.40 25.12 1.45
N GLU B 239 48.84 23.90 1.09
CA GLU B 239 49.54 23.05 2.05
C GLU B 239 50.91 23.61 2.38
N ARG B 240 51.56 24.24 1.40
CA ARG B 240 52.88 24.82 1.63
C ARG B 240 52.77 26.08 2.47
N ASN B 241 51.69 26.84 2.34
CA ASN B 241 51.56 28.11 3.05
C ASN B 241 51.19 27.92 4.51
N LEU B 242 50.43 26.89 4.84
CA LEU B 242 50.00 26.72 6.22
C LEU B 242 51.05 26.05 7.08
N LYS B 243 51.91 25.23 6.50
CA LYS B 243 52.98 24.62 7.28
C LYS B 243 54.09 25.60 7.58
N CYS B 244 54.33 26.57 6.69
CA CYS B 244 55.36 27.55 6.94
C CYS B 244 54.86 28.74 7.75
N PHE B 245 53.59 28.75 8.12
CA PHE B 245 53.05 29.76 9.01
C PHE B 245 53.01 29.30 10.46
N PHE B 246 52.65 28.04 10.70
CA PHE B 246 52.57 27.53 12.06
C PHE B 246 53.91 27.03 12.60
N GLU B 247 54.83 26.66 11.72
CA GLU B 247 56.13 26.17 12.15
C GLU B 247 57.22 27.22 12.11
N ASN B 248 56.92 28.41 11.59
CA ASN B 248 57.84 29.54 11.48
C ASN B 248 59.09 29.18 10.66
N LYS B 249 58.85 28.54 9.52
CA LYS B 249 59.90 28.15 8.60
C LYS B 249 59.90 29.07 7.38
N ARG B 250 60.87 28.84 6.50
CA ARG B 250 60.96 29.47 5.19
C ARG B 250 60.55 28.48 4.12
N PRO B 251 59.79 28.90 3.11
CA PRO B 251 59.25 27.94 2.14
C PRO B 251 60.15 27.71 0.93
N ASP B 252 59.94 26.56 0.30
CA ASP B 252 60.56 26.27 -0.99
C ASP B 252 59.81 27.00 -2.10
N PRO B 253 60.52 27.48 -3.12
CA PRO B 253 59.88 28.30 -4.15
C PRO B 253 58.90 27.52 -5.00
N PHE B 254 57.80 28.18 -5.36
CA PHE B 254 56.70 27.56 -6.09
C PHE B 254 56.75 28.00 -7.54
N PRO B 255 56.93 27.09 -8.50
CA PRO B 255 56.98 27.48 -9.92
C PRO B 255 55.59 27.65 -10.52
N MET B 256 55.22 28.90 -10.78
CA MET B 256 53.98 29.32 -11.40
C MET B 256 54.30 30.16 -12.62
N PRO B 257 53.40 30.22 -13.62
CA PRO B 257 53.69 31.04 -14.80
C PRO B 257 53.70 32.53 -14.48
N THR B 258 54.43 33.27 -15.30
CA THR B 258 54.57 34.70 -15.07
C THR B 258 53.29 35.44 -15.44
N PHE B 259 53.23 36.71 -15.08
CA PHE B 259 52.05 37.53 -15.42
C PHE B 259 51.96 37.78 -16.91
N ALA B 260 53.09 37.86 -17.59
CA ALA B 260 53.08 38.09 -19.03
C ALA B 260 52.57 36.88 -19.81
N ALA B 261 52.65 35.68 -19.24
CA ALA B 261 52.11 34.49 -19.89
C ALA B 261 50.70 34.17 -19.43
N TRP B 262 50.26 34.72 -18.31
CA TRP B 262 48.86 34.60 -17.92
C TRP B 262 47.99 35.49 -18.78
N GLU B 263 48.54 36.60 -19.28
CA GLU B 263 47.78 37.55 -20.07
C GLU B 263 47.73 37.16 -21.54
N ALA B 264 48.75 36.46 -22.03
CA ALA B 264 48.78 36.04 -23.43
C ALA B 264 47.83 34.90 -23.69
N ALA B 265 47.64 34.00 -22.73
CA ALA B 265 46.74 32.86 -22.88
C ALA B 265 45.30 33.19 -22.53
N SER B 266 44.94 34.47 -22.50
CA SER B 266 43.57 34.89 -22.26
C SER B 266 43.06 35.81 -23.36
N GLU B 267 43.65 35.73 -24.54
CA GLU B 267 43.28 36.62 -25.64
C GLU B 267 42.13 36.01 -26.42
N LEU B 268 41.84 36.58 -27.58
CA LEU B 268 40.73 36.16 -28.41
C LEU B 268 41.25 35.36 -29.59
N HIS B 269 40.64 34.20 -29.83
CA HIS B 269 41.15 33.23 -30.78
C HIS B 269 40.49 33.38 -32.14
N SER B 270 41.30 33.31 -33.19
CA SER B 270 40.81 33.29 -34.56
C SER B 270 41.60 32.24 -35.33
N PHE B 271 40.92 31.44 -36.14
CA PHE B 271 41.58 30.34 -36.82
C PHE B 271 42.42 30.84 -37.99
N HIS B 272 43.56 30.21 -38.18
CA HIS B 272 44.40 30.39 -39.36
C HIS B 272 44.64 29.02 -39.98
N GLN B 273 44.40 28.91 -41.29
CA GLN B 273 44.57 27.64 -41.96
C GLN B 273 46.02 27.37 -42.38
N SER B 274 46.96 28.23 -42.01
CA SER B 274 48.38 27.95 -42.23
C SER B 274 48.99 27.23 -41.03
N GLN B 275 48.87 27.82 -39.85
CA GLN B 275 49.20 27.16 -38.59
C GLN B 275 47.88 26.84 -37.90
N GLN B 276 47.49 25.57 -37.89
CA GLN B 276 46.18 25.22 -37.36
C GLN B 276 46.27 25.04 -35.85
N HIS B 277 45.69 25.98 -35.12
CA HIS B 277 45.64 25.97 -33.67
C HIS B 277 44.20 26.01 -33.23
N TYR B 278 43.86 25.21 -32.23
CA TYR B 278 42.48 25.03 -31.81
C TYR B 278 42.13 25.80 -30.56
N SER B 279 43.08 26.50 -29.96
CA SER B 279 42.83 27.38 -28.83
C SER B 279 43.95 28.39 -28.75
N THR B 280 43.76 29.42 -27.95
CA THR B 280 44.82 30.40 -27.75
C THR B 280 45.79 29.98 -26.67
N LEU B 281 45.53 28.87 -25.99
CA LEU B 281 46.53 28.21 -25.16
C LEU B 281 47.39 27.27 -25.99
N HIS B 282 46.85 26.73 -27.07
CA HIS B 282 47.63 25.93 -28.01
C HIS B 282 48.59 26.81 -28.80
N ARG B 283 48.26 28.09 -28.96
CA ARG B 283 49.13 28.97 -29.73
C ARG B 283 50.32 29.46 -28.92
N VAL B 284 50.12 29.75 -27.63
CA VAL B 284 51.23 30.21 -26.81
C VAL B 284 52.17 29.09 -26.41
N VAL B 285 51.77 27.83 -26.54
CA VAL B 285 52.62 26.70 -26.20
C VAL B 285 53.46 26.28 -27.40
N ASP B 286 52.86 26.26 -28.59
CA ASP B 286 53.59 25.91 -29.80
C ASP B 286 54.58 27.00 -30.20
N ASN B 287 54.26 28.26 -29.92
CA ASN B 287 55.05 29.38 -30.38
C ASN B 287 55.85 30.02 -29.26
N GLY B 288 56.54 29.22 -28.46
CA GLY B 288 57.38 29.74 -27.40
C GLY B 288 56.62 30.18 -26.16
N MET C 1 17.07 -10.39 -18.64
CA MET C 1 17.71 -11.68 -18.74
C MET C 1 18.27 -11.89 -20.15
N ASP C 2 17.51 -12.61 -20.99
CA ASP C 2 17.88 -12.83 -22.38
C ASP C 2 16.76 -12.58 -23.38
N ALA C 3 15.50 -12.66 -22.97
CA ALA C 3 14.39 -12.40 -23.88
C ALA C 3 13.95 -10.95 -23.87
N PHE C 4 14.35 -10.17 -22.87
CA PHE C 4 13.96 -8.77 -22.82
C PHE C 4 14.73 -7.94 -23.83
N GLN C 5 15.97 -8.35 -24.16
CA GLN C 5 16.71 -7.70 -25.23
C GLN C 5 16.38 -8.30 -26.60
N GLY C 6 15.70 -9.45 -26.63
CA GLY C 6 15.25 -10.00 -27.89
C GLY C 6 14.04 -9.27 -28.47
N ILE C 7 13.24 -8.65 -27.60
CA ILE C 7 12.15 -7.80 -28.07
C ILE C 7 12.58 -6.35 -28.19
N LEU C 8 13.70 -5.96 -27.56
CA LEU C 8 14.28 -4.65 -27.83
C LEU C 8 14.84 -4.57 -29.24
N LYS C 9 15.26 -5.71 -29.79
CA LYS C 9 15.75 -5.74 -31.17
C LYS C 9 14.62 -5.50 -32.16
N PHE C 10 13.41 -6.00 -31.86
CA PHE C 10 12.26 -5.74 -32.72
C PHE C 10 11.81 -4.29 -32.63
N PHE C 11 12.04 -3.63 -31.50
CA PHE C 11 11.73 -2.21 -31.36
C PHE C 11 12.88 -1.31 -31.80
N LEU C 12 13.95 -1.87 -32.35
CA LEU C 12 15.08 -1.09 -32.83
C LEU C 12 15.33 -1.27 -34.31
N ASN C 13 14.98 -2.42 -34.87
CA ASN C 13 15.05 -2.58 -36.33
C ASN C 13 13.96 -1.77 -37.01
N GLN C 14 12.79 -1.67 -36.38
CA GLN C 14 11.72 -0.80 -36.84
C GLN C 14 11.75 0.52 -36.07
N LYS C 15 12.82 1.28 -36.27
CA LYS C 15 12.99 2.56 -35.60
C LYS C 15 12.43 3.73 -36.39
N THR C 16 12.23 3.57 -37.69
CA THR C 16 11.75 4.65 -38.54
C THR C 16 10.23 4.72 -38.61
N VAL C 17 9.51 3.78 -38.00
CA VAL C 17 8.05 3.86 -37.95
C VAL C 17 7.56 4.26 -36.57
N ILE C 18 8.39 4.16 -35.54
CA ILE C 18 8.02 4.68 -34.22
C ILE C 18 8.21 6.18 -34.17
N GLY C 19 9.22 6.69 -34.88
CA GLY C 19 9.42 8.13 -34.93
C GLY C 19 8.37 8.86 -35.74
N TYR C 20 7.84 8.22 -36.77
CA TYR C 20 6.77 8.84 -37.55
C TYR C 20 5.42 8.69 -36.89
N SER C 21 5.23 7.63 -36.10
CA SER C 21 3.98 7.49 -35.35
C SER C 21 3.94 8.45 -34.18
N PHE C 22 5.08 8.68 -33.52
CA PHE C 22 5.14 9.63 -32.43
C PHE C 22 5.07 11.07 -32.92
N MET C 23 5.46 11.31 -34.17
CA MET C 23 5.33 12.66 -34.73
C MET C 23 3.88 12.99 -35.02
N ALA C 24 3.10 12.01 -35.49
CA ALA C 24 1.69 12.24 -35.76
C ALA C 24 0.87 12.31 -34.48
N LEU C 25 1.27 11.58 -33.44
CA LEU C 25 0.56 11.65 -32.18
C LEU C 25 0.81 12.98 -31.46
N LEU C 26 1.92 13.65 -31.76
CA LEU C 26 2.17 14.95 -31.17
C LEU C 26 1.45 16.06 -31.92
N THR C 27 1.31 15.93 -33.25
CA THR C 27 0.60 16.94 -34.03
C THR C 27 -0.90 16.91 -33.79
N VAL C 28 -1.45 15.74 -33.48
CA VAL C 28 -2.89 15.63 -33.21
C VAL C 28 -3.23 16.28 -31.88
N GLY C 29 -2.46 15.97 -30.83
CA GLY C 29 -2.73 16.52 -29.51
C GLY C 29 -2.39 17.98 -29.36
N SER C 30 -1.50 18.51 -30.21
CA SER C 30 -1.17 19.92 -30.16
C SER C 30 -2.14 20.78 -30.96
N GLU C 31 -2.84 20.19 -31.93
CA GLU C 31 -3.87 20.94 -32.64
C GLU C 31 -5.10 21.14 -31.77
N ARG C 32 -5.42 20.16 -30.91
CA ARG C 32 -6.56 20.30 -30.02
C ARG C 32 -6.32 21.33 -28.92
N LEU C 33 -5.05 21.61 -28.60
CA LEU C 33 -4.74 22.67 -27.66
C LEU C 33 -4.92 24.05 -28.28
N PHE C 34 -4.89 24.15 -29.61
CA PHE C 34 -5.03 25.44 -30.28
C PHE C 34 -6.47 25.76 -30.62
N SER C 35 -7.22 24.80 -31.15
CA SER C 35 -8.58 25.05 -31.62
C SER C 35 -9.59 25.15 -30.49
N VAL C 36 -9.21 24.80 -29.27
CA VAL C 36 -10.09 24.88 -28.11
C VAL C 36 -9.79 26.11 -27.28
N VAL C 37 -8.51 26.32 -26.97
CA VAL C 37 -8.11 27.30 -25.96
C VAL C 37 -7.79 28.66 -26.58
N ALA C 38 -7.16 28.69 -27.75
CA ALA C 38 -6.69 29.95 -28.31
C ALA C 38 -7.54 30.46 -29.48
N PHE C 39 -8.13 29.58 -30.27
CA PHE C 39 -8.86 30.00 -31.46
C PHE C 39 -10.26 30.45 -31.07
N LYS C 40 -10.59 31.70 -31.41
CA LYS C 40 -11.96 32.22 -31.32
C LYS C 40 -12.17 33.08 -32.53
N CYS C 41 -13.03 32.66 -33.42
CA CYS C 41 -13.23 33.35 -34.68
C CYS C 41 -13.96 34.67 -34.43
N PRO C 42 -13.49 35.78 -34.96
CA PRO C 42 -14.29 37.00 -34.97
C PRO C 42 -15.36 36.89 -36.05
N CYS C 43 -16.07 37.98 -36.26
CA CYS C 43 -17.11 37.96 -37.27
C CYS C 43 -17.06 39.23 -38.09
N SER C 44 -15.86 39.54 -38.55
CA SER C 44 -15.55 40.81 -39.20
C SER C 44 -15.07 40.53 -40.61
N THR C 45 -14.53 41.58 -41.25
CA THR C 45 -13.86 41.40 -42.54
C THR C 45 -12.46 40.81 -42.39
N GLU C 46 -11.95 40.68 -41.16
CA GLU C 46 -10.69 40.00 -40.91
C GLU C 46 -10.87 38.52 -40.61
N ASN C 47 -11.92 37.89 -41.16
CA ASN C 47 -12.08 36.46 -41.03
C ASN C 47 -11.12 35.71 -41.93
N MET C 48 -10.91 36.23 -43.14
CA MET C 48 -10.06 35.59 -44.12
C MET C 48 -8.61 35.55 -43.66
N THR C 49 -8.13 36.58 -43.00
CA THR C 49 -6.76 36.59 -42.51
C THR C 49 -6.58 35.79 -41.23
N TYR C 50 -7.59 35.77 -40.36
CA TYR C 50 -7.42 35.17 -39.04
C TYR C 50 -7.39 33.65 -39.13
N GLY C 51 -8.23 33.06 -39.97
CA GLY C 51 -8.27 31.61 -40.03
C GLY C 51 -7.19 31.02 -40.89
N LEU C 52 -6.69 31.80 -41.85
CA LEU C 52 -5.70 31.34 -42.80
C LEU C 52 -4.28 31.53 -42.28
N VAL C 53 -4.12 32.09 -41.08
CA VAL C 53 -2.85 32.19 -40.40
C VAL C 53 -2.67 31.05 -39.41
N PHE C 54 -3.74 30.64 -38.72
CA PHE C 54 -3.68 29.48 -37.84
C PHE C 54 -3.54 28.17 -38.62
N LEU C 55 -3.77 28.18 -39.92
CA LEU C 55 -3.56 27.05 -40.80
C LEU C 55 -2.11 26.95 -41.25
N PHE C 56 -1.55 28.05 -41.74
CA PHE C 56 -0.28 28.03 -42.45
C PHE C 56 0.92 28.47 -41.62
N ALA C 57 0.74 29.30 -40.61
CA ALA C 57 1.89 29.76 -39.84
C ALA C 57 2.52 28.71 -38.92
N PRO C 58 1.79 27.77 -38.30
CA PRO C 58 2.50 26.65 -37.67
C PRO C 58 3.06 25.64 -38.65
N ALA C 59 2.71 25.71 -39.94
CA ALA C 59 3.32 24.85 -40.94
C ALA C 59 4.63 25.43 -41.45
N TRP C 60 4.79 26.75 -41.38
CA TRP C 60 6.04 27.40 -41.76
C TRP C 60 7.09 27.27 -40.68
N VAL C 61 6.68 27.24 -39.42
CA VAL C 61 7.63 27.09 -38.32
C VAL C 61 8.16 25.66 -38.26
N LEU C 62 7.29 24.68 -38.55
CA LEU C 62 7.71 23.29 -38.54
C LEU C 62 8.59 22.94 -39.73
N LEU C 63 8.57 23.75 -40.79
CA LEU C 63 9.47 23.52 -41.91
C LEU C 63 10.86 24.06 -41.63
N ILE C 64 10.94 25.22 -40.96
CA ILE C 64 12.22 25.80 -40.60
C ILE C 64 12.87 25.03 -39.47
N LEU C 65 12.06 24.46 -38.58
CA LEU C 65 12.57 23.60 -37.52
C LEU C 65 13.10 22.27 -38.05
N GLY C 66 12.76 21.91 -39.28
CA GLY C 66 13.26 20.69 -39.88
C GLY C 66 14.57 20.88 -40.61
N PHE C 67 14.92 22.13 -40.91
CA PHE C 67 16.24 22.43 -41.46
C PHE C 67 17.29 22.54 -40.38
N PHE C 68 16.89 22.79 -39.13
CA PHE C 68 17.83 22.88 -38.03
C PHE C 68 18.25 21.51 -37.55
N LEU C 69 17.31 20.58 -37.43
CA LEU C 69 17.57 19.28 -36.84
C LEU C 69 18.05 18.25 -37.85
N ASN C 70 18.26 18.64 -39.09
CA ASN C 70 18.75 17.71 -40.11
C ASN C 70 20.28 17.72 -40.09
N ASN C 71 20.87 16.55 -39.88
CA ASN C 71 22.32 16.48 -39.69
C ASN C 71 23.07 16.66 -41.00
N ARG C 72 22.49 16.27 -42.11
CA ARG C 72 23.19 16.33 -43.37
C ARG C 72 22.97 17.63 -44.12
N SER C 73 22.27 18.59 -43.52
CA SER C 73 22.22 19.93 -44.07
C SER C 73 23.40 20.78 -43.66
N TRP C 74 24.05 20.44 -42.54
CA TRP C 74 25.24 21.14 -42.10
C TRP C 74 26.51 20.52 -42.66
N ARG C 75 26.50 19.21 -42.92
CA ARG C 75 27.63 18.57 -43.56
C ARG C 75 27.83 19.07 -44.99
N LEU C 76 26.75 19.43 -45.66
CA LEU C 76 26.84 19.91 -47.02
C LEU C 76 27.36 21.35 -47.07
N PHE C 77 26.96 22.18 -46.12
CA PHE C 77 27.10 23.62 -46.25
C PHE C 77 28.23 24.24 -45.43
N THR C 78 28.82 23.51 -44.48
CA THR C 78 29.86 24.11 -43.65
C THR C 78 31.15 24.29 -44.44
N GLY C 79 31.70 25.50 -44.39
CA GLY C 79 32.91 25.80 -45.13
C GLY C 79 32.70 25.92 -46.61
N CYS C 80 31.50 26.32 -47.03
CA CYS C 80 31.14 26.32 -48.44
C CYS C 80 31.87 27.41 -49.22
N CYS C 81 31.97 28.61 -48.66
CA CYS C 81 32.54 29.74 -49.41
C CYS C 81 34.05 29.72 -49.49
N VAL C 82 34.72 28.78 -48.82
CA VAL C 82 36.16 28.63 -48.98
C VAL C 82 36.49 28.11 -50.37
N ASN C 83 35.84 27.02 -50.77
CA ASN C 83 36.04 26.43 -52.09
C ASN C 83 34.71 25.84 -52.50
N PRO C 84 33.94 26.55 -53.35
CA PRO C 84 32.60 26.06 -53.71
C PRO C 84 32.62 24.86 -54.65
N ARG C 85 33.75 24.56 -55.29
CA ARG C 85 33.82 23.49 -56.26
C ARG C 85 33.92 22.11 -55.62
N LYS C 86 33.96 22.02 -54.30
CA LYS C 86 33.86 20.73 -53.63
C LYS C 86 32.42 20.34 -53.34
N ILE C 87 31.47 21.25 -53.56
CA ILE C 87 30.06 20.93 -53.50
C ILE C 87 29.43 20.87 -54.89
N PHE C 88 30.02 21.54 -55.88
CA PHE C 88 29.68 21.43 -57.29
C PHE C 88 30.82 20.76 -58.04
N PRO C 89 30.98 19.44 -57.95
CA PRO C 89 32.14 18.80 -58.57
C PRO C 89 32.00 18.75 -60.08
N ARG C 90 33.13 18.51 -60.74
CA ARG C 90 33.16 18.56 -62.20
C ARG C 90 32.55 17.34 -62.84
N GLY C 91 32.75 16.16 -62.25
CA GLY C 91 32.24 14.93 -62.87
C GLY C 91 30.74 14.80 -62.74
N HIS C 92 30.21 15.04 -61.54
CA HIS C 92 28.79 14.86 -61.26
C HIS C 92 28.24 16.20 -60.75
N SER C 93 27.83 17.06 -61.67
CA SER C 93 27.38 18.40 -61.31
C SER C 93 25.93 18.46 -60.88
N CYS C 94 25.23 17.33 -60.83
CA CYS C 94 23.82 17.31 -60.49
C CYS C 94 23.53 16.61 -59.17
N ARG C 95 24.56 16.15 -58.46
CA ARG C 95 24.32 15.55 -57.15
C ARG C 95 24.08 16.61 -56.08
N PHE C 96 24.42 17.88 -56.36
CA PHE C 96 24.08 18.94 -55.41
C PHE C 96 22.57 19.12 -55.31
N PHE C 97 21.88 19.08 -56.44
CA PHE C 97 20.42 19.19 -56.41
C PHE C 97 19.74 17.91 -55.98
N TYR C 98 20.43 16.77 -56.06
CA TYR C 98 19.87 15.53 -55.55
C TYR C 98 19.88 15.51 -54.03
N VAL C 99 20.96 15.97 -53.41
CA VAL C 99 21.03 15.97 -51.96
C VAL C 99 20.17 17.09 -51.38
N LEU C 100 20.15 18.24 -52.05
CA LEU C 100 19.32 19.37 -51.60
C LEU C 100 17.84 19.05 -51.68
N GLY C 101 17.42 18.21 -52.63
CA GLY C 101 16.06 17.72 -52.63
C GLY C 101 15.76 16.67 -51.59
N GLN C 102 16.79 16.07 -50.99
CA GLN C 102 16.54 15.08 -49.96
C GLN C 102 16.26 15.73 -48.61
N ILE C 103 16.90 16.87 -48.31
CA ILE C 103 16.59 17.62 -47.10
C ILE C 103 15.19 18.21 -47.18
N THR C 104 14.80 18.68 -48.36
CA THR C 104 13.52 19.36 -48.52
C THR C 104 12.34 18.41 -48.40
N LEU C 105 12.42 17.23 -49.01
CA LEU C 105 11.32 16.29 -48.93
C LEU C 105 11.24 15.62 -47.56
N SER C 106 12.36 15.51 -46.85
CA SER C 106 12.33 14.90 -45.54
C SER C 106 11.90 15.86 -44.44
N SER C 107 11.88 17.15 -44.74
CA SER C 107 11.45 18.18 -43.79
C SER C 107 10.07 18.72 -44.13
N LEU C 108 9.48 18.28 -45.23
CA LEU C 108 8.11 18.61 -45.60
C LEU C 108 7.10 17.62 -45.04
N VAL C 109 7.51 16.76 -44.12
CA VAL C 109 6.63 15.73 -43.60
C VAL C 109 5.80 16.26 -42.42
N ALA C 110 6.43 16.96 -41.50
CA ALA C 110 5.71 17.58 -40.39
C ALA C 110 4.81 18.76 -40.76
N PRO C 111 5.10 19.59 -41.78
CA PRO C 111 4.06 20.51 -42.26
C PRO C 111 2.84 19.83 -42.87
N VAL C 112 3.04 18.74 -43.62
CA VAL C 112 1.91 18.07 -44.27
C VAL C 112 1.07 17.35 -43.24
N MET C 113 1.68 16.86 -42.16
CA MET C 113 0.90 16.30 -41.06
C MET C 113 0.22 17.37 -40.21
N TRP C 114 0.55 18.65 -40.37
CA TRP C 114 -0.17 19.67 -39.64
C TRP C 114 -1.41 20.12 -40.40
N LEU C 115 -1.29 20.32 -41.71
CA LEU C 115 -2.43 20.73 -42.51
C LEU C 115 -3.50 19.65 -42.60
N SER C 116 -3.12 18.38 -42.49
CA SER C 116 -4.10 17.31 -42.59
C SER C 116 -4.96 17.22 -41.35
N VAL C 117 -4.36 17.32 -40.17
CA VAL C 117 -5.12 17.27 -38.93
C VAL C 117 -5.89 18.57 -38.72
N ALA C 118 -5.40 19.68 -39.26
CA ALA C 118 -6.11 20.94 -39.08
C ALA C 118 -7.32 21.06 -39.98
N LEU C 119 -7.30 20.42 -41.15
CA LEU C 119 -8.47 20.43 -42.02
C LEU C 119 -9.47 19.34 -41.67
N LEU C 120 -9.05 18.28 -40.99
CA LEU C 120 -9.96 17.24 -40.53
C LEU C 120 -10.69 17.61 -39.26
N ASN C 121 -10.33 18.71 -38.63
CA ASN C 121 -11.04 19.31 -37.51
C ASN C 121 -11.43 20.68 -38.03
N GLY C 122 -12.55 20.75 -38.72
CA GLY C 122 -12.79 21.84 -39.64
C GLY C 122 -13.17 23.19 -39.06
N THR C 123 -12.43 23.68 -38.07
CA THR C 123 -12.70 25.01 -37.52
C THR C 123 -11.89 26.10 -38.18
N PHE C 124 -10.66 25.83 -38.62
CA PHE C 124 -9.86 26.86 -39.27
C PHE C 124 -10.37 27.17 -40.67
N TYR C 125 -10.89 26.17 -41.37
CA TYR C 125 -11.41 26.39 -42.72
C TYR C 125 -12.75 27.10 -42.69
N GLU C 126 -13.57 26.85 -41.67
CA GLU C 126 -14.89 27.44 -41.60
C GLU C 126 -14.83 28.93 -41.29
N CYS C 127 -13.89 29.33 -40.43
CA CYS C 127 -13.64 30.76 -40.18
C CYS C 127 -13.04 31.44 -41.40
N ALA C 128 -12.23 30.74 -42.18
CA ALA C 128 -11.55 31.35 -43.31
C ALA C 128 -12.39 31.39 -44.58
N MET C 129 -13.25 30.40 -44.80
CA MET C 129 -14.06 30.36 -46.01
C MET C 129 -15.33 31.21 -45.86
N SER C 130 -15.72 31.55 -44.63
CA SER C 130 -16.89 32.42 -44.43
C SER C 130 -16.67 33.81 -45.00
N GLY C 131 -15.57 34.46 -44.64
CA GLY C 131 -15.29 35.74 -45.23
C GLY C 131 -14.62 35.59 -46.58
N THR C 132 -15.38 35.19 -47.60
CA THR C 132 -14.74 34.84 -48.87
C THR C 132 -14.73 35.99 -49.88
N ARG C 133 -15.84 36.72 -50.05
CA ARG C 133 -15.99 37.87 -50.94
C ARG C 133 -15.55 37.57 -52.37
N SER C 134 -16.27 36.65 -53.00
CA SER C 134 -15.91 36.20 -54.34
C SER C 134 -17.19 35.87 -55.10
N SER C 135 -17.16 36.15 -56.41
CA SER C 135 -18.32 35.91 -57.26
C SER C 135 -18.60 34.43 -57.41
N GLY C 136 -17.62 33.67 -57.91
CA GLY C 136 -17.63 32.23 -57.75
C GLY C 136 -17.30 31.86 -56.32
N LEU C 137 -17.39 30.54 -56.04
CA LEU C 137 -17.12 29.90 -54.74
C LEU C 137 -18.12 30.30 -53.65
N LEU C 138 -19.08 31.17 -53.95
CA LEU C 138 -20.06 31.65 -52.99
C LEU C 138 -21.47 31.16 -53.30
N GLU C 139 -21.77 30.91 -54.57
CA GLU C 139 -23.01 30.22 -54.92
C GLU C 139 -22.96 28.75 -54.55
N LEU C 140 -21.75 28.16 -54.48
CA LEU C 140 -21.65 26.76 -54.08
C LEU C 140 -21.93 26.56 -52.60
N ILE C 141 -21.78 27.60 -51.79
CA ILE C 141 -22.11 27.52 -50.37
C ILE C 141 -23.53 27.98 -50.11
N CYS C 142 -23.90 29.13 -50.67
CA CYS C 142 -25.26 29.65 -50.58
C CYS C 142 -25.95 29.31 -51.90
N LYS C 143 -26.73 28.22 -51.91
CA LYS C 143 -27.43 27.78 -53.10
C LYS C 143 -28.95 27.83 -52.95
N GLY C 144 -29.49 27.19 -51.91
CA GLY C 144 -30.93 27.21 -51.69
C GLY C 144 -31.29 27.97 -50.42
N LYS C 145 -30.63 29.09 -50.22
CA LYS C 145 -30.73 29.90 -49.01
C LYS C 145 -31.41 31.23 -49.30
N PRO C 146 -31.84 31.98 -48.26
CA PRO C 146 -32.36 33.34 -48.50
C PRO C 146 -31.34 34.32 -49.02
N LYS C 147 -31.78 35.56 -49.27
CA LYS C 147 -30.92 36.53 -49.94
C LYS C 147 -29.83 37.08 -49.03
N GLU C 148 -29.99 36.98 -47.71
CA GLU C 148 -28.99 37.48 -46.78
C GLU C 148 -27.88 36.47 -46.48
N CYS C 149 -27.66 35.49 -47.37
CA CYS C 149 -26.46 34.68 -47.33
C CYS C 149 -25.32 35.31 -48.11
N TRP C 150 -25.62 36.24 -49.00
CA TRP C 150 -24.60 36.92 -49.79
C TRP C 150 -23.98 38.10 -49.07
N GLU C 151 -24.51 38.50 -47.92
CA GLU C 151 -24.03 39.67 -47.21
C GLU C 151 -23.85 39.47 -45.71
N GLU C 152 -24.33 38.37 -45.14
CA GLU C 152 -24.15 38.09 -43.72
C GLU C 152 -23.59 36.70 -43.48
N LEU C 153 -22.78 36.21 -44.41
CA LEU C 153 -22.25 34.85 -44.26
C LEU C 153 -21.18 34.79 -43.19
N HIS C 154 -20.39 35.85 -43.03
CA HIS C 154 -19.24 35.81 -42.13
C HIS C 154 -19.62 35.79 -40.66
N LYS C 155 -20.89 35.89 -40.32
CA LYS C 155 -21.34 35.80 -38.95
C LYS C 155 -21.92 34.44 -38.60
N VAL C 156 -21.78 33.45 -39.48
CA VAL C 156 -22.38 32.15 -39.23
C VAL C 156 -21.61 31.33 -38.21
N SER C 157 -20.39 31.74 -37.87
CA SER C 157 -19.59 31.01 -36.90
C SER C 157 -19.90 31.44 -35.48
N CYS C 158 -19.94 32.75 -35.23
CA CYS C 158 -20.23 33.28 -33.91
C CYS C 158 -21.68 33.08 -33.50
N GLY C 159 -22.58 32.93 -34.47
CA GLY C 159 -23.99 33.14 -34.22
C GLY C 159 -24.31 34.59 -34.47
N LYS C 160 -25.43 35.04 -33.90
CA LYS C 160 -25.95 36.42 -34.03
C LYS C 160 -26.16 36.79 -35.49
N THR C 161 -26.94 35.97 -36.19
CA THR C 161 -27.37 36.25 -37.55
C THR C 161 -28.85 35.96 -37.63
N SER C 162 -29.63 36.90 -38.17
CA SER C 162 -31.08 36.75 -38.18
C SER C 162 -31.58 36.09 -39.45
N MET C 163 -31.30 34.81 -39.64
CA MET C 163 -31.83 34.06 -40.76
C MET C 163 -32.31 32.66 -40.39
N LEU C 164 -33.14 32.53 -39.32
CA LEU C 164 -33.88 31.32 -38.98
C LEU C 164 -32.96 30.14 -38.67
N PRO C 165 -32.47 30.03 -37.42
CA PRO C 165 -31.25 29.24 -37.12
C PRO C 165 -31.24 27.76 -37.48
N THR C 166 -32.30 27.20 -38.05
CA THR C 166 -32.15 25.89 -38.69
C THR C 166 -31.37 26.02 -39.99
N VAL C 167 -31.39 27.21 -40.60
CA VAL C 167 -30.54 27.46 -41.75
C VAL C 167 -29.10 27.70 -41.31
N ASN C 168 -28.92 28.34 -40.16
CA ASN C 168 -27.58 28.67 -39.69
C ASN C 168 -26.88 27.45 -39.10
N GLU C 169 -27.59 26.34 -38.92
CA GLU C 169 -26.93 25.12 -38.50
C GLU C 169 -26.43 24.34 -39.71
N GLU C 170 -27.20 24.29 -40.78
CA GLU C 170 -26.78 23.59 -41.98
C GLU C 170 -26.06 24.48 -42.97
N LEU C 171 -25.53 25.62 -42.52
CA LEU C 171 -24.41 26.26 -43.17
C LEU C 171 -23.11 26.08 -42.42
N LYS C 172 -23.18 25.73 -41.14
CA LYS C 172 -22.02 25.29 -40.39
C LYS C 172 -21.71 23.82 -40.62
N LEU C 173 -22.58 23.09 -41.31
CA LEU C 173 -22.35 21.70 -41.64
C LEU C 173 -21.89 21.52 -43.08
N SER C 174 -22.21 22.47 -43.95
CA SER C 174 -21.73 22.40 -45.32
C SER C 174 -20.33 22.96 -45.47
N LEU C 175 -19.86 23.74 -44.50
CA LEU C 175 -18.49 24.23 -44.49
C LEU C 175 -17.57 23.35 -43.66
N GLN C 176 -18.09 22.71 -42.63
CA GLN C 176 -17.31 21.78 -41.84
C GLN C 176 -17.10 20.44 -42.55
N ALA C 177 -17.85 20.17 -43.62
CA ALA C 177 -17.70 18.95 -44.39
C ALA C 177 -16.95 19.14 -45.69
N GLN C 178 -16.78 20.38 -46.15
CA GLN C 178 -15.90 20.64 -47.28
C GLN C 178 -14.45 20.63 -46.88
N SER C 179 -14.15 20.84 -45.60
CA SER C 179 -12.78 20.80 -45.14
C SER C 179 -12.31 19.39 -44.87
N GLN C 180 -13.20 18.53 -44.39
CA GLN C 180 -12.85 17.15 -44.16
C GLN C 180 -12.75 16.34 -45.44
N ILE C 181 -13.22 16.87 -46.56
CA ILE C 181 -12.95 16.23 -47.85
C ILE C 181 -11.59 16.66 -48.37
N LEU C 182 -11.24 17.94 -48.23
CA LEU C 182 -9.89 18.40 -48.52
C LEU C 182 -8.86 17.87 -47.53
N GLY C 183 -9.28 17.50 -46.33
CA GLY C 183 -8.37 16.90 -45.39
C GLY C 183 -7.97 15.49 -45.76
N TRP C 184 -8.76 14.81 -46.58
CA TRP C 184 -8.46 13.46 -47.02
C TRP C 184 -7.82 13.43 -48.40
N CYS C 185 -8.06 14.44 -49.24
CA CYS C 185 -7.38 14.52 -50.52
C CYS C 185 -5.91 14.84 -50.37
N LEU C 186 -5.51 15.38 -49.23
CA LEU C 186 -4.11 15.71 -48.96
C LEU C 186 -3.35 14.54 -48.36
N ILE C 187 -3.98 13.70 -47.55
CA ILE C 187 -3.28 12.51 -47.06
C ILE C 187 -3.17 11.48 -48.16
N CYS C 188 -4.12 11.45 -49.09
CA CYS C 188 -4.11 10.43 -50.12
C CYS C 188 -3.13 10.75 -51.24
N SER C 189 -2.93 12.02 -51.56
CA SER C 189 -2.03 12.39 -52.64
C SER C 189 -0.61 12.64 -52.18
N ALA C 190 -0.39 12.87 -50.89
CA ALA C 190 0.97 12.95 -50.37
C ALA C 190 1.53 11.58 -50.09
N SER C 191 0.70 10.62 -49.69
CA SER C 191 1.17 9.26 -49.49
C SER C 191 1.50 8.57 -50.81
N PHE C 192 0.72 8.85 -51.85
CA PHE C 192 1.02 8.31 -53.17
C PHE C 192 2.26 8.94 -53.78
N PHE C 193 2.50 10.22 -53.51
CA PHE C 193 3.70 10.88 -54.00
C PHE C 193 4.93 10.46 -53.22
N SER C 194 4.78 10.17 -51.93
CA SER C 194 5.91 9.74 -51.11
C SER C 194 6.37 8.33 -51.44
N LEU C 195 5.50 7.50 -51.99
CA LEU C 195 5.91 6.17 -52.44
C LEU C 195 6.51 6.21 -53.83
N LEU C 196 6.12 7.16 -54.67
CA LEU C 196 6.57 7.17 -56.05
C LEU C 196 7.97 7.72 -56.19
N THR C 197 8.39 8.62 -55.30
CA THR C 197 9.75 9.13 -55.32
C THR C 197 10.73 8.23 -54.57
N THR C 198 10.26 7.50 -53.57
CA THR C 198 11.13 6.52 -52.93
C THR C 198 11.36 5.31 -53.81
N CYS C 199 10.31 4.83 -54.49
CA CYS C 199 10.46 3.70 -55.39
C CYS C 199 11.23 4.04 -56.64
N TYR C 200 11.31 5.31 -57.01
CA TYR C 200 12.13 5.70 -58.16
C TYR C 200 13.58 5.92 -57.77
N ALA C 201 13.85 6.25 -56.51
CA ALA C 201 15.23 6.40 -56.07
C ALA C 201 15.88 5.06 -55.82
N ARG C 202 15.10 4.03 -55.52
CA ARG C 202 15.64 2.67 -55.36
C ARG C 202 15.74 1.93 -56.68
N CYS C 203 14.85 2.21 -57.63
CA CYS C 203 14.92 1.56 -58.93
C CYS C 203 16.11 2.02 -59.75
N ARG C 204 16.64 3.20 -59.47
CA ARG C 204 17.80 3.74 -60.16
C ARG C 204 19.01 3.84 -59.25
N SER C 205 19.11 2.94 -58.28
CA SER C 205 20.30 2.86 -57.45
C SER C 205 21.44 2.25 -58.24
N LYS C 206 22.66 2.48 -57.74
CA LYS C 206 23.85 1.97 -58.41
C LYS C 206 24.25 0.58 -57.93
N VAL C 207 23.67 0.10 -56.84
CA VAL C 207 24.01 -1.18 -56.24
C VAL C 207 22.73 -1.99 -56.05
N SER C 208 22.89 -3.28 -55.83
CA SER C 208 21.75 -4.17 -55.61
C SER C 208 21.36 -4.12 -54.14
N TYR C 209 20.48 -5.02 -53.71
CA TYR C 209 19.96 -4.95 -52.35
C TYR C 209 20.99 -5.38 -51.33
N LEU C 210 21.84 -6.35 -51.65
CA LEU C 210 22.76 -6.88 -50.67
C LEU C 210 23.93 -5.94 -50.43
N GLN C 211 24.40 -5.26 -51.47
CA GLN C 211 25.48 -4.29 -51.31
C GLN C 211 25.00 -3.03 -50.60
N LEU C 212 23.72 -2.69 -50.73
CA LEU C 212 23.21 -1.53 -50.04
C LEU C 212 22.99 -1.81 -48.55
N SER C 213 22.95 -3.06 -48.15
CA SER C 213 22.82 -3.36 -46.73
C SER C 213 24.16 -3.38 -46.02
N PHE C 214 25.26 -3.62 -46.74
CA PHE C 214 26.58 -3.50 -46.14
C PHE C 214 27.01 -2.05 -46.08
N TRP C 215 26.61 -1.26 -47.09
CA TRP C 215 26.91 0.16 -47.13
C TRP C 215 26.25 0.91 -45.98
N LYS C 216 25.08 0.47 -45.53
CA LYS C 216 24.42 1.15 -44.43
C LYS C 216 24.94 0.72 -43.07
N THR C 217 25.42 -0.52 -42.94
CA THR C 217 26.06 -0.93 -41.70
C THR C 217 27.41 -0.26 -41.53
N TYR C 218 28.12 -0.03 -42.64
CA TYR C 218 29.41 0.63 -42.57
C TYR C 218 29.28 2.08 -42.18
N ALA C 219 28.33 2.80 -42.78
CA ALA C 219 28.20 4.23 -42.53
C ALA C 219 27.68 4.53 -41.14
N GLN C 220 27.03 3.58 -40.49
CA GLN C 220 26.61 3.82 -39.11
C GLN C 220 27.75 3.56 -38.15
N LYS C 221 28.71 2.74 -38.53
CA LYS C 221 29.84 2.42 -37.69
C LYS C 221 31.12 3.11 -38.11
N GLU C 222 31.04 4.07 -39.02
CA GLU C 222 32.12 5.03 -39.15
C GLU C 222 31.78 6.30 -38.40
N LYS C 223 30.58 6.40 -37.84
CA LYS C 223 30.27 7.52 -36.97
C LYS C 223 30.59 7.20 -35.53
N GLU C 224 30.46 5.93 -35.13
CA GLU C 224 30.82 5.55 -33.78
C GLU C 224 32.32 5.60 -33.56
N GLN C 225 33.09 5.17 -34.56
CA GLN C 225 34.54 5.15 -34.42
C GLN C 225 35.14 6.54 -34.58
N LEU C 226 34.51 7.41 -35.35
CA LEU C 226 35.00 8.78 -35.49
C LEU C 226 34.71 9.64 -34.27
N GLU C 227 33.78 9.24 -33.41
CA GLU C 227 33.56 9.94 -32.16
C GLU C 227 34.43 9.39 -31.03
N ASN C 228 35.10 8.27 -31.25
CA ASN C 228 36.05 7.74 -30.29
C ASN C 228 37.49 8.07 -30.63
N THR C 229 37.79 8.37 -31.90
CA THR C 229 39.12 8.83 -32.26
C THR C 229 39.27 10.32 -31.99
N PHE C 230 38.21 11.09 -32.19
CA PHE C 230 38.24 12.51 -31.88
C PHE C 230 38.35 12.74 -30.38
N LEU C 231 37.85 11.82 -29.58
CA LEU C 231 37.88 11.94 -28.14
C LEU C 231 39.12 11.32 -27.54
N ASP C 232 39.88 10.58 -28.34
CA ASP C 232 41.16 10.00 -27.93
C ASP C 232 42.33 10.90 -28.28
N TYR C 233 42.22 11.66 -29.36
CA TYR C 233 43.24 12.61 -29.77
C TYR C 233 43.04 13.98 -29.18
N ALA C 234 41.96 14.20 -28.42
CA ALA C 234 41.74 15.46 -27.75
C ALA C 234 42.10 15.42 -26.28
N ASN C 235 42.04 14.25 -25.65
CA ASN C 235 42.64 14.11 -24.33
C ASN C 235 44.15 14.09 -24.41
N LYS C 236 44.72 13.55 -25.48
CA LYS C 236 46.16 13.48 -25.60
C LYS C 236 46.77 14.80 -26.03
N LEU C 237 45.98 15.71 -26.57
CA LEU C 237 46.47 17.02 -26.96
C LEU C 237 46.31 18.04 -25.85
N SER C 238 45.25 17.95 -25.06
CA SER C 238 45.07 18.90 -23.98
C SER C 238 45.94 18.58 -22.77
N GLU C 239 46.32 17.32 -22.58
CA GLU C 239 47.29 16.99 -21.54
C GLU C 239 48.67 17.52 -21.88
N ARG C 240 49.01 17.55 -23.16
CA ARG C 240 50.29 18.08 -23.60
C ARG C 240 50.36 19.58 -23.44
N ASN C 241 49.23 20.27 -23.66
CA ASN C 241 49.24 21.73 -23.64
C ASN C 241 49.26 22.29 -22.23
N LEU C 242 48.65 21.61 -21.27
CA LEU C 242 48.57 22.14 -19.92
C LEU C 242 49.84 21.89 -19.14
N LYS C 243 50.59 20.85 -19.46
CA LYS C 243 51.84 20.61 -18.76
C LYS C 243 52.95 21.52 -19.24
N CYS C 244 52.95 21.89 -20.51
CA CYS C 244 53.98 22.77 -21.03
C CYS C 244 53.65 24.23 -20.85
N PHE C 245 52.52 24.55 -20.23
CA PHE C 245 52.17 25.91 -19.85
C PHE C 245 52.52 26.22 -18.41
N PHE C 246 52.31 25.27 -17.51
CA PHE C 246 52.60 25.47 -16.10
C PHE C 246 54.04 25.19 -15.74
N GLU C 247 54.71 24.30 -16.45
CA GLU C 247 56.09 23.97 -16.17
C GLU C 247 57.08 24.79 -16.97
N ASN C 248 56.59 25.62 -17.90
CA ASN C 248 57.40 26.48 -18.76
C ASN C 248 58.41 25.68 -19.58
N LYS C 249 57.91 24.67 -20.29
CA LYS C 249 58.74 23.81 -21.12
C LYS C 249 58.39 24.01 -22.59
N ARG C 250 59.18 23.37 -23.44
CA ARG C 250 58.88 23.27 -24.86
C ARG C 250 58.26 21.92 -25.15
N PRO C 251 57.24 21.84 -26.00
CA PRO C 251 56.49 20.59 -26.16
C PRO C 251 57.02 19.72 -27.29
N ASP C 252 56.65 18.44 -27.22
CA ASP C 252 56.93 17.49 -28.29
C ASP C 252 55.89 17.66 -29.41
N PRO C 253 56.30 17.51 -30.67
CA PRO C 253 55.38 17.80 -31.78
C PRO C 253 54.25 16.79 -31.88
N PHE C 254 53.06 17.30 -32.22
CA PHE C 254 51.86 16.47 -32.29
C PHE C 254 51.54 16.17 -33.74
N PRO C 255 51.50 14.90 -34.15
CA PRO C 255 51.21 14.57 -35.55
C PRO C 255 49.72 14.56 -35.85
N MET C 256 49.27 15.56 -36.60
CA MET C 256 47.90 15.78 -37.04
C MET C 256 47.87 15.91 -38.55
N PRO C 257 46.75 15.59 -39.20
CA PRO C 257 46.68 15.72 -40.66
C PRO C 257 46.71 17.18 -41.11
N THR C 258 47.13 17.36 -42.36
CA THR C 258 47.25 18.69 -42.95
C THR C 258 45.87 19.27 -43.22
N PHE C 259 45.85 20.57 -43.55
CA PHE C 259 44.59 21.20 -43.92
C PHE C 259 44.09 20.71 -45.28
N ALA C 260 45.01 20.31 -46.15
CA ALA C 260 44.59 19.82 -47.46
C ALA C 260 43.95 18.45 -47.40
N ALA C 261 44.19 17.68 -46.34
CA ALA C 261 43.55 16.38 -46.18
C ALA C 261 42.35 16.41 -45.24
N TRP C 262 42.18 17.49 -44.48
CA TRP C 262 40.92 17.68 -43.77
C TRP C 262 39.82 18.12 -44.72
N GLU C 263 40.18 18.84 -45.78
CA GLU C 263 39.20 19.32 -46.74
C GLU C 263 38.80 18.25 -47.74
N ALA C 264 39.71 17.33 -48.07
CA ALA C 264 39.39 16.29 -49.03
C ALA C 264 38.46 15.24 -48.45
N ALA C 265 38.58 14.96 -47.15
CA ALA C 265 37.72 13.98 -46.50
C ALA C 265 36.39 14.54 -46.07
N SER C 266 36.03 15.76 -46.50
CA SER C 266 34.75 16.37 -46.18
C SER C 266 33.95 16.66 -47.44
N GLU C 267 34.21 15.96 -48.53
CA GLU C 267 33.53 16.22 -49.79
C GLU C 267 32.25 15.40 -49.87
N LEU C 268 31.67 15.35 -51.05
CA LEU C 268 30.39 14.69 -51.28
C LEU C 268 30.62 13.39 -52.03
N HIS C 269 30.01 12.31 -51.55
CA HIS C 269 30.30 10.97 -52.03
C HIS C 269 29.31 10.54 -53.11
N SER C 270 29.83 9.87 -54.13
CA SER C 270 29.02 9.25 -55.18
C SER C 270 29.63 7.90 -55.49
N PHE C 271 28.80 6.87 -55.59
CA PHE C 271 29.30 5.51 -55.79
C PHE C 271 29.77 5.31 -57.22
N HIS C 272 30.85 4.55 -57.37
CA HIS C 272 31.36 4.11 -58.65
C HIS C 272 31.53 2.61 -58.60
N GLN C 273 30.97 1.90 -59.59
CA GLN C 273 31.07 0.46 -59.59
C GLN C 273 32.41 -0.06 -60.09
N SER C 274 33.28 0.82 -60.61
CA SER C 274 34.63 0.40 -60.99
C SER C 274 35.53 0.26 -59.77
N GLN C 275 35.63 1.32 -58.97
CA GLN C 275 36.32 1.28 -57.69
C GLN C 275 35.26 1.43 -56.60
N GLN C 276 34.95 0.35 -55.91
CA GLN C 276 33.85 0.41 -54.96
C GLN C 276 34.33 0.98 -53.64
N HIS C 277 33.85 2.18 -53.31
CA HIS C 277 34.18 2.88 -52.09
C HIS C 277 32.90 3.23 -51.35
N TYR C 278 32.90 3.07 -50.05
CA TYR C 278 31.70 3.24 -49.25
C TYR C 278 31.65 4.55 -48.49
N SER C 279 32.70 5.36 -48.57
CA SER C 279 32.71 6.69 -47.97
C SER C 279 33.78 7.51 -48.67
N THR C 280 33.70 8.82 -48.49
CA THR C 280 34.72 9.69 -49.04
C THR C 280 35.98 9.72 -48.19
N LEU C 281 35.96 9.11 -47.00
CA LEU C 281 37.16 8.84 -46.25
C LEU C 281 37.82 7.54 -46.68
N HIS C 282 37.04 6.62 -47.23
CA HIS C 282 37.59 5.42 -47.84
C HIS C 282 38.28 5.74 -49.15
N ARG C 283 37.86 6.80 -49.82
CA ARG C 283 38.46 7.17 -51.09
C ARG C 283 39.81 7.85 -50.91
N VAL C 284 39.93 8.72 -49.91
CA VAL C 284 41.20 9.43 -49.71
C VAL C 284 42.27 8.54 -49.11
N VAL C 285 41.91 7.40 -48.53
CA VAL C 285 42.87 6.49 -47.93
C VAL C 285 43.38 5.49 -48.96
N ASP C 286 42.49 4.96 -49.80
CA ASP C 286 42.90 4.02 -50.84
C ASP C 286 43.67 4.69 -51.96
N ASN C 287 43.40 5.97 -52.21
CA ASN C 287 43.97 6.69 -53.33
C ASN C 287 45.02 7.70 -52.89
N GLY C 288 45.81 7.36 -51.88
CA GLY C 288 46.87 8.23 -51.39
C GLY C 288 46.38 9.39 -50.54
N MET D 1 12.21 -19.77 -14.84
CA MET D 1 13.10 -20.93 -14.77
C MET D 1 13.16 -21.65 -16.11
N ASP D 2 12.25 -22.61 -16.30
CA ASP D 2 12.17 -23.37 -17.55
C ASP D 2 10.75 -23.49 -18.10
N ALA D 3 9.71 -23.35 -17.28
CA ALA D 3 8.34 -23.43 -17.78
C ALA D 3 7.85 -22.11 -18.34
N PHE D 4 8.48 -20.99 -17.96
CA PHE D 4 8.07 -19.69 -18.49
C PHE D 4 8.53 -19.53 -19.94
N GLN D 5 9.66 -20.14 -20.31
CA GLN D 5 10.07 -20.18 -21.71
C GLN D 5 9.39 -21.32 -22.46
N GLY D 6 8.76 -22.25 -21.75
CA GLY D 6 7.99 -23.29 -22.41
C GLY D 6 6.65 -22.80 -22.90
N ILE D 7 6.14 -21.72 -22.31
CA ILE D 7 4.94 -21.07 -22.83
C ILE D 7 5.28 -19.85 -23.69
N LEU D 8 6.52 -19.36 -23.63
CA LEU D 8 6.97 -18.39 -24.63
C LEU D 8 7.12 -19.04 -25.99
N LYS D 9 7.41 -20.34 -26.03
CA LYS D 9 7.53 -21.06 -27.29
C LYS D 9 6.18 -21.23 -27.98
N PHE D 10 5.11 -21.44 -27.19
CA PHE D 10 3.77 -21.52 -27.75
C PHE D 10 3.30 -20.17 -28.28
N PHE D 11 3.76 -19.07 -27.69
CA PHE D 11 3.42 -17.74 -28.18
C PHE D 11 4.33 -17.27 -29.30
N LEU D 12 5.37 -18.04 -29.62
CA LEU D 12 6.28 -17.70 -30.71
C LEU D 12 6.14 -18.63 -31.90
N ASN D 13 5.67 -19.85 -31.70
CA ASN D 13 5.38 -20.73 -32.82
C ASN D 13 4.14 -20.26 -33.58
N GLN D 14 3.15 -19.77 -32.85
CA GLN D 14 1.97 -19.15 -33.45
C GLN D 14 2.12 -17.63 -33.47
N LYS D 15 3.08 -17.16 -34.27
CA LYS D 15 3.36 -15.74 -34.38
C LYS D 15 2.57 -15.08 -35.51
N THR D 16 1.99 -15.85 -36.41
CA THR D 16 1.25 -15.31 -37.55
C THR D 16 -0.24 -15.18 -37.29
N VAL D 17 -0.72 -15.57 -36.12
CA VAL D 17 -2.12 -15.35 -35.76
C VAL D 17 -2.29 -14.29 -34.69
N ILE D 18 -1.23 -13.92 -33.98
CA ILE D 18 -1.31 -12.80 -33.05
C ILE D 18 -1.10 -11.49 -33.79
N GLY D 19 -0.34 -11.51 -34.88
CA GLY D 19 -0.18 -10.31 -35.69
C GLY D 19 -1.44 -9.96 -36.46
N TYR D 20 -2.24 -10.96 -36.81
CA TYR D 20 -3.51 -10.71 -37.49
C TYR D 20 -4.64 -10.44 -36.51
N SER D 21 -4.53 -10.91 -35.28
CA SER D 21 -5.52 -10.58 -34.26
C SER D 21 -5.32 -9.16 -33.74
N PHE D 22 -4.07 -8.75 -33.56
CA PHE D 22 -3.77 -7.38 -33.14
C PHE D 22 -4.05 -6.37 -34.24
N MET D 23 -4.02 -6.80 -35.49
CA MET D 23 -4.38 -5.90 -36.59
C MET D 23 -5.88 -5.67 -36.65
N ALA D 24 -6.68 -6.69 -36.33
CA ALA D 24 -8.12 -6.53 -36.33
C ALA D 24 -8.61 -5.81 -35.08
N LEU D 25 -7.88 -5.90 -33.98
CA LEU D 25 -8.24 -5.16 -32.78
C LEU D 25 -7.91 -3.69 -32.90
N LEU D 26 -6.95 -3.32 -33.74
CA LEU D 26 -6.62 -1.92 -33.94
C LEU D 26 -7.58 -1.25 -34.91
N THR D 27 -8.04 -1.98 -35.94
CA THR D 27 -8.96 -1.41 -36.92
C THR D 27 -10.35 -1.23 -36.33
N VAL D 28 -10.73 -2.06 -35.37
CA VAL D 28 -12.03 -1.92 -34.71
C VAL D 28 -12.05 -0.67 -33.83
N GLY D 29 -11.02 -0.48 -33.01
CA GLY D 29 -10.99 0.64 -32.09
C GLY D 29 -10.70 1.97 -32.76
N SER D 30 -10.01 1.94 -33.90
CA SER D 30 -9.75 3.18 -34.61
C SER D 30 -10.94 3.64 -35.45
N GLU D 31 -11.83 2.72 -35.83
CA GLU D 31 -13.03 3.11 -36.54
C GLU D 31 -14.02 3.80 -35.62
N ARG D 32 -14.07 3.40 -34.35
CA ARG D 32 -14.95 4.05 -33.39
C ARG D 32 -14.49 5.46 -33.05
N LEU D 33 -13.21 5.77 -33.26
CA LEU D 33 -12.72 7.12 -33.07
C LEU D 33 -13.12 8.05 -34.20
N PHE D 34 -13.46 7.50 -35.37
CA PHE D 34 -13.83 8.32 -36.52
C PHE D 34 -15.33 8.54 -36.60
N SER D 35 -16.13 7.50 -36.35
CA SER D 35 -17.57 7.61 -36.53
C SER D 35 -18.28 8.25 -35.34
N VAL D 36 -17.55 8.55 -34.27
CA VAL D 36 -18.11 9.23 -33.10
C VAL D 36 -17.66 10.67 -33.05
N VAL D 37 -16.36 10.91 -33.25
CA VAL D 37 -15.77 12.21 -32.98
C VAL D 37 -15.70 13.07 -34.24
N ALA D 38 -15.41 12.49 -35.39
CA ALA D 38 -15.16 13.29 -36.60
C ALA D 38 -16.29 13.23 -37.61
N PHE D 39 -17.03 12.13 -37.71
CA PHE D 39 -18.05 12.00 -38.74
C PHE D 39 -19.32 12.71 -38.28
N LYS D 40 -19.71 13.75 -39.00
CA LYS D 40 -21.01 14.38 -38.83
C LYS D 40 -21.58 14.61 -40.23
N CYS D 41 -22.57 13.81 -40.60
CA CYS D 41 -23.08 13.84 -41.95
C CYS D 41 -23.86 15.12 -42.19
N PRO D 42 -23.61 15.82 -43.30
CA PRO D 42 -24.49 16.92 -43.67
C PRO D 42 -25.80 16.41 -44.24
N CYS D 43 -26.64 17.28 -44.73
CA CYS D 43 -27.88 16.85 -45.35
C CYS D 43 -28.08 17.60 -46.65
N SER D 44 -27.04 17.61 -47.48
CA SER D 44 -26.98 18.37 -48.71
C SER D 44 -26.84 17.43 -49.89
N THR D 45 -26.54 18.01 -51.05
CA THR D 45 -26.22 17.19 -52.21
C THR D 45 -24.82 16.59 -52.16
N GLU D 46 -23.98 17.05 -51.23
CA GLU D 46 -22.66 16.49 -51.02
C GLU D 46 -22.66 15.35 -50.00
N ASN D 47 -23.76 14.62 -49.89
CA ASN D 47 -23.78 13.44 -49.04
C ASN D 47 -23.05 12.27 -49.67
N MET D 48 -23.20 12.13 -50.99
CA MET D 48 -22.59 11.01 -51.70
C MET D 48 -21.08 11.07 -51.66
N THR D 49 -20.51 12.26 -51.78
CA THR D 49 -19.07 12.41 -51.74
C THR D 49 -18.53 12.35 -50.31
N TYR D 50 -19.32 12.77 -49.33
CA TYR D 50 -18.82 12.83 -47.97
C TYR D 50 -18.71 11.45 -47.34
N GLY D 51 -19.72 10.61 -47.54
CA GLY D 51 -19.70 9.29 -46.93
C GLY D 51 -18.83 8.29 -47.66
N LEU D 52 -18.54 8.54 -48.93
CA LEU D 52 -17.77 7.62 -49.74
C LEU D 52 -16.27 7.89 -49.66
N VAL D 53 -15.87 8.98 -49.03
CA VAL D 53 -14.47 9.28 -48.76
C VAL D 53 -14.05 8.75 -47.40
N PHE D 54 -14.93 8.80 -46.39
CA PHE D 54 -14.63 8.19 -45.11
C PHE D 54 -14.64 6.66 -45.16
N LEU D 55 -15.15 6.08 -46.23
CA LEU D 55 -15.15 4.64 -46.43
C LEU D 55 -13.90 4.16 -47.15
N PHE D 56 -13.52 4.83 -48.23
CA PHE D 56 -12.49 4.34 -49.13
C PHE D 56 -11.13 4.98 -48.94
N ALA D 57 -11.05 6.23 -48.50
CA ALA D 57 -9.75 6.89 -48.38
C ALA D 57 -8.88 6.40 -47.22
N PRO D 58 -9.40 5.98 -46.05
CA PRO D 58 -8.53 5.25 -45.12
C PRO D 58 -8.16 3.85 -45.56
N ALA D 59 -8.79 3.31 -46.60
CA ALA D 59 -8.39 2.04 -47.16
C ALA D 59 -7.31 2.18 -48.21
N TRP D 60 -7.19 3.35 -48.83
CA TRP D 60 -6.11 3.61 -49.77
C TRP D 60 -4.81 3.94 -49.06
N VAL D 61 -4.88 4.55 -47.89
CA VAL D 61 -3.69 4.87 -47.12
C VAL D 61 -3.11 3.60 -46.50
N LEU D 62 -3.98 2.69 -46.05
CA LEU D 62 -3.51 1.43 -45.48
C LEU D 62 -2.98 0.47 -46.54
N LEU D 63 -3.28 0.69 -47.81
CA LEU D 63 -2.71 -0.11 -48.87
C LEU D 63 -1.30 0.36 -49.22
N ILE D 64 -1.10 1.68 -49.22
CA ILE D 64 0.21 2.24 -49.54
C ILE D 64 1.17 2.04 -48.38
N LEU D 65 0.66 2.08 -47.15
CA LEU D 65 1.45 1.75 -45.98
C LEU D 65 1.87 0.29 -45.93
N GLY D 66 1.20 -0.58 -46.68
CA GLY D 66 1.60 -1.96 -46.75
C GLY D 66 2.67 -2.27 -47.76
N PHE D 67 2.99 -1.33 -48.65
CA PHE D 67 4.12 -1.47 -49.54
C PHE D 67 5.41 -0.95 -48.93
N PHE D 68 5.31 0.00 -48.00
CA PHE D 68 6.49 0.51 -47.33
C PHE D 68 7.05 -0.52 -46.35
N LEU D 69 6.18 -1.20 -45.62
CA LEU D 69 6.60 -2.11 -44.56
C LEU D 69 6.85 -3.52 -45.06
N ASN D 70 6.71 -3.78 -46.34
CA ASN D 70 6.95 -5.10 -46.90
C ASN D 70 8.42 -5.21 -47.27
N ASN D 71 9.14 -6.13 -46.61
CA ASN D 71 10.58 -6.21 -46.77
C ASN D 71 11.01 -6.79 -48.09
N ARG D 72 10.16 -7.52 -48.78
CA ARG D 72 10.54 -8.16 -50.02
C ARG D 72 10.07 -7.39 -51.25
N SER D 73 9.45 -6.24 -51.07
CA SER D 73 9.22 -5.35 -52.20
C SER D 73 10.45 -4.53 -52.52
N TRP D 74 11.37 -4.38 -51.56
CA TRP D 74 12.62 -3.67 -51.80
C TRP D 74 13.74 -4.58 -52.26
N ARG D 75 13.70 -5.84 -51.86
CA ARG D 75 14.66 -6.81 -52.38
C ARG D 75 14.46 -7.06 -53.86
N LEU D 76 13.23 -6.98 -54.32
CA LEU D 76 12.94 -7.21 -55.73
C LEU D 76 13.35 -6.04 -56.59
N PHE D 77 13.22 -4.81 -56.09
CA PHE D 77 13.25 -3.63 -56.95
C PHE D 77 14.51 -2.79 -56.85
N THR D 78 15.36 -2.97 -55.84
CA THR D 78 16.55 -2.14 -55.70
C THR D 78 17.57 -2.47 -56.78
N GLY D 79 18.06 -1.44 -57.46
CA GLY D 79 19.01 -1.65 -58.54
C GLY D 79 18.40 -2.25 -59.78
N CYS D 80 17.13 -1.99 -60.03
CA CYS D 80 16.42 -2.62 -61.15
C CYS D 80 16.88 -2.08 -62.49
N CYS D 81 17.05 -0.76 -62.62
CA CYS D 81 17.36 -0.16 -63.91
C CYS D 81 18.82 -0.35 -64.33
N VAL D 82 19.68 -0.89 -63.46
CA VAL D 82 21.05 -1.21 -63.86
C VAL D 82 21.04 -2.34 -64.88
N ASN D 83 20.34 -3.43 -64.56
CA ASN D 83 20.22 -4.58 -65.45
C ASN D 83 18.87 -5.20 -65.18
N PRO D 84 17.87 -4.93 -66.03
CA PRO D 84 16.51 -5.43 -65.75
C PRO D 84 16.35 -6.92 -65.97
N ARG D 85 17.29 -7.57 -66.65
CA ARG D 85 17.17 -8.98 -66.99
C ARG D 85 17.46 -9.90 -65.83
N LYS D 86 17.84 -9.38 -64.66
CA LYS D 86 17.95 -10.20 -63.47
C LYS D 86 16.64 -10.29 -62.71
N ILE D 87 15.64 -9.52 -63.10
CA ILE D 87 14.28 -9.68 -62.58
C ILE D 87 13.36 -10.33 -63.59
N PHE D 88 13.69 -10.31 -64.88
CA PHE D 88 12.99 -11.05 -65.92
C PHE D 88 13.95 -12.07 -66.50
N PRO D 89 14.21 -13.18 -65.81
CA PRO D 89 15.19 -14.14 -66.30
C PRO D 89 14.64 -14.92 -67.49
N ARG D 90 15.57 -15.52 -68.25
CA ARG D 90 15.19 -16.18 -69.49
C ARG D 90 14.49 -17.51 -69.25
N GLY D 91 14.92 -18.26 -68.24
CA GLY D 91 14.34 -19.56 -67.97
C GLY D 91 12.93 -19.50 -67.42
N HIS D 92 12.70 -18.63 -66.44
CA HIS D 92 11.41 -18.51 -65.77
C HIS D 92 10.96 -17.05 -65.86
N SER D 93 10.31 -16.70 -66.97
CA SER D 93 9.93 -15.32 -67.23
C SER D 93 8.64 -14.91 -66.54
N CYS D 94 7.98 -15.81 -65.83
CA CYS D 94 6.70 -15.52 -65.19
C CYS D 94 6.80 -15.60 -63.68
N ARG D 95 8.00 -15.67 -63.13
CA ARG D 95 8.14 -15.59 -61.67
C ARG D 95 8.13 -14.14 -61.19
N PHE D 96 8.34 -13.17 -62.08
CA PHE D 96 8.22 -11.78 -61.68
C PHE D 96 6.79 -11.44 -61.30
N PHE D 97 5.81 -11.97 -62.02
CA PHE D 97 4.42 -11.72 -61.70
C PHE D 97 3.92 -12.58 -60.54
N TYR D 98 4.59 -13.70 -60.27
CA TYR D 98 4.22 -14.50 -59.11
C TYR D 98 4.65 -13.80 -57.82
N VAL D 99 5.83 -13.21 -57.80
CA VAL D 99 6.28 -12.51 -56.60
C VAL D 99 5.53 -11.19 -56.45
N LEU D 100 5.26 -10.51 -57.56
CA LEU D 100 4.51 -9.25 -57.52
C LEU D 100 3.08 -9.45 -57.05
N GLY D 101 2.49 -10.61 -57.33
CA GLY D 101 1.20 -10.95 -56.77
C GLY D 101 1.25 -11.26 -55.29
N GLN D 102 2.40 -11.65 -54.77
CA GLN D 102 2.50 -11.96 -53.36
C GLN D 102 2.54 -10.70 -52.50
N ILE D 103 3.17 -9.63 -52.99
CA ILE D 103 3.15 -8.36 -52.27
C ILE D 103 1.75 -7.76 -52.27
N THR D 104 1.06 -7.85 -53.42
CA THR D 104 -0.25 -7.22 -53.58
C THR D 104 -1.31 -7.88 -52.70
N LEU D 105 -1.30 -9.21 -52.61
CA LEU D 105 -2.30 -9.89 -51.79
C LEU D 105 -1.98 -9.80 -50.31
N SER D 106 -0.71 -9.69 -49.95
CA SER D 106 -0.35 -9.62 -48.53
C SER D 106 -0.58 -8.24 -47.94
N SER D 107 -0.69 -7.22 -48.78
CA SER D 107 -0.95 -5.85 -48.35
C SER D 107 -2.39 -5.43 -48.58
N LEU D 108 -3.22 -6.32 -49.13
CA LEU D 108 -4.64 -6.09 -49.27
C LEU D 108 -5.44 -6.62 -48.10
N VAL D 109 -4.79 -7.02 -47.01
CA VAL D 109 -5.49 -7.58 -45.87
C VAL D 109 -6.04 -6.49 -44.98
N ALA D 110 -5.22 -5.50 -44.66
CA ALA D 110 -5.65 -4.35 -43.86
C ALA D 110 -6.66 -3.40 -44.52
N PRO D 111 -6.67 -3.20 -45.86
CA PRO D 111 -7.83 -2.51 -46.43
C PRO D 111 -9.13 -3.28 -46.34
N VAL D 112 -9.11 -4.60 -46.47
CA VAL D 112 -10.34 -5.39 -46.40
C VAL D 112 -10.85 -5.45 -44.97
N MET D 113 -9.96 -5.42 -43.99
CA MET D 113 -10.40 -5.33 -42.61
C MET D 113 -10.87 -3.94 -42.22
N TRP D 114 -10.67 -2.92 -43.05
CA TRP D 114 -11.23 -1.61 -42.77
C TRP D 114 -12.65 -1.50 -43.31
N LEU D 115 -12.89 -1.96 -44.54
CA LEU D 115 -14.23 -1.87 -45.13
C LEU D 115 -15.23 -2.76 -44.41
N SER D 116 -14.78 -3.85 -43.79
CA SER D 116 -15.69 -4.75 -43.10
C SER D 116 -16.19 -4.15 -41.80
N VAL D 117 -15.30 -3.53 -41.02
CA VAL D 117 -15.73 -2.92 -39.78
C VAL D 117 -16.44 -1.60 -40.04
N ALA D 118 -16.17 -0.95 -41.16
CA ALA D 118 -16.84 0.31 -41.44
C ALA D 118 -18.25 0.11 -41.96
N LEU D 119 -18.53 -1.05 -42.57
CA LEU D 119 -19.87 -1.34 -43.02
C LEU D 119 -20.71 -2.08 -41.97
N LEU D 120 -20.08 -2.75 -41.02
CA LEU D 120 -20.80 -3.38 -39.93
C LEU D 120 -21.25 -2.39 -38.87
N ASN D 121 -20.69 -1.20 -38.89
CA ASN D 121 -21.15 -0.06 -38.10
C ASN D 121 -21.70 0.91 -39.13
N GLY D 122 -22.97 0.72 -39.49
CA GLY D 122 -23.46 1.26 -40.73
C GLY D 122 -23.77 2.74 -40.80
N THR D 123 -22.84 3.59 -40.37
CA THR D 123 -23.05 5.03 -40.47
C THR D 123 -22.49 5.63 -41.75
N PHE D 124 -21.39 5.09 -42.29
CA PHE D 124 -20.85 5.65 -43.53
C PHE D 124 -21.71 5.28 -44.72
N TYR D 125 -22.38 4.13 -44.69
CA TYR D 125 -23.23 3.72 -45.80
C TYR D 125 -24.58 4.41 -45.74
N GLU D 126 -25.06 4.74 -44.54
CA GLU D 126 -26.35 5.41 -44.41
C GLU D 126 -26.28 6.86 -44.90
N CYS D 127 -25.15 7.53 -44.64
CA CYS D 127 -24.94 8.87 -45.16
C CYS D 127 -24.72 8.88 -46.67
N ALA D 128 -24.11 7.83 -47.22
CA ALA D 128 -23.75 7.83 -48.62
C ALA D 128 -24.83 7.28 -49.54
N MET D 129 -25.68 6.40 -49.04
CA MET D 129 -26.78 5.85 -49.83
C MET D 129 -28.01 6.74 -49.79
N SER D 130 -28.13 7.61 -48.79
CA SER D 130 -29.25 8.56 -48.72
C SER D 130 -29.25 9.52 -49.90
N GLY D 131 -28.12 10.14 -50.18
CA GLY D 131 -28.06 10.99 -51.35
C GLY D 131 -27.76 10.21 -52.61
N THR D 132 -28.70 9.41 -53.09
CA THR D 132 -28.38 8.50 -54.18
C THR D 132 -28.67 9.08 -55.56
N ARG D 133 -29.83 9.70 -55.78
CA ARG D 133 -30.26 10.31 -57.04
C ARG D 133 -30.15 9.34 -58.22
N SER D 134 -30.95 8.27 -58.15
CA SER D 134 -30.91 7.24 -59.16
C SER D 134 -32.32 6.70 -59.37
N SER D 135 -32.61 6.31 -60.61
CA SER D 135 -33.95 5.85 -60.97
C SER D 135 -34.24 4.49 -60.32
N GLY D 136 -33.42 3.48 -60.64
CA GLY D 136 -33.37 2.29 -59.82
C GLY D 136 -32.61 2.56 -58.54
N LEU D 137 -32.61 1.56 -57.64
CA LEU D 137 -31.99 1.54 -56.32
C LEU D 137 -32.63 2.50 -55.32
N LEU D 138 -33.63 3.28 -55.74
CA LEU D 138 -34.33 4.21 -54.89
C LEU D 138 -35.75 3.76 -54.57
N GLU D 139 -36.36 2.98 -55.46
CA GLU D 139 -37.63 2.33 -55.12
C GLU D 139 -37.44 1.19 -54.13
N LEU D 140 -36.25 0.61 -54.07
CA LEU D 140 -36.00 -0.45 -53.09
C LEU D 140 -35.92 0.10 -51.68
N ILE D 141 -35.54 1.36 -51.53
CA ILE D 141 -35.50 1.99 -50.22
C ILE D 141 -36.83 2.62 -49.86
N CYS D 142 -37.38 3.42 -50.77
CA CYS D 142 -38.70 4.03 -50.61
C CYS D 142 -39.68 3.15 -51.36
N LYS D 143 -40.38 2.28 -50.64
CA LYS D 143 -41.35 1.38 -51.25
C LYS D 143 -42.77 1.63 -50.78
N GLY D 144 -43.02 1.63 -49.47
CA GLY D 144 -44.35 1.87 -48.95
C GLY D 144 -44.43 3.17 -48.18
N LYS D 145 -43.80 4.20 -48.72
CA LYS D 145 -43.63 5.50 -48.08
C LYS D 145 -44.41 6.58 -48.82
N PRO D 146 -44.61 7.77 -48.21
CA PRO D 146 -45.23 8.88 -48.96
C PRO D 146 -44.39 9.40 -50.12
N LYS D 147 -44.93 10.40 -50.83
CA LYS D 147 -44.27 10.88 -52.04
C LYS D 147 -43.02 11.72 -51.74
N GLU D 148 -42.87 12.21 -50.50
CA GLU D 148 -41.70 12.99 -50.13
C GLU D 148 -40.53 12.13 -49.67
N CYS D 149 -40.48 10.86 -50.10
CA CYS D 149 -39.28 10.05 -49.99
C CYS D 149 -38.41 10.13 -51.24
N TRP D 150 -38.97 10.56 -52.36
CA TRP D 150 -38.22 10.68 -53.59
C TRP D 150 -37.46 11.98 -53.71
N GLU D 151 -37.75 12.95 -52.83
CA GLU D 151 -37.13 14.27 -52.92
C GLU D 151 -36.66 14.82 -51.59
N GLU D 152 -36.81 14.09 -50.49
CA GLU D 152 -36.32 14.54 -49.19
C GLU D 152 -35.63 13.41 -48.45
N LEU D 153 -35.07 12.44 -49.18
CA LEU D 153 -34.45 11.30 -48.52
C LEU D 153 -33.14 11.68 -47.85
N HIS D 154 -32.39 12.63 -48.43
CA HIS D 154 -31.05 12.92 -47.94
C HIS D 154 -31.03 13.66 -46.61
N LYS D 155 -32.17 14.00 -46.03
CA LYS D 155 -32.22 14.61 -44.72
C LYS D 155 -32.63 13.63 -43.63
N VAL D 156 -32.68 12.33 -43.94
CA VAL D 156 -33.17 11.35 -42.97
C VAL D 156 -32.13 11.06 -41.89
N SER D 157 -30.88 11.47 -42.08
CA SER D 157 -29.84 11.23 -41.10
C SER D 157 -29.79 12.32 -40.02
N CYS D 158 -29.84 13.58 -40.44
CA CYS D 158 -29.82 14.69 -39.50
C CYS D 158 -31.12 14.80 -38.71
N GLY D 159 -32.22 14.31 -39.26
CA GLY D 159 -33.53 14.73 -38.82
C GLY D 159 -33.98 15.91 -39.65
N LYS D 160 -34.93 16.67 -39.10
CA LYS D 160 -35.52 17.85 -39.75
C LYS D 160 -36.13 17.50 -41.11
N THR D 161 -37.00 16.50 -41.09
CA THR D 161 -37.78 16.10 -42.27
C THR D 161 -39.22 15.92 -41.83
N SER D 162 -40.14 16.61 -42.50
CA SER D 162 -41.54 16.61 -42.07
C SER D 162 -42.29 15.50 -42.80
N MET D 163 -42.02 14.27 -42.37
CA MET D 163 -42.76 13.12 -42.89
C MET D 163 -43.06 12.10 -41.79
N LEU D 164 -43.56 12.57 -40.62
CA LEU D 164 -44.12 11.75 -39.55
C LEU D 164 -43.11 10.78 -38.96
N PRO D 165 -42.29 11.22 -38.00
CA PRO D 165 -40.99 10.58 -37.73
C PRO D 165 -41.00 9.13 -37.25
N THR D 166 -42.14 8.46 -37.19
CA THR D 166 -42.11 7.00 -37.12
C THR D 166 -41.71 6.41 -38.47
N VAL D 167 -41.92 7.15 -39.55
CA VAL D 167 -41.41 6.75 -40.84
C VAL D 167 -39.92 7.03 -40.94
N ASN D 168 -39.46 8.11 -40.32
CA ASN D 168 -38.04 8.47 -40.33
C ASN D 168 -37.23 7.70 -39.31
N GLU D 169 -37.83 6.74 -38.61
CA GLU D 169 -37.08 5.80 -37.80
C GLU D 169 -36.92 4.45 -38.50
N GLU D 170 -37.90 4.04 -39.28
CA GLU D 170 -37.77 2.82 -40.06
C GLU D 170 -37.38 3.09 -41.50
N LEU D 171 -36.83 4.28 -41.78
CA LEU D 171 -35.99 4.48 -42.94
C LEU D 171 -34.51 4.51 -42.58
N LYS D 172 -34.20 4.91 -41.36
CA LYS D 172 -32.85 4.79 -40.83
C LYS D 172 -32.52 3.37 -40.42
N LEU D 173 -33.52 2.49 -40.29
CA LEU D 173 -33.24 1.10 -39.97
C LEU D 173 -33.14 0.23 -41.20
N SER D 174 -33.78 0.62 -42.29
CA SER D 174 -33.66 -0.14 -43.52
C SER D 174 -32.35 0.16 -44.25
N LEU D 175 -31.68 1.26 -43.94
CA LEU D 175 -30.38 1.59 -44.51
C LEU D 175 -29.23 1.18 -43.62
N GLN D 176 -29.44 1.12 -42.32
CA GLN D 176 -28.42 0.65 -41.40
C GLN D 176 -28.33 -0.87 -41.37
N ALA D 177 -29.31 -1.57 -41.96
CA ALA D 177 -29.31 -3.02 -42.04
C ALA D 177 -28.94 -3.54 -43.42
N GLN D 178 -28.96 -2.70 -44.45
CA GLN D 178 -28.43 -3.10 -45.74
C GLN D 178 -26.92 -3.05 -45.79
N SER D 179 -26.30 -2.29 -44.89
CA SER D 179 -24.85 -2.25 -44.85
C SER D 179 -24.28 -3.39 -44.04
N GLN D 180 -24.97 -3.82 -43.00
CA GLN D 180 -24.51 -4.95 -42.22
C GLN D 180 -24.70 -6.27 -42.95
N ILE D 181 -25.53 -6.32 -43.98
CA ILE D 181 -25.56 -7.49 -44.84
C ILE D 181 -24.38 -7.48 -45.80
N LEU D 182 -24.07 -6.31 -46.39
CA LEU D 182 -22.89 -6.17 -47.24
C LEU D 182 -21.59 -6.24 -46.44
N GLY D 183 -21.65 -5.99 -45.13
CA GLY D 183 -20.46 -6.17 -44.32
C GLY D 183 -20.08 -7.62 -44.18
N TRP D 184 -21.07 -8.51 -44.09
CA TRP D 184 -20.82 -9.94 -43.94
C TRP D 184 -20.58 -10.64 -45.27
N CYS D 185 -21.03 -10.07 -46.39
CA CYS D 185 -20.69 -10.67 -47.67
C CYS D 185 -19.25 -10.42 -48.05
N LEU D 186 -18.60 -9.44 -47.43
CA LEU D 186 -17.21 -9.14 -47.69
C LEU D 186 -16.27 -9.97 -46.83
N ILE D 187 -16.64 -10.28 -45.60
CA ILE D 187 -15.81 -11.15 -44.78
C ILE D 187 -15.91 -12.58 -45.27
N CYS D 188 -17.08 -13.00 -45.75
CA CYS D 188 -17.29 -14.38 -46.12
C CYS D 188 -16.70 -14.72 -47.47
N SER D 189 -16.53 -13.75 -48.35
CA SER D 189 -15.97 -14.02 -49.66
C SER D 189 -14.49 -13.70 -49.75
N ALA D 190 -13.96 -12.89 -48.84
CA ALA D 190 -12.52 -12.68 -48.79
C ALA D 190 -11.83 -13.74 -47.96
N SER D 191 -12.56 -14.42 -47.08
CA SER D 191 -11.99 -15.56 -46.38
C SER D 191 -11.97 -16.80 -47.26
N PHE D 192 -12.96 -16.95 -48.12
CA PHE D 192 -12.99 -18.08 -49.04
C PHE D 192 -11.98 -17.91 -50.16
N PHE D 193 -11.73 -16.68 -50.61
CA PHE D 193 -10.73 -16.44 -51.64
C PHE D 193 -9.32 -16.54 -51.07
N SER D 194 -9.14 -16.20 -49.80
CA SER D 194 -7.82 -16.29 -49.19
C SER D 194 -7.39 -17.74 -48.97
N LEU D 195 -8.32 -18.61 -48.65
CA LEU D 195 -8.00 -20.02 -48.49
C LEU D 195 -7.76 -20.69 -49.84
N LEU D 196 -8.43 -20.25 -50.88
CA LEU D 196 -8.39 -20.94 -52.15
C LEU D 196 -7.10 -20.66 -52.93
N THR D 197 -6.47 -19.51 -52.70
CA THR D 197 -5.19 -19.24 -53.32
C THR D 197 -4.01 -19.73 -52.50
N THR D 198 -4.16 -19.81 -51.18
CA THR D 198 -3.11 -20.43 -50.37
C THR D 198 -3.08 -21.93 -50.57
N CYS D 199 -4.25 -22.57 -50.66
CA CYS D 199 -4.29 -24.00 -50.92
C CYS D 199 -3.89 -24.37 -52.33
N TYR D 200 -3.92 -23.43 -53.27
CA TYR D 200 -3.44 -23.70 -54.61
C TYR D 200 -1.96 -23.42 -54.77
N ALA D 201 -1.38 -22.55 -53.95
CA ALA D 201 0.05 -22.34 -53.97
C ALA D 201 0.82 -23.45 -53.28
N ARG D 202 0.18 -24.19 -52.39
CA ARG D 202 0.81 -25.33 -51.75
C ARG D 202 0.60 -26.62 -52.52
N CYS D 203 -0.51 -26.75 -53.24
CA CYS D 203 -0.75 -27.95 -54.02
C CYS D 203 0.16 -28.03 -55.23
N ARG D 204 0.67 -26.89 -55.70
CA ARG D 204 1.58 -26.84 -56.84
C ARG D 204 2.98 -26.44 -56.41
N SER D 205 3.37 -26.80 -55.19
CA SER D 205 4.73 -26.57 -54.73
C SER D 205 5.67 -27.56 -55.40
N LYS D 206 6.96 -27.21 -55.40
CA LYS D 206 7.97 -28.07 -56.00
C LYS D 206 8.50 -29.11 -55.03
N VAL D 207 8.38 -28.89 -53.73
CA VAL D 207 8.90 -29.77 -52.71
C VAL D 207 7.74 -30.26 -51.86
N SER D 208 8.00 -31.31 -51.08
CA SER D 208 6.99 -31.89 -50.20
C SER D 208 6.98 -31.12 -48.89
N TYR D 209 6.29 -31.65 -47.88
CA TYR D 209 6.12 -30.90 -46.64
C TYR D 209 7.39 -30.87 -45.81
N LEU D 210 8.14 -31.96 -45.81
CA LEU D 210 9.32 -32.03 -44.95
C LEU D 210 10.48 -31.22 -45.52
N GLN D 211 10.62 -31.18 -46.84
CA GLN D 211 11.67 -30.38 -47.44
C GLN D 211 11.35 -28.90 -47.37
N LEU D 212 10.07 -28.54 -47.38
CA LEU D 212 9.70 -27.13 -47.23
C LEU D 212 9.88 -26.64 -45.81
N SER D 213 9.98 -27.53 -44.85
CA SER D 213 10.17 -27.10 -43.47
C SER D 213 11.64 -26.92 -43.13
N PHE D 214 12.55 -27.52 -43.89
CA PHE D 214 13.96 -27.23 -43.72
C PHE D 214 14.35 -25.98 -44.49
N TRP D 215 13.68 -25.72 -45.61
CA TRP D 215 13.91 -24.53 -46.40
C TRP D 215 13.54 -23.26 -45.63
N LYS D 216 12.49 -23.31 -44.83
CA LYS D 216 12.09 -22.13 -44.07
C LYS D 216 12.98 -21.90 -42.85
N THR D 217 13.56 -22.95 -42.30
CA THR D 217 14.51 -22.79 -41.20
C THR D 217 15.84 -22.26 -41.70
N TYR D 218 16.25 -22.65 -42.90
CA TYR D 218 17.50 -22.17 -43.46
C TYR D 218 17.39 -20.69 -43.79
N ALA D 219 16.29 -20.27 -44.41
CA ALA D 219 16.15 -18.89 -44.86
C ALA D 219 16.02 -17.91 -43.71
N GLN D 220 15.66 -18.38 -42.52
CA GLN D 220 15.61 -17.49 -41.36
C GLN D 220 16.96 -17.42 -40.67
N LYS D 221 17.79 -18.45 -40.80
CA LYS D 221 19.12 -18.43 -40.24
C LYS D 221 20.16 -17.89 -41.20
N GLU D 222 19.85 -17.74 -42.47
CA GLU D 222 20.76 -17.01 -43.34
C GLU D 222 20.57 -15.51 -43.23
N LYS D 223 19.51 -15.04 -42.56
CA LYS D 223 19.39 -13.62 -42.32
C LYS D 223 20.11 -13.21 -41.05
N GLU D 224 20.16 -14.08 -40.05
CA GLU D 224 20.85 -13.78 -38.81
C GLU D 224 22.36 -13.77 -39.00
N GLN D 225 22.89 -14.73 -39.75
CA GLN D 225 24.32 -14.81 -39.96
C GLN D 225 24.80 -13.73 -40.93
N LEU D 226 23.93 -13.28 -41.82
CA LEU D 226 24.29 -12.18 -42.71
C LEU D 226 24.30 -10.83 -42.02
N GLU D 227 23.58 -10.69 -40.91
CA GLU D 227 23.65 -9.45 -40.14
C GLU D 227 24.80 -9.44 -39.16
N ASN D 228 25.48 -10.57 -38.95
CA ASN D 228 26.66 -10.63 -38.11
C ASN D 228 27.95 -10.64 -38.91
N THR D 229 27.91 -10.99 -40.19
CA THR D 229 29.08 -10.88 -41.03
C THR D 229 29.24 -9.47 -41.56
N PHE D 230 28.12 -8.80 -41.85
CA PHE D 230 28.17 -7.41 -42.29
C PHE D 230 28.66 -6.49 -41.20
N LEU D 231 28.43 -6.85 -39.95
CA LEU D 231 28.83 -6.05 -38.80
C LEU D 231 30.21 -6.43 -38.29
N ASP D 232 30.75 -7.54 -38.76
CA ASP D 232 32.11 -7.97 -38.45
C ASP D 232 33.11 -7.48 -39.49
N TYR D 233 32.68 -7.31 -40.74
CA TYR D 233 33.53 -6.77 -41.79
C TYR D 233 33.43 -5.27 -41.91
N ALA D 234 32.54 -4.63 -41.16
CA ALA D 234 32.46 -3.17 -41.14
C ALA D 234 33.18 -2.56 -39.96
N ASN D 235 33.34 -3.29 -38.86
CA ASN D 235 34.21 -2.83 -37.79
C ASN D 235 35.67 -2.97 -38.19
N LYS D 236 36.00 -3.99 -38.97
CA LYS D 236 37.37 -4.20 -39.39
C LYS D 236 37.78 -3.31 -40.54
N LEU D 237 36.84 -2.73 -41.26
CA LEU D 237 37.18 -1.81 -42.34
C LEU D 237 37.28 -0.38 -41.86
N SER D 238 36.43 0.02 -40.92
CA SER D 238 36.48 1.37 -40.41
C SER D 238 37.63 1.60 -39.44
N GLU D 239 38.11 0.54 -38.78
CA GLU D 239 39.32 0.66 -37.97
C GLU D 239 40.55 0.86 -38.84
N ARG D 240 40.56 0.25 -40.02
CA ARG D 240 41.69 0.39 -40.93
C ARG D 240 41.70 1.77 -41.58
N ASN D 241 40.53 2.35 -41.84
CA ASN D 241 40.47 3.63 -42.53
C ASN D 241 40.84 4.79 -41.63
N LEU D 242 40.54 4.70 -40.33
CA LEU D 242 40.79 5.83 -39.45
C LEU D 242 42.23 5.87 -38.96
N LYS D 243 42.90 4.72 -38.90
CA LYS D 243 44.30 4.72 -38.50
C LYS D 243 45.21 5.19 -39.62
N CYS D 244 44.83 4.96 -40.87
CA CYS D 244 45.65 5.40 -41.98
C CYS D 244 45.31 6.81 -42.43
N PHE D 245 44.39 7.49 -41.75
CA PHE D 245 44.10 8.89 -41.99
C PHE D 245 44.76 9.79 -40.96
N PHE D 246 44.80 9.39 -39.70
CA PHE D 246 45.41 10.18 -38.66
C PHE D 246 46.90 9.97 -38.53
N GLU D 247 47.43 8.89 -39.08
CA GLU D 247 48.86 8.62 -39.01
C GLU D 247 49.59 8.85 -40.32
N ASN D 248 48.85 9.17 -41.38
CA ASN D 248 49.38 9.44 -42.73
C ASN D 248 50.17 8.25 -43.26
N LYS D 249 49.56 7.08 -43.22
CA LYS D 249 50.17 5.84 -43.69
C LYS D 249 49.43 5.32 -44.92
N ARG D 250 50.00 4.26 -45.49
CA ARG D 250 49.35 3.52 -46.56
C ARG D 250 48.73 2.26 -45.99
N PRO D 251 47.54 1.86 -46.44
CA PRO D 251 46.84 0.75 -45.82
C PRO D 251 47.11 -0.59 -46.49
N ASP D 252 46.90 -1.66 -45.73
CA ASP D 252 46.94 -3.01 -46.28
C ASP D 252 45.64 -3.29 -47.04
N PRO D 253 45.71 -4.02 -48.15
CA PRO D 253 44.52 -4.20 -49.00
C PRO D 253 43.44 -5.04 -48.33
N PHE D 254 42.19 -4.64 -48.55
CA PHE D 254 41.05 -5.28 -47.91
C PHE D 254 40.36 -6.20 -48.90
N PRO D 255 40.30 -7.51 -48.66
CA PRO D 255 39.65 -8.42 -49.60
C PRO D 255 38.13 -8.44 -49.43
N MET D 256 37.44 -7.86 -50.40
CA MET D 256 35.99 -7.79 -50.50
C MET D 256 35.56 -8.43 -51.82
N PRO D 257 34.33 -8.92 -51.92
CA PRO D 257 33.87 -9.49 -53.20
C PRO D 257 33.73 -8.44 -54.28
N THR D 258 33.84 -8.89 -55.53
CA THR D 258 33.76 -7.99 -56.66
C THR D 258 32.33 -7.52 -56.87
N PHE D 259 32.15 -6.54 -57.75
CA PHE D 259 30.81 -6.06 -58.06
C PHE D 259 30.03 -7.08 -58.87
N ALA D 260 30.70 -7.90 -59.66
CA ALA D 260 30.00 -8.92 -60.42
C ALA D 260 29.50 -10.07 -59.55
N ALA D 261 30.02 -10.21 -58.33
CA ALA D 261 29.53 -11.22 -57.41
C ALA D 261 28.58 -10.67 -56.37
N TRP D 262 28.59 -9.35 -56.13
CA TRP D 262 27.54 -8.75 -55.33
C TRP D 262 26.22 -8.73 -56.08
N GLU D 263 26.27 -8.64 -57.41
CA GLU D 263 25.06 -8.57 -58.21
C GLU D 263 24.46 -9.93 -58.48
N ALA D 264 25.28 -10.98 -58.56
CA ALA D 264 24.77 -12.31 -58.84
C ALA D 264 24.05 -12.90 -57.64
N ALA D 265 24.48 -12.57 -56.42
CA ALA D 265 23.86 -13.08 -55.21
C ALA D 265 22.67 -12.26 -54.76
N SER D 266 22.10 -11.44 -55.65
CA SER D 266 20.92 -10.64 -55.36
C SER D 266 19.82 -10.89 -56.37
N GLU D 267 19.80 -12.03 -57.02
CA GLU D 267 18.81 -12.31 -58.03
C GLU D 267 17.60 -12.98 -57.41
N LEU D 268 16.71 -13.51 -58.24
CA LEU D 268 15.46 -14.11 -57.79
C LEU D 268 15.61 -15.62 -57.79
N HIS D 269 15.26 -16.25 -56.67
CA HIS D 269 15.46 -17.68 -56.49
C HIS D 269 14.25 -18.47 -56.97
N SER D 270 14.52 -19.56 -57.69
CA SER D 270 13.51 -20.53 -58.07
C SER D 270 14.08 -21.92 -57.85
N PHE D 271 13.29 -22.79 -57.24
CA PHE D 271 13.78 -24.12 -56.89
C PHE D 271 13.88 -25.02 -58.11
N HIS D 272 14.92 -25.84 -58.14
CA HIS D 272 15.07 -26.91 -59.12
C HIS D 272 15.29 -28.20 -58.37
N GLN D 273 14.54 -29.24 -58.74
CA GLN D 273 14.68 -30.51 -58.04
C GLN D 273 15.83 -31.36 -58.58
N SER D 274 16.57 -30.88 -59.58
CA SER D 274 17.78 -31.57 -60.01
C SER D 274 18.98 -31.19 -59.16
N GLN D 275 19.26 -29.90 -59.02
CA GLN D 275 20.25 -29.39 -58.09
C GLN D 275 19.48 -28.64 -57.00
N GLN D 276 19.45 -29.20 -55.81
CA GLN D 276 18.62 -28.59 -54.76
C GLN D 276 19.40 -27.48 -54.08
N HIS D 277 18.90 -26.25 -54.19
CA HIS D 277 19.54 -25.07 -53.65
C HIS D 277 18.50 -24.27 -52.90
N TYR D 278 18.82 -23.87 -51.67
CA TYR D 278 17.83 -23.26 -50.79
C TYR D 278 17.95 -21.74 -50.73
N SER D 279 18.90 -21.15 -51.44
CA SER D 279 18.99 -19.70 -51.58
C SER D 279 19.81 -19.41 -52.82
N THR D 280 19.72 -18.18 -53.30
CA THR D 280 20.52 -17.79 -54.45
C THR D 280 21.96 -17.48 -54.09
N LEU D 281 22.26 -17.35 -52.79
CA LEU D 281 23.64 -17.34 -52.32
C LEU D 281 24.21 -18.75 -52.20
N HIS D 282 23.36 -19.75 -52.03
CA HIS D 282 23.81 -21.14 -52.06
C HIS D 282 24.10 -21.58 -53.48
N ARG D 283 23.48 -20.95 -54.46
CA ARG D 283 23.70 -21.33 -55.86
C ARG D 283 24.99 -20.74 -56.40
N VAL D 284 25.34 -19.51 -56.01
CA VAL D 284 26.58 -18.90 -56.49
C VAL D 284 27.82 -19.42 -55.80
N VAL D 285 27.66 -20.14 -54.69
CA VAL D 285 28.81 -20.71 -53.97
C VAL D 285 29.09 -22.12 -54.46
N ASP D 286 28.04 -22.92 -54.67
CA ASP D 286 28.21 -24.27 -55.20
C ASP D 286 28.64 -24.28 -56.66
N ASN D 287 28.41 -23.21 -57.39
CA ASN D 287 28.63 -23.17 -58.82
C ASN D 287 29.66 -22.13 -59.22
N GLY D 288 30.78 -22.07 -58.49
CA GLY D 288 31.84 -21.12 -58.79
C GLY D 288 31.52 -19.70 -58.39
N MET E 1 8.35 -25.13 -6.54
CA MET E 1 9.29 -25.77 -5.64
C MET E 1 9.33 -27.28 -5.87
N ASP E 2 8.41 -28.00 -5.23
CA ASP E 2 8.31 -29.44 -5.38
C ASP E 2 6.91 -29.94 -5.71
N ALA E 3 5.86 -29.25 -5.29
CA ALA E 3 4.49 -29.64 -5.62
C ALA E 3 3.86 -28.77 -6.69
N PHE E 4 4.50 -27.66 -7.05
CA PHE E 4 3.93 -26.76 -8.05
C PHE E 4 4.00 -27.35 -9.44
N GLN E 5 5.01 -28.18 -9.72
CA GLN E 5 5.05 -28.91 -10.99
C GLN E 5 4.26 -30.21 -10.91
N GLY E 6 3.91 -30.67 -9.70
CA GLY E 6 3.06 -31.84 -9.58
C GLY E 6 1.60 -31.54 -9.88
N ILE E 7 1.20 -30.27 -9.77
CA ILE E 7 -0.12 -29.88 -10.21
C ILE E 7 -0.10 -29.27 -11.60
N LEU E 8 1.07 -28.86 -12.09
CA LEU E 8 1.21 -28.49 -13.50
C LEU E 8 1.07 -29.71 -14.41
N LYS E 9 1.40 -30.90 -13.89
CA LYS E 9 1.22 -32.12 -14.66
C LYS E 9 -0.25 -32.46 -14.83
N PHE E 10 -1.08 -32.17 -13.81
CA PHE E 10 -2.52 -32.40 -13.92
C PHE E 10 -3.17 -31.42 -14.87
N PHE E 11 -2.61 -30.21 -15.01
CA PHE E 11 -3.11 -29.25 -15.98
C PHE E 11 -2.49 -29.42 -17.36
N LEU E 12 -1.67 -30.45 -17.56
CA LEU E 12 -1.05 -30.71 -18.85
C LEU E 12 -1.42 -32.07 -19.41
N ASN E 13 -1.73 -33.05 -18.55
CA ASN E 13 -2.26 -34.31 -19.05
C ASN E 13 -3.69 -34.14 -19.56
N GLN E 14 -4.46 -33.27 -18.92
CA GLN E 14 -5.79 -32.90 -19.40
C GLN E 14 -5.72 -31.60 -20.18
N LYS E 15 -5.01 -31.64 -21.32
CA LYS E 15 -4.83 -30.47 -22.16
C LYS E 15 -5.93 -30.32 -23.20
N THR E 16 -6.67 -31.38 -23.50
CA THR E 16 -7.71 -31.34 -24.52
C THR E 16 -9.07 -30.92 -23.99
N VAL E 17 -9.26 -30.87 -22.68
CA VAL E 17 -10.52 -30.40 -22.11
C VAL E 17 -10.44 -28.94 -21.66
N ILE E 18 -9.25 -28.36 -21.63
CA ILE E 18 -9.10 -26.93 -21.35
C ILE E 18 -9.22 -26.11 -22.64
N GLY E 19 -8.73 -26.66 -23.75
CA GLY E 19 -8.88 -25.96 -25.02
C GLY E 19 -10.30 -25.94 -25.52
N TYR E 20 -11.09 -26.98 -25.23
CA TYR E 20 -12.49 -26.98 -25.59
C TYR E 20 -13.35 -26.21 -24.61
N SER E 21 -12.89 -26.04 -23.37
CA SER E 21 -13.61 -25.20 -22.42
C SER E 21 -13.35 -23.72 -22.68
N PHE E 22 -12.12 -23.38 -23.05
CA PHE E 22 -11.78 -22.00 -23.38
C PHE E 22 -12.36 -21.58 -24.73
N MET E 23 -12.65 -22.54 -25.61
CA MET E 23 -13.29 -22.22 -26.87
C MET E 23 -14.76 -21.87 -26.67
N ALA E 24 -15.43 -22.54 -25.75
CA ALA E 24 -16.83 -22.24 -25.47
C ALA E 24 -16.99 -20.98 -24.64
N LEU E 25 -16.00 -20.62 -23.84
CA LEU E 25 -16.08 -19.39 -23.07
C LEU E 25 -15.85 -18.18 -23.95
N LEU E 26 -15.16 -18.35 -25.08
CA LEU E 26 -14.98 -17.25 -26.01
C LEU E 26 -16.19 -17.07 -26.92
N THR E 27 -16.84 -18.17 -27.31
CA THR E 27 -18.00 -18.08 -28.19
C THR E 27 -19.22 -17.53 -27.46
N VAL E 28 -19.30 -17.75 -26.15
CA VAL E 28 -20.41 -17.20 -25.37
C VAL E 28 -20.27 -15.69 -25.23
N GLY E 29 -19.08 -15.23 -24.83
CA GLY E 29 -18.87 -13.81 -24.62
C GLY E 29 -18.80 -12.99 -25.88
N SER E 30 -18.50 -13.62 -27.03
CA SER E 30 -18.49 -12.90 -28.29
C SER E 30 -19.87 -12.82 -28.93
N GLU E 31 -20.77 -13.74 -28.59
CA GLU E 31 -22.14 -13.63 -29.07
C GLU E 31 -22.89 -12.51 -28.37
N ARG E 32 -22.59 -12.26 -27.11
CA ARG E 32 -23.22 -11.16 -26.38
C ARG E 32 -22.74 -9.80 -26.87
N LEU E 33 -21.56 -9.74 -27.49
CA LEU E 33 -21.08 -8.50 -28.07
C LEU E 33 -21.79 -8.17 -29.37
N PHE E 34 -22.38 -9.15 -30.03
CA PHE E 34 -23.08 -8.93 -31.29
C PHE E 34 -24.56 -8.64 -31.10
N SER E 35 -25.22 -9.38 -30.20
CA SER E 35 -26.66 -9.25 -30.02
C SER E 35 -27.05 -8.02 -29.23
N VAL E 36 -26.11 -7.36 -28.58
CA VAL E 36 -26.38 -6.15 -27.82
C VAL E 36 -25.99 -4.91 -28.59
N VAL E 37 -24.78 -4.91 -29.15
CA VAL E 37 -24.18 -3.70 -29.68
C VAL E 37 -24.45 -3.53 -31.17
N ALA E 38 -24.39 -4.60 -31.95
CA ALA E 38 -24.49 -4.50 -33.40
C ALA E 38 -25.86 -4.89 -33.95
N PHE E 39 -26.55 -5.82 -33.33
CA PHE E 39 -27.81 -6.32 -33.87
C PHE E 39 -28.96 -5.42 -33.44
N LYS E 40 -29.70 -4.90 -34.42
CA LYS E 40 -31.02 -4.31 -34.18
C LYS E 40 -31.87 -4.63 -35.39
N CYS E 41 -32.95 -5.35 -35.16
CA CYS E 41 -33.74 -5.90 -36.24
C CYS E 41 -34.53 -4.81 -36.93
N PRO E 42 -34.60 -4.78 -38.25
CA PRO E 42 -35.58 -3.92 -38.91
C PRO E 42 -36.98 -4.50 -38.80
N CYS E 43 -37.95 -3.88 -39.44
CA CYS E 43 -39.28 -4.43 -39.40
C CYS E 43 -39.88 -4.40 -40.79
N SER E 44 -39.11 -4.88 -41.74
CA SER E 44 -39.41 -4.83 -43.16
C SER E 44 -39.56 -6.23 -43.70
N THR E 45 -39.59 -6.35 -45.02
CA THR E 45 -39.56 -7.67 -45.66
C THR E 45 -38.17 -8.29 -45.64
N GLU E 46 -37.14 -7.55 -45.24
CA GLU E 46 -35.79 -8.08 -45.14
C GLU E 46 -35.46 -8.60 -43.75
N ASN E 47 -36.46 -9.10 -43.01
CA ASN E 47 -36.15 -9.75 -41.74
C ASN E 47 -35.57 -11.13 -41.95
N MET E 48 -36.07 -11.84 -42.96
CA MET E 48 -35.61 -13.21 -43.22
C MET E 48 -34.15 -13.23 -43.63
N THR E 49 -33.68 -12.24 -44.37
CA THR E 49 -32.28 -12.19 -44.75
C THR E 49 -31.38 -11.60 -43.68
N TYR E 50 -31.88 -10.69 -42.87
CA TYR E 50 -31.02 -10.00 -41.91
C TYR E 50 -30.68 -10.89 -40.72
N GLY E 51 -31.65 -11.66 -40.24
CA GLY E 51 -31.39 -12.51 -39.10
C GLY E 51 -30.73 -13.81 -39.44
N LEU E 52 -30.85 -14.27 -40.68
CA LEU E 52 -30.27 -15.53 -41.11
C LEU E 52 -28.80 -15.38 -41.50
N VAL E 53 -28.32 -14.15 -41.67
CA VAL E 53 -26.92 -13.89 -41.94
C VAL E 53 -26.14 -13.77 -40.63
N PHE E 54 -26.71 -13.15 -39.61
CA PHE E 54 -26.07 -13.08 -38.31
C PHE E 54 -26.00 -14.43 -37.61
N LEU E 55 -26.72 -15.43 -38.11
CA LEU E 55 -26.72 -16.77 -37.56
C LEU E 55 -25.70 -17.66 -38.25
N PHE E 56 -25.61 -17.59 -39.57
CA PHE E 56 -24.82 -18.51 -40.36
C PHE E 56 -23.48 -17.97 -40.82
N ALA E 57 -23.35 -16.67 -41.04
CA ALA E 57 -22.09 -16.13 -41.56
C ALA E 57 -20.93 -16.09 -40.55
N PRO E 58 -21.12 -15.88 -39.24
CA PRO E 58 -20.01 -16.15 -38.32
C PRO E 58 -19.70 -17.62 -38.14
N ALA E 59 -20.55 -18.53 -38.61
CA ALA E 59 -20.25 -19.95 -38.56
C ALA E 59 -19.50 -20.43 -39.79
N TRP E 60 -19.61 -19.72 -40.91
CA TRP E 60 -18.83 -20.04 -42.10
C TRP E 60 -17.41 -19.50 -41.98
N VAL E 61 -17.21 -18.42 -41.24
CA VAL E 61 -15.87 -17.89 -41.03
C VAL E 61 -15.10 -18.76 -40.06
N LEU E 62 -15.78 -19.28 -39.03
CA LEU E 62 -15.12 -20.15 -38.06
C LEU E 62 -14.82 -21.52 -38.64
N LEU E 63 -15.48 -21.93 -39.72
CA LEU E 63 -15.16 -23.18 -40.38
C LEU E 63 -13.91 -23.04 -41.23
N ILE E 64 -13.78 -21.92 -41.94
CA ILE E 64 -12.62 -21.69 -42.80
C ILE E 64 -11.38 -21.40 -41.98
N LEU E 65 -11.54 -20.72 -40.84
CA LEU E 65 -10.44 -20.49 -39.92
C LEU E 65 -9.98 -21.78 -39.25
N GLY E 66 -10.78 -22.84 -39.27
CA GLY E 66 -10.35 -24.12 -38.75
C GLY E 66 -9.58 -24.95 -39.75
N PHE E 67 -9.62 -24.61 -41.03
CA PHE E 67 -8.77 -25.26 -42.02
C PHE E 67 -7.39 -24.63 -42.06
N PHE E 68 -7.28 -23.36 -41.71
CA PHE E 68 -5.99 -22.69 -41.70
C PHE E 68 -5.12 -23.16 -40.55
N LEU E 69 -5.72 -23.37 -39.38
CA LEU E 69 -4.97 -23.67 -38.17
C LEU E 69 -4.78 -25.16 -37.94
N ASN E 70 -5.25 -26.00 -38.85
CA ASN E 70 -5.07 -27.44 -38.73
C ASN E 70 -3.74 -27.83 -39.35
N ASN E 71 -2.84 -28.36 -38.52
CA ASN E 71 -1.47 -28.64 -38.98
C ASN E 71 -1.38 -29.83 -39.90
N ARG E 72 -2.33 -30.75 -39.86
CA ARG E 72 -2.26 -31.94 -40.69
C ARG E 72 -3.05 -31.81 -41.98
N SER E 73 -3.62 -30.65 -42.25
CA SER E 73 -4.18 -30.39 -43.56
C SER E 73 -3.14 -29.88 -44.54
N TRP E 74 -2.03 -29.36 -44.04
CA TRP E 74 -0.93 -28.94 -44.90
C TRP E 74 0.08 -30.05 -45.13
N ARG E 75 0.19 -30.99 -44.20
CA ARG E 75 1.05 -32.15 -44.40
C ARG E 75 0.51 -33.04 -45.49
N LEU E 76 -0.80 -33.08 -45.66
CA LEU E 76 -1.40 -33.92 -46.68
C LEU E 76 -1.28 -33.31 -48.07
N PHE E 77 -1.45 -32.00 -48.18
CA PHE E 77 -1.68 -31.38 -49.48
C PHE E 77 -0.46 -30.71 -50.08
N THR E 78 0.61 -30.48 -49.33
CA THR E 78 1.78 -29.79 -49.88
C THR E 78 2.51 -30.68 -50.87
N GLY E 79 2.76 -30.16 -52.06
CA GLY E 79 3.43 -30.91 -53.09
C GLY E 79 2.57 -31.98 -53.71
N CYS E 80 1.25 -31.77 -53.75
CA CYS E 80 0.33 -32.80 -54.21
C CYS E 80 0.41 -33.00 -55.71
N CYS E 81 0.50 -31.92 -56.49
CA CYS E 81 0.44 -32.04 -57.94
C CYS E 81 1.76 -32.50 -58.56
N VAL E 82 2.82 -32.67 -57.78
CA VAL E 82 4.04 -33.26 -58.30
C VAL E 82 3.83 -34.74 -58.61
N ASN E 83 3.31 -35.48 -57.64
CA ASN E 83 3.02 -36.91 -57.80
C ASN E 83 1.80 -37.20 -56.95
N PRO E 84 0.61 -37.27 -57.57
CA PRO E 84 -0.62 -37.48 -56.78
C PRO E 84 -0.77 -38.87 -56.22
N ARG E 85 -0.01 -39.84 -56.72
CA ARG E 85 -0.14 -41.23 -56.30
C ARG E 85 0.50 -41.52 -54.95
N LYS E 86 1.14 -40.54 -54.33
CA LYS E 86 1.60 -40.68 -52.95
C LYS E 86 0.53 -40.28 -51.95
N ILE E 87 -0.58 -39.71 -52.42
CA ILE E 87 -1.73 -39.44 -51.57
C ILE E 87 -2.87 -40.41 -51.86
N PHE E 88 -2.91 -41.01 -53.05
CA PHE E 88 -3.83 -42.09 -53.40
C PHE E 88 -3.01 -43.35 -53.63
N PRO E 89 -2.53 -44.00 -52.57
CA PRO E 89 -1.65 -45.15 -52.75
C PRO E 89 -2.42 -46.37 -53.23
N ARG E 90 -1.68 -47.30 -53.83
CA ARG E 90 -2.31 -48.46 -54.47
C ARG E 90 -2.82 -49.47 -53.46
N GLY E 91 -2.12 -49.66 -52.35
CA GLY E 91 -2.53 -50.66 -51.38
C GLY E 91 -3.75 -50.22 -50.58
N HIS E 92 -3.77 -48.98 -50.12
CA HIS E 92 -4.82 -48.46 -49.25
C HIS E 92 -5.40 -47.20 -49.90
N SER E 93 -6.36 -47.38 -50.80
CA SER E 93 -6.90 -46.27 -51.56
C SER E 93 -8.01 -45.51 -50.85
N CYS E 94 -8.31 -45.85 -49.60
CA CYS E 94 -9.41 -45.20 -48.87
C CYS E 94 -8.93 -44.46 -47.63
N ARG E 95 -7.62 -44.39 -47.39
CA ARG E 95 -7.14 -43.60 -46.27
C ARG E 95 -7.12 -42.11 -46.61
N PHE E 96 -7.22 -41.75 -47.89
CA PHE E 96 -7.34 -40.33 -48.23
C PHE E 96 -8.66 -39.75 -47.74
N PHE E 97 -9.75 -40.51 -47.85
CA PHE E 97 -11.03 -40.02 -47.35
C PHE E 97 -11.16 -40.21 -45.85
N TYR E 98 -10.37 -41.10 -45.24
CA TYR E 98 -10.38 -41.21 -43.79
C TYR E 98 -9.67 -40.02 -43.15
N VAL E 99 -8.55 -39.60 -43.73
CA VAL E 99 -7.82 -38.46 -43.17
C VAL E 99 -8.58 -37.16 -43.43
N LEU E 100 -9.14 -37.02 -44.64
CA LEU E 100 -9.90 -35.82 -44.99
C LEU E 100 -11.16 -35.67 -44.16
N GLY E 101 -11.75 -36.78 -43.72
CA GLY E 101 -12.84 -36.70 -42.76
C GLY E 101 -12.42 -36.28 -41.38
N GLN E 102 -11.15 -36.48 -41.02
CA GLN E 102 -10.69 -36.07 -39.70
C GLN E 102 -10.49 -34.56 -39.61
N ILE E 103 -10.05 -33.92 -40.69
CA ILE E 103 -9.91 -32.46 -40.70
C ILE E 103 -11.29 -31.81 -40.67
N THR E 104 -12.26 -32.37 -41.39
CA THR E 104 -13.59 -31.79 -41.48
C THR E 104 -14.34 -31.86 -40.16
N LEU E 105 -14.32 -33.02 -39.49
CA LEU E 105 -15.05 -33.17 -38.24
C LEU E 105 -14.38 -32.47 -37.07
N SER E 106 -13.08 -32.19 -37.17
CA SER E 106 -12.39 -31.48 -36.11
C SER E 106 -12.49 -29.97 -36.23
N SER E 107 -12.87 -29.48 -37.41
CA SER E 107 -13.07 -28.05 -37.64
C SER E 107 -14.53 -27.68 -37.71
N LEU E 108 -15.44 -28.64 -37.53
CA LEU E 108 -16.87 -28.40 -37.40
C LEU E 108 -17.30 -28.21 -35.97
N VAL E 109 -16.35 -28.04 -35.04
CA VAL E 109 -16.68 -27.94 -33.63
C VAL E 109 -17.00 -26.49 -33.25
N ALA E 110 -16.21 -25.54 -33.72
CA ALA E 110 -16.50 -24.13 -33.51
C ALA E 110 -17.70 -23.58 -34.26
N PRO E 111 -18.08 -24.07 -35.47
CA PRO E 111 -19.42 -23.68 -35.98
C PRO E 111 -20.58 -24.18 -35.15
N VAL E 112 -20.51 -25.40 -34.62
CA VAL E 112 -21.62 -25.96 -33.87
C VAL E 112 -21.74 -25.29 -32.50
N MET E 113 -20.62 -24.86 -31.94
CA MET E 113 -20.68 -24.07 -30.71
C MET E 113 -21.12 -22.63 -30.94
N TRP E 114 -21.17 -22.16 -32.18
CA TRP E 114 -21.72 -20.82 -32.41
C TRP E 114 -23.22 -20.87 -32.63
N LEU E 115 -23.70 -21.85 -33.37
CA LEU E 115 -25.14 -21.98 -33.61
C LEU E 115 -25.90 -22.33 -32.34
N SER E 116 -25.27 -23.01 -31.40
CA SER E 116 -25.94 -23.41 -30.18
C SER E 116 -26.11 -22.25 -29.22
N VAL E 117 -25.09 -21.43 -29.07
CA VAL E 117 -25.19 -20.27 -28.18
C VAL E 117 -26.05 -19.19 -28.79
N ALA E 118 -26.07 -19.08 -30.12
CA ALA E 118 -26.85 -18.04 -30.76
C ALA E 118 -28.34 -18.37 -30.76
N LEU E 119 -28.69 -19.64 -30.75
CA LEU E 119 -30.09 -20.03 -30.67
C LEU E 119 -30.61 -20.05 -29.24
N LEU E 120 -29.75 -20.20 -28.25
CA LEU E 120 -30.14 -20.17 -26.85
C LEU E 120 -30.30 -18.76 -26.32
N ASN E 121 -29.84 -17.77 -27.08
CA ASN E 121 -30.13 -16.35 -26.84
C ASN E 121 -30.98 -15.93 -28.02
N GLY E 122 -32.29 -16.17 -27.92
CA GLY E 122 -33.12 -16.22 -29.10
C GLY E 122 -33.49 -14.92 -29.77
N THR E 123 -32.51 -14.05 -30.01
CA THR E 123 -32.76 -12.81 -30.74
C THR E 123 -32.62 -12.98 -32.24
N PHE E 124 -31.70 -13.82 -32.70
CA PHE E 124 -31.48 -13.99 -34.13
C PHE E 124 -32.60 -14.78 -34.78
N TYR E 125 -33.18 -15.73 -34.05
CA TYR E 125 -34.26 -16.53 -34.60
C TYR E 125 -35.59 -15.78 -34.56
N GLU E 126 -35.77 -14.89 -33.59
CA GLU E 126 -36.99 -14.12 -33.49
C GLU E 126 -37.12 -13.11 -34.63
N CYS E 127 -36.02 -12.47 -35.01
CA CYS E 127 -36.00 -11.60 -36.18
C CYS E 127 -36.19 -12.39 -37.47
N ALA E 128 -35.61 -13.58 -37.56
CA ALA E 128 -35.64 -14.33 -38.80
C ALA E 128 -36.95 -15.08 -39.03
N MET E 129 -37.61 -15.54 -37.95
CA MET E 129 -38.83 -16.32 -38.10
C MET E 129 -40.07 -15.43 -38.23
N SER E 130 -39.99 -14.17 -37.81
CA SER E 130 -41.12 -13.26 -37.94
C SER E 130 -41.45 -12.99 -39.41
N GLY E 131 -40.46 -12.62 -40.21
CA GLY E 131 -40.72 -12.44 -41.62
C GLY E 131 -40.69 -13.77 -42.33
N THR E 132 -41.71 -14.61 -42.17
CA THR E 132 -41.65 -15.96 -42.71
C THR E 132 -42.33 -16.13 -44.06
N ARG E 133 -43.55 -15.60 -44.23
CA ARG E 133 -44.33 -15.65 -45.49
C ARG E 133 -44.49 -17.06 -46.03
N SER E 134 -45.18 -17.89 -45.27
CA SER E 134 -45.35 -19.29 -45.61
C SER E 134 -46.74 -19.74 -45.19
N SER E 135 -47.32 -20.64 -45.99
CA SER E 135 -48.67 -21.14 -45.72
C SER E 135 -48.70 -21.97 -44.45
N GLY E 136 -47.92 -23.04 -44.41
CA GLY E 136 -47.59 -23.68 -43.16
C GLY E 136 -46.59 -22.86 -42.38
N LEU E 137 -46.25 -23.32 -41.17
CA LEU E 137 -45.30 -22.73 -40.21
C LEU E 137 -45.75 -21.37 -39.69
N LEU E 138 -46.90 -20.86 -40.11
CA LEU E 138 -47.43 -19.57 -39.71
C LEU E 138 -48.70 -19.69 -38.88
N GLU E 139 -49.47 -20.75 -39.09
CA GLU E 139 -50.57 -21.06 -38.18
C GLU E 139 -50.07 -21.62 -36.86
N LEU E 140 -48.87 -22.20 -36.84
CA LEU E 140 -48.31 -22.70 -35.58
C LEU E 140 -47.85 -21.57 -34.69
N ILE E 141 -47.61 -20.38 -35.23
CA ILE E 141 -47.27 -19.22 -34.43
C ILE E 141 -48.50 -18.39 -34.12
N CYS E 142 -49.31 -18.11 -35.14
CA CYS E 142 -50.57 -17.39 -34.97
C CYS E 142 -51.69 -18.42 -34.93
N LYS E 143 -52.11 -18.80 -33.73
CA LYS E 143 -53.17 -19.78 -33.56
C LYS E 143 -54.42 -19.20 -32.92
N GLY E 144 -54.29 -18.58 -31.75
CA GLY E 144 -55.43 -17.99 -31.07
C GLY E 144 -55.35 -16.48 -31.04
N LYS E 145 -54.92 -15.89 -32.16
CA LYS E 145 -54.65 -14.48 -32.30
C LYS E 145 -55.66 -13.82 -33.22
N PRO E 146 -55.74 -12.46 -33.24
CA PRO E 146 -56.61 -11.81 -34.22
C PRO E 146 -56.17 -11.97 -35.67
N LYS E 147 -56.91 -11.37 -36.60
CA LYS E 147 -56.64 -11.60 -38.02
C LYS E 147 -55.42 -10.84 -38.53
N GLU E 148 -54.93 -9.85 -37.78
CA GLU E 148 -53.75 -9.10 -38.19
C GLU E 148 -52.45 -9.72 -37.71
N CYS E 149 -52.45 -11.01 -37.41
CA CYS E 149 -51.21 -11.77 -37.23
C CYS E 149 -50.69 -12.34 -38.53
N TRP E 150 -51.52 -12.39 -39.57
CA TRP E 150 -51.11 -12.94 -40.85
C TRP E 150 -50.50 -11.89 -41.77
N GLU E 151 -50.58 -10.61 -41.40
CA GLU E 151 -50.08 -9.53 -42.26
C GLU E 151 -49.27 -8.49 -41.53
N GLU E 152 -49.16 -8.53 -40.21
CA GLU E 152 -48.34 -7.59 -39.47
C GLU E 152 -47.44 -8.29 -38.47
N LEU E 153 -47.03 -9.52 -38.78
CA LEU E 153 -46.21 -10.27 -37.83
C LEU E 153 -44.79 -9.74 -37.78
N HIS E 154 -44.25 -9.27 -38.90
CA HIS E 154 -42.85 -8.90 -38.95
C HIS E 154 -42.50 -7.64 -38.16
N LYS E 155 -43.48 -6.95 -37.59
CA LYS E 155 -43.22 -5.79 -36.75
C LYS E 155 -43.32 -6.11 -35.27
N VAL E 156 -43.39 -7.39 -34.89
CA VAL E 156 -43.57 -7.75 -33.49
C VAL E 156 -42.30 -7.59 -32.68
N SER E 157 -41.15 -7.41 -33.33
CA SER E 157 -39.88 -7.24 -32.64
C SER E 157 -39.64 -5.79 -32.25
N CYS E 158 -39.85 -4.87 -33.19
CA CYS E 158 -39.63 -3.45 -32.94
C CYS E 158 -40.68 -2.85 -32.00
N GLY E 159 -41.84 -3.48 -31.89
CA GLY E 159 -43.01 -2.78 -31.41
C GLY E 159 -43.70 -2.11 -32.58
N LYS E 160 -44.50 -1.09 -32.28
CA LYS E 160 -45.27 -0.31 -33.26
C LYS E 160 -46.19 -1.21 -34.08
N THR E 161 -47.00 -1.99 -33.39
CA THR E 161 -48.02 -2.82 -34.02
C THR E 161 -49.30 -2.64 -33.22
N SER E 162 -50.41 -2.38 -33.91
CA SER E 162 -51.67 -2.10 -33.22
C SER E 162 -52.52 -3.35 -33.04
N MET E 163 -52.10 -4.27 -32.18
CA MET E 163 -52.91 -5.43 -31.84
C MET E 163 -52.87 -5.75 -30.34
N LEU E 164 -53.12 -4.76 -29.48
CA LEU E 164 -53.36 -4.93 -28.03
C LEU E 164 -52.15 -5.54 -27.32
N PRO E 165 -51.17 -4.71 -26.93
CA PRO E 165 -49.79 -5.18 -26.63
C PRO E 165 -49.61 -6.27 -25.58
N THR E 166 -50.67 -6.75 -24.91
CA THR E 166 -50.53 -8.00 -24.17
C THR E 166 -50.42 -9.18 -25.12
N VAL E 167 -50.97 -9.05 -26.33
CA VAL E 167 -50.77 -10.05 -27.36
C VAL E 167 -49.37 -9.94 -27.94
N ASN E 168 -48.85 -8.72 -28.02
CA ASN E 168 -47.55 -8.52 -28.67
C ASN E 168 -46.39 -8.91 -27.75
N GLU E 169 -46.67 -9.20 -26.48
CA GLU E 169 -45.61 -9.73 -25.64
C GLU E 169 -45.58 -11.24 -25.66
N GLU E 170 -46.76 -11.89 -25.63
CA GLU E 170 -46.82 -13.33 -25.70
C GLU E 170 -46.84 -13.85 -27.13
N LEU E 171 -46.48 -13.01 -28.10
CA LEU E 171 -46.03 -13.48 -29.40
C LEU E 171 -44.51 -13.45 -29.52
N LYS E 172 -43.86 -12.57 -28.77
CA LYS E 172 -42.41 -12.62 -28.67
C LYS E 172 -41.97 -13.78 -27.80
N LEU E 173 -42.74 -14.13 -26.78
CA LEU E 173 -42.37 -15.21 -25.87
C LEU E 173 -42.56 -16.59 -26.51
N SER E 174 -43.40 -16.70 -27.52
CA SER E 174 -43.57 -17.97 -28.18
C SER E 174 -42.57 -18.18 -29.30
N LEU E 175 -41.90 -17.13 -29.74
CA LEU E 175 -40.81 -17.25 -30.72
C LEU E 175 -39.46 -17.32 -30.05
N GLN E 176 -39.32 -16.73 -28.87
CA GLN E 176 -38.09 -16.81 -28.11
C GLN E 176 -37.95 -18.14 -27.39
N ALA E 177 -38.99 -18.96 -27.36
CA ALA E 177 -38.95 -20.29 -26.76
C ALA E 177 -38.89 -21.42 -27.76
N GLN E 178 -39.23 -21.18 -29.02
CA GLN E 178 -38.99 -22.15 -30.06
C GLN E 178 -37.53 -22.20 -30.48
N SER E 179 -36.76 -21.17 -30.16
CA SER E 179 -35.34 -21.17 -30.50
C SER E 179 -34.50 -21.79 -29.41
N GLN E 180 -34.94 -21.70 -28.17
CA GLN E 180 -34.24 -22.38 -27.09
C GLN E 180 -34.55 -23.86 -27.05
N ILE E 181 -35.55 -24.34 -27.78
CA ILE E 181 -35.74 -25.77 -27.94
C ILE E 181 -34.88 -26.31 -29.07
N LEU E 182 -34.78 -25.57 -30.17
CA LEU E 182 -33.85 -25.94 -31.25
C LEU E 182 -32.40 -25.80 -30.82
N GLY E 183 -32.12 -24.91 -29.87
CA GLY E 183 -30.78 -24.80 -29.36
C GLY E 183 -30.33 -26.03 -28.61
N TRP E 184 -31.23 -26.63 -27.82
CA TRP E 184 -30.88 -27.81 -27.05
C TRP E 184 -30.93 -29.09 -27.87
N CYS E 185 -31.71 -29.11 -28.96
CA CYS E 185 -31.72 -30.29 -29.82
C CYS E 185 -30.44 -30.40 -30.64
N LEU E 186 -29.68 -29.32 -30.75
CA LEU E 186 -28.42 -29.31 -31.46
C LEU E 186 -27.25 -29.72 -30.57
N ILE E 187 -27.24 -29.31 -29.30
CA ILE E 187 -26.19 -29.76 -28.39
C ILE E 187 -26.39 -31.22 -28.02
N CYS E 188 -27.62 -31.72 -28.05
CA CYS E 188 -27.87 -33.09 -27.66
C CYS E 188 -27.58 -34.07 -28.78
N SER E 189 -27.66 -33.64 -30.03
CA SER E 189 -27.42 -34.54 -31.15
C SER E 189 -26.02 -34.44 -31.71
N ALA E 190 -25.34 -33.32 -31.51
CA ALA E 190 -23.93 -33.21 -31.88
C ALA E 190 -23.01 -33.68 -30.78
N SER E 191 -23.53 -34.06 -29.62
CA SER E 191 -22.75 -34.76 -28.61
C SER E 191 -22.89 -36.26 -28.72
N PHE E 192 -24.07 -36.73 -29.11
CA PHE E 192 -24.26 -38.16 -29.34
C PHE E 192 -23.58 -38.61 -30.62
N PHE E 193 -23.55 -37.77 -31.65
CA PHE E 193 -22.84 -38.11 -32.88
C PHE E 193 -21.34 -38.04 -32.71
N SER E 194 -20.86 -37.13 -31.86
CA SER E 194 -19.43 -36.99 -31.64
C SER E 194 -18.87 -38.13 -30.81
N LEU E 195 -19.70 -38.77 -29.98
CA LEU E 195 -19.25 -39.93 -29.24
C LEU E 195 -19.30 -41.20 -30.08
N LEU E 196 -20.23 -41.27 -31.03
CA LEU E 196 -20.42 -42.49 -31.80
C LEU E 196 -19.35 -42.67 -32.87
N THR E 197 -18.78 -41.58 -33.38
CA THR E 197 -17.71 -41.70 -34.37
C THR E 197 -16.35 -41.84 -33.71
N THR E 198 -16.17 -41.33 -32.49
CA THR E 198 -14.93 -41.58 -31.78
C THR E 198 -14.88 -43.01 -31.28
N CYS E 199 -15.99 -43.52 -30.75
CA CYS E 199 -16.03 -44.90 -30.26
C CYS E 199 -16.00 -45.92 -31.38
N TYR E 200 -16.28 -45.53 -32.62
CA TYR E 200 -16.15 -46.46 -33.73
C TYR E 200 -14.78 -46.39 -34.39
N ALA E 201 -14.06 -45.28 -34.24
CA ALA E 201 -12.69 -45.21 -34.73
C ALA E 201 -11.70 -45.86 -33.79
N ARG E 202 -12.09 -46.13 -32.54
CA ARG E 202 -11.24 -46.87 -31.62
C ARG E 202 -11.58 -48.36 -31.60
N CYS E 203 -12.84 -48.71 -31.84
CA CYS E 203 -13.22 -50.12 -31.87
C CYS E 203 -12.65 -50.82 -33.08
N ARG E 204 -12.35 -50.09 -34.14
CA ARG E 204 -11.76 -50.66 -35.35
C ARG E 204 -10.32 -50.21 -35.54
N SER E 205 -9.61 -49.97 -34.44
CA SER E 205 -8.20 -49.65 -34.51
C SER E 205 -7.41 -50.91 -34.82
N LYS E 206 -6.17 -50.72 -35.26
CA LYS E 206 -5.31 -51.85 -35.62
C LYS E 206 -4.49 -52.37 -34.46
N VAL E 207 -4.35 -51.58 -33.40
CA VAL E 207 -3.53 -51.92 -32.26
C VAL E 207 -4.39 -51.86 -31.00
N SER E 208 -3.87 -52.40 -29.92
CA SER E 208 -4.59 -52.41 -28.65
C SER E 208 -4.35 -51.10 -27.93
N TYR E 209 -4.74 -51.01 -26.66
CA TYR E 209 -4.64 -49.74 -25.96
C TYR E 209 -3.20 -49.42 -25.60
N LEU E 210 -2.43 -50.42 -25.22
CA LEU E 210 -1.11 -50.16 -24.69
C LEU E 210 -0.12 -49.84 -25.80
N GLN E 211 -0.29 -50.44 -26.97
CA GLN E 211 0.55 -50.10 -28.11
C GLN E 211 0.20 -48.75 -28.69
N LEU E 212 -1.05 -48.32 -28.59
CA LEU E 212 -1.44 -47.00 -29.05
C LEU E 212 -0.92 -45.91 -28.13
N SER E 213 -0.53 -46.24 -26.92
CA SER E 213 0.02 -45.25 -26.02
C SER E 213 1.50 -45.04 -26.22
N PHE E 214 2.21 -46.02 -26.80
CA PHE E 214 3.59 -45.83 -27.19
C PHE E 214 3.69 -45.08 -28.51
N TRP E 215 2.75 -45.34 -29.41
CA TRP E 215 2.69 -44.67 -30.71
C TRP E 215 2.49 -43.17 -30.57
N LYS E 216 1.70 -42.75 -29.58
CA LYS E 216 1.48 -41.32 -29.38
C LYS E 216 2.61 -40.63 -28.63
N THR E 217 3.40 -41.37 -27.86
CA THR E 217 4.60 -40.79 -27.26
C THR E 217 5.73 -40.68 -28.27
N TYR E 218 5.78 -41.61 -29.21
CA TYR E 218 6.81 -41.55 -30.24
C TYR E 218 6.55 -40.41 -31.21
N ALA E 219 5.31 -40.24 -31.62
CA ALA E 219 4.99 -39.21 -32.61
C ALA E 219 5.12 -37.81 -32.07
N GLN E 220 5.12 -37.63 -30.75
CA GLN E 220 5.38 -36.32 -30.19
C GLN E 220 6.87 -36.06 -30.06
N LYS E 221 7.65 -37.08 -29.78
CA LYS E 221 9.08 -36.90 -29.63
C LYS E 221 9.82 -36.94 -30.96
N GLU E 222 9.18 -37.35 -32.03
CA GLU E 222 9.80 -37.19 -33.34
C GLU E 222 9.57 -35.79 -33.91
N LYS E 223 8.58 -35.07 -33.43
CA LYS E 223 8.44 -33.67 -33.85
C LYS E 223 9.43 -32.77 -33.12
N GLU E 224 9.84 -33.14 -31.92
CA GLU E 224 10.81 -32.33 -31.19
C GLU E 224 12.22 -32.53 -31.73
N GLN E 225 12.58 -33.77 -32.04
CA GLN E 225 13.93 -34.05 -32.55
C GLN E 225 14.10 -33.55 -33.98
N LEU E 226 13.01 -33.48 -34.74
CA LEU E 226 13.10 -33.02 -36.12
C LEU E 226 13.23 -31.50 -36.20
N GLU E 227 12.80 -30.78 -35.18
CA GLU E 227 13.03 -29.34 -35.13
C GLU E 227 14.38 -28.99 -34.53
N ASN E 228 15.12 -29.95 -34.01
CA ASN E 228 16.46 -29.74 -33.51
C ASN E 228 17.52 -30.18 -34.50
N THR E 229 17.21 -31.16 -35.35
CA THR E 229 18.12 -31.53 -36.43
C THR E 229 18.07 -30.53 -37.56
N PHE E 230 16.88 -29.98 -37.83
CA PHE E 230 16.73 -28.98 -38.87
C PHE E 230 17.45 -27.69 -38.51
N LEU E 231 17.55 -27.38 -37.23
CA LEU E 231 18.18 -26.17 -36.76
C LEU E 231 19.66 -26.37 -36.48
N ASP E 232 20.13 -27.61 -36.60
CA ASP E 232 21.53 -27.96 -36.47
C ASP E 232 22.24 -28.10 -37.80
N TYR E 233 21.51 -28.48 -38.85
CA TYR E 233 22.03 -28.52 -40.20
C TYR E 233 21.78 -27.22 -40.95
N ALA E 234 21.11 -26.25 -40.34
CA ALA E 234 20.93 -24.93 -40.93
C ALA E 234 21.98 -23.93 -40.49
N ASN E 235 22.50 -24.07 -39.27
CA ASN E 235 23.66 -23.30 -38.88
C ASN E 235 24.91 -23.76 -39.60
N LYS E 236 25.07 -25.07 -39.74
CA LYS E 236 26.27 -25.61 -40.36
C LYS E 236 26.30 -25.41 -41.87
N LEU E 237 25.18 -25.08 -42.49
CA LEU E 237 25.17 -24.82 -43.92
C LEU E 237 25.32 -23.33 -44.22
N SER E 238 24.73 -22.47 -43.40
CA SER E 238 24.87 -21.04 -43.62
C SER E 238 26.22 -20.51 -43.19
N GLU E 239 26.92 -21.20 -42.28
CA GLU E 239 28.30 -20.83 -41.99
C GLU E 239 29.22 -21.16 -43.15
N ARG E 240 28.94 -22.27 -43.85
CA ARG E 240 29.75 -22.66 -44.99
C ARG E 240 29.54 -21.72 -46.18
N ASN E 241 28.34 -21.20 -46.35
CA ASN E 241 28.03 -20.40 -47.52
C ASN E 241 28.55 -18.99 -47.41
N LEU E 242 28.59 -18.41 -46.22
CA LEU E 242 29.02 -17.03 -46.08
C LEU E 242 30.53 -16.91 -46.04
N LYS E 243 31.23 -17.94 -45.57
CA LYS E 243 32.68 -17.88 -45.57
C LYS E 243 33.25 -18.07 -46.96
N CYS E 244 32.59 -18.85 -47.80
CA CYS E 244 33.08 -19.06 -49.15
C CYS E 244 32.59 -18.01 -50.13
N PHE E 245 31.77 -17.07 -49.66
CA PHE E 245 31.36 -15.93 -50.47
C PHE E 245 32.24 -14.70 -50.24
N PHE E 246 32.64 -14.45 -48.99
CA PHE E 246 33.44 -13.30 -48.67
C PHE E 246 34.93 -13.53 -48.86
N GLU E 247 35.38 -14.78 -48.80
CA GLU E 247 36.79 -15.10 -48.96
C GLU E 247 37.15 -15.57 -50.35
N ASN E 248 36.16 -15.72 -51.23
CA ASN E 248 36.31 -16.17 -52.62
C ASN E 248 37.00 -17.54 -52.70
N LYS E 249 36.53 -18.47 -51.88
CA LYS E 249 37.04 -19.83 -51.85
C LYS E 249 36.04 -20.77 -52.49
N ARG E 250 36.47 -22.02 -52.67
CA ARG E 250 35.61 -23.12 -53.08
C ARG E 250 35.21 -23.94 -51.86
N PRO E 251 33.97 -24.38 -51.76
CA PRO E 251 33.51 -25.03 -50.54
C PRO E 251 33.67 -26.55 -50.56
N ASP E 252 33.65 -27.12 -49.36
CA ASP E 252 33.63 -28.57 -49.19
C ASP E 252 32.21 -29.09 -49.39
N PRO E 253 32.05 -30.30 -49.95
CA PRO E 253 30.69 -30.81 -50.23
C PRO E 253 29.91 -31.09 -48.97
N PHE E 254 28.62 -30.74 -49.00
CA PHE E 254 27.79 -30.83 -47.81
C PHE E 254 26.82 -31.98 -48.00
N PRO E 255 26.88 -33.02 -47.17
CA PRO E 255 26.04 -34.21 -47.39
C PRO E 255 24.61 -34.01 -46.89
N MET E 256 23.69 -33.88 -47.83
CA MET E 256 22.26 -33.74 -47.61
C MET E 256 21.53 -34.90 -48.29
N PRO E 257 20.36 -35.29 -47.82
CA PRO E 257 19.63 -36.37 -48.49
C PRO E 257 19.14 -35.98 -49.87
N THR E 258 18.91 -36.99 -50.70
CA THR E 258 18.50 -36.78 -52.07
C THR E 258 17.04 -36.35 -52.12
N PHE E 259 16.62 -35.89 -53.31
CA PHE E 259 15.23 -35.50 -53.48
C PHE E 259 14.30 -36.71 -53.49
N ALA E 260 14.79 -37.85 -53.94
CA ALA E 260 13.96 -39.04 -53.96
C ALA E 260 13.68 -39.60 -52.58
N ALA E 261 14.52 -39.28 -51.59
CA ALA E 261 14.28 -39.68 -50.21
C ALA E 261 13.65 -38.60 -49.36
N TRP E 262 13.65 -37.34 -49.83
CA TRP E 262 12.84 -36.32 -49.17
C TRP E 262 11.37 -36.54 -49.48
N GLU E 263 11.06 -37.03 -50.68
CA GLU E 263 9.68 -37.25 -51.09
C GLU E 263 9.10 -38.52 -50.49
N ALA E 264 9.93 -39.52 -50.22
CA ALA E 264 9.44 -40.78 -49.68
C ALA E 264 9.08 -40.67 -48.20
N ALA E 265 9.80 -39.85 -47.44
CA ALA E 265 9.52 -39.66 -46.03
C ALA E 265 8.44 -38.64 -45.77
N SER E 266 7.63 -38.30 -46.77
CA SER E 266 6.54 -37.36 -46.63
C SER E 266 5.21 -37.98 -47.06
N GLU E 267 5.12 -39.30 -47.13
CA GLU E 267 3.91 -39.96 -47.56
C GLU E 267 2.95 -40.12 -46.39
N LEU E 268 1.92 -40.93 -46.59
CA LEU E 268 0.86 -41.11 -45.60
C LEU E 268 1.02 -42.47 -44.94
N HIS E 269 0.96 -42.49 -43.61
CA HIS E 269 1.27 -43.68 -42.84
C HIS E 269 0.01 -44.49 -42.53
N SER E 270 0.13 -45.81 -42.64
CA SER E 270 -0.90 -46.74 -42.21
C SER E 270 -0.21 -47.90 -41.50
N PHE E 271 -0.78 -48.32 -40.38
CA PHE E 271 -0.14 -49.35 -39.57
C PHE E 271 -0.29 -50.72 -40.21
N HIS E 272 0.74 -51.54 -40.07
CA HIS E 272 0.72 -52.94 -40.45
C HIS E 272 1.18 -53.77 -39.25
N GLN E 273 0.40 -54.77 -38.89
CA GLN E 273 0.76 -55.59 -37.75
C GLN E 273 1.77 -56.69 -38.08
N SER E 274 2.20 -56.79 -39.34
CA SER E 274 3.29 -57.70 -39.68
C SER E 274 4.66 -57.03 -39.45
N GLN E 275 4.83 -55.82 -39.96
CA GLN E 275 6.01 -55.01 -39.69
C GLN E 275 5.55 -53.79 -38.91
N GLN E 276 5.83 -53.75 -37.61
CA GLN E 276 5.29 -52.67 -36.80
C GLN E 276 6.17 -51.43 -36.93
N HIS E 277 5.66 -50.44 -37.65
CA HIS E 277 6.35 -49.18 -37.90
C HIS E 277 5.47 -48.05 -37.40
N TYR E 278 6.07 -47.10 -36.68
CA TYR E 278 5.30 -46.08 -36.00
C TYR E 278 5.32 -44.74 -36.71
N SER E 279 6.05 -44.62 -37.82
CA SER E 279 6.02 -43.43 -38.66
C SER E 279 6.48 -43.84 -40.05
N THR E 280 6.22 -42.96 -41.01
CA THR E 280 6.69 -43.22 -42.36
C THR E 280 8.15 -42.84 -42.55
N LEU E 281 8.78 -42.23 -41.54
CA LEU E 281 10.22 -42.10 -41.49
C LEU E 281 10.88 -43.33 -40.88
N HIS E 282 10.18 -44.02 -39.99
CA HIS E 282 10.65 -45.29 -39.46
C HIS E 282 10.61 -46.38 -40.51
N ARG E 283 9.74 -46.24 -41.51
CA ARG E 283 9.62 -47.25 -42.54
C ARG E 283 10.71 -47.10 -43.59
N VAL E 284 11.05 -45.88 -43.99
CA VAL E 284 12.09 -45.68 -45.00
C VAL E 284 13.49 -45.90 -44.47
N VAL E 285 13.67 -45.98 -43.16
CA VAL E 285 14.97 -46.24 -42.58
C VAL E 285 15.19 -47.74 -42.38
N ASP E 286 14.15 -48.45 -41.97
CA ASP E 286 14.25 -49.91 -41.81
C ASP E 286 14.32 -50.61 -43.15
N ASN E 287 13.60 -50.10 -44.15
CA ASN E 287 13.48 -50.74 -45.44
C ASN E 287 14.43 -50.14 -46.47
N GLY E 288 15.66 -49.84 -46.05
CA GLY E 288 16.66 -49.33 -46.96
C GLY E 288 16.53 -47.85 -47.27
N MET F 1 8.21 -25.78 5.08
CA MET F 1 9.30 -26.59 5.61
C MET F 1 8.92 -28.06 5.62
N ASP F 2 8.24 -28.50 6.68
CA ASP F 2 7.79 -29.88 6.81
C ASP F 2 6.34 -30.03 7.23
N ALA F 3 5.74 -29.02 7.88
CA ALA F 3 4.35 -29.09 8.30
C ALA F 3 3.39 -28.67 7.20
N PHE F 4 3.87 -27.94 6.19
CA PHE F 4 2.99 -27.56 5.08
C PHE F 4 2.70 -28.74 4.17
N GLN F 5 3.69 -29.61 3.96
CA GLN F 5 3.47 -30.85 3.25
C GLN F 5 2.83 -31.92 4.13
N GLY F 6 2.83 -31.74 5.44
CA GLY F 6 2.15 -32.67 6.32
C GLY F 6 0.63 -32.52 6.30
N ILE F 7 0.15 -31.30 6.05
CA ILE F 7 -1.28 -31.11 5.84
C ILE F 7 -1.67 -31.23 4.38
N LEU F 8 -0.69 -31.19 3.46
CA LEU F 8 -0.96 -31.54 2.07
C LEU F 8 -1.27 -33.02 1.92
N LYS F 9 -0.74 -33.85 2.83
CA LYS F 9 -1.04 -35.27 2.82
C LYS F 9 -2.49 -35.53 3.21
N PHE F 10 -3.05 -34.72 4.10
CA PHE F 10 -4.45 -34.86 4.48
C PHE F 10 -5.38 -34.44 3.36
N PHE F 11 -4.98 -33.47 2.53
CA PHE F 11 -5.77 -33.07 1.38
C PHE F 11 -5.51 -33.94 0.16
N LEU F 12 -4.62 -34.91 0.25
CA LEU F 12 -4.34 -35.82 -0.86
C LEU F 12 -4.80 -37.24 -0.58
N ASN F 13 -4.87 -37.65 0.69
CA ASN F 13 -5.46 -38.94 1.03
C ASN F 13 -6.97 -38.90 0.85
N GLN F 14 -7.59 -37.78 1.16
CA GLN F 14 -9.02 -37.57 0.90
C GLN F 14 -9.20 -36.80 -0.41
N LYS F 15 -8.81 -37.44 -1.50
CA LYS F 15 -8.90 -36.83 -2.82
C LYS F 15 -10.21 -37.11 -3.52
N THR F 16 -10.98 -38.08 -3.04
CA THR F 16 -12.25 -38.46 -3.67
C THR F 16 -13.45 -37.78 -3.03
N VAL F 17 -13.26 -36.96 -2.00
CA VAL F 17 -14.34 -36.17 -1.45
C VAL F 17 -14.24 -34.70 -1.81
N ILE F 18 -13.06 -34.23 -2.24
CA ILE F 18 -12.94 -32.87 -2.75
C ILE F 18 -13.40 -32.81 -4.19
N GLY F 19 -13.22 -33.89 -4.94
CA GLY F 19 -13.70 -33.92 -6.31
C GLY F 19 -15.20 -34.00 -6.42
N TYR F 20 -15.86 -34.62 -5.45
CA TYR F 20 -17.32 -34.68 -5.47
C TYR F 20 -17.94 -33.44 -4.83
N SER F 21 -17.23 -32.79 -3.91
CA SER F 21 -17.72 -31.53 -3.36
C SER F 21 -17.61 -30.40 -4.38
N PHE F 22 -16.51 -30.36 -5.12
CA PHE F 22 -16.33 -29.36 -6.16
C PHE F 22 -17.25 -29.60 -7.36
N MET F 23 -17.69 -30.84 -7.55
CA MET F 23 -18.66 -31.11 -8.62
C MET F 23 -20.04 -30.60 -8.25
N ALA F 24 -20.44 -30.75 -6.99
CA ALA F 24 -21.73 -30.24 -6.55
C ALA F 24 -21.74 -28.73 -6.40
N LEU F 25 -20.58 -28.10 -6.23
CA LEU F 25 -20.53 -26.65 -6.15
C LEU F 25 -20.61 -26.02 -7.53
N LEU F 26 -20.20 -26.74 -8.57
CA LEU F 26 -20.30 -26.21 -9.92
C LEU F 26 -21.71 -26.38 -10.48
N THR F 27 -22.39 -27.47 -10.11
CA THR F 27 -23.74 -27.71 -10.60
C THR F 27 -24.75 -26.76 -9.95
N VAL F 28 -24.52 -26.36 -8.71
CA VAL F 28 -25.41 -25.42 -8.03
C VAL F 28 -25.29 -24.04 -8.64
N GLY F 29 -24.06 -23.56 -8.83
CA GLY F 29 -23.85 -22.23 -9.38
C GLY F 29 -24.15 -22.09 -10.85
N SER F 30 -24.11 -23.19 -11.60
CA SER F 30 -24.46 -23.13 -13.01
C SER F 30 -25.95 -23.25 -13.24
N GLU F 31 -26.69 -23.81 -12.30
CA GLU F 31 -28.15 -23.83 -12.43
C GLU F 31 -28.74 -22.45 -12.20
N ARG F 32 -28.13 -21.65 -11.33
CA ARG F 32 -28.61 -20.29 -11.11
C ARG F 32 -28.33 -19.38 -12.29
N LEU F 33 -27.38 -19.73 -13.14
CA LEU F 33 -27.12 -18.98 -14.36
C LEU F 33 -28.15 -19.28 -15.43
N PHE F 34 -28.85 -20.41 -15.35
CA PHE F 34 -29.83 -20.79 -16.36
C PHE F 34 -31.23 -20.33 -16.00
N SER F 35 -31.64 -20.53 -14.74
CA SER F 35 -33.02 -20.23 -14.35
C SER F 35 -33.26 -18.75 -14.06
N VAL F 36 -32.23 -17.92 -14.16
CA VAL F 36 -32.36 -16.48 -13.98
C VAL F 36 -32.20 -15.75 -15.32
N VAL F 37 -31.17 -16.09 -16.06
CA VAL F 37 -30.77 -15.33 -17.24
C VAL F 37 -31.43 -15.86 -18.51
N ALA F 38 -31.53 -17.18 -18.66
CA ALA F 38 -32.00 -17.75 -19.91
C ALA F 38 -33.42 -18.29 -19.86
N PHE F 39 -33.88 -18.79 -18.72
CA PHE F 39 -35.20 -19.40 -18.62
C PHE F 39 -36.25 -18.32 -18.40
N LYS F 40 -37.23 -18.26 -19.29
CA LYS F 40 -38.48 -17.54 -19.03
C LYS F 40 -39.61 -18.31 -19.67
N CYS F 41 -40.60 -18.66 -18.88
CA CYS F 41 -41.62 -19.58 -19.32
C CYS F 41 -42.58 -18.88 -20.26
N PRO F 42 -42.99 -19.51 -21.36
CA PRO F 42 -44.12 -18.99 -22.11
C PRO F 42 -45.42 -19.34 -21.41
N CYS F 43 -46.56 -19.03 -22.01
CA CYS F 43 -47.82 -19.38 -21.39
C CYS F 43 -48.74 -19.98 -22.44
N SER F 44 -48.20 -20.93 -23.18
CA SER F 44 -48.84 -21.50 -24.35
C SER F 44 -49.06 -22.99 -24.13
N THR F 45 -49.42 -23.69 -25.20
CA THR F 45 -49.48 -25.14 -25.16
C THR F 45 -48.10 -25.79 -25.21
N GLU F 46 -47.04 -25.02 -25.47
CA GLU F 46 -45.69 -25.54 -25.45
C GLU F 46 -45.03 -25.37 -24.09
N ASN F 47 -45.80 -25.37 -23.01
CA ASN F 47 -45.22 -25.32 -21.68
C ASN F 47 -44.62 -26.66 -21.29
N MET F 48 -45.31 -27.75 -21.64
CA MET F 48 -44.86 -29.09 -21.28
C MET F 48 -43.54 -29.44 -21.93
N THR F 49 -43.32 -29.00 -23.16
CA THR F 49 -42.06 -29.29 -23.84
C THR F 49 -40.94 -28.35 -23.39
N TYR F 50 -41.27 -27.12 -23.01
CA TYR F 50 -40.23 -26.13 -22.74
C TYR F 50 -39.55 -26.38 -21.41
N GLY F 51 -40.32 -26.74 -20.37
CA GLY F 51 -39.72 -26.97 -19.08
C GLY F 51 -39.06 -28.31 -18.96
N LEU F 52 -39.52 -29.29 -19.73
CA LEU F 52 -39.01 -30.64 -19.69
C LEU F 52 -37.73 -30.83 -20.48
N VAL F 53 -37.33 -29.83 -21.26
CA VAL F 53 -36.06 -29.83 -21.98
C VAL F 53 -34.98 -29.14 -21.16
N PHE F 54 -35.32 -28.09 -20.42
CA PHE F 54 -34.37 -27.49 -19.50
C PHE F 54 -34.07 -28.36 -18.28
N LEU F 55 -34.85 -29.41 -18.06
CA LEU F 55 -34.64 -30.35 -16.98
C LEU F 55 -33.73 -31.50 -17.39
N PHE F 56 -34.03 -32.11 -18.54
CA PHE F 56 -33.42 -33.38 -18.92
C PHE F 56 -32.30 -33.24 -19.94
N ALA F 57 -32.31 -32.22 -20.79
CA ALA F 57 -31.26 -32.11 -21.80
C ALA F 57 -29.88 -31.69 -21.27
N PRO F 58 -29.74 -30.84 -20.24
CA PRO F 58 -28.40 -30.73 -19.63
C PRO F 58 -27.96 -31.93 -18.83
N ALA F 59 -28.85 -32.88 -18.55
CA ALA F 59 -28.46 -34.13 -17.91
C ALA F 59 -28.02 -35.18 -18.91
N TRP F 60 -28.48 -35.09 -20.15
CA TRP F 60 -28.02 -35.99 -21.20
C TRP F 60 -26.64 -35.60 -21.70
N VAL F 61 -26.30 -34.31 -21.62
CA VAL F 61 -24.98 -33.86 -22.04
C VAL F 61 -23.94 -34.23 -20.98
N LEU F 62 -24.30 -34.12 -19.71
CA LEU F 62 -23.38 -34.48 -18.64
C LEU F 62 -23.17 -35.98 -18.53
N LEU F 63 -24.05 -36.78 -19.08
CA LEU F 63 -23.85 -38.22 -19.11
C LEU F 63 -22.88 -38.62 -20.21
N ILE F 64 -22.99 -37.98 -21.38
CA ILE F 64 -22.09 -38.27 -22.49
C ILE F 64 -20.70 -37.71 -22.22
N LEU F 65 -20.62 -36.58 -21.53
CA LEU F 65 -19.34 -36.04 -21.10
C LEU F 65 -18.64 -36.90 -20.07
N GLY F 66 -19.37 -37.79 -19.39
CA GLY F 66 -18.79 -38.71 -18.46
C GLY F 66 -18.24 -39.97 -19.07
N PHE F 67 -18.56 -40.26 -20.33
CA PHE F 67 -17.94 -41.36 -21.05
C PHE F 67 -16.65 -40.94 -21.73
N PHE F 68 -16.52 -39.66 -22.05
CA PHE F 68 -15.29 -39.17 -22.67
C PHE F 68 -14.15 -39.11 -21.66
N LEU F 69 -14.42 -38.66 -20.45
CA LEU F 69 -13.40 -38.42 -19.46
C LEU F 69 -13.09 -39.63 -18.60
N ASN F 70 -13.68 -40.79 -18.90
CA ASN F 70 -13.42 -42.01 -18.16
C ASN F 70 -12.29 -42.77 -18.83
N ASN F 71 -11.17 -42.93 -18.11
CA ASN F 71 -9.98 -43.52 -18.69
C ASN F 71 -10.08 -45.01 -18.94
N ARG F 72 -10.99 -45.70 -18.27
CA ARG F 72 -11.11 -47.14 -18.41
C ARG F 72 -12.20 -47.55 -19.37
N SER F 73 -12.92 -46.59 -19.96
CA SER F 73 -13.81 -46.92 -21.06
C SER F 73 -13.06 -47.05 -22.37
N TRP F 74 -11.87 -46.46 -22.47
CA TRP F 74 -11.04 -46.58 -23.65
C TRP F 74 -10.08 -47.75 -23.58
N ARG F 75 -9.71 -48.18 -22.38
CA ARG F 75 -8.88 -49.37 -22.24
C ARG F 75 -9.64 -50.63 -22.59
N LEU F 76 -10.94 -50.62 -22.40
CA LEU F 76 -11.74 -51.80 -22.70
C LEU F 76 -12.00 -51.95 -24.19
N PHE F 77 -12.20 -50.84 -24.90
CA PHE F 77 -12.79 -50.87 -26.22
C PHE F 77 -11.80 -50.68 -27.36
N THR F 78 -10.57 -50.24 -27.09
CA THR F 78 -9.62 -50.01 -28.16
C THR F 78 -9.13 -51.32 -28.74
N GLY F 79 -9.18 -51.44 -30.06
CA GLY F 79 -8.77 -52.67 -30.72
C GLY F 79 -9.74 -53.80 -30.56
N CYS F 80 -11.02 -53.50 -30.32
CA CYS F 80 -12.01 -54.52 -29.98
C CYS F 80 -12.34 -55.42 -31.17
N CYS F 81 -12.53 -54.85 -32.36
CA CYS F 81 -12.96 -55.63 -33.50
C CYS F 81 -11.87 -56.47 -34.13
N VAL F 82 -10.61 -56.33 -33.68
CA VAL F 82 -9.55 -57.20 -34.16
C VAL F 82 -9.76 -58.62 -33.64
N ASN F 83 -9.97 -58.76 -32.34
CA ASN F 83 -10.20 -60.05 -31.71
C ASN F 83 -11.15 -59.82 -30.54
N PRO F 84 -12.44 -60.08 -30.72
CA PRO F 84 -13.41 -59.77 -29.65
C PRO F 84 -13.33 -60.69 -28.45
N ARG F 85 -12.67 -61.84 -28.58
CA ARG F 85 -12.61 -62.84 -27.52
C ARG F 85 -11.64 -62.48 -26.40
N LYS F 86 -10.94 -61.36 -26.50
CA LYS F 86 -10.14 -60.89 -25.39
C LYS F 86 -10.91 -59.97 -24.45
N ILE F 87 -12.14 -59.60 -24.82
CA ILE F 87 -13.03 -58.88 -23.92
C ILE F 87 -14.15 -59.78 -23.42
N PHE F 88 -14.49 -60.85 -24.14
CA PHE F 88 -15.37 -61.91 -23.67
C PHE F 88 -14.56 -63.18 -23.49
N PRO F 89 -13.80 -63.33 -22.40
CA PRO F 89 -12.95 -64.52 -22.26
C PRO F 89 -13.78 -65.75 -21.92
N ARG F 90 -13.16 -66.90 -22.12
CA ARG F 90 -13.88 -68.16 -21.97
C ARG F 90 -14.11 -68.52 -20.51
N GLY F 91 -13.15 -68.22 -19.65
CA GLY F 91 -13.25 -68.59 -18.24
C GLY F 91 -14.26 -67.74 -17.47
N HIS F 92 -14.22 -66.43 -17.66
CA HIS F 92 -15.07 -65.49 -16.94
C HIS F 92 -15.83 -64.65 -17.97
N SER F 93 -16.97 -65.17 -18.43
CA SER F 93 -17.72 -64.51 -19.49
C SER F 93 -18.64 -63.40 -19.01
N CYS F 94 -18.64 -63.10 -17.71
CA CYS F 94 -19.53 -62.10 -17.16
C CYS F 94 -18.79 -60.92 -16.55
N ARG F 95 -17.47 -60.87 -16.68
CA ARG F 95 -16.74 -59.69 -16.22
C ARG F 95 -16.86 -58.53 -17.20
N PHE F 96 -17.28 -58.80 -18.45
CA PHE F 96 -17.53 -57.70 -19.38
C PHE F 96 -18.68 -56.83 -18.92
N PHE F 97 -19.75 -57.44 -18.39
CA PHE F 97 -20.88 -56.67 -17.89
C PHE F 97 -20.62 -56.09 -16.51
N TYR F 98 -19.67 -56.65 -15.76
CA TYR F 98 -19.30 -56.04 -14.49
C TYR F 98 -18.54 -54.74 -14.70
N VAL F 99 -17.64 -54.71 -15.67
CA VAL F 99 -16.89 -53.49 -15.93
C VAL F 99 -17.76 -52.47 -16.66
N LEU F 100 -18.60 -52.93 -17.60
CA LEU F 100 -19.48 -52.04 -18.34
C LEU F 100 -20.51 -51.38 -17.44
N GLY F 101 -20.98 -52.08 -16.40
CA GLY F 101 -21.84 -51.45 -15.41
C GLY F 101 -21.10 -50.58 -14.42
N GLN F 102 -19.77 -50.60 -14.43
CA GLN F 102 -19.01 -49.78 -13.50
C GLN F 102 -18.72 -48.40 -14.11
N ILE F 103 -18.53 -48.33 -15.43
CA ILE F 103 -18.46 -47.04 -16.11
C ILE F 103 -19.80 -46.33 -16.04
N THR F 104 -20.89 -47.08 -16.22
CA THR F 104 -22.23 -46.50 -16.30
C THR F 104 -22.67 -45.90 -14.97
N LEU F 105 -22.42 -46.57 -13.85
CA LEU F 105 -22.80 -46.04 -12.56
C LEU F 105 -21.90 -44.91 -12.11
N SER F 106 -20.67 -44.86 -12.61
CA SER F 106 -19.75 -43.81 -12.20
C SER F 106 -19.93 -42.53 -12.99
N SER F 107 -20.64 -42.60 -14.12
CA SER F 107 -20.93 -41.43 -14.94
C SER F 107 -22.36 -40.97 -14.81
N LEU F 108 -23.18 -41.67 -14.02
CA LEU F 108 -24.54 -41.26 -13.69
C LEU F 108 -24.60 -40.41 -12.44
N VAL F 109 -23.49 -39.85 -12.00
CA VAL F 109 -23.44 -39.07 -10.77
C VAL F 109 -23.71 -37.61 -11.04
N ALA F 110 -23.07 -37.03 -12.04
CA ALA F 110 -23.33 -35.66 -12.47
C ALA F 110 -24.69 -35.42 -13.11
N PRO F 111 -25.33 -36.38 -13.81
CA PRO F 111 -26.76 -36.17 -14.11
C PRO F 111 -27.67 -36.11 -12.90
N VAL F 112 -27.45 -36.97 -11.90
CA VAL F 112 -28.31 -37.02 -10.73
C VAL F 112 -28.11 -35.78 -9.86
N MET F 113 -26.90 -35.23 -9.85
CA MET F 113 -26.70 -33.96 -9.16
C MET F 113 -27.27 -32.77 -9.91
N TRP F 114 -27.64 -32.91 -11.19
CA TRP F 114 -28.29 -31.82 -11.89
C TRP F 114 -29.79 -31.83 -11.64
N LEU F 115 -30.42 -33.00 -11.68
CA LEU F 115 -31.86 -33.08 -11.47
C LEU F 115 -32.26 -32.73 -10.04
N SER F 116 -31.36 -32.93 -9.08
CA SER F 116 -31.68 -32.63 -7.70
C SER F 116 -31.66 -31.12 -7.45
N VAL F 117 -30.68 -30.42 -8.00
CA VAL F 117 -30.61 -28.98 -7.81
C VAL F 117 -31.65 -28.27 -8.65
N ALA F 118 -32.00 -28.83 -9.81
CA ALA F 118 -33.01 -28.20 -10.66
C ALA F 118 -34.42 -28.41 -10.13
N LEU F 119 -34.67 -29.47 -9.36
CA LEU F 119 -35.99 -29.63 -8.75
C LEU F 119 -36.13 -28.94 -7.42
N LEU F 120 -35.02 -28.71 -6.71
CA LEU F 120 -35.05 -27.97 -5.46
C LEU F 120 -35.18 -26.47 -5.67
N ASN F 121 -34.89 -25.98 -6.85
CA ASN F 121 -35.16 -24.61 -7.26
C ASN F 121 -36.32 -24.74 -8.23
N GLY F 122 -37.54 -24.75 -7.69
CA GLY F 122 -38.66 -25.30 -8.41
C GLY F 122 -39.27 -24.47 -9.52
N THR F 123 -38.45 -23.95 -10.44
CA THR F 123 -38.96 -23.19 -11.57
C THR F 123 -39.15 -24.02 -12.83
N PHE F 124 -38.32 -25.05 -13.06
CA PHE F 124 -38.50 -25.88 -14.24
C PHE F 124 -39.71 -26.78 -14.12
N TYR F 125 -40.06 -27.19 -12.91
CA TYR F 125 -41.21 -28.06 -12.72
C TYR F 125 -42.52 -27.26 -12.70
N GLU F 126 -42.45 -26.00 -12.30
CA GLU F 126 -43.65 -25.16 -12.27
C GLU F 126 -44.10 -24.81 -13.69
N CYS F 127 -43.16 -24.58 -14.59
CA CYS F 127 -43.49 -24.34 -16.00
C CYS F 127 -43.98 -25.62 -16.67
N ALA F 128 -43.43 -26.77 -16.31
CA ALA F 128 -43.75 -28.01 -17.02
C ALA F 128 -45.00 -28.70 -16.51
N MET F 129 -45.32 -28.59 -15.23
CA MET F 129 -46.51 -29.23 -14.68
C MET F 129 -47.76 -28.37 -14.89
N SER F 130 -47.59 -27.09 -15.19
CA SER F 130 -48.74 -26.22 -15.44
C SER F 130 -49.49 -26.62 -16.70
N GLY F 131 -48.78 -26.83 -17.79
CA GLY F 131 -49.44 -27.33 -18.99
C GLY F 131 -49.57 -28.83 -18.97
N THR F 132 -50.46 -29.38 -18.13
CA THR F 132 -50.46 -30.81 -17.93
C THR F 132 -51.43 -31.57 -18.83
N ARG F 133 -52.68 -31.09 -18.96
CA ARG F 133 -53.74 -31.66 -19.80
C ARG F 133 -53.96 -33.15 -19.54
N SER F 134 -54.43 -33.44 -18.33
CA SER F 134 -54.62 -34.82 -17.91
C SER F 134 -55.82 -34.89 -16.98
N SER F 135 -56.54 -36.01 -17.04
CA SER F 135 -57.74 -36.19 -16.23
C SER F 135 -57.39 -36.29 -14.75
N GLY F 136 -56.59 -37.29 -14.38
CA GLY F 136 -55.91 -37.27 -13.11
C GLY F 136 -54.76 -36.29 -13.14
N LEU F 137 -54.13 -36.11 -11.97
CA LEU F 137 -52.97 -35.24 -11.70
C LEU F 137 -53.32 -33.76 -11.81
N LEU F 138 -54.53 -33.41 -12.21
CA LEU F 138 -54.99 -32.04 -12.35
C LEU F 138 -56.01 -31.66 -11.30
N GLU F 139 -56.77 -32.63 -10.78
CA GLU F 139 -57.61 -32.39 -9.62
C GLU F 139 -56.79 -32.28 -8.35
N LEU F 140 -55.58 -32.85 -8.32
CA LEU F 140 -54.74 -32.71 -7.15
C LEU F 140 -54.17 -31.31 -7.03
N ILE F 141 -54.03 -30.60 -8.14
CA ILE F 141 -53.54 -29.23 -8.11
C ILE F 141 -54.70 -28.25 -7.96
N CYS F 142 -55.72 -28.39 -8.79
CA CYS F 142 -56.93 -27.59 -8.70
C CYS F 142 -57.95 -28.41 -7.89
N LYS F 143 -58.04 -28.11 -6.60
CA LYS F 143 -58.96 -28.83 -5.72
C LYS F 143 -60.04 -27.94 -5.12
N GLY F 144 -59.66 -26.83 -4.50
CA GLY F 144 -60.63 -25.91 -3.95
C GLY F 144 -60.62 -24.57 -4.64
N LYS F 145 -60.50 -24.59 -5.96
CA LYS F 145 -60.36 -23.42 -6.80
C LYS F 145 -61.59 -23.24 -7.68
N PRO F 146 -61.78 -22.04 -8.30
CA PRO F 146 -62.89 -21.89 -9.26
C PRO F 146 -62.78 -22.75 -10.50
N LYS F 147 -63.78 -22.66 -11.39
CA LYS F 147 -63.87 -23.56 -12.53
C LYS F 147 -62.84 -23.23 -13.61
N GLU F 148 -62.28 -22.02 -13.62
CA GLU F 148 -61.29 -21.64 -14.62
C GLU F 148 -59.87 -22.06 -14.24
N CYS F 149 -59.72 -23.00 -13.32
CA CYS F 149 -58.44 -23.66 -13.10
C CYS F 149 -58.23 -24.84 -14.05
N TRP F 150 -59.30 -25.36 -14.63
CA TRP F 150 -59.20 -26.48 -15.54
C TRP F 150 -58.89 -26.07 -16.96
N GLU F 151 -58.94 -24.77 -17.27
CA GLU F 151 -58.74 -24.29 -18.63
C GLU F 151 -57.81 -23.09 -18.73
N GLU F 152 -57.34 -22.52 -17.63
CA GLU F 152 -56.42 -21.40 -17.67
C GLU F 152 -55.27 -21.60 -16.70
N LEU F 153 -54.87 -22.86 -16.45
CA LEU F 153 -53.81 -23.11 -15.49
C LEU F 153 -52.45 -22.73 -16.05
N HIS F 154 -52.23 -22.90 -17.36
CA HIS F 154 -50.91 -22.71 -17.92
C HIS F 154 -50.45 -21.26 -17.96
N LYS F 155 -51.27 -20.30 -17.55
CA LYS F 155 -50.87 -18.91 -17.47
C LYS F 155 -50.55 -18.47 -16.06
N VAL F 156 -50.46 -19.41 -15.11
CA VAL F 156 -50.23 -19.03 -13.71
C VAL F 156 -48.78 -18.63 -13.46
N SER F 157 -47.87 -18.91 -14.40
CA SER F 157 -46.47 -18.56 -14.22
C SER F 157 -46.20 -17.12 -14.65
N CYS F 158 -46.68 -16.75 -15.85
CA CYS F 158 -46.50 -15.40 -16.36
C CYS F 158 -47.31 -14.37 -15.60
N GLY F 159 -48.40 -14.77 -14.98
CA GLY F 159 -49.43 -13.84 -14.60
C GLY F 159 -50.45 -13.71 -15.72
N LYS F 160 -51.20 -12.61 -15.69
CA LYS F 160 -52.26 -12.32 -16.66
C LYS F 160 -53.31 -13.43 -16.70
N THR F 161 -53.81 -13.77 -15.52
CA THR F 161 -54.94 -14.69 -15.36
C THR F 161 -55.93 -14.03 -14.41
N SER F 162 -57.18 -13.88 -14.86
CA SER F 162 -58.18 -13.17 -14.07
C SER F 162 -58.96 -14.12 -13.17
N MET F 163 -58.28 -14.55 -12.10
CA MET F 163 -58.92 -15.36 -11.07
C MET F 163 -58.48 -14.96 -9.65
N LEU F 164 -58.49 -13.64 -9.32
CA LEU F 164 -58.26 -13.11 -7.98
C LEU F 164 -56.88 -13.44 -7.45
N PRO F 165 -55.85 -12.63 -7.76
CA PRO F 165 -54.43 -13.05 -7.60
C PRO F 165 -53.96 -13.55 -6.24
N THR F 166 -54.80 -13.57 -5.20
CA THR F 166 -54.47 -14.36 -4.02
C THR F 166 -54.60 -15.85 -4.33
N VAL F 167 -55.44 -16.20 -5.29
CA VAL F 167 -55.51 -17.59 -5.75
C VAL F 167 -54.32 -17.91 -6.65
N ASN F 168 -53.85 -16.94 -7.41
CA ASN F 168 -52.69 -17.13 -8.26
C ASN F 168 -51.38 -16.96 -7.51
N GLU F 169 -51.41 -16.81 -6.20
CA GLU F 169 -50.21 -16.90 -5.38
C GLU F 169 -50.10 -18.22 -4.64
N GLU F 170 -51.23 -18.79 -4.24
CA GLU F 170 -51.22 -20.11 -3.62
C GLU F 170 -51.53 -21.22 -4.61
N LEU F 171 -51.38 -20.95 -5.90
CA LEU F 171 -51.23 -21.98 -6.91
C LEU F 171 -49.82 -22.06 -7.44
N LYS F 172 -49.07 -20.97 -7.37
CA LYS F 172 -47.63 -20.98 -7.59
C LYS F 172 -46.86 -21.50 -6.39
N LEU F 173 -47.50 -21.62 -5.23
CA LEU F 173 -46.86 -22.15 -4.04
C LEU F 173 -47.12 -23.64 -3.86
N SER F 174 -48.19 -24.15 -4.44
CA SER F 174 -48.47 -25.57 -4.38
C SER F 174 -47.74 -26.35 -5.46
N LEU F 175 -47.29 -25.67 -6.51
CA LEU F 175 -46.47 -26.31 -7.55
C LEU F 175 -44.99 -26.18 -7.26
N GLN F 176 -44.58 -25.11 -6.60
CA GLN F 176 -43.19 -24.92 -6.22
C GLN F 176 -42.79 -25.77 -5.03
N ALA F 177 -43.77 -26.35 -4.32
CA ALA F 177 -43.49 -27.20 -3.18
C ALA F 177 -43.64 -28.68 -3.48
N GLN F 178 -44.28 -29.05 -4.56
CA GLN F 178 -44.27 -30.43 -5.00
C GLN F 178 -42.95 -30.80 -5.65
N SER F 179 -42.22 -29.82 -6.19
CA SER F 179 -40.95 -30.11 -6.81
C SER F 179 -39.83 -30.20 -5.80
N GLN F 180 -39.93 -29.46 -4.70
CA GLN F 180 -38.94 -29.58 -3.65
C GLN F 180 -39.14 -30.81 -2.80
N ILE F 181 -40.28 -31.48 -2.91
CA ILE F 181 -40.44 -32.78 -2.26
C ILE F 181 -39.84 -33.88 -3.12
N LEU F 182 -40.04 -33.81 -4.44
CA LEU F 182 -39.39 -34.75 -5.36
C LEU F 182 -37.90 -34.52 -5.44
N GLY F 183 -37.45 -33.30 -5.16
CA GLY F 183 -36.03 -33.04 -5.11
C GLY F 183 -35.32 -33.74 -3.98
N TRP F 184 -36.02 -33.96 -2.86
CA TRP F 184 -35.44 -34.68 -1.74
C TRP F 184 -35.66 -36.18 -1.80
N CYS F 185 -36.69 -36.64 -2.51
CA CYS F 185 -36.86 -38.08 -2.70
C CYS F 185 -35.85 -38.66 -3.68
N LEU F 186 -35.16 -37.83 -4.44
CA LEU F 186 -34.13 -38.27 -5.38
C LEU F 186 -32.74 -38.27 -4.74
N ILE F 187 -32.45 -37.32 -3.86
CA ILE F 187 -31.18 -37.36 -3.14
C ILE F 187 -31.18 -38.50 -2.12
N CYS F 188 -32.34 -38.83 -1.56
CA CYS F 188 -32.40 -39.82 -0.50
C CYS F 188 -32.37 -41.24 -1.03
N SER F 189 -32.82 -41.46 -2.25
CA SER F 189 -32.83 -42.82 -2.80
C SER F 189 -31.67 -43.09 -3.73
N ALA F 190 -30.96 -42.06 -4.18
CA ALA F 190 -29.70 -42.26 -4.88
C ALA F 190 -28.51 -42.22 -3.95
N SER F 191 -28.73 -41.98 -2.66
CA SER F 191 -27.68 -42.16 -1.67
C SER F 191 -27.80 -43.52 -0.99
N PHE F 192 -29.00 -44.06 -0.89
CA PHE F 192 -29.19 -45.40 -0.38
C PHE F 192 -28.81 -46.46 -1.41
N PHE F 193 -29.09 -46.21 -2.69
CA PHE F 193 -28.70 -47.14 -3.74
C PHE F 193 -27.20 -47.11 -3.98
N SER F 194 -26.57 -45.95 -3.78
CA SER F 194 -25.14 -45.84 -3.99
C SER F 194 -24.35 -46.55 -2.91
N LEU F 195 -24.85 -46.57 -1.68
CA LEU F 195 -24.19 -47.30 -0.61
C LEU F 195 -24.42 -48.80 -0.73
N LEU F 196 -25.53 -49.22 -1.32
CA LEU F 196 -25.86 -50.63 -1.36
C LEU F 196 -25.08 -51.39 -2.43
N THR F 197 -24.73 -50.73 -3.54
CA THR F 197 -23.94 -51.39 -4.57
C THR F 197 -22.45 -51.33 -4.27
N THR F 198 -22.01 -50.34 -3.51
CA THR F 198 -20.61 -50.32 -3.08
C THR F 198 -20.36 -51.34 -1.98
N CYS F 199 -21.30 -51.46 -1.04
CA CYS F 199 -21.16 -52.44 0.03
C CYS F 199 -21.32 -53.88 -0.45
N TYR F 200 -22.00 -54.09 -1.56
CA TYR F 200 -22.10 -55.44 -2.11
C TYR F 200 -20.92 -55.80 -2.99
N ALA F 201 -20.23 -54.81 -3.54
CA ALA F 201 -19.02 -55.08 -4.31
C ALA F 201 -17.80 -55.28 -3.43
N ARG F 202 -17.87 -54.86 -2.17
CA ARG F 202 -16.78 -55.12 -1.22
C ARG F 202 -17.02 -56.37 -0.41
N CYS F 203 -18.28 -56.71 -0.13
CA CYS F 203 -18.58 -57.92 0.62
C CYS F 203 -18.31 -59.17 -0.21
N ARG F 204 -18.31 -59.06 -1.53
CA ARG F 204 -18.05 -60.17 -2.42
C ARG F 204 -16.72 -60.01 -3.15
N SER F 205 -15.78 -59.31 -2.53
CA SER F 205 -14.44 -59.19 -3.09
C SER F 205 -13.69 -60.50 -2.91
N LYS F 206 -12.62 -60.65 -3.69
CA LYS F 206 -11.83 -61.87 -3.66
C LYS F 206 -10.68 -61.80 -2.66
N VAL F 207 -10.30 -60.61 -2.22
CA VAL F 207 -9.19 -60.40 -1.31
C VAL F 207 -9.71 -59.68 -0.07
N SER F 208 -8.93 -59.73 1.00
CA SER F 208 -9.28 -59.09 2.25
C SER F 208 -8.91 -57.62 2.18
N TYR F 209 -8.97 -56.92 3.32
CA TYR F 209 -8.74 -55.48 3.29
C TYR F 209 -7.27 -55.15 3.10
N LEU F 210 -6.38 -55.96 3.65
CA LEU F 210 -4.97 -55.62 3.61
C LEU F 210 -4.36 -55.92 2.25
N GLN F 211 -4.81 -56.99 1.61
CA GLN F 211 -4.33 -57.32 0.27
C GLN F 211 -4.90 -56.36 -0.77
N LEU F 212 -6.10 -55.84 -0.56
CA LEU F 212 -6.67 -54.88 -1.49
C LEU F 212 -5.99 -53.52 -1.39
N SER F 213 -5.26 -53.26 -0.31
CA SER F 213 -4.55 -52.00 -0.18
C SER F 213 -3.16 -52.04 -0.77
N PHE F 214 -2.59 -53.23 -0.96
CA PHE F 214 -1.35 -53.36 -1.71
C PHE F 214 -1.62 -53.39 -3.21
N TRP F 215 -2.74 -53.97 -3.60
CA TRP F 215 -3.16 -54.00 -5.00
C TRP F 215 -3.41 -52.59 -5.53
N LYS F 216 -3.95 -51.70 -4.71
CA LYS F 216 -4.21 -50.33 -5.16
C LYS F 216 -2.95 -49.48 -5.18
N THR F 217 -1.97 -49.78 -4.33
CA THR F 217 -0.71 -49.07 -4.38
C THR F 217 0.13 -49.51 -5.56
N TYR F 218 0.02 -50.79 -5.94
CA TYR F 218 0.78 -51.29 -7.07
C TYR F 218 0.26 -50.73 -8.37
N ALA F 219 -1.06 -50.71 -8.56
CA ALA F 219 -1.64 -50.26 -9.81
C ALA F 219 -1.46 -48.78 -10.05
N GLN F 220 -1.20 -48.00 -9.00
CA GLN F 220 -0.90 -46.59 -9.20
C GLN F 220 0.54 -46.38 -9.61
N LYS F 221 1.44 -47.28 -9.24
CA LYS F 221 2.84 -47.13 -9.58
C LYS F 221 3.26 -48.02 -10.73
N GLU F 222 2.34 -48.73 -11.34
CA GLU F 222 2.61 -49.29 -12.65
C GLU F 222 2.13 -48.36 -13.75
N LYS F 223 1.51 -47.24 -13.39
CA LYS F 223 1.23 -46.21 -14.38
C LYS F 223 2.31 -45.16 -14.42
N GLU F 224 2.95 -44.88 -13.29
CA GLU F 224 4.06 -43.94 -13.27
C GLU F 224 5.28 -44.51 -13.98
N GLN F 225 5.56 -45.79 -13.77
CA GLN F 225 6.73 -46.41 -14.39
C GLN F 225 6.50 -46.65 -15.87
N LEU F 226 5.26 -46.91 -16.28
CA LEU F 226 4.96 -47.15 -17.68
C LEU F 226 4.99 -45.87 -18.51
N GLU F 227 4.84 -44.71 -17.88
CA GLU F 227 4.98 -43.46 -18.61
C GLU F 227 6.42 -42.98 -18.65
N ASN F 228 7.33 -43.64 -17.94
CA ASN F 228 8.75 -43.34 -18.01
C ASN F 228 9.51 -44.31 -18.89
N THR F 229 9.03 -45.54 -19.04
CA THR F 229 9.65 -46.46 -19.98
C THR F 229 9.24 -46.15 -21.40
N PHE F 230 7.99 -45.71 -21.60
CA PHE F 230 7.54 -45.33 -22.93
C PHE F 230 8.25 -44.09 -23.42
N LEU F 231 8.66 -43.23 -22.51
CA LEU F 231 9.34 -41.98 -22.84
C LEU F 231 10.85 -42.16 -22.91
N ASP F 232 11.35 -43.30 -22.49
CA ASP F 232 12.76 -43.65 -22.57
C ASP F 232 13.10 -44.47 -23.80
N TYR F 233 12.16 -45.27 -24.29
CA TYR F 233 12.31 -46.00 -25.53
C TYR F 233 11.82 -45.21 -26.73
N ALA F 234 11.25 -44.03 -26.53
CA ALA F 234 10.86 -43.16 -27.62
C ALA F 234 11.94 -42.15 -27.97
N ASN F 235 12.71 -41.70 -26.98
CA ASN F 235 13.88 -40.88 -27.27
C ASN F 235 14.96 -41.71 -27.94
N LYS F 236 15.11 -42.97 -27.56
CA LYS F 236 16.17 -43.79 -28.12
C LYS F 236 15.83 -44.33 -29.49
N LEU F 237 14.57 -44.29 -29.91
CA LEU F 237 14.21 -44.74 -31.25
C LEU F 237 14.20 -43.61 -32.25
N SER F 238 13.78 -42.42 -31.82
CA SER F 238 13.75 -41.29 -32.73
C SER F 238 15.14 -40.72 -32.97
N GLU F 239 16.07 -40.89 -32.03
CA GLU F 239 17.45 -40.51 -32.26
C GLU F 239 18.12 -41.43 -33.28
N ARG F 240 17.71 -42.69 -33.29
CA ARG F 240 18.28 -43.65 -34.24
C ARG F 240 17.74 -43.41 -35.65
N ASN F 241 16.48 -42.98 -35.76
CA ASN F 241 15.87 -42.80 -37.07
C ASN F 241 16.33 -41.54 -37.77
N LEU F 242 16.62 -40.48 -37.03
CA LEU F 242 17.01 -39.22 -37.64
C LEU F 242 18.46 -39.22 -38.06
N LYS F 243 19.32 -39.98 -37.39
CA LYS F 243 20.71 -40.03 -37.78
C LYS F 243 20.93 -40.95 -38.97
N CYS F 244 20.10 -41.96 -39.15
CA CYS F 244 20.23 -42.84 -40.30
C CYS F 244 19.46 -42.35 -41.50
N PHE F 245 18.81 -41.19 -41.40
CA PHE F 245 18.16 -40.55 -42.54
C PHE F 245 19.00 -39.45 -43.16
N PHE F 246 19.68 -38.66 -42.34
CA PHE F 246 20.49 -37.58 -42.86
C PHE F 246 21.90 -38.01 -43.25
N GLU F 247 22.37 -39.13 -42.72
CA GLU F 247 23.71 -39.63 -43.02
C GLU F 247 23.71 -40.76 -44.05
N ASN F 248 22.52 -41.21 -44.47
CA ASN F 248 22.34 -42.28 -45.46
C ASN F 248 23.03 -43.58 -45.04
N LYS F 249 22.83 -43.96 -43.78
CA LYS F 249 23.40 -45.18 -43.22
C LYS F 249 22.31 -46.23 -43.04
N ARG F 250 22.75 -47.44 -42.72
CA ARG F 250 21.85 -48.50 -42.29
C ARG F 250 21.82 -48.57 -40.77
N PRO F 251 20.67 -48.81 -40.15
CA PRO F 251 20.57 -48.75 -38.69
C PRO F 251 20.80 -50.09 -38.02
N ASP F 252 21.16 -50.01 -36.74
CA ASP F 252 21.24 -51.18 -35.88
C ASP F 252 19.84 -51.61 -35.44
N PRO F 253 19.58 -52.91 -35.33
CA PRO F 253 18.22 -53.37 -35.03
C PRO F 253 17.77 -52.99 -33.63
N PHE F 254 16.48 -52.66 -33.52
CA PHE F 254 15.89 -52.16 -32.28
C PHE F 254 15.03 -53.25 -31.66
N PRO F 255 15.35 -53.71 -30.45
CA PRO F 255 14.57 -54.79 -29.82
C PRO F 255 13.32 -54.26 -29.13
N MET F 256 12.16 -54.56 -29.72
CA MET F 256 10.84 -54.20 -29.25
C MET F 256 10.01 -55.47 -29.10
N PRO F 257 9.00 -55.48 -28.24
CA PRO F 257 8.15 -56.67 -28.10
C PRO F 257 7.31 -56.92 -29.35
N THR F 258 6.96 -58.18 -29.55
CA THR F 258 6.21 -58.58 -30.73
C THR F 258 4.76 -58.12 -30.61
N PHE F 259 4.03 -58.24 -31.72
CA PHE F 259 2.62 -57.84 -31.71
C PHE F 259 1.78 -58.83 -30.90
N ALA F 260 2.20 -60.08 -30.82
CA ALA F 260 1.45 -61.05 -30.03
C ALA F 260 1.61 -60.84 -28.54
N ALA F 261 2.64 -60.11 -28.11
CA ALA F 261 2.82 -59.80 -26.70
C ALA F 261 2.34 -58.42 -26.32
N TRP F 262 2.11 -57.53 -27.28
CA TRP F 262 1.42 -56.27 -26.99
C TRP F 262 -0.06 -56.50 -26.78
N GLU F 263 -0.62 -57.52 -27.44
CA GLU F 263 -2.04 -57.81 -27.32
C GLU F 263 -2.37 -58.61 -26.07
N ALA F 264 -1.43 -59.41 -25.57
CA ALA F 264 -1.69 -60.20 -24.37
C ALA F 264 -1.66 -59.34 -23.12
N ALA F 265 -0.81 -58.32 -23.07
CA ALA F 265 -0.71 -57.45 -21.91
C ALA F 265 -1.71 -56.30 -21.95
N SER F 266 -2.78 -56.43 -22.73
CA SER F 266 -3.83 -55.43 -22.82
C SER F 266 -5.20 -56.04 -22.56
N GLU F 267 -5.25 -57.24 -21.97
CA GLU F 267 -6.52 -57.91 -21.75
C GLU F 267 -7.15 -57.43 -20.45
N LEU F 268 -8.17 -58.14 -19.99
CA LEU F 268 -8.93 -57.75 -18.81
C LEU F 268 -8.52 -58.63 -17.64
N HIS F 269 -8.23 -58.00 -16.51
CA HIS F 269 -7.68 -58.70 -15.36
C HIS F 269 -8.79 -59.19 -14.43
N SER F 270 -8.60 -60.39 -13.89
CA SER F 270 -9.46 -60.93 -12.85
C SER F 270 -8.57 -61.67 -11.85
N PHE F 271 -8.81 -61.46 -10.57
CA PHE F 271 -7.94 -62.02 -9.54
C PHE F 271 -8.19 -63.51 -9.38
N HIS F 272 -7.12 -64.25 -9.14
CA HIS F 272 -7.17 -65.66 -8.78
C HIS F 272 -6.36 -65.85 -7.51
N GLN F 273 -6.97 -66.49 -6.52
CA GLN F 273 -6.27 -66.69 -5.26
C GLN F 273 -5.31 -67.88 -5.27
N SER F 274 -5.22 -68.61 -6.38
CA SER F 274 -4.21 -69.65 -6.50
C SER F 274 -2.86 -69.06 -6.92
N GLN F 275 -2.83 -68.40 -8.07
CA GLN F 275 -1.68 -67.63 -8.52
C GLN F 275 -2.04 -66.16 -8.34
N GLN F 276 -1.46 -65.49 -7.35
CA GLN F 276 -1.89 -64.13 -7.06
C GLN F 276 -1.11 -63.15 -7.92
N HIS F 277 -1.80 -62.55 -8.88
CA HIS F 277 -1.24 -61.57 -9.79
C HIS F 277 -2.02 -60.28 -9.68
N TYR F 278 -1.32 -59.15 -9.68
CA TYR F 278 -1.94 -57.87 -9.42
C TYR F 278 -2.15 -57.05 -10.67
N SER F 279 -1.72 -57.52 -11.84
CA SER F 279 -2.01 -56.87 -13.11
C SER F 279 -1.94 -57.92 -14.19
N THR F 280 -2.44 -57.57 -15.36
CA THR F 280 -2.36 -58.48 -16.49
C THR F 280 -1.00 -58.42 -17.17
N LEU F 281 -0.17 -57.44 -16.83
CA LEU F 281 1.23 -57.45 -17.22
C LEU F 281 2.07 -58.31 -16.29
N HIS F 282 1.65 -58.43 -15.03
CA HIS F 282 2.29 -59.34 -14.11
C HIS F 282 2.01 -60.79 -14.48
N ARG F 283 0.87 -61.05 -15.11
CA ARG F 283 0.55 -62.42 -15.52
C ARG F 283 1.35 -62.86 -16.74
N VAL F 284 1.53 -61.98 -17.73
CA VAL F 284 2.26 -62.37 -18.94
C VAL F 284 3.77 -62.44 -18.74
N VAL F 285 4.27 -61.91 -17.63
CA VAL F 285 5.70 -61.96 -17.34
C VAL F 285 6.05 -63.20 -16.52
N ASP F 286 5.21 -63.55 -15.56
CA ASP F 286 5.41 -64.76 -14.77
C ASP F 286 5.18 -66.02 -15.59
N ASN F 287 4.32 -65.95 -16.59
CA ASN F 287 3.87 -67.12 -17.34
C ASN F 287 4.47 -67.18 -18.73
N GLY F 288 5.72 -66.79 -18.90
CA GLY F 288 6.37 -66.82 -20.20
C GLY F 288 5.96 -65.68 -21.11
N MET G 1 9.67 -21.06 14.24
CA MET G 1 11.00 -20.78 14.76
C MET G 1 11.34 -21.70 15.93
N ASP G 2 10.91 -21.32 17.13
CA ASP G 2 11.15 -22.10 18.33
C ASP G 2 9.91 -22.39 19.16
N ALA G 3 8.93 -21.49 19.18
CA ALA G 3 7.70 -21.72 19.93
C ALA G 3 6.49 -21.96 19.03
N PHE G 4 6.65 -21.83 17.71
CA PHE G 4 5.51 -21.99 16.81
C PHE G 4 5.09 -23.45 16.69
N GLN G 5 6.03 -24.38 16.82
CA GLN G 5 5.67 -25.79 16.88
C GLN G 5 5.26 -26.23 18.28
N GLY G 6 5.56 -25.41 19.29
CA GLY G 6 5.08 -25.69 20.64
C GLY G 6 3.61 -25.38 20.83
N ILE G 7 3.05 -24.49 20.02
CA ILE G 7 1.61 -24.28 20.02
C ILE G 7 0.91 -25.06 18.91
N LEU G 8 1.65 -25.57 17.93
CA LEU G 8 1.09 -26.55 17.00
C LEU G 8 0.80 -27.87 17.69
N LYS G 9 1.56 -28.19 18.74
CA LYS G 9 1.33 -29.41 19.50
C LYS G 9 0.04 -29.34 20.31
N PHE G 10 -0.29 -28.15 20.83
CA PHE G 10 -1.54 -27.98 21.56
C PHE G 10 -2.74 -28.04 20.63
N PHE G 11 -2.59 -27.63 19.38
CA PHE G 11 -3.65 -27.74 18.39
C PHE G 11 -3.70 -29.10 17.71
N LEU G 12 -2.76 -29.99 18.04
CA LEU G 12 -2.76 -31.33 17.49
C LEU G 12 -3.05 -32.40 18.53
N ASN G 13 -2.76 -32.14 19.80
CA ASN G 13 -3.17 -33.06 20.85
C ASN G 13 -4.68 -33.01 21.08
N GLN G 14 -5.26 -31.82 20.93
CA GLN G 14 -6.71 -31.66 20.98
C GLN G 14 -7.28 -31.62 19.55
N LYS G 15 -7.14 -32.73 18.85
CA LYS G 15 -7.60 -32.82 17.47
C LYS G 15 -9.04 -33.29 17.35
N THR G 16 -9.61 -33.86 18.41
CA THR G 16 -10.97 -34.38 18.37
C THR G 16 -12.02 -33.35 18.75
N VAL G 17 -11.65 -32.25 19.40
CA VAL G 17 -12.61 -31.20 19.71
C VAL G 17 -12.60 -30.07 18.69
N ILE G 18 -11.59 -30.04 17.82
CA ILE G 18 -11.60 -29.07 16.72
C ILE G 18 -12.47 -29.57 15.58
N GLY G 19 -12.45 -30.88 15.31
CA GLY G 19 -13.28 -31.43 14.27
C GLY G 19 -14.76 -31.44 14.63
N TYR G 20 -15.08 -31.56 15.92
CA TYR G 20 -16.47 -31.51 16.34
C TYR G 20 -16.97 -30.08 16.45
N SER G 21 -16.09 -29.12 16.73
CA SER G 21 -16.48 -27.72 16.71
C SER G 21 -16.69 -27.23 15.29
N PHE G 22 -15.84 -27.68 14.36
CA PHE G 22 -15.99 -27.32 12.96
C PHE G 22 -17.17 -28.02 12.31
N MET G 23 -17.61 -29.16 12.85
CA MET G 23 -18.79 -29.83 12.32
C MET G 23 -20.06 -29.09 12.71
N ALA G 24 -20.10 -28.54 13.93
CA ALA G 24 -21.27 -27.78 14.35
C ALA G 24 -21.33 -26.41 13.69
N LEU G 25 -20.17 -25.85 13.35
CA LEU G 25 -20.16 -24.55 12.69
C LEU G 25 -20.60 -24.66 11.24
N LEU G 26 -20.43 -25.84 10.63
CA LEU G 26 -20.89 -26.03 9.27
C LEU G 26 -22.38 -26.35 9.21
N THR G 27 -22.91 -27.04 10.22
CA THR G 27 -24.33 -27.37 10.25
C THR G 27 -25.18 -26.14 10.55
N VAL G 28 -24.66 -25.20 11.33
CA VAL G 28 -25.40 -23.99 11.66
C VAL G 28 -25.53 -23.08 10.44
N GLY G 29 -24.41 -22.83 9.75
CA GLY G 29 -24.42 -21.95 8.60
C GLY G 29 -25.10 -22.54 7.38
N SER G 30 -25.17 -23.86 7.28
CA SER G 30 -25.87 -24.48 6.17
C SER G 30 -27.37 -24.56 6.40
N GLU G 31 -27.82 -24.51 7.65
CA GLU G 31 -29.25 -24.46 7.92
C GLU G 31 -29.83 -23.09 7.61
N ARG G 32 -29.05 -22.03 7.81
CA ARG G 32 -29.52 -20.69 7.49
C ARG G 32 -29.61 -20.47 5.98
N LEU G 33 -28.87 -21.24 5.19
CA LEU G 33 -28.99 -21.18 3.74
C LEU G 33 -30.25 -21.86 3.25
N PHE G 34 -30.84 -22.74 4.04
CA PHE G 34 -32.04 -23.46 3.64
C PHE G 34 -33.32 -22.76 4.07
N SER G 35 -33.37 -22.28 5.31
CA SER G 35 -34.59 -21.70 5.83
C SER G 35 -34.83 -20.27 5.35
N VAL G 36 -33.87 -19.67 4.67
CA VAL G 36 -34.03 -18.33 4.13
C VAL G 36 -34.26 -18.36 2.62
N VAL G 37 -33.45 -19.13 1.90
CA VAL G 37 -33.40 -19.06 0.45
C VAL G 37 -34.33 -20.08 -0.21
N ALA G 38 -34.43 -21.28 0.35
CA ALA G 38 -35.17 -22.36 -0.30
C ALA G 38 -36.52 -22.66 0.34
N PHE G 39 -36.66 -22.49 1.65
CA PHE G 39 -37.89 -22.86 2.36
C PHE G 39 -38.91 -21.75 2.24
N LYS G 40 -40.07 -22.05 1.68
CA LYS G 40 -41.24 -21.19 1.80
C LYS G 40 -42.47 -22.07 1.95
N CYS G 41 -43.14 -21.94 3.07
CA CYS G 41 -44.21 -22.85 3.43
C CYS G 41 -45.44 -22.56 2.58
N PRO G 42 -46.09 -23.56 2.01
CA PRO G 42 -47.41 -23.36 1.42
C PRO G 42 -48.44 -23.28 2.55
N CYS G 43 -49.69 -23.16 2.18
CA CYS G 43 -50.74 -23.11 3.18
C CYS G 43 -51.87 -24.03 2.77
N SER G 44 -51.50 -25.27 2.47
CA SER G 44 -52.38 -26.28 1.93
C SER G 44 -52.47 -27.44 2.91
N THR G 45 -53.04 -28.55 2.45
CA THR G 45 -53.01 -29.79 3.21
C THR G 45 -51.67 -30.49 3.13
N GLU G 46 -50.75 -30.03 2.29
CA GLU G 46 -49.42 -30.61 2.19
C GLU G 46 -48.41 -29.90 3.09
N ASN G 47 -48.83 -29.36 4.23
CA ASN G 47 -47.89 -28.79 5.17
C ASN G 47 -47.21 -29.85 6.03
N MET G 48 -47.95 -30.89 6.40
CA MET G 48 -47.37 -31.97 7.20
C MET G 48 -46.26 -32.69 6.45
N THR G 49 -46.36 -32.81 5.14
CA THR G 49 -45.31 -33.47 4.37
C THR G 49 -44.17 -32.53 4.03
N TYR G 50 -44.45 -31.25 3.81
CA TYR G 50 -43.42 -30.34 3.32
C TYR G 50 -42.44 -29.97 4.42
N GLY G 51 -42.93 -29.74 5.63
CA GLY G 51 -42.03 -29.36 6.71
C GLY G 51 -41.31 -30.52 7.35
N LEU G 52 -41.82 -31.72 7.17
CA LEU G 52 -41.25 -32.91 7.76
C LEU G 52 -40.20 -33.55 6.87
N VAL G 53 -40.10 -33.12 5.61
CA VAL G 53 -39.07 -33.57 4.69
C VAL G 53 -37.83 -32.69 4.79
N PHE G 54 -38.02 -31.38 4.95
CA PHE G 54 -36.89 -30.50 5.21
C PHE G 54 -36.26 -30.71 6.58
N LEU G 55 -36.93 -31.40 7.47
CA LEU G 55 -36.41 -31.66 8.81
C LEU G 55 -35.61 -32.96 8.85
N PHE G 56 -36.10 -34.01 8.20
CA PHE G 56 -35.54 -35.34 8.32
C PHE G 56 -34.70 -35.80 7.15
N ALA G 57 -34.97 -35.35 5.93
CA ALA G 57 -34.20 -35.83 4.78
C ALA G 57 -32.76 -35.31 4.68
N PRO G 58 -32.40 -34.09 5.11
CA PRO G 58 -30.96 -33.80 5.24
C PRO G 58 -30.29 -34.52 6.40
N ALA G 59 -31.03 -35.16 7.30
CA ALA G 59 -30.44 -35.97 8.35
C ALA G 59 -30.18 -37.40 7.89
N TRP G 60 -30.99 -37.90 6.96
CA TRP G 60 -30.77 -39.22 6.40
C TRP G 60 -29.60 -39.24 5.43
N VAL G 61 -29.35 -38.12 4.75
CA VAL G 61 -28.20 -38.03 3.85
C VAL G 61 -26.91 -37.96 4.65
N LEU G 62 -26.91 -37.23 5.76
CA LEU G 62 -25.72 -37.11 6.60
C LEU G 62 -25.43 -38.39 7.37
N LEU G 63 -26.39 -39.31 7.47
CA LEU G 63 -26.13 -40.59 8.09
C LEU G 63 -25.45 -41.54 7.11
N ILE G 64 -25.88 -41.52 5.85
CA ILE G 64 -25.29 -42.38 4.83
C ILE G 64 -23.91 -41.87 4.44
N LEU G 65 -23.72 -40.55 4.46
CA LEU G 65 -22.40 -39.97 4.25
C LEU G 65 -21.45 -40.26 5.40
N GLY G 66 -21.95 -40.67 6.57
CA GLY G 66 -21.08 -41.06 7.66
C GLY G 66 -20.62 -42.49 7.60
N PHE G 67 -21.26 -43.33 6.79
CA PHE G 67 -20.80 -44.69 6.56
C PHE G 67 -19.78 -44.77 5.44
N PHE G 68 -19.77 -43.80 4.53
CA PHE G 68 -18.78 -43.79 3.46
C PHE G 68 -17.41 -43.37 3.99
N LEU G 69 -17.38 -42.44 4.94
CA LEU G 69 -16.15 -41.84 5.39
C LEU G 69 -15.57 -42.52 6.63
N ASN G 70 -16.20 -43.58 7.11
CA ASN G 70 -15.69 -44.33 8.25
C ASN G 70 -14.70 -45.36 7.74
N ASN G 71 -13.45 -45.28 8.20
CA ASN G 71 -12.41 -46.15 7.68
C ASN G 71 -12.52 -47.58 8.21
N ARG G 72 -13.14 -47.77 9.36
CA ARG G 72 -13.23 -49.09 9.95
C ARG G 72 -14.51 -49.82 9.60
N SER G 73 -15.37 -49.22 8.79
CA SER G 73 -16.50 -49.96 8.24
C SER G 73 -16.10 -50.76 7.01
N TRP G 74 -15.02 -50.38 6.35
CA TRP G 74 -14.51 -51.12 5.20
C TRP G 74 -13.50 -52.18 5.59
N ARG G 75 -12.79 -51.99 6.69
CA ARG G 75 -11.90 -53.02 7.20
C ARG G 75 -12.67 -54.23 7.71
N LEU G 76 -13.89 -54.01 8.19
CA LEU G 76 -14.67 -55.11 8.72
C LEU G 76 -15.31 -55.92 7.60
N PHE G 77 -15.78 -55.27 6.55
CA PHE G 77 -16.68 -55.91 5.60
C PHE G 77 -16.02 -56.37 4.31
N THR G 78 -14.80 -55.94 4.01
CA THR G 78 -14.16 -56.34 2.75
C THR G 78 -13.76 -57.81 2.79
N GLY G 79 -14.18 -58.56 1.78
CA GLY G 79 -13.88 -59.96 1.73
C GLY G 79 -14.72 -60.81 2.65
N CYS G 80 -15.94 -60.34 2.98
CA CYS G 80 -16.75 -61.01 3.99
C CYS G 80 -17.31 -62.34 3.49
N CYS G 81 -17.80 -62.39 2.25
CA CYS G 81 -18.46 -63.60 1.76
C CYS G 81 -17.48 -64.71 1.39
N VAL G 82 -16.17 -64.46 1.41
CA VAL G 82 -15.20 -65.51 1.17
C VAL G 82 -15.18 -66.48 2.34
N ASN G 83 -15.06 -65.95 3.56
CA ASN G 83 -15.06 -66.75 4.78
C ASN G 83 -15.71 -65.91 5.85
N PRO G 84 -17.00 -66.13 6.14
CA PRO G 84 -17.69 -65.28 7.12
C PRO G 84 -17.27 -65.52 8.55
N ARG G 85 -16.62 -66.64 8.84
CA ARG G 85 -16.24 -67.01 10.21
C ARG G 85 -15.04 -66.24 10.72
N LYS G 86 -14.41 -65.39 9.91
CA LYS G 86 -13.38 -64.50 10.40
C LYS G 86 -13.95 -63.18 10.92
N ILE G 87 -15.24 -62.94 10.72
CA ILE G 87 -15.93 -61.82 11.33
C ILE G 87 -16.84 -62.28 12.46
N PHE G 88 -17.29 -63.54 12.45
CA PHE G 88 -17.99 -64.18 13.56
C PHE G 88 -17.10 -65.27 14.15
N PRO G 89 -16.10 -64.93 14.96
CA PRO G 89 -15.21 -65.98 15.47
C PRO G 89 -15.89 -66.81 16.54
N ARG G 90 -15.29 -67.98 16.81
CA ARG G 90 -15.92 -68.93 17.71
C ARG G 90 -15.76 -68.53 19.18
N GLY G 91 -14.60 -68.02 19.56
CA GLY G 91 -14.35 -67.65 20.94
C GLY G 91 -15.12 -66.44 21.41
N HIS G 92 -15.18 -65.41 20.58
CA HIS G 92 -15.81 -64.14 20.93
C HIS G 92 -16.86 -63.81 19.86
N SER G 93 -18.07 -64.34 20.03
CA SER G 93 -19.11 -64.18 19.03
C SER G 93 -19.89 -62.88 19.18
N CYS G 94 -19.55 -62.02 20.12
CA CYS G 94 -20.30 -60.81 20.38
C CYS G 94 -19.47 -59.55 20.13
N ARG G 95 -18.25 -59.69 19.61
CA ARG G 95 -17.49 -58.51 19.24
C ARG G 95 -17.91 -57.96 17.88
N PHE G 96 -18.61 -58.74 17.07
CA PHE G 96 -19.13 -58.23 15.80
C PHE G 96 -20.18 -57.16 16.03
N PHE G 97 -21.04 -57.35 17.03
CA PHE G 97 -22.04 -56.34 17.36
C PHE G 97 -21.45 -55.18 18.14
N TYR G 98 -20.28 -55.36 18.75
CA TYR G 98 -19.62 -54.25 19.42
C TYR G 98 -19.03 -53.28 18.42
N VAL G 99 -18.39 -53.79 17.35
CA VAL G 99 -17.79 -52.91 16.36
C VAL G 99 -18.87 -52.32 15.46
N LEU G 100 -19.93 -53.08 15.19
CA LEU G 100 -21.03 -52.58 14.37
C LEU G 100 -21.82 -51.50 15.08
N GLY G 101 -22.02 -51.63 16.40
CA GLY G 101 -22.64 -50.57 17.16
C GLY G 101 -21.75 -49.36 17.33
N GLN G 102 -20.43 -49.54 17.29
CA GLN G 102 -19.52 -48.41 17.41
C GLN G 102 -19.50 -47.57 16.13
N ILE G 103 -19.74 -48.21 14.99
CA ILE G 103 -19.82 -47.47 13.72
C ILE G 103 -21.11 -46.67 13.66
N THR G 104 -22.21 -47.23 14.17
CA THR G 104 -23.51 -46.57 14.11
C THR G 104 -23.58 -45.37 15.04
N LEU G 105 -23.06 -45.49 16.27
CA LEU G 105 -23.10 -44.38 17.21
C LEU G 105 -22.12 -43.27 16.84
N SER G 106 -21.09 -43.58 16.07
CA SER G 106 -20.12 -42.57 15.68
C SER G 106 -20.57 -41.76 14.48
N SER G 107 -21.54 -42.26 13.71
CA SER G 107 -22.06 -41.57 12.55
C SER G 107 -23.44 -40.98 12.79
N LEU G 108 -24.00 -41.18 13.99
CA LEU G 108 -25.23 -40.53 14.40
C LEU G 108 -25.01 -39.17 15.03
N VAL G 109 -23.79 -38.64 14.96
CA VAL G 109 -23.50 -37.36 15.58
C VAL G 109 -23.93 -36.22 14.66
N ALA G 110 -23.65 -36.32 13.37
CA ALA G 110 -24.08 -35.33 12.40
C ALA G 110 -25.59 -35.26 12.13
N PRO G 111 -26.37 -36.36 12.14
CA PRO G 111 -27.83 -36.18 12.09
C PRO G 111 -28.42 -35.55 13.34
N VAL G 112 -27.85 -35.82 14.52
CA VAL G 112 -28.39 -35.24 15.75
C VAL G 112 -28.04 -33.76 15.84
N MET G 113 -26.90 -33.35 15.29
CA MET G 113 -26.58 -31.93 15.23
C MET G 113 -27.36 -31.19 14.15
N TRP G 114 -28.05 -31.89 13.26
CA TRP G 114 -28.91 -31.20 12.31
C TRP G 114 -30.30 -30.96 12.87
N LEU G 115 -30.87 -31.96 13.56
CA LEU G 115 -32.20 -31.79 14.13
C LEU G 115 -32.23 -30.78 15.26
N SER G 116 -31.11 -30.59 15.95
CA SER G 116 -31.08 -29.64 17.05
C SER G 116 -31.05 -28.20 16.56
N VAL G 117 -30.25 -27.92 15.54
CA VAL G 117 -30.20 -26.57 15.00
C VAL G 117 -31.44 -26.26 14.17
N ALA G 118 -32.06 -27.26 13.55
CA ALA G 118 -33.25 -27.00 12.77
C ALA G 118 -34.49 -26.82 13.62
N LEU G 119 -34.51 -27.36 14.83
CA LEU G 119 -35.63 -27.11 15.74
C LEU G 119 -35.43 -25.87 16.60
N LEU G 120 -34.19 -25.42 16.81
CA LEU G 120 -33.92 -24.19 17.54
C LEU G 120 -34.14 -22.96 16.69
N ASN G 121 -34.28 -23.12 15.38
CA ASN G 121 -34.72 -22.07 14.47
C ASN G 121 -36.07 -22.56 13.95
N GLY G 122 -37.12 -22.27 14.71
CA GLY G 122 -38.36 -23.01 14.57
C GLY G 122 -39.23 -22.71 13.37
N THR G 123 -38.66 -22.73 12.17
CA THR G 123 -39.46 -22.56 10.96
C THR G 123 -39.98 -23.88 10.40
N PHE G 124 -39.18 -24.95 10.46
CA PHE G 124 -39.61 -26.23 9.91
C PHE G 124 -40.71 -26.87 10.76
N TYR G 125 -40.70 -26.63 12.06
CA TYR G 125 -41.72 -27.19 12.94
C TYR G 125 -43.00 -26.37 12.87
N GLU G 126 -42.90 -25.10 12.52
CA GLU G 126 -44.08 -24.24 12.45
C GLU G 126 -44.92 -24.57 11.22
N CYS G 127 -44.26 -24.90 10.10
CA CYS G 127 -44.97 -25.36 8.92
C CYS G 127 -45.56 -26.75 9.13
N ALA G 128 -44.88 -27.61 9.87
CA ALA G 128 -45.30 -29.00 9.97
C ALA G 128 -46.33 -29.27 11.05
N MET G 129 -46.32 -28.49 12.13
CA MET G 129 -47.31 -28.68 13.20
C MET G 129 -48.59 -27.92 12.92
N SER G 130 -48.57 -26.92 12.03
CA SER G 130 -49.78 -26.21 11.64
C SER G 130 -50.78 -27.14 10.96
N GLY G 131 -50.37 -27.83 9.90
CA GLY G 131 -51.27 -28.77 9.29
C GLY G 131 -51.29 -30.09 10.03
N THR G 132 -51.93 -30.14 11.19
CA THR G 132 -51.83 -31.33 12.03
C THR G 132 -52.98 -32.31 11.87
N ARG G 133 -54.24 -31.84 11.87
CA ARG G 133 -55.45 -32.65 11.71
C ARG G 133 -55.52 -33.80 12.71
N SER G 134 -55.60 -33.44 13.99
CA SER G 134 -55.63 -34.42 15.06
C SER G 134 -56.53 -33.92 16.17
N SER G 135 -57.24 -34.86 16.81
CA SER G 135 -58.19 -34.52 17.87
C SER G 135 -57.46 -33.98 19.10
N GLY G 136 -56.52 -34.76 19.62
CA GLY G 136 -55.55 -34.22 20.54
C GLY G 136 -54.51 -33.41 19.80
N LEU G 137 -53.59 -32.80 20.58
CA LEU G 137 -52.45 -32.01 20.10
C LEU G 137 -52.88 -30.75 19.33
N LEU G 138 -54.18 -30.42 19.39
CA LEU G 138 -54.75 -29.28 18.70
C LEU G 138 -55.50 -28.35 19.65
N GLU G 139 -56.06 -28.89 20.73
CA GLU G 139 -56.56 -28.04 21.81
C GLU G 139 -55.42 -27.43 22.60
N LEU G 140 -54.24 -28.04 22.59
CA LEU G 140 -53.10 -27.45 23.28
C LEU G 140 -52.59 -26.21 22.55
N ILE G 141 -52.79 -26.14 21.24
CA ILE G 141 -52.40 -24.96 20.49
C ILE G 141 -53.53 -23.95 20.43
N CYS G 142 -54.73 -24.38 20.07
CA CYS G 142 -55.91 -23.54 20.06
C CYS G 142 -56.65 -23.77 21.37
N LYS G 143 -56.41 -22.88 22.34
CA LYS G 143 -57.07 -23.00 23.65
C LYS G 143 -57.99 -21.83 23.94
N GLY G 144 -57.50 -20.61 23.86
CA GLY G 144 -58.34 -19.45 24.12
C GLY G 144 -58.55 -18.60 22.88
N LYS G 145 -58.76 -19.26 21.75
CA LYS G 145 -58.89 -18.65 20.44
C LYS G 145 -60.31 -18.78 19.92
N PRO G 146 -60.68 -18.04 18.85
CA PRO G 146 -62.00 -18.24 18.22
C PRO G 146 -62.20 -19.61 17.59
N LYS G 147 -63.39 -19.84 17.04
CA LYS G 147 -63.74 -21.16 16.53
C LYS G 147 -63.03 -21.51 15.23
N GLU G 148 -62.53 -20.51 14.50
CA GLU G 148 -61.83 -20.76 13.24
C GLU G 148 -60.34 -21.05 13.44
N CYS G 149 -59.93 -21.50 14.63
CA CYS G 149 -58.62 -22.08 14.82
C CYS G 149 -58.61 -23.58 14.53
N TRP G 150 -59.78 -24.22 14.55
CA TRP G 150 -59.87 -25.64 14.28
C TRP G 150 -59.95 -25.95 12.79
N GLU G 151 -60.14 -24.95 11.94
CA GLU G 151 -60.33 -25.18 10.52
C GLU G 151 -59.52 -24.25 9.63
N GLU G 152 -58.80 -23.28 10.17
CA GLU G 152 -57.98 -22.38 9.37
C GLU G 152 -56.58 -22.22 9.97
N LEU G 153 -56.12 -23.24 10.69
CA LEU G 153 -54.82 -23.12 11.35
C LEU G 153 -53.67 -23.18 10.37
N HIS G 154 -53.81 -23.95 9.29
CA HIS G 154 -52.69 -24.18 8.38
C HIS G 154 -52.33 -22.96 7.54
N LYS G 155 -53.05 -21.86 7.65
CA LYS G 155 -52.70 -20.63 6.94
C LYS G 155 -52.05 -19.60 7.84
N VAL G 156 -51.68 -19.98 9.07
CA VAL G 156 -51.13 -19.00 10.00
C VAL G 156 -49.68 -18.64 9.68
N SER G 157 -49.03 -19.38 8.80
CA SER G 157 -47.65 -19.10 8.42
C SER G 157 -47.58 -18.07 7.31
N CYS G 158 -48.38 -18.25 6.25
CA CYS G 158 -48.39 -17.33 5.12
C CYS G 158 -49.00 -15.99 5.48
N GLY G 159 -49.82 -15.92 6.53
CA GLY G 159 -50.77 -14.85 6.65
C GLY G 159 -52.02 -15.22 5.87
N LYS G 160 -52.81 -14.20 5.54
CA LYS G 160 -54.09 -14.33 4.82
C LYS G 160 -55.05 -15.27 5.56
N THR G 161 -55.30 -14.92 6.82
CA THR G 161 -56.27 -15.62 7.65
C THR G 161 -57.08 -14.55 8.38
N SER G 162 -58.40 -14.59 8.24
CA SER G 162 -59.22 -13.52 8.80
C SER G 162 -59.65 -13.84 10.22
N MET G 163 -58.72 -13.77 11.16
CA MET G 163 -59.03 -13.92 12.57
C MET G 163 -58.30 -12.91 13.45
N LEU G 164 -58.34 -11.60 13.10
CA LEU G 164 -57.88 -10.50 13.94
C LEU G 164 -56.40 -10.57 14.26
N PRO G 165 -55.53 -10.08 13.37
CA PRO G 165 -54.11 -10.50 13.33
C PRO G 165 -53.26 -10.29 14.60
N THR G 166 -53.80 -9.75 15.69
CA THR G 166 -53.10 -9.88 16.96
C THR G 166 -53.17 -11.31 17.47
N VAL G 167 -54.19 -12.06 17.05
CA VAL G 167 -54.25 -13.49 17.35
C VAL G 167 -53.29 -14.26 16.46
N ASN G 168 -53.11 -13.79 15.22
CA ASN G 168 -52.26 -14.51 14.28
C ASN G 168 -50.78 -14.24 14.53
N GLU G 169 -50.47 -13.31 15.43
CA GLU G 169 -49.08 -13.14 15.83
C GLU G 169 -48.75 -14.01 17.04
N GLU G 170 -49.69 -14.13 17.97
CA GLU G 170 -49.44 -14.97 19.13
C GLU G 170 -49.93 -16.40 18.94
N LEU G 171 -50.20 -16.82 17.71
CA LEU G 171 -50.25 -18.24 17.37
C LEU G 171 -48.99 -18.68 16.64
N LYS G 172 -48.30 -17.77 15.99
CA LYS G 172 -46.97 -18.03 15.46
C LYS G 172 -45.91 -18.02 16.54
N LEU G 173 -46.20 -17.43 17.71
CA LEU G 173 -45.23 -17.41 18.79
C LEU G 173 -45.36 -18.60 19.71
N SER G 174 -46.56 -19.17 19.83
CA SER G 174 -46.73 -20.36 20.65
C SER G 174 -46.29 -21.62 19.94
N LEU G 175 -46.09 -21.58 18.63
CA LEU G 175 -45.54 -22.69 17.86
C LEU G 175 -44.05 -22.56 17.64
N GLN G 176 -43.54 -21.35 17.56
CA GLN G 176 -42.11 -21.14 17.46
C GLN G 176 -41.39 -21.37 18.78
N ALA G 177 -42.13 -21.47 19.88
CA ALA G 177 -41.56 -21.73 21.20
C ALA G 177 -41.68 -23.17 21.64
N GLN G 178 -42.59 -23.95 21.07
CA GLN G 178 -42.62 -25.37 21.35
C GLN G 178 -41.52 -26.13 20.63
N SER G 179 -40.98 -25.57 19.56
CA SER G 179 -39.87 -26.21 18.86
C SER G 179 -38.53 -25.89 19.48
N GLN G 180 -38.40 -24.72 20.09
CA GLN G 180 -37.16 -24.40 20.78
C GLN G 180 -37.06 -25.06 22.14
N ILE G 181 -38.17 -25.55 22.67
CA ILE G 181 -38.10 -26.38 23.88
C ILE G 181 -37.69 -27.79 23.53
N LEU G 182 -38.23 -28.34 22.43
CA LEU G 182 -37.80 -29.65 21.95
C LEU G 182 -36.39 -29.64 21.42
N GLY G 183 -35.93 -28.50 20.93
CA GLY G 183 -34.55 -28.39 20.48
C GLY G 183 -33.55 -28.51 21.60
N TRP G 184 -33.93 -28.11 22.82
CA TRP G 184 -33.05 -28.24 23.97
C TRP G 184 -33.21 -29.57 24.69
N CYS G 185 -34.36 -30.22 24.58
CA CYS G 185 -34.51 -31.57 25.12
C CYS G 185 -33.72 -32.59 24.33
N LEU G 186 -33.37 -32.29 23.09
CA LEU G 186 -32.60 -33.21 22.27
C LEU G 186 -31.10 -33.08 22.53
N ILE G 187 -30.62 -31.85 22.77
CA ILE G 187 -29.21 -31.68 23.09
C ILE G 187 -28.90 -32.21 24.48
N CYS G 188 -29.82 -32.00 25.42
CA CYS G 188 -29.58 -32.39 26.79
C CYS G 188 -29.68 -33.89 27.03
N SER G 189 -30.37 -34.62 26.15
CA SER G 189 -30.46 -36.06 26.31
C SER G 189 -29.52 -36.83 25.41
N ALA G 190 -29.02 -36.20 24.34
CA ALA G 190 -27.98 -36.83 23.54
C ALA G 190 -26.61 -36.63 24.13
N SER G 191 -26.40 -35.52 24.84
CA SER G 191 -25.13 -35.32 25.53
C SER G 191 -25.01 -36.20 26.76
N PHE G 192 -26.12 -36.46 27.43
CA PHE G 192 -26.08 -37.34 28.59
C PHE G 192 -25.97 -38.81 28.19
N PHE G 193 -26.54 -39.19 27.05
CA PHE G 193 -26.41 -40.55 26.56
C PHE G 193 -25.03 -40.80 25.99
N SER G 194 -24.40 -39.78 25.41
CA SER G 194 -23.08 -39.95 24.82
C SER G 194 -22.00 -40.08 25.89
N LEU G 195 -22.24 -39.55 27.09
CA LEU G 195 -21.29 -39.74 28.17
C LEU G 195 -21.48 -41.07 28.87
N LEU G 196 -22.69 -41.61 28.85
CA LEU G 196 -22.96 -42.84 29.57
C LEU G 196 -22.44 -44.07 28.85
N THR G 197 -22.45 -44.06 27.51
CA THR G 197 -21.93 -45.20 26.77
C THR G 197 -20.42 -45.12 26.59
N THR G 198 -19.85 -43.92 26.67
CA THR G 198 -18.39 -43.82 26.67
C THR G 198 -17.81 -44.23 28.02
N CYS G 199 -18.42 -43.76 29.11
CA CYS G 199 -17.93 -44.12 30.45
C CYS G 199 -18.18 -45.57 30.79
N TYR G 200 -19.09 -46.24 30.11
CA TYR G 200 -19.27 -47.67 30.32
C TYR G 200 -18.35 -48.50 29.46
N ALA G 201 -17.86 -47.97 28.34
CA ALA G 201 -16.88 -48.66 27.53
C ALA G 201 -15.47 -48.54 28.08
N ARG G 202 -15.22 -47.53 28.91
CA ARG G 202 -13.92 -47.39 29.58
C ARG G 202 -13.88 -48.07 30.92
N CYS G 203 -15.01 -48.14 31.63
CA CYS G 203 -15.05 -48.83 32.91
C CYS G 203 -14.94 -50.33 32.76
N ARG G 204 -15.20 -50.86 31.57
CA ARG G 204 -15.10 -52.29 31.31
C ARG G 204 -14.01 -52.61 30.28
N SER G 205 -12.99 -51.76 30.20
CA SER G 205 -11.84 -52.05 29.36
C SER G 205 -11.02 -53.17 29.98
N LYS G 206 -10.27 -53.87 29.14
CA LYS G 206 -9.45 -54.98 29.59
C LYS G 206 -8.09 -54.54 30.14
N VAL G 207 -7.69 -53.30 29.86
CA VAL G 207 -6.40 -52.78 30.28
C VAL G 207 -6.63 -51.52 31.11
N SER G 208 -5.58 -51.09 31.79
CA SER G 208 -5.65 -49.89 32.60
C SER G 208 -5.34 -48.68 31.73
N TYR G 209 -5.13 -47.52 32.35
CA TYR G 209 -4.99 -46.29 31.57
C TYR G 209 -3.64 -46.22 30.88
N LEU G 210 -2.58 -46.67 31.54
CA LEU G 210 -1.25 -46.53 30.98
C LEU G 210 -1.01 -47.51 29.83
N GLN G 211 -1.58 -48.71 29.91
CA GLN G 211 -1.43 -49.66 28.82
C GLN G 211 -2.28 -49.27 27.62
N LEU G 212 -3.40 -48.59 27.84
CA LEU G 212 -4.21 -48.13 26.73
C LEU G 212 -3.60 -46.94 26.01
N SER G 213 -2.63 -46.30 26.62
CA SER G 213 -1.96 -45.19 25.96
C SER G 213 -0.79 -45.63 25.10
N PHE G 214 -0.22 -46.80 25.40
CA PHE G 214 0.78 -47.39 24.52
C PHE G 214 0.14 -48.12 23.37
N TRP G 215 -1.03 -48.71 23.61
CA TRP G 215 -1.80 -49.37 22.56
C TRP G 215 -2.25 -48.39 21.49
N LYS G 216 -2.58 -47.17 21.86
CA LYS G 216 -3.02 -46.19 20.88
C LYS G 216 -1.86 -45.54 20.13
N THR G 217 -0.67 -45.49 20.74
CA THR G 217 0.50 -44.99 20.05
C THR G 217 1.02 -46.02 19.07
N TYR G 218 0.91 -47.30 19.41
CA TYR G 218 1.36 -48.36 18.53
C TYR G 218 0.49 -48.46 17.29
N ALA G 219 -0.83 -48.33 17.45
CA ALA G 219 -1.73 -48.49 16.32
C ALA G 219 -1.68 -47.32 15.36
N GLN G 220 -1.08 -46.20 15.74
CA GLN G 220 -0.90 -45.12 14.78
C GLN G 220 0.43 -45.23 14.07
N LYS G 221 1.41 -45.89 14.66
CA LYS G 221 2.69 -46.10 13.99
C LYS G 221 2.68 -47.34 13.12
N GLU G 222 1.76 -48.26 13.31
CA GLU G 222 1.67 -49.38 12.40
C GLU G 222 0.94 -49.02 11.12
N LYS G 223 0.16 -47.94 11.12
CA LYS G 223 -0.42 -47.49 9.86
C LYS G 223 0.57 -46.67 9.05
N GLU G 224 1.46 -45.95 9.71
CA GLU G 224 2.49 -45.21 8.99
C GLU G 224 3.52 -46.13 8.39
N GLN G 225 3.94 -47.16 9.12
CA GLN G 225 4.96 -48.07 8.62
C GLN G 225 4.40 -49.00 7.55
N LEU G 226 3.10 -49.28 7.57
CA LEU G 226 2.50 -50.12 6.54
C LEU G 226 2.35 -49.39 5.22
N GLU G 227 2.13 -48.08 5.25
CA GLU G 227 2.04 -47.32 4.01
C GLU G 227 3.39 -47.07 3.37
N ASN G 228 4.49 -47.30 4.10
CA ASN G 228 5.82 -47.18 3.54
C ASN G 228 6.40 -48.52 3.10
N THR G 229 5.94 -49.63 3.69
CA THR G 229 6.35 -50.93 3.22
C THR G 229 5.59 -51.34 1.97
N PHE G 230 4.31 -50.96 1.89
CA PHE G 230 3.52 -51.23 0.70
C PHE G 230 4.03 -50.46 -0.51
N LEU G 231 4.63 -49.30 -0.28
CA LEU G 231 5.13 -48.45 -1.34
C LEU G 231 6.58 -48.75 -1.67
N ASP G 232 7.25 -49.55 -0.84
CA ASP G 232 8.61 -50.00 -1.08
C ASP G 232 8.66 -51.32 -1.82
N TYR G 233 7.65 -52.16 -1.62
CA TYR G 233 7.52 -53.42 -2.32
C TYR G 233 6.72 -53.32 -3.60
N ALA G 234 6.13 -52.16 -3.88
CA ALA G 234 5.44 -51.94 -5.14
C ALA G 234 6.29 -51.22 -6.16
N ASN G 235 7.28 -50.45 -5.71
CA ASN G 235 8.28 -49.93 -6.64
C ASN G 235 9.26 -50.99 -7.06
N LYS G 236 9.56 -51.94 -6.19
CA LYS G 236 10.49 -53.01 -6.53
C LYS G 236 9.86 -54.11 -7.34
N LEU G 237 8.53 -54.15 -7.46
CA LEU G 237 7.85 -55.16 -8.25
C LEU G 237 7.52 -54.67 -9.65
N SER G 238 7.17 -53.39 -9.80
CA SER G 238 6.89 -52.87 -11.12
C SER G 238 8.16 -52.60 -11.91
N GLU G 239 9.29 -52.38 -11.24
CA GLU G 239 10.57 -52.30 -11.95
C GLU G 239 10.96 -53.65 -12.53
N ARG G 240 10.64 -54.73 -11.83
CA ARG G 240 10.96 -56.07 -12.31
C ARG G 240 10.05 -56.46 -13.47
N ASN G 241 8.80 -56.03 -13.45
CA ASN G 241 7.85 -56.42 -14.49
C ASN G 241 8.06 -55.68 -15.79
N LEU G 242 8.46 -54.41 -15.73
CA LEU G 242 8.64 -53.63 -16.95
C LEU G 242 9.93 -53.95 -17.67
N LYS G 243 10.94 -54.45 -16.96
CA LYS G 243 12.20 -54.80 -17.61
C LYS G 243 12.12 -56.16 -18.27
N CYS G 244 11.37 -57.10 -17.72
CA CYS G 244 11.25 -58.41 -18.31
C CYS G 244 10.16 -58.47 -19.36
N PHE G 245 9.50 -57.35 -19.66
CA PHE G 245 8.53 -57.27 -20.75
C PHE G 245 9.13 -56.68 -22.01
N PHE G 246 9.97 -55.65 -21.88
CA PHE G 246 10.57 -55.04 -23.05
C PHE G 246 11.81 -55.80 -23.52
N GLU G 247 12.55 -56.42 -22.60
CA GLU G 247 13.78 -57.11 -22.96
C GLU G 247 13.56 -58.57 -23.30
N ASN G 248 12.33 -59.07 -23.15
CA ASN G 248 11.94 -60.46 -23.43
C ASN G 248 12.79 -61.46 -22.64
N LYS G 249 12.90 -61.20 -21.35
CA LYS G 249 13.64 -62.07 -20.44
C LYS G 249 12.68 -62.82 -19.53
N ARG G 250 13.23 -63.76 -18.78
CA ARG G 250 12.51 -64.44 -17.71
C ARG G 250 12.89 -63.83 -16.37
N PRO G 251 11.94 -63.64 -15.47
CA PRO G 251 12.22 -62.89 -14.24
C PRO G 251 12.65 -63.78 -13.08
N ASP G 252 13.31 -63.13 -12.11
CA ASP G 252 13.66 -63.77 -10.85
C ASP G 252 12.46 -63.75 -9.91
N PRO G 253 12.30 -64.79 -9.09
CA PRO G 253 11.09 -64.91 -8.27
C PRO G 253 11.00 -63.83 -7.19
N PHE G 254 9.77 -63.40 -6.91
CA PHE G 254 9.51 -62.32 -5.96
C PHE G 254 8.89 -62.90 -4.71
N PRO G 255 9.54 -62.82 -3.55
CA PRO G 255 8.98 -63.37 -2.31
C PRO G 255 7.92 -62.46 -1.69
N MET G 256 6.66 -62.87 -1.80
CA MET G 256 5.50 -62.23 -1.24
C MET G 256 4.81 -63.21 -0.29
N PRO G 257 4.07 -62.73 0.70
CA PRO G 257 3.35 -63.64 1.59
C PRO G 257 2.25 -64.39 0.87
N THR G 258 1.88 -65.54 1.44
CA THR G 258 0.87 -66.39 0.82
C THR G 258 -0.52 -65.79 1.02
N PHE G 259 -1.49 -66.38 0.32
CA PHE G 259 -2.87 -65.94 0.48
C PHE G 259 -3.41 -66.34 1.85
N ALA G 260 -2.92 -67.44 2.41
CA ALA G 260 -3.38 -67.87 3.72
C ALA G 260 -2.90 -66.97 4.84
N ALA G 261 -1.80 -66.23 4.64
CA ALA G 261 -1.32 -65.30 5.63
C ALA G 261 -1.73 -63.86 5.36
N TRP G 262 -2.18 -63.55 4.15
CA TRP G 262 -2.81 -62.26 3.91
C TRP G 262 -4.19 -62.21 4.54
N GLU G 263 -4.84 -63.37 4.67
CA GLU G 263 -6.19 -63.43 5.24
C GLU G 263 -6.18 -63.48 6.76
N ALA G 264 -5.14 -64.08 7.36
CA ALA G 264 -5.08 -64.18 8.81
C ALA G 264 -4.76 -62.84 9.46
N ALA G 265 -3.98 -62.00 8.79
CA ALA G 265 -3.61 -60.69 9.33
C ALA G 265 -4.64 -59.62 9.03
N SER G 266 -5.85 -60.01 8.64
CA SER G 266 -6.95 -59.07 8.39
C SER G 266 -8.18 -59.42 9.21
N GLU G 267 -8.02 -60.14 10.30
CA GLU G 267 -9.15 -60.52 11.12
C GLU G 267 -9.46 -59.42 12.14
N LEU G 268 -10.31 -59.73 13.10
CA LEU G 268 -10.77 -58.77 14.08
C LEU G 268 -10.06 -59.02 15.41
N HIS G 269 -9.49 -57.96 15.99
CA HIS G 269 -8.63 -58.09 17.15
C HIS G 269 -9.42 -57.97 18.46
N SER G 270 -9.04 -58.78 19.43
CA SER G 270 -9.58 -58.70 20.78
C SER G 270 -8.43 -58.94 21.77
N PHE G 271 -8.35 -58.12 22.80
CA PHE G 271 -7.23 -58.20 23.74
C PHE G 271 -7.37 -59.40 24.66
N HIS G 272 -6.25 -60.05 24.94
CA HIS G 272 -6.15 -61.09 25.95
C HIS G 272 -5.04 -60.70 26.92
N GLN G 273 -5.34 -60.74 28.21
CA GLN G 273 -4.35 -60.35 29.20
C GLN G 273 -3.35 -61.46 29.52
N SER G 274 -3.51 -62.65 28.94
CA SER G 274 -2.51 -63.70 29.11
C SER G 274 -1.36 -63.52 28.12
N GLN G 275 -1.67 -63.47 26.83
CA GLN G 275 -0.70 -63.14 25.79
C GLN G 275 -1.05 -61.73 25.33
N GLN G 276 -0.27 -60.73 25.74
CA GLN G 276 -0.63 -59.36 25.42
C GLN G 276 -0.16 -59.01 24.01
N HIS G 277 -1.11 -58.83 23.10
CA HIS G 277 -0.85 -58.52 21.71
C HIS G 277 -1.62 -57.26 21.35
N TYR G 278 -0.96 -56.33 20.67
CA TYR G 278 -1.53 -55.02 20.42
C TYR G 278 -2.12 -54.86 19.04
N SER G 279 -2.02 -55.88 18.19
CA SER G 279 -2.65 -55.87 16.88
C SER G 279 -2.80 -57.30 16.41
N THR G 280 -3.63 -57.50 15.40
CA THR G 280 -3.80 -58.83 14.83
C THR G 280 -2.65 -59.22 13.92
N LEU G 281 -1.79 -58.28 13.54
CA LEU G 281 -0.55 -58.61 12.87
C LEU G 281 0.54 -58.98 13.85
N HIS G 282 0.49 -58.43 15.07
CA HIS G 282 1.38 -58.85 16.13
C HIS G 282 1.07 -60.26 16.60
N ARG G 283 -0.16 -60.72 16.43
CA ARG G 283 -0.52 -62.06 16.84
C ARG G 283 -0.04 -63.11 15.84
N VAL G 284 -0.16 -62.85 14.54
CA VAL G 284 0.25 -63.84 13.54
C VAL G 284 1.76 -63.93 13.37
N VAL G 285 2.52 -63.00 13.94
CA VAL G 285 3.98 -63.05 13.88
C VAL G 285 4.55 -63.77 15.09
N ASP G 286 3.99 -63.52 16.28
CA ASP G 286 4.45 -64.21 17.49
C ASP G 286 4.02 -65.67 17.51
N ASN G 287 2.92 -66.00 16.85
CA ASN G 287 2.33 -67.32 16.93
C ASN G 287 2.53 -68.13 15.67
N GLY G 288 3.65 -67.96 14.98
CA GLY G 288 3.93 -68.72 13.77
C GLY G 288 3.23 -68.17 12.55
N MET H 1 14.74 -12.42 19.79
CA MET H 1 16.09 -12.67 20.26
C MET H 1 16.09 -13.30 21.64
N ASP H 2 16.10 -12.46 22.67
CA ASP H 2 16.05 -12.91 24.05
C ASP H 2 15.03 -12.19 24.92
N ALA H 3 14.60 -10.99 24.55
CA ALA H 3 13.61 -10.27 25.33
C ALA H 3 12.18 -10.70 25.00
N PHE H 4 11.96 -11.30 23.83
CA PHE H 4 10.62 -11.76 23.47
C PHE H 4 10.24 -13.02 24.24
N GLN H 5 11.20 -13.90 24.51
CA GLN H 5 10.94 -15.06 25.35
C GLN H 5 10.98 -14.71 26.84
N GLY H 6 11.51 -13.54 27.19
CA GLY H 6 11.47 -13.09 28.57
C GLY H 6 10.09 -12.60 28.98
N ILE H 7 9.29 -12.15 28.01
CA ILE H 7 7.90 -11.82 28.29
C ILE H 7 6.95 -12.94 27.87
N LEU H 8 7.41 -13.91 27.07
CA LEU H 8 6.67 -15.14 26.88
C LEU H 8 6.63 -15.98 28.15
N LYS H 9 7.66 -15.84 29.00
CA LYS H 9 7.68 -16.54 30.27
C LYS H 9 6.64 -15.98 31.24
N PHE H 10 6.39 -14.67 31.18
CA PHE H 10 5.36 -14.06 32.02
C PHE H 10 3.96 -14.47 31.57
N PHE H 11 3.77 -14.71 30.27
CA PHE H 11 2.50 -15.19 29.75
C PHE H 11 2.38 -16.71 29.81
N LEU H 12 3.35 -17.40 30.39
CA LEU H 12 3.29 -18.85 30.53
C LEU H 12 3.31 -19.29 31.98
N ASN H 13 3.92 -18.51 32.88
CA ASN H 13 3.82 -18.81 34.31
C ASN H 13 2.41 -18.52 34.83
N GLN H 14 1.77 -17.49 34.30
CA GLN H 14 0.37 -17.19 34.61
C GLN H 14 -0.54 -17.75 33.52
N LYS H 15 -0.55 -19.08 33.42
CA LYS H 15 -1.37 -19.75 32.42
C LYS H 15 -2.77 -20.10 32.92
N THR H 16 -2.97 -20.12 34.23
CA THR H 16 -4.27 -20.47 34.80
C THR H 16 -5.18 -19.28 35.00
N VAL H 17 -4.75 -18.07 34.64
CA VAL H 17 -5.62 -16.91 34.67
C VAL H 17 -5.98 -16.42 33.26
N ILE H 18 -5.23 -16.84 32.24
CA ILE H 18 -5.61 -16.52 30.87
C ILE H 18 -6.70 -17.47 30.39
N GLY H 19 -6.66 -18.72 30.86
CA GLY H 19 -7.71 -19.67 30.48
C GLY H 19 -9.05 -19.37 31.12
N TYR H 20 -9.03 -18.82 32.34
CA TYR H 20 -10.29 -18.45 32.98
C TYR H 20 -10.80 -17.10 32.49
N SER H 21 -9.91 -16.23 32.04
CA SER H 21 -10.34 -14.97 31.44
C SER H 21 -10.92 -15.19 30.05
N PHE H 22 -10.32 -16.09 29.27
CA PHE H 22 -10.84 -16.42 27.95
C PHE H 22 -12.12 -17.24 28.03
N MET H 23 -12.35 -17.94 29.15
CA MET H 23 -13.60 -18.67 29.31
C MET H 23 -14.74 -17.72 29.60
N ALA H 24 -14.50 -16.67 30.38
CA ALA H 24 -15.54 -15.69 30.68
C ALA H 24 -15.80 -14.75 29.51
N LEU H 25 -14.82 -14.53 28.65
CA LEU H 25 -15.05 -13.72 27.45
C LEU H 25 -15.84 -14.47 26.40
N LEU H 26 -15.80 -15.80 26.40
CA LEU H 26 -16.59 -16.57 25.47
C LEU H 26 -18.03 -16.74 25.95
N THR H 27 -18.23 -16.87 27.25
CA THR H 27 -19.58 -17.03 27.80
C THR H 27 -20.38 -15.74 27.70
N VAL H 28 -19.71 -14.59 27.79
CA VAL H 28 -20.40 -13.31 27.68
C VAL H 28 -20.86 -13.08 26.24
N GLY H 29 -19.96 -13.30 25.28
CA GLY H 29 -20.31 -13.06 23.89
C GLY H 29 -21.25 -14.08 23.30
N SER H 30 -21.30 -15.28 23.87
CA SER H 30 -22.24 -16.29 23.38
C SER H 30 -23.62 -16.14 23.98
N GLU H 31 -23.74 -15.46 25.14
CA GLU H 31 -25.06 -15.18 25.69
C GLU H 31 -25.77 -14.09 24.89
N ARG H 32 -25.02 -13.13 24.34
CA ARG H 32 -25.62 -12.08 23.52
C ARG H 32 -26.10 -12.61 22.18
N LEU H 33 -25.56 -13.74 21.72
CA LEU H 33 -26.04 -14.36 20.49
C LEU H 33 -27.37 -15.06 20.69
N PHE H 34 -27.70 -15.45 21.92
CA PHE H 34 -28.94 -16.17 22.19
C PHE H 34 -30.08 -15.23 22.54
N SER H 35 -29.83 -14.22 23.37
CA SER H 35 -30.90 -13.35 23.84
C SER H 35 -31.29 -12.28 22.83
N VAL H 36 -30.59 -12.18 21.71
CA VAL H 36 -30.91 -11.24 20.65
C VAL H 36 -31.54 -11.95 19.46
N VAL H 37 -30.94 -13.05 19.02
CA VAL H 37 -31.32 -13.69 17.77
C VAL H 37 -32.33 -14.81 17.99
N ALA H 38 -32.20 -15.58 19.06
CA ALA H 38 -33.02 -16.76 19.25
C ALA H 38 -34.14 -16.58 20.26
N PHE H 39 -33.96 -15.76 21.28
CA PHE H 39 -34.96 -15.65 22.35
C PHE H 39 -36.06 -14.69 21.93
N LYS H 40 -37.30 -15.20 21.88
CA LYS H 40 -38.49 -14.35 21.76
C LYS H 40 -39.53 -14.92 22.69
N CYS H 41 -39.82 -14.20 23.76
CA CYS H 41 -40.72 -14.70 24.78
C CYS H 41 -42.14 -14.72 24.25
N PRO H 42 -42.87 -15.82 24.38
CA PRO H 42 -44.31 -15.78 24.11
C PRO H 42 -45.05 -15.12 25.26
N CYS H 43 -46.36 -15.08 25.20
CA CYS H 43 -47.12 -14.50 26.29
C CYS H 43 -48.27 -15.41 26.65
N SER H 44 -47.93 -16.66 26.88
CA SER H 44 -48.88 -17.74 27.13
C SER H 44 -48.66 -18.31 28.52
N THR H 45 -49.30 -19.45 28.79
CA THR H 45 -49.04 -20.18 30.03
C THR H 45 -47.75 -20.97 29.99
N GLU H 46 -47.10 -21.06 28.84
CA GLU H 46 -45.80 -21.71 28.73
C GLU H 46 -44.65 -20.74 28.86
N ASN H 47 -44.83 -19.67 29.64
CA ASN H 47 -43.73 -18.73 29.90
C ASN H 47 -42.79 -19.27 30.95
N MET H 48 -43.31 -20.00 31.93
CA MET H 48 -42.48 -20.56 32.98
C MET H 48 -41.52 -21.61 32.44
N THR H 49 -41.98 -22.42 31.51
CA THR H 49 -41.12 -23.47 30.96
C THR H 49 -40.15 -22.92 29.94
N TYR H 50 -40.54 -21.89 29.18
CA TYR H 50 -39.71 -21.41 28.09
C TYR H 50 -38.50 -20.65 28.58
N GLY H 51 -38.67 -19.81 29.59
CA GLY H 51 -37.55 -19.03 30.09
C GLY H 51 -36.61 -19.82 30.97
N LEU H 52 -37.13 -20.86 31.62
CA LEU H 52 -36.35 -21.66 32.55
C LEU H 52 -35.56 -22.77 31.86
N VAL H 53 -35.78 -22.97 30.57
CA VAL H 53 -34.98 -23.89 29.76
C VAL H 53 -33.81 -23.16 29.11
N PHE H 54 -34.02 -21.94 28.63
CA PHE H 54 -32.94 -21.14 28.11
C PHE H 54 -31.94 -20.70 29.18
N LEU H 55 -32.28 -20.83 30.45
CA LEU H 55 -31.39 -20.48 31.54
C LEU H 55 -30.57 -21.66 32.01
N PHE H 56 -31.18 -22.83 32.14
CA PHE H 56 -30.54 -23.99 32.76
C PHE H 56 -30.01 -25.02 31.78
N ALA H 57 -30.59 -25.16 30.59
CA ALA H 57 -30.12 -26.19 29.66
C ALA H 57 -28.77 -25.92 29.00
N PRO H 58 -28.33 -24.68 28.70
CA PRO H 58 -26.93 -24.51 28.33
C PRO H 58 -25.96 -24.64 29.49
N ALA H 59 -26.43 -24.74 30.73
CA ALA H 59 -25.56 -25.00 31.87
C ALA H 59 -25.38 -26.49 32.12
N TRP H 60 -26.37 -27.31 31.77
CA TRP H 60 -26.24 -28.75 31.88
C TRP H 60 -25.36 -29.31 30.76
N VAL H 61 -25.32 -28.65 29.61
CA VAL H 61 -24.45 -29.10 28.53
C VAL H 61 -23.00 -28.76 28.84
N LEU H 62 -22.76 -27.57 29.41
CA LEU H 62 -21.41 -27.17 29.79
C LEU H 62 -20.87 -27.95 30.98
N LEU H 63 -21.74 -28.59 31.75
CA LEU H 63 -21.27 -29.44 32.83
C LEU H 63 -20.81 -30.79 32.30
N ILE H 64 -21.56 -31.36 31.35
CA ILE H 64 -21.21 -32.65 30.77
C ILE H 64 -19.99 -32.52 29.86
N LEU H 65 -19.87 -31.39 29.17
CA LEU H 65 -18.68 -31.09 28.38
C LEU H 65 -17.43 -30.93 29.24
N GLY H 66 -17.59 -30.62 30.52
CA GLY H 66 -16.45 -30.53 31.41
C GLY H 66 -15.96 -31.86 31.94
N PHE H 67 -16.78 -32.90 31.86
CA PHE H 67 -16.32 -34.25 32.20
C PHE H 67 -15.60 -34.92 31.05
N PHE H 68 -15.84 -34.47 29.81
CA PHE H 68 -15.16 -35.04 28.66
C PHE H 68 -13.73 -34.55 28.55
N LEU H 69 -13.51 -33.27 28.79
CA LEU H 69 -12.20 -32.65 28.59
C LEU H 69 -11.30 -32.74 29.81
N ASN H 70 -11.77 -33.33 30.90
CA ASN H 70 -10.97 -33.48 32.10
C ASN H 70 -10.11 -34.74 31.95
N ASN H 71 -8.79 -34.55 31.96
CA ASN H 71 -7.88 -35.65 31.69
C ASN H 71 -7.76 -36.63 32.85
N ARG H 72 -8.03 -36.20 34.07
CA ARG H 72 -7.87 -37.06 35.23
C ARG H 72 -9.16 -37.76 35.62
N SER H 73 -10.23 -37.59 34.85
CA SER H 73 -11.41 -38.40 35.05
C SER H 73 -11.36 -39.72 34.30
N TRP H 74 -10.52 -39.80 33.27
CA TRP H 74 -10.30 -41.04 32.55
C TRP H 74 -9.19 -41.87 33.15
N ARG H 75 -8.22 -41.24 33.82
CA ARG H 75 -7.17 -41.98 34.50
C ARG H 75 -7.72 -42.74 35.69
N LEU H 76 -8.76 -42.22 36.32
CA LEU H 76 -9.33 -42.88 37.49
C LEU H 76 -10.21 -44.06 37.08
N PHE H 77 -10.93 -43.96 35.97
CA PHE H 77 -12.03 -44.87 35.69
C PHE H 77 -11.72 -45.93 34.65
N THR H 78 -10.62 -45.82 33.91
CA THR H 78 -10.32 -46.81 32.88
C THR H 78 -9.88 -48.13 33.51
N GLY H 79 -10.50 -49.22 33.07
CA GLY H 79 -10.18 -50.52 33.63
C GLY H 79 -10.70 -50.72 35.03
N CYS H 80 -11.80 -50.07 35.38
CA CYS H 80 -12.29 -50.09 36.76
C CYS H 80 -12.88 -51.44 37.13
N CYS H 81 -13.69 -52.04 36.25
CA CYS H 81 -14.39 -53.28 36.59
C CYS H 81 -13.50 -54.52 36.53
N VAL H 82 -12.24 -54.39 36.13
CA VAL H 82 -11.32 -55.52 36.20
C VAL H 82 -11.00 -55.84 37.66
N ASN H 83 -10.61 -54.83 38.42
CA ASN H 83 -10.31 -54.99 39.84
C ASN H 83 -10.64 -53.66 40.50
N PRO H 84 -11.80 -53.57 41.18
CA PRO H 84 -12.20 -52.28 41.77
C PRO H 84 -11.41 -51.89 43.00
N ARG H 85 -10.65 -52.80 43.59
CA ARG H 85 -9.93 -52.55 44.83
C ARG H 85 -8.65 -51.76 44.62
N LYS H 86 -8.31 -51.40 43.39
CA LYS H 86 -7.21 -50.49 43.13
C LYS H 86 -7.68 -49.04 43.10
N ILE H 87 -8.99 -48.82 43.11
CA ILE H 87 -9.56 -47.48 43.21
C ILE H 87 -10.17 -47.23 44.59
N PHE H 88 -10.56 -48.28 45.31
CA PHE H 88 -10.95 -48.22 46.71
C PHE H 88 -9.90 -48.98 47.52
N PRO H 89 -8.74 -48.38 47.78
CA PRO H 89 -7.67 -49.12 48.46
C PRO H 89 -7.98 -49.30 49.94
N ARG H 90 -7.26 -50.24 50.55
CA ARG H 90 -7.55 -50.61 51.94
C ARG H 90 -7.02 -49.57 52.92
N GLY H 91 -5.85 -49.00 52.65
CA GLY H 91 -5.24 -48.06 53.58
C GLY H 91 -5.94 -46.72 53.62
N HIS H 92 -6.30 -46.18 52.45
CA HIS H 92 -6.90 -44.85 52.34
C HIS H 92 -8.20 -44.99 51.53
N SER H 93 -9.30 -45.31 52.21
CA SER H 93 -10.56 -45.55 51.54
C SER H 93 -11.35 -44.28 51.25
N CYS H 94 -10.77 -43.10 51.50
CA CYS H 94 -11.47 -41.84 51.32
C CYS H 94 -10.84 -40.98 50.23
N ARG H 95 -9.75 -41.41 49.62
CA ARG H 95 -9.18 -40.63 48.52
C ARG H 95 -9.96 -40.83 47.22
N PHE H 96 -10.87 -41.80 47.15
CA PHE H 96 -11.75 -41.87 45.99
C PHE H 96 -12.71 -40.69 45.95
N PHE H 97 -13.29 -40.34 47.09
CA PHE H 97 -14.23 -39.21 47.13
C PHE H 97 -13.52 -37.88 47.11
N TYR H 98 -12.26 -37.83 47.56
CA TYR H 98 -11.49 -36.61 47.44
C TYR H 98 -11.14 -36.32 45.99
N VAL H 99 -10.80 -37.36 45.23
CA VAL H 99 -10.48 -37.16 43.82
C VAL H 99 -11.75 -36.88 43.02
N LEU H 100 -12.83 -37.61 43.33
CA LEU H 100 -14.10 -37.41 42.64
C LEU H 100 -14.70 -36.03 42.90
N GLY H 101 -14.45 -35.46 44.09
CA GLY H 101 -14.84 -34.09 44.34
C GLY H 101 -14.00 -33.06 43.63
N GLN H 102 -12.81 -33.43 43.18
CA GLN H 102 -11.97 -32.48 42.46
C GLN H 102 -12.41 -32.32 41.01
N ILE H 103 -12.88 -33.39 40.37
CA ILE H 103 -13.42 -33.29 39.02
C ILE H 103 -14.71 -32.49 39.02
N THR H 104 -15.56 -32.71 40.03
CA THR H 104 -16.87 -32.07 40.07
C THR H 104 -16.77 -30.57 40.30
N LEU H 105 -15.90 -30.13 41.20
CA LEU H 105 -15.75 -28.70 41.46
C LEU H 105 -15.01 -27.99 40.33
N SER H 106 -14.16 -28.69 39.59
CA SER H 106 -13.42 -28.06 38.51
C SER H 106 -14.22 -27.94 37.24
N SER H 107 -15.29 -28.71 37.10
CA SER H 107 -16.16 -28.65 35.94
C SER H 107 -17.44 -27.87 36.21
N LEU H 108 -17.65 -27.43 37.45
CA LEU H 108 -18.76 -26.58 37.82
C LEU H 108 -18.46 -25.10 37.63
N VAL H 109 -17.34 -24.75 36.99
CA VAL H 109 -16.96 -23.35 36.86
C VAL H 109 -17.67 -22.71 35.68
N ALA H 110 -17.73 -23.41 34.56
CA ALA H 110 -18.45 -22.94 33.38
C ALA H 110 -19.97 -22.93 33.49
N PRO H 111 -20.64 -23.83 34.24
CA PRO H 111 -22.07 -23.58 34.51
C PRO H 111 -22.34 -22.37 35.38
N VAL H 112 -21.48 -22.06 36.34
CA VAL H 112 -21.70 -20.92 37.21
C VAL H 112 -21.41 -19.62 36.47
N MET H 113 -20.47 -19.64 35.53
CA MET H 113 -20.24 -18.47 34.71
C MET H 113 -21.31 -18.25 33.64
N TRP H 114 -22.16 -19.24 33.40
CA TRP H 114 -23.27 -19.04 32.46
C TRP H 114 -24.47 -18.45 33.16
N LEU H 115 -24.81 -18.93 34.35
CA LEU H 115 -25.97 -18.42 35.07
C LEU H 115 -25.76 -16.98 35.54
N SER H 116 -24.52 -16.57 35.76
CA SER H 116 -24.25 -15.23 36.24
C SER H 116 -24.41 -14.21 35.12
N VAL H 117 -23.92 -14.50 33.93
CA VAL H 117 -24.08 -13.59 32.81
C VAL H 117 -25.52 -13.61 32.31
N ALA H 118 -26.20 -14.73 32.40
CA ALA H 118 -27.57 -14.80 31.91
C ALA H 118 -28.56 -14.11 32.84
N LEU H 119 -28.24 -13.99 34.13
CA LEU H 119 -29.09 -13.25 35.05
C LEU H 119 -28.75 -11.77 35.10
N LEU H 120 -27.56 -11.37 34.66
CA LEU H 120 -27.20 -9.97 34.63
C LEU H 120 -27.72 -9.26 33.39
N ASN H 121 -27.95 -10.00 32.31
CA ASN H 121 -28.69 -9.53 31.14
C ASN H 121 -30.10 -10.06 31.29
N GLY H 122 -30.89 -9.39 32.12
CA GLY H 122 -32.08 -10.02 32.69
C GLY H 122 -33.28 -10.24 31.81
N THR H 123 -33.08 -10.83 30.62
CA THR H 123 -34.19 -11.17 29.75
C THR H 123 -34.76 -12.55 30.02
N PHE H 124 -33.95 -13.50 30.49
CA PHE H 124 -34.45 -14.85 30.73
C PHE H 124 -35.28 -14.94 32.00
N TYR H 125 -34.93 -14.16 33.01
CA TYR H 125 -35.67 -14.17 34.26
C TYR H 125 -36.98 -13.41 34.13
N GLU H 126 -37.03 -12.42 33.25
CA GLU H 126 -38.25 -11.63 33.08
C GLU H 126 -39.35 -12.46 32.39
N CYS H 127 -38.97 -13.32 31.45
CA CYS H 127 -39.94 -14.19 30.80
C CYS H 127 -40.43 -15.29 31.73
N ALA H 128 -39.56 -15.80 32.61
CA ALA H 128 -39.90 -16.93 33.46
C ALA H 128 -40.59 -16.53 34.75
N MET H 129 -40.36 -15.31 35.25
CA MET H 129 -40.99 -14.86 36.48
C MET H 129 -42.37 -14.26 36.24
N SER H 130 -42.65 -13.79 35.01
CA SER H 130 -43.96 -13.24 34.70
C SER H 130 -45.06 -14.29 34.78
N GLY H 131 -44.82 -15.47 34.25
CA GLY H 131 -45.80 -16.53 34.41
C GLY H 131 -45.59 -17.29 35.70
N THR H 132 -45.85 -16.65 36.84
CA THR H 132 -45.48 -17.28 38.11
C THR H 132 -46.58 -18.15 38.71
N ARG H 133 -47.82 -17.65 38.77
CA ARG H 133 -49.00 -18.35 39.30
C ARG H 133 -48.78 -18.89 40.71
N SER H 134 -48.57 -17.96 41.64
CA SER H 134 -48.28 -18.31 43.02
C SER H 134 -48.91 -17.29 43.94
N SER H 135 -49.36 -17.77 45.11
CA SER H 135 -50.04 -16.91 46.08
C SER H 135 -49.07 -15.89 46.67
N GLY H 136 -48.00 -16.37 47.31
CA GLY H 136 -46.85 -15.53 47.56
C GLY H 136 -46.07 -15.30 46.28
N LEU H 137 -45.02 -14.47 46.38
CA LEU H 137 -44.08 -14.11 45.32
C LEU H 137 -44.73 -13.28 44.19
N LEU H 138 -46.04 -13.03 44.26
CA LEU H 138 -46.77 -12.25 43.27
C LEU H 138 -47.26 -10.93 43.82
N GLU H 139 -47.50 -10.84 45.13
CA GLU H 139 -47.74 -9.55 45.75
C GLU H 139 -46.48 -8.71 45.82
N LEU H 140 -45.31 -9.32 45.83
CA LEU H 140 -44.08 -8.55 45.85
C LEU H 140 -43.81 -7.88 44.51
N ILE H 141 -44.35 -8.43 43.43
CA ILE H 141 -44.20 -7.81 42.11
C ILE H 141 -45.33 -6.85 41.84
N CYS H 142 -46.57 -7.27 42.04
CA CYS H 142 -47.74 -6.41 41.91
C CYS H 142 -48.11 -5.95 43.32
N LYS H 143 -47.70 -4.74 43.69
CA LYS H 143 -48.00 -4.20 45.01
C LYS H 143 -48.86 -2.95 44.96
N GLY H 144 -48.48 -1.95 44.18
CA GLY H 144 -49.26 -0.74 44.06
C GLY H 144 -49.85 -0.59 42.68
N LYS H 145 -50.34 -1.68 42.12
CA LYS H 145 -50.82 -1.78 40.76
C LYS H 145 -52.33 -2.04 40.74
N PRO H 146 -53.01 -1.87 39.58
CA PRO H 146 -54.43 -2.24 39.50
C PRO H 146 -54.71 -3.73 39.64
N LYS H 147 -55.99 -4.11 39.56
CA LYS H 147 -56.36 -5.49 39.83
C LYS H 147 -55.99 -6.43 38.70
N GLU H 148 -55.76 -5.92 37.48
CA GLU H 148 -55.39 -6.75 36.36
C GLU H 148 -53.88 -7.01 36.28
N CYS H 149 -53.15 -6.82 37.37
CA CYS H 149 -51.80 -7.35 37.48
C CYS H 149 -51.79 -8.78 37.96
N TRP H 150 -52.87 -9.25 38.57
CA TRP H 150 -52.96 -10.61 39.07
C TRP H 150 -53.40 -11.60 38.01
N GLU H 151 -53.85 -11.13 36.84
CA GLU H 151 -54.36 -12.01 35.81
C GLU H 151 -53.86 -11.69 34.41
N GLU H 152 -53.08 -10.63 34.22
CA GLU H 152 -52.52 -10.31 32.92
C GLU H 152 -51.05 -9.98 33.03
N LEU H 153 -50.35 -10.57 34.00
CA LEU H 153 -48.94 -10.25 34.18
C LEU H 153 -48.08 -10.88 33.08
N HIS H 154 -48.46 -12.06 32.58
CA HIS H 154 -47.59 -12.78 31.65
C HIS H 154 -47.51 -12.15 30.27
N LYS H 155 -48.26 -11.09 30.00
CA LYS H 155 -48.16 -10.38 28.73
C LYS H 155 -47.38 -9.09 28.85
N VAL H 156 -46.67 -8.86 29.96
CA VAL H 156 -45.94 -7.62 30.14
C VAL H 156 -44.65 -7.57 29.33
N SER H 157 -44.21 -8.70 28.79
CA SER H 157 -42.99 -8.76 28.01
C SER H 157 -43.23 -8.41 26.54
N CYS H 158 -44.26 -9.02 25.94
CA CYS H 158 -44.58 -8.76 24.53
C CYS H 158 -45.15 -7.36 24.32
N GLY H 159 -45.68 -6.73 25.35
CA GLY H 159 -46.60 -5.64 25.16
C GLY H 159 -48.00 -6.21 25.01
N LYS H 160 -48.89 -5.40 24.44
CA LYS H 160 -50.29 -5.75 24.20
C LYS H 160 -51.00 -6.11 25.52
N THR H 161 -50.95 -5.17 26.45
CA THR H 161 -51.64 -5.30 27.72
C THR H 161 -52.31 -3.98 28.02
N SER H 162 -53.60 -4.00 28.31
CA SER H 162 -54.36 -2.76 28.51
C SER H 162 -54.37 -2.31 29.96
N MET H 163 -53.24 -1.83 30.46
CA MET H 163 -53.16 -1.27 31.80
C MET H 163 -52.27 -0.04 31.89
N LEU H 164 -52.45 0.95 30.96
CA LEU H 164 -51.84 2.27 31.02
C LEU H 164 -50.31 2.22 30.96
N PRO H 165 -49.72 2.16 29.76
CA PRO H 165 -48.34 1.67 29.58
C PRO H 165 -47.21 2.38 30.33
N THR H 166 -47.48 3.41 31.13
CA THR H 166 -46.46 3.85 32.09
C THR H 166 -46.34 2.87 33.24
N VAL H 167 -47.41 2.10 33.49
CA VAL H 167 -47.33 1.01 34.45
C VAL H 167 -46.58 -0.17 33.86
N ASN H 168 -46.76 -0.40 32.56
CA ASN H 168 -46.15 -1.55 31.92
C ASN H 168 -44.67 -1.33 31.64
N GLU H 169 -44.17 -0.12 31.88
CA GLU H 169 -42.73 0.09 31.80
C GLU H 169 -42.06 -0.18 33.14
N GLU H 170 -42.71 0.19 34.24
CA GLU H 170 -42.15 -0.03 35.55
C GLU H 170 -42.66 -1.31 36.21
N LEU H 171 -43.19 -2.25 35.43
CA LEU H 171 -43.18 -3.65 35.80
C LEU H 171 -42.11 -4.44 35.08
N LYS H 172 -41.68 -3.97 33.91
CA LYS H 172 -40.52 -4.54 33.29
C LYS H 172 -39.23 -4.10 33.97
N LEU H 173 -39.20 -2.92 34.57
CA LEU H 173 -38.02 -2.44 35.27
C LEU H 173 -37.88 -3.05 36.66
N SER H 174 -38.97 -3.48 37.27
CA SER H 174 -38.88 -4.10 38.58
C SER H 174 -38.57 -5.58 38.50
N LEU H 175 -38.69 -6.19 37.33
CA LEU H 175 -38.29 -7.57 37.11
C LEU H 175 -36.93 -7.70 36.45
N GLN H 176 -36.51 -6.71 35.66
CA GLN H 176 -35.18 -6.71 35.10
C GLN H 176 -34.14 -6.31 36.12
N ALA H 177 -34.55 -5.78 37.28
CA ALA H 177 -33.65 -5.41 38.36
C ALA H 177 -33.63 -6.41 39.50
N GLN H 178 -34.61 -7.30 39.61
CA GLN H 178 -34.55 -8.38 40.57
C GLN H 178 -33.63 -9.50 40.12
N SER H 179 -33.35 -9.60 38.83
CA SER H 179 -32.42 -10.60 38.34
C SER H 179 -30.99 -10.13 38.40
N GLN H 180 -30.75 -8.83 38.23
CA GLN H 180 -29.40 -8.31 38.34
C GLN H 180 -28.93 -8.26 39.78
N ILE H 181 -29.84 -8.30 40.74
CA ILE H 181 -29.43 -8.48 42.13
C ILE H 181 -29.07 -9.93 42.40
N LEU H 182 -29.87 -10.88 41.89
CA LEU H 182 -29.53 -12.29 42.00
C LEU H 182 -28.33 -12.68 41.15
N GLY H 183 -28.02 -11.91 40.11
CA GLY H 183 -26.81 -12.16 39.35
C GLY H 183 -25.57 -11.90 40.17
N TRP H 184 -25.58 -10.85 41.00
CA TRP H 184 -24.43 -10.51 41.81
C TRP H 184 -24.34 -11.32 43.10
N CYS H 185 -25.45 -11.86 43.59
CA CYS H 185 -25.39 -12.73 44.76
C CYS H 185 -24.80 -14.08 44.44
N LEU H 186 -24.74 -14.45 43.17
CA LEU H 186 -24.17 -15.72 42.74
C LEU H 186 -22.69 -15.61 42.42
N ILE H 187 -22.22 -14.47 41.91
CA ILE H 187 -20.78 -14.31 41.73
C ILE H 187 -20.10 -14.11 43.07
N CYS H 188 -20.80 -13.51 44.03
CA CYS H 188 -20.17 -13.18 45.30
C CYS H 188 -20.10 -14.38 46.23
N SER H 189 -21.04 -15.30 46.15
CA SER H 189 -21.02 -16.46 47.03
C SER H 189 -20.28 -17.64 46.43
N ALA H 190 -20.12 -17.68 45.11
CA ALA H 190 -19.30 -18.71 44.51
C ALA H 190 -17.82 -18.37 44.58
N SER H 191 -17.47 -17.08 44.51
CA SER H 191 -16.08 -16.68 44.68
C SER H 191 -15.60 -16.87 46.11
N PHE H 192 -16.48 -16.65 47.08
CA PHE H 192 -16.13 -16.89 48.47
C PHE H 192 -16.04 -18.37 48.78
N PHE H 193 -16.87 -19.19 48.14
CA PHE H 193 -16.81 -20.64 48.35
C PHE H 193 -15.61 -21.26 47.65
N SER H 194 -15.24 -20.73 46.48
CA SER H 194 -14.08 -21.24 45.76
C SER H 194 -12.76 -20.91 46.44
N LEU H 195 -12.73 -19.88 47.28
CA LEU H 195 -11.52 -19.59 48.04
C LEU H 195 -11.44 -20.42 49.31
N LEU H 196 -12.58 -20.76 49.90
CA LEU H 196 -12.58 -21.47 51.17
C LEU H 196 -12.21 -22.93 51.03
N THR H 197 -12.53 -23.56 49.89
CA THR H 197 -12.16 -24.94 49.68
C THR H 197 -10.73 -25.08 49.16
N THR H 198 -10.22 -24.08 48.45
CA THR H 198 -8.82 -24.12 48.04
C THR H 198 -7.91 -23.84 49.22
N CYS H 199 -8.28 -22.90 50.09
CA CYS H 199 -7.46 -22.60 51.25
C CYS H 199 -7.54 -23.69 52.31
N TYR H 200 -8.55 -24.54 52.27
CA TYR H 200 -8.60 -25.69 53.16
C TYR H 200 -7.88 -26.90 52.61
N ALA H 201 -7.75 -27.00 51.29
CA ALA H 201 -6.97 -28.08 50.70
C ALA H 201 -5.48 -27.83 50.78
N ARG H 202 -5.05 -26.58 50.89
CA ARG H 202 -3.65 -26.26 51.10
C ARG H 202 -3.25 -26.28 52.56
N CYS H 203 -4.15 -25.87 53.47
CA CYS H 203 -3.85 -25.89 54.89
C CYS H 203 -3.72 -27.29 55.45
N ARG H 204 -4.32 -28.29 54.80
CA ARG H 204 -4.24 -29.67 55.24
C ARG H 204 -3.45 -30.52 54.26
N SER H 205 -2.48 -29.92 53.59
CA SER H 205 -1.59 -30.66 52.73
C SER H 205 -0.57 -31.42 53.56
N LYS H 206 0.08 -32.40 52.93
CA LYS H 206 1.05 -33.23 53.63
C LYS H 206 2.46 -32.70 53.53
N VAL H 207 2.74 -31.82 52.56
CA VAL H 207 4.07 -31.27 52.34
C VAL H 207 3.99 -29.76 52.48
N SER H 208 5.15 -29.14 52.70
CA SER H 208 5.24 -27.70 52.83
C SER H 208 5.26 -27.06 51.43
N TYR H 209 5.56 -25.78 51.37
CA TYR H 209 5.43 -25.08 50.09
C TYR H 209 6.55 -25.45 49.12
N LEU H 210 7.76 -25.65 49.63
CA LEU H 210 8.90 -25.87 48.76
C LEU H 210 8.90 -27.29 48.18
N GLN H 211 8.43 -28.26 48.96
CA GLN H 211 8.33 -29.63 48.47
C GLN H 211 7.17 -29.78 47.50
N LEU H 212 6.10 -29.02 47.66
CA LEU H 212 5.01 -29.06 46.72
C LEU H 212 5.36 -28.41 45.39
N SER H 213 6.43 -27.63 45.35
CA SER H 213 6.85 -27.01 44.11
C SER H 213 7.81 -27.88 43.32
N PHE H 214 8.47 -28.84 43.97
CA PHE H 214 9.27 -29.83 43.26
C PHE H 214 8.39 -30.98 42.78
N TRP H 215 7.35 -31.30 43.54
CA TRP H 215 6.37 -32.32 43.15
C TRP H 215 5.64 -31.93 41.87
N LYS H 216 5.37 -30.64 41.67
CA LYS H 216 4.67 -30.23 40.45
C LYS H 216 5.58 -30.12 39.25
N THR H 217 6.87 -29.85 39.46
CA THR H 217 7.81 -29.88 38.34
C THR H 217 8.10 -31.31 37.92
N TYR H 218 8.07 -32.25 38.85
CA TYR H 218 8.31 -33.63 38.51
C TYR H 218 7.16 -34.21 37.73
N ALA H 219 5.93 -33.96 38.16
CA ALA H 219 4.76 -34.55 37.53
C ALA H 219 4.50 -34.00 36.14
N GLN H 220 5.01 -32.83 35.82
CA GLN H 220 4.89 -32.33 34.46
C GLN H 220 5.92 -32.96 33.54
N LYS H 221 7.09 -33.29 34.05
CA LYS H 221 8.15 -33.86 33.24
C LYS H 221 8.20 -35.37 33.31
N GLU H 222 7.26 -36.01 33.98
CA GLU H 222 7.06 -37.43 33.77
C GLU H 222 6.00 -37.69 32.71
N LYS H 223 5.23 -36.66 32.34
CA LYS H 223 4.33 -36.80 31.21
C LYS H 223 5.06 -36.59 29.89
N GLU H 224 6.06 -35.73 29.88
CA GLU H 224 6.83 -35.51 28.65
C GLU H 224 7.70 -36.70 28.32
N GLN H 225 8.33 -37.30 29.32
CA GLN H 225 9.21 -38.43 29.09
C GLN H 225 8.42 -39.71 28.81
N LEU H 226 7.20 -39.83 29.30
CA LEU H 226 6.39 -40.99 29.00
C LEU H 226 5.89 -40.99 27.56
N GLU H 227 5.64 -39.81 27.00
CA GLU H 227 5.22 -39.74 25.61
C GLU H 227 6.39 -39.85 24.64
N ASN H 228 7.62 -39.89 25.13
CA ASN H 228 8.79 -40.14 24.31
C ASN H 228 9.29 -41.57 24.40
N THR H 229 9.08 -42.22 25.54
CA THR H 229 9.38 -43.64 25.64
C THR H 229 8.33 -44.48 24.93
N PHE H 230 7.07 -44.05 24.99
CA PHE H 230 6.00 -44.76 24.30
C PHE H 230 6.16 -44.69 22.79
N LEU H 231 6.72 -43.61 22.28
CA LEU H 231 6.90 -43.41 20.87
C LEU H 231 8.21 -43.98 20.37
N ASP H 232 9.07 -44.42 21.28
CA ASP H 232 10.34 -45.04 20.98
C ASP H 232 10.27 -46.56 21.00
N TYR H 233 9.41 -47.12 21.84
CA TYR H 233 9.15 -48.55 21.87
C TYR H 233 8.02 -48.96 20.94
N ALA H 234 7.35 -48.00 20.31
CA ALA H 234 6.35 -48.31 19.29
C ALA H 234 6.93 -48.29 17.89
N ASN H 235 7.95 -47.49 17.65
CA ASN H 235 8.66 -47.56 16.37
C ASN H 235 9.51 -48.82 16.29
N LYS H 236 10.09 -49.24 17.41
CA LYS H 236 10.94 -50.41 17.42
C LYS H 236 10.18 -51.71 17.42
N LEU H 237 8.89 -51.71 17.73
CA LEU H 237 8.10 -52.92 17.69
C LEU H 237 7.40 -53.11 16.36
N SER H 238 6.94 -52.03 15.73
CA SER H 238 6.27 -52.15 14.45
C SER H 238 7.23 -52.43 13.30
N GLU H 239 8.50 -52.03 13.41
CA GLU H 239 9.49 -52.42 12.42
C GLU H 239 9.82 -53.89 12.51
N ARG H 240 9.74 -54.47 13.70
CA ARG H 240 9.99 -55.89 13.86
C ARG H 240 8.86 -56.72 13.29
N ASN H 241 7.63 -56.22 13.37
CA ASN H 241 6.48 -57.00 12.94
C ASN H 241 6.31 -57.00 11.44
N LEU H 242 6.65 -55.91 10.76
CA LEU H 242 6.48 -55.84 9.32
C LEU H 242 7.60 -56.52 8.56
N LYS H 243 8.73 -56.77 9.19
CA LYS H 243 9.80 -57.47 8.52
C LYS H 243 9.67 -58.98 8.66
N CYS H 244 9.09 -59.45 9.75
CA CYS H 244 8.88 -60.87 9.90
C CYS H 244 7.53 -61.32 9.36
N PHE H 245 6.81 -60.43 8.70
CA PHE H 245 5.59 -60.79 7.98
C PHE H 245 5.83 -60.88 6.47
N PHE H 246 6.62 -59.97 5.92
CA PHE H 246 6.90 -59.99 4.49
C PHE H 246 8.04 -60.93 4.12
N GLU H 247 8.88 -61.31 5.06
CA GLU H 247 10.01 -62.18 4.79
C GLU H 247 9.81 -63.61 5.27
N ASN H 248 8.68 -63.88 5.94
CA ASN H 248 8.32 -65.20 6.46
C ASN H 248 9.38 -65.76 7.42
N LYS H 249 9.88 -64.90 8.29
CA LYS H 249 10.90 -65.26 9.27
C LYS H 249 10.27 -65.41 10.64
N ARG H 250 11.07 -65.91 11.57
CA ARG H 250 10.73 -65.94 12.97
C ARG H 250 11.44 -64.82 13.71
N PRO H 251 10.76 -64.15 14.64
CA PRO H 251 11.29 -62.91 15.20
C PRO H 251 11.99 -63.10 16.54
N ASP H 252 12.82 -62.11 16.86
CA ASP H 252 13.49 -62.05 18.16
C ASP H 252 12.52 -61.54 19.23
N PRO H 253 12.61 -62.03 20.46
CA PRO H 253 11.65 -61.64 21.49
C PRO H 253 11.78 -60.19 21.91
N PHE H 254 10.64 -59.58 22.21
CA PHE H 254 10.58 -58.16 22.57
C PHE H 254 10.34 -58.02 24.06
N PRO H 255 11.26 -57.42 24.82
CA PRO H 255 11.07 -57.29 26.27
C PRO H 255 10.18 -56.11 26.63
N MET H 256 8.96 -56.42 27.07
CA MET H 256 7.94 -55.50 27.54
C MET H 256 7.55 -55.89 28.96
N PRO H 257 7.04 -54.95 29.76
CA PRO H 257 6.65 -55.29 31.13
C PRO H 257 5.44 -56.21 31.17
N THR H 258 5.29 -56.90 32.31
CA THR H 258 4.20 -57.83 32.48
C THR H 258 2.88 -57.08 32.66
N PHE H 259 1.79 -57.84 32.60
CA PHE H 259 0.48 -57.24 32.85
C PHE H 259 0.31 -56.88 34.31
N ALA H 260 0.97 -57.59 35.21
CA ALA H 260 0.86 -57.29 36.63
C ALA H 260 1.62 -56.02 37.01
N ALA H 261 2.55 -55.57 36.18
CA ALA H 261 3.25 -54.32 36.43
C ALA H 261 2.71 -53.15 35.63
N TRP H 262 1.95 -53.40 34.56
CA TRP H 262 1.19 -52.33 33.93
C TRP H 262 0.03 -51.90 34.81
N GLU H 263 -0.53 -52.84 35.58
CA GLU H 263 -1.66 -52.56 36.46
C GLU H 263 -1.25 -51.86 37.73
N ALA H 264 -0.06 -52.15 38.26
CA ALA H 264 0.37 -51.56 39.51
C ALA H 264 0.78 -50.10 39.34
N ALA H 265 1.33 -49.73 38.19
CA ALA H 265 1.75 -48.37 37.93
C ALA H 265 0.63 -47.48 37.43
N SER H 266 -0.62 -47.93 37.54
CA SER H 266 -1.78 -47.15 37.13
C SER H 266 -2.72 -46.88 38.30
N GLU H 267 -2.26 -47.04 39.52
CA GLU H 267 -3.12 -46.89 40.68
C GLU H 267 -3.20 -45.43 41.10
N LEU H 268 -3.75 -45.19 42.28
CA LEU H 268 -4.01 -43.83 42.76
C LEU H 268 -2.98 -43.49 43.82
N HIS H 269 -2.35 -42.33 43.67
CA HIS H 269 -1.21 -41.94 44.49
C HIS H 269 -1.65 -41.16 45.72
N SER H 270 -1.05 -41.49 46.87
CA SER H 270 -1.20 -40.72 48.09
C SER H 270 0.16 -40.57 48.73
N PHE H 271 0.46 -39.37 49.22
CA PHE H 271 1.78 -39.10 49.76
C PHE H 271 1.93 -39.68 51.16
N HIS H 272 3.11 -40.22 51.43
CA HIS H 272 3.53 -40.64 52.77
C HIS H 272 4.83 -39.91 53.10
N GLN H 273 4.90 -39.33 54.28
CA GLN H 273 6.10 -38.60 54.65
C GLN H 273 7.19 -39.49 55.24
N SER H 274 6.97 -40.79 55.33
CA SER H 274 8.04 -41.72 55.72
C SER H 274 8.90 -42.10 54.52
N GLN H 275 8.30 -42.64 53.48
CA GLN H 275 8.96 -42.87 52.20
C GLN H 275 8.43 -41.82 51.23
N GLN H 276 9.25 -40.84 50.87
CA GLN H 276 8.75 -39.75 50.05
C GLN H 276 8.80 -40.14 48.58
N HIS H 277 7.64 -40.42 48.01
CA HIS H 277 7.51 -40.80 46.62
C HIS H 277 6.60 -39.79 45.93
N TYR H 278 6.94 -39.45 44.70
CA TYR H 278 6.27 -38.37 43.99
C TYR H 278 5.34 -38.86 42.88
N SER H 279 5.29 -40.16 42.63
CA SER H 279 4.34 -40.75 41.70
C SER H 279 4.17 -42.21 42.08
N THR H 280 3.13 -42.83 41.53
CA THR H 280 2.94 -44.25 41.75
C THR H 280 3.77 -45.10 40.81
N LEU H 281 4.48 -44.49 39.87
CA LEU H 281 5.54 -45.14 39.13
C LEU H 281 6.87 -45.07 39.85
N HIS H 282 7.06 -44.05 40.68
CA HIS H 282 8.21 -43.99 41.57
C HIS H 282 8.09 -45.01 42.69
N ARG H 283 6.88 -45.35 43.08
CA ARG H 283 6.70 -46.32 44.17
C ARG H 283 6.95 -47.74 43.70
N VAL H 284 6.53 -48.10 42.48
CA VAL H 284 6.74 -49.47 41.99
C VAL H 284 8.16 -49.73 41.55
N VAL H 285 8.98 -48.71 41.38
CA VAL H 285 10.36 -48.88 40.98
C VAL H 285 11.27 -48.99 42.19
N ASP H 286 11.02 -48.18 43.22
CA ASP H 286 11.80 -48.28 44.45
C ASP H 286 11.49 -49.55 45.23
N ASN H 287 10.25 -50.01 45.17
CA ASN H 287 9.78 -51.11 45.99
C ASN H 287 9.65 -52.42 45.20
N GLY H 288 10.57 -52.66 44.27
CA GLY H 288 10.54 -53.88 43.48
C GLY H 288 9.50 -53.87 42.39
N MET I 1 19.29 -2.47 19.13
CA MET I 1 20.72 -2.40 18.86
C MET I 1 21.50 -2.30 20.16
N ASP I 2 21.71 -1.06 20.64
CA ASP I 2 22.41 -0.85 21.89
C ASP I 2 21.64 0.12 22.78
N ALA I 3 20.85 1.00 22.17
CA ALA I 3 20.05 1.96 22.93
C ALA I 3 18.62 1.49 23.15
N PHE I 4 18.17 0.47 22.40
CA PHE I 4 16.80 -0.01 22.56
C PHE I 4 16.64 -0.81 23.84
N GLN I 5 17.70 -1.46 24.31
CA GLN I 5 17.71 -2.11 25.60
C GLN I 5 18.08 -1.17 26.74
N GLY I 6 18.62 0.01 26.41
CA GLY I 6 18.88 1.00 27.45
C GLY I 6 17.63 1.74 27.89
N ILE I 7 16.63 1.84 27.02
CA ILE I 7 15.34 2.39 27.43
C ILE I 7 14.41 1.30 27.96
N LEU I 8 14.68 0.02 27.65
CA LEU I 8 14.00 -1.07 28.31
C LEU I 8 14.38 -1.17 29.78
N LYS I 9 15.59 -0.72 30.15
CA LYS I 9 15.99 -0.70 31.54
C LYS I 9 15.22 0.34 32.34
N PHE I 10 14.88 1.47 31.72
CA PHE I 10 14.06 2.48 32.39
C PHE I 10 12.62 2.01 32.55
N PHE I 11 12.12 1.18 31.63
CA PHE I 11 10.78 0.64 31.74
C PHE I 11 10.73 -0.63 32.59
N LEU I 12 11.85 -1.08 33.13
CA LEU I 12 11.89 -2.25 33.98
C LEU I 12 12.31 -1.94 35.41
N ASN I 13 13.09 -0.86 35.61
CA ASN I 13 13.37 -0.41 36.97
C ASN I 13 12.14 0.21 37.60
N GLN I 14 11.34 0.91 36.82
CA GLN I 14 10.05 1.45 37.28
C GLN I 14 8.92 0.51 36.86
N LYS I 15 8.94 -0.69 37.42
CA LYS I 15 7.93 -1.70 37.10
C LYS I 15 6.74 -1.67 38.04
N THR I 16 6.86 -1.01 39.19
CA THR I 16 5.77 -0.95 40.16
C THR I 16 4.81 0.20 39.91
N VAL I 17 5.13 1.14 39.02
CA VAL I 17 4.23 2.23 38.69
C VAL I 17 3.53 2.03 37.37
N ILE I 18 3.99 1.08 36.55
CA ILE I 18 3.28 0.75 35.31
C ILE I 18 2.16 -0.24 35.60
N GLY I 19 2.35 -1.13 36.57
CA GLY I 19 1.29 -2.04 36.95
C GLY I 19 0.15 -1.37 37.68
N TYR I 20 0.45 -0.36 38.49
CA TYR I 20 -0.61 0.37 39.18
C TYR I 20 -1.32 1.35 38.25
N SER I 21 -0.62 1.87 37.24
CA SER I 21 -1.27 2.73 36.26
C SER I 21 -2.16 1.91 35.33
N PHE I 22 -1.74 0.70 34.97
CA PHE I 22 -2.55 -0.17 34.14
C PHE I 22 -3.73 -0.75 34.90
N MET I 23 -3.64 -0.82 36.23
CA MET I 23 -4.79 -1.27 37.02
C MET I 23 -5.85 -0.18 37.10
N ALA I 24 -5.44 1.08 37.16
CA ALA I 24 -6.39 2.17 37.19
C ALA I 24 -7.02 2.43 35.83
N LEU I 25 -6.29 2.14 34.75
CA LEU I 25 -6.86 2.32 33.42
C LEU I 25 -7.87 1.22 33.10
N LEU I 26 -7.77 0.07 33.75
CA LEU I 26 -8.74 -0.99 33.53
C LEU I 26 -10.00 -0.81 34.37
N THR I 27 -9.85 -0.28 35.58
CA THR I 27 -11.01 -0.06 36.44
C THR I 27 -11.86 1.11 35.94
N VAL I 28 -11.25 2.08 35.24
CA VAL I 28 -12.01 3.19 34.70
C VAL I 28 -12.85 2.74 33.51
N GLY I 29 -12.24 2.04 32.57
CA GLY I 29 -12.95 1.61 31.38
C GLY I 29 -13.95 0.50 31.61
N SER I 30 -13.77 -0.29 32.68
CA SER I 30 -14.74 -1.32 33.00
C SER I 30 -15.95 -0.78 33.73
N GLU I 31 -15.81 0.35 34.43
CA GLU I 31 -16.96 0.97 35.07
C GLU I 31 -17.88 1.63 34.04
N ARG I 32 -17.32 2.17 32.97
CA ARG I 32 -18.14 2.78 31.93
C ARG I 32 -18.93 1.73 31.14
N LEU I 33 -18.48 0.47 31.15
CA LEU I 33 -19.22 -0.62 30.55
C LEU I 33 -20.40 -1.04 31.42
N PHE I 34 -20.37 -0.75 32.71
CA PHE I 34 -21.45 -1.15 33.61
C PHE I 34 -22.52 -0.08 33.76
N SER I 35 -22.13 1.19 33.87
CA SER I 35 -23.08 2.25 34.12
C SER I 35 -23.79 2.72 32.86
N VAL I 36 -23.44 2.19 31.70
CA VAL I 36 -24.06 2.55 30.43
C VAL I 36 -24.92 1.41 29.89
N VAL I 37 -24.37 0.20 29.89
CA VAL I 37 -24.99 -0.93 29.19
C VAL I 37 -25.87 -1.75 30.12
N ALA I 38 -25.49 -1.89 31.39
CA ALA I 38 -26.20 -2.79 32.30
C ALA I 38 -27.03 -2.07 33.36
N PHE I 39 -26.60 -0.91 33.85
CA PHE I 39 -27.29 -0.23 34.93
C PHE I 39 -28.44 0.59 34.38
N LYS I 40 -29.65 0.33 34.86
CA LYS I 40 -30.76 1.25 34.71
C LYS I 40 -31.60 1.17 35.97
N CYS I 41 -31.71 2.29 36.66
CA CYS I 41 -32.31 2.30 37.98
C CYS I 41 -33.82 2.11 37.88
N PRO I 42 -34.41 1.31 38.75
CA PRO I 42 -35.87 1.32 38.87
C PRO I 42 -36.32 2.53 39.67
N CYS I 43 -37.60 2.64 39.94
CA CYS I 43 -38.08 3.74 40.75
C CYS I 43 -39.05 3.22 41.79
N SER I 44 -38.61 2.19 42.50
CA SER I 44 -39.42 1.46 43.46
C SER I 44 -38.80 1.59 44.84
N THR I 45 -39.30 0.78 45.78
CA THR I 45 -38.68 0.70 47.09
C THR I 45 -37.40 -0.11 47.10
N GLU I 46 -37.07 -0.79 45.99
CA GLU I 46 -35.82 -1.52 45.87
C GLU I 46 -34.73 -0.68 45.22
N ASN I 47 -34.73 0.63 45.45
CA ASN I 47 -33.65 1.47 44.95
C ASN I 47 -32.43 1.38 45.84
N MET I 48 -32.65 1.33 47.15
CA MET I 48 -31.55 1.30 48.11
C MET I 48 -30.73 0.02 47.98
N THR I 49 -31.37 -1.09 47.61
CA THR I 49 -30.65 -2.33 47.43
C THR I 49 -30.01 -2.43 46.05
N TYR I 50 -30.62 -1.84 45.03
CA TYR I 50 -30.14 -2.03 43.67
C TYR I 50 -28.87 -1.24 43.42
N GLY I 51 -28.81 0.00 43.89
CA GLY I 51 -27.64 0.82 43.65
C GLY I 51 -26.47 0.52 44.55
N LEU I 52 -26.73 -0.07 45.71
CA LEU I 52 -25.72 -0.38 46.69
C LEU I 52 -25.08 -1.74 46.45
N VAL I 53 -25.57 -2.50 45.49
CA VAL I 53 -24.98 -3.77 45.07
C VAL I 53 -24.05 -3.56 43.88
N PHE I 54 -24.39 -2.67 42.96
CA PHE I 54 -23.47 -2.31 41.89
C PHE I 54 -22.28 -1.51 42.38
N LEU I 55 -22.31 -1.01 43.60
CA LEU I 55 -21.22 -0.24 44.17
C LEU I 55 -20.26 -1.13 44.95
N PHE I 56 -20.78 -2.05 45.75
CA PHE I 56 -19.99 -2.84 46.68
C PHE I 56 -19.65 -4.24 46.20
N ALA I 57 -20.52 -4.88 45.43
CA ALA I 57 -20.24 -6.27 45.03
C ALA I 57 -19.13 -6.46 44.00
N PRO I 58 -18.85 -5.56 43.05
CA PRO I 58 -17.59 -5.70 42.31
C PRO I 58 -16.35 -5.35 43.10
N ALA I 59 -16.49 -4.78 44.30
CA ALA I 59 -15.35 -4.55 45.17
C ALA I 59 -15.05 -5.75 46.05
N TRP I 60 -16.06 -6.58 46.34
CA TRP I 60 -15.86 -7.81 47.09
C TRP I 60 -15.25 -8.90 46.22
N VAL I 61 -15.54 -8.89 44.92
CA VAL I 61 -14.95 -9.87 44.02
C VAL I 61 -13.49 -9.54 43.75
N LEU I 62 -13.18 -8.26 43.60
CA LEU I 62 -11.80 -7.83 43.38
C LEU I 62 -10.92 -8.00 44.61
N LEU I 63 -11.51 -8.11 45.80
CA LEU I 63 -10.73 -8.38 46.99
C LEU I 63 -10.38 -9.87 47.10
N ILE I 64 -11.32 -10.74 46.75
CA ILE I 64 -11.08 -12.18 46.82
C ILE I 64 -10.17 -12.61 45.67
N LEU I 65 -10.29 -11.97 44.52
CA LEU I 65 -9.37 -12.21 43.41
C LEU I 65 -7.96 -11.75 43.72
N GLY I 66 -7.78 -10.84 44.69
CA GLY I 66 -6.45 -10.43 45.09
C GLY I 66 -5.78 -11.35 46.09
N PHE I 67 -6.53 -12.26 46.72
CA PHE I 67 -5.92 -13.27 47.56
C PHE I 67 -5.47 -14.47 46.76
N PHE I 68 -6.09 -14.71 45.61
CA PHE I 68 -5.71 -15.82 44.76
C PHE I 68 -4.37 -15.56 44.08
N LEU I 69 -4.18 -14.36 43.57
CA LEU I 69 -3.01 -14.02 42.77
C LEU I 69 -1.83 -13.57 43.61
N ASN I 70 -1.94 -13.57 44.92
CA ASN I 70 -0.84 -13.18 45.78
C ASN I 70 0.04 -14.40 46.07
N ASN I 71 1.31 -14.32 45.69
CA ASN I 71 2.18 -15.49 45.75
C ASN I 71 2.59 -15.83 47.17
N ARG I 72 2.61 -14.85 48.07
CA ARG I 72 3.08 -15.08 49.42
C ARG I 72 1.95 -15.35 50.41
N SER I 73 0.72 -15.49 49.94
CA SER I 73 -0.34 -16.03 50.78
C SER I 73 -0.35 -17.55 50.76
N TRP I 74 0.20 -18.16 49.73
CA TRP I 74 0.30 -19.61 49.67
C TRP I 74 1.57 -20.14 50.28
N ARG I 75 2.64 -19.35 50.30
CA ARG I 75 3.86 -19.76 51.00
C ARG I 75 3.67 -19.80 52.50
N LEU I 76 2.77 -18.98 53.02
CA LEU I 76 2.55 -18.95 54.46
C LEU I 76 1.67 -20.11 54.91
N PHE I 77 0.67 -20.48 54.12
CA PHE I 77 -0.40 -21.33 54.60
C PHE I 77 -0.31 -22.79 54.15
N THR I 78 0.56 -23.13 53.21
CA THR I 78 0.65 -24.51 52.75
C THR I 78 1.31 -25.38 53.81
N GLY I 79 0.68 -26.49 54.14
CA GLY I 79 1.21 -27.37 55.17
C GLY I 79 1.04 -26.83 56.57
N CYS I 80 0.03 -25.98 56.79
CA CYS I 80 -0.13 -25.30 58.08
C CYS I 80 -0.55 -26.26 59.18
N CYS I 81 -1.49 -27.15 58.91
CA CYS I 81 -2.01 -28.02 59.95
C CYS I 81 -1.11 -29.21 60.28
N VAL I 82 -0.01 -29.39 59.55
CA VAL I 82 0.97 -30.40 59.91
C VAL I 82 1.68 -30.01 61.21
N ASN I 83 2.16 -28.79 61.27
CA ASN I 83 2.86 -28.27 62.44
C ASN I 83 2.62 -26.77 62.46
N PRO I 84 1.69 -26.29 63.29
CA PRO I 84 1.36 -24.85 63.28
C PRO I 84 2.42 -23.98 63.92
N ARG I 85 3.35 -24.57 64.68
CA ARG I 85 4.36 -23.81 65.40
C ARG I 85 5.46 -23.25 64.51
N LYS I 86 5.48 -23.61 63.22
CA LYS I 86 6.43 -22.99 62.31
C LYS I 86 5.87 -21.71 61.69
N ILE I 87 4.62 -21.38 61.97
CA ILE I 87 4.02 -20.13 61.51
C ILE I 87 3.80 -19.24 62.74
N PHE I 88 3.74 -19.86 63.91
CA PHE I 88 3.71 -19.16 65.19
C PHE I 88 4.95 -19.51 65.99
N PRO I 89 6.12 -18.95 65.66
CA PRO I 89 7.34 -19.34 66.37
C PRO I 89 7.38 -18.73 67.77
N ARG I 90 8.26 -19.31 68.60
CA ARG I 90 8.33 -18.89 69.99
C ARG I 90 9.03 -17.56 70.18
N GLY I 91 10.10 -17.32 69.42
CA GLY I 91 10.89 -16.12 69.58
C GLY I 91 10.19 -14.86 69.10
N HIS I 92 9.50 -14.96 67.96
CA HIS I 92 8.83 -13.83 67.34
C HIS I 92 7.38 -14.23 67.09
N SER I 93 6.53 -14.05 68.10
CA SER I 93 5.14 -14.49 68.03
C SER I 93 4.22 -13.51 67.33
N CYS I 94 4.74 -12.38 66.86
CA CYS I 94 3.92 -11.34 66.27
C CYS I 94 4.25 -11.09 64.80
N ARG I 95 5.17 -11.85 64.22
CA ARG I 95 5.42 -11.70 62.79
C ARG I 95 4.36 -12.40 61.94
N PHE I 96 3.52 -13.23 62.55
CA PHE I 96 2.41 -13.81 61.79
C PHE I 96 1.41 -12.73 61.39
N PHE I 97 1.13 -11.79 62.29
CA PHE I 97 0.21 -10.71 61.99
C PHE I 97 0.84 -9.62 61.14
N TYR I 98 2.16 -9.55 61.09
CA TYR I 98 2.80 -8.59 60.20
C TYR I 98 2.68 -9.04 58.74
N VAL I 99 2.89 -10.32 58.47
CA VAL I 99 2.78 -10.81 57.11
C VAL I 99 1.32 -10.93 56.69
N LEU I 100 0.44 -11.22 57.64
CA LEU I 100 -0.99 -11.28 57.33
C LEU I 100 -1.57 -9.91 57.04
N GLY I 101 -1.13 -8.88 57.76
CA GLY I 101 -1.57 -7.53 57.47
C GLY I 101 -0.98 -6.96 56.19
N GLN I 102 0.17 -7.47 55.77
CA GLN I 102 0.77 -7.00 54.52
C GLN I 102 0.06 -7.59 53.31
N ILE I 103 -0.49 -8.80 53.45
CA ILE I 103 -1.29 -9.40 52.38
C ILE I 103 -2.63 -8.69 52.25
N THR I 104 -3.23 -8.31 53.37
CA THR I 104 -4.52 -7.65 53.36
C THR I 104 -4.45 -6.25 52.76
N LEU I 105 -3.43 -5.47 53.11
CA LEU I 105 -3.32 -4.12 52.58
C LEU I 105 -2.88 -4.10 51.12
N SER I 106 -2.22 -5.15 50.66
CA SER I 106 -1.76 -5.18 49.28
C SER I 106 -2.87 -5.56 48.31
N SER I 107 -3.93 -6.20 48.80
CA SER I 107 -5.06 -6.60 47.98
C SER I 107 -6.27 -5.72 48.20
N LEU I 108 -6.17 -4.72 49.06
CA LEU I 108 -7.19 -3.69 49.22
C LEU I 108 -7.00 -2.51 48.30
N VAL I 109 -6.16 -2.62 47.28
CA VAL I 109 -5.88 -1.51 46.40
C VAL I 109 -6.87 -1.46 45.25
N ALA I 110 -7.14 -2.59 44.62
CA ALA I 110 -8.15 -2.68 43.57
C ALA I 110 -9.60 -2.47 44.04
N PRO I 111 -10.03 -2.83 45.26
CA PRO I 111 -11.35 -2.37 45.69
C PRO I 111 -11.47 -0.87 45.90
N VAL I 112 -10.43 -0.23 46.42
CA VAL I 112 -10.49 1.22 46.67
C VAL I 112 -10.42 1.98 45.35
N MET I 113 -9.79 1.42 44.34
CA MET I 113 -9.83 2.03 43.02
C MET I 113 -11.13 1.75 42.28
N TRP I 114 -11.99 0.89 42.79
CA TRP I 114 -13.31 0.72 42.20
C TRP I 114 -14.32 1.66 42.82
N LEU I 115 -14.28 1.85 44.14
CA LEU I 115 -15.21 2.76 44.80
C LEU I 115 -14.94 4.21 44.44
N SER I 116 -13.71 4.56 44.10
CA SER I 116 -13.39 5.94 43.77
C SER I 116 -13.92 6.31 42.40
N VAL I 117 -13.75 5.43 41.42
CA VAL I 117 -14.22 5.72 40.08
C VAL I 117 -15.74 5.59 40.00
N ALA I 118 -16.34 4.72 40.80
CA ALA I 118 -17.79 4.55 40.76
C ALA I 118 -18.52 5.66 41.49
N LEU I 119 -17.86 6.41 42.37
CA LEU I 119 -18.48 7.56 43.00
C LEU I 119 -18.20 8.86 42.26
N LEU I 120 -17.13 8.93 41.46
CA LEU I 120 -16.86 10.08 40.62
C LEU I 120 -17.70 10.10 39.36
N ASN I 121 -18.38 9.00 39.05
CA ASN I 121 -19.39 8.92 38.00
C ASN I 121 -20.68 8.62 38.75
N GLY I 122 -21.36 9.66 39.21
CA GLY I 122 -22.32 9.49 40.26
C GLY I 122 -23.67 8.90 39.91
N THR I 123 -23.70 7.83 39.13
CA THR I 123 -24.96 7.16 38.83
C THR I 123 -25.36 6.15 39.90
N PHE I 124 -24.40 5.47 40.52
CA PHE I 124 -24.73 4.45 41.51
C PHE I 124 -25.18 5.08 42.82
N TYR I 125 -24.67 6.26 43.15
CA TYR I 125 -25.05 6.92 44.39
C TYR I 125 -26.36 7.67 44.25
N GLU I 126 -26.69 8.14 43.06
CA GLU I 126 -27.92 8.86 42.85
C GLU I 126 -29.12 7.92 42.88
N CYS I 127 -28.96 6.71 42.35
CA CYS I 127 -29.98 5.68 42.47
C CYS I 127 -30.14 5.18 43.90
N ALA I 128 -29.05 5.12 44.67
CA ALA I 128 -29.10 4.53 45.99
C ALA I 128 -29.50 5.50 47.09
N MET I 129 -29.18 6.79 46.95
CA MET I 129 -29.54 7.78 47.96
C MET I 129 -30.95 8.33 47.75
N SER I 130 -31.54 8.13 46.56
CA SER I 130 -32.92 8.56 46.34
C SER I 130 -33.90 7.77 47.19
N GLY I 131 -33.80 6.46 47.18
CA GLY I 131 -34.63 5.68 48.07
C GLY I 131 -34.04 5.62 49.45
N THR I 132 -34.14 6.69 50.24
CA THR I 132 -33.41 6.73 51.50
C THR I 132 -34.27 6.37 52.72
N ARG I 133 -35.46 6.95 52.83
CA ARG I 133 -36.43 6.69 53.91
C ARG I 133 -35.82 6.88 55.31
N SER I 134 -35.43 8.12 55.59
CA SER I 134 -34.80 8.44 56.86
C SER I 134 -35.20 9.85 57.28
N SER I 135 -35.34 10.04 58.59
CA SER I 135 -35.76 11.34 59.12
C SER I 135 -34.68 12.39 58.91
N GLY I 136 -33.48 12.15 59.44
CA GLY I 136 -32.31 12.88 58.99
C GLY I 136 -31.90 12.41 57.62
N LEU I 137 -30.89 13.10 57.06
CA LEU I 137 -30.27 12.89 55.74
C LEU I 137 -31.22 13.17 54.58
N LEU I 138 -32.46 13.56 54.84
CA LEU I 138 -33.47 13.82 53.83
C LEU I 138 -33.87 15.28 53.77
N GLU I 139 -33.78 16.01 54.88
CA GLU I 139 -33.91 17.45 54.85
C GLU I 139 -32.71 18.12 54.21
N LEU I 140 -31.55 17.46 54.22
CA LEU I 140 -30.39 18.01 53.56
C LEU I 140 -30.50 17.95 52.04
N ILE I 141 -31.30 17.03 51.52
CA ILE I 141 -31.52 16.94 50.08
C ILE I 141 -32.74 17.76 49.67
N CYS I 142 -33.84 17.61 50.39
CA CYS I 142 -35.05 18.38 50.17
C CYS I 142 -35.06 19.51 51.19
N LYS I 143 -34.64 20.70 50.77
CA LYS I 143 -34.60 21.85 51.66
C LYS I 143 -35.51 22.99 51.21
N GLY I 144 -35.41 23.41 49.97
CA GLY I 144 -36.25 24.48 49.46
C GLY I 144 -37.17 24.01 48.37
N LYS I 145 -37.72 22.82 48.54
CA LYS I 145 -38.55 22.13 47.55
C LYS I 145 -40.00 22.05 48.01
N PRO I 146 -40.94 21.70 47.10
CA PRO I 146 -42.33 21.45 47.55
C PRO I 146 -42.49 20.26 48.48
N LYS I 147 -43.73 20.01 48.92
CA LYS I 147 -43.96 19.00 49.93
C LYS I 147 -43.87 17.58 49.38
N GLU I 148 -43.91 17.39 48.07
CA GLU I 148 -43.80 16.07 47.48
C GLU I 148 -42.37 15.66 47.18
N CYS I 149 -41.40 16.27 47.87
CA CYS I 149 -40.04 15.74 47.90
C CYS I 149 -39.84 14.71 49.00
N TRP I 150 -40.71 14.69 50.00
CA TRP I 150 -40.62 13.75 51.10
C TRP I 150 -41.30 12.42 50.79
N GLU I 151 -42.02 12.33 49.68
CA GLU I 151 -42.81 11.13 49.38
C GLU I 151 -42.66 10.64 47.95
N GLU I 152 -42.09 11.41 47.04
CA GLU I 152 -41.88 10.98 45.67
C GLU I 152 -40.45 11.24 45.21
N LEU I 153 -39.49 11.13 46.13
CA LEU I 153 -38.12 11.43 45.77
C LEU I 153 -37.51 10.33 44.92
N HIS I 154 -37.88 9.08 45.17
CA HIS I 154 -37.22 7.94 44.52
C HIS I 154 -37.52 7.82 43.04
N LYS I 155 -38.39 8.66 42.48
CA LYS I 155 -38.65 8.66 41.05
C LYS I 155 -37.91 9.76 40.31
N VAL I 156 -36.96 10.44 40.96
CA VAL I 156 -36.27 11.55 40.33
C VAL I 156 -35.24 11.09 39.30
N SER I 157 -34.88 9.81 39.29
CA SER I 157 -33.90 9.28 38.35
C SER I 157 -34.54 8.89 37.03
N CYS I 158 -35.67 8.17 37.08
CA CYS I 158 -36.37 7.74 35.86
C CYS I 158 -37.04 8.89 35.14
N GLY I 159 -37.28 10.01 35.81
CA GLY I 159 -38.28 10.94 35.34
C GLY I 159 -39.62 10.50 35.86
N LYS I 160 -40.68 11.00 35.22
CA LYS I 160 -42.09 10.71 35.55
C LYS I 160 -42.39 11.08 37.01
N THR I 161 -42.14 12.34 37.33
CA THR I 161 -42.49 12.91 38.62
C THR I 161 -43.10 14.27 38.37
N SER I 162 -44.31 14.50 38.88
CA SER I 162 -45.02 15.75 38.60
C SER I 162 -44.70 16.84 39.59
N MET I 163 -43.49 17.38 39.56
CA MET I 163 -43.12 18.52 40.38
C MET I 163 -42.29 19.56 39.64
N LEU I 164 -42.74 20.00 38.45
CA LEU I 164 -42.20 21.15 37.71
C LEU I 164 -40.73 20.94 37.32
N PRO I 165 -40.45 20.26 36.20
CA PRO I 165 -39.15 19.62 35.98
C PRO I 165 -37.88 20.48 36.02
N THR I 166 -37.98 21.79 36.24
CA THR I 166 -36.77 22.53 36.62
C THR I 166 -36.35 22.19 38.03
N VAL I 167 -37.30 21.73 38.86
CA VAL I 167 -36.95 21.23 40.19
C VAL I 167 -36.31 19.85 40.08
N ASN I 168 -36.79 19.02 39.16
CA ASN I 168 -36.25 17.68 38.97
C ASN I 168 -34.96 17.65 38.18
N GLU I 169 -34.42 18.81 37.81
CA GLU I 169 -33.08 18.89 37.26
C GLU I 169 -32.06 19.35 38.29
N GLU I 170 -32.45 20.20 39.23
CA GLU I 170 -31.58 20.60 40.32
C GLU I 170 -31.81 19.77 41.56
N LEU I 171 -32.46 18.61 41.43
CA LEU I 171 -32.38 17.56 42.43
C LEU I 171 -31.52 16.40 41.97
N LYS I 172 -31.39 16.20 40.67
CA LYS I 172 -30.42 15.29 40.10
C LYS I 172 -29.03 15.87 40.05
N LEU I 173 -28.88 17.18 40.25
CA LEU I 173 -27.58 17.82 40.29
C LEU I 173 -27.03 17.97 41.70
N SER I 174 -27.89 17.95 42.70
CA SER I 174 -27.45 18.00 44.07
C SER I 174 -27.12 16.62 44.63
N LEU I 175 -27.57 15.55 43.97
CA LEU I 175 -27.20 14.20 44.33
C LEU I 175 -26.01 13.71 43.55
N GLN I 176 -25.83 14.19 42.33
CA GLN I 176 -24.68 13.82 41.52
C GLN I 176 -23.42 14.57 41.93
N ALA I 177 -23.56 15.62 42.75
CA ALA I 177 -22.41 16.38 43.24
C ALA I 177 -22.04 16.03 44.66
N GLN I 178 -22.92 15.40 45.42
CA GLN I 178 -22.53 14.87 46.73
C GLN I 178 -21.71 13.61 46.61
N SER I 179 -21.82 12.90 45.50
CA SER I 179 -21.04 11.68 45.30
C SER I 179 -19.65 11.98 44.77
N GLN I 180 -19.50 13.06 44.03
CA GLN I 180 -18.17 13.44 43.57
C GLN I 180 -17.36 14.12 44.66
N ILE I 181 -17.99 14.57 45.73
CA ILE I 181 -17.24 15.05 46.88
C ILE I 181 -16.77 13.87 47.73
N LEU I 182 -17.62 12.86 47.91
CA LEU I 182 -17.22 11.64 48.60
C LEU I 182 -16.22 10.84 47.80
N GLY I 183 -16.24 10.97 46.47
CA GLY I 183 -15.26 10.30 45.65
C GLY I 183 -13.86 10.84 45.85
N TRP I 184 -13.74 12.14 46.10
CA TRP I 184 -12.42 12.74 46.30
C TRP I 184 -11.94 12.63 47.73
N CYS I 185 -12.85 12.52 48.70
CA CYS I 185 -12.45 12.32 50.08
C CYS I 185 -11.98 10.90 50.35
N LEU I 186 -12.13 10.00 49.40
CA LEU I 186 -11.67 8.63 49.51
C LEU I 186 -10.31 8.43 48.85
N ILE I 187 -10.05 9.13 47.74
CA ILE I 187 -8.72 9.06 47.15
C ILE I 187 -7.72 9.84 48.02
N CYS I 188 -8.18 10.86 48.71
CA CYS I 188 -7.26 11.72 49.46
C CYS I 188 -6.90 11.12 50.81
N SER I 189 -7.75 10.31 51.41
CA SER I 189 -7.45 9.71 52.70
C SER I 189 -6.91 8.30 52.60
N ALA I 190 -7.07 7.64 51.46
CA ALA I 190 -6.42 6.37 51.23
C ALA I 190 -5.05 6.51 50.60
N SER I 191 -4.72 7.67 50.06
CA SER I 191 -3.36 7.94 49.64
C SER I 191 -2.50 8.41 50.80
N PHE I 192 -3.09 9.16 51.73
CA PHE I 192 -2.36 9.59 52.91
C PHE I 192 -2.13 8.44 53.89
N PHE I 193 -3.07 7.51 53.97
CA PHE I 193 -2.87 6.33 54.81
C PHE I 193 -1.88 5.37 54.19
N SER I 194 -1.84 5.29 52.86
CA SER I 194 -0.92 4.40 52.18
C SER I 194 0.52 4.87 52.25
N LEU I 195 0.75 6.16 52.48
CA LEU I 195 2.11 6.66 52.67
C LEU I 195 2.55 6.58 54.12
N LEU I 196 1.62 6.66 55.06
CA LEU I 196 1.99 6.67 56.47
C LEU I 196 2.35 5.27 56.97
N THR I 197 1.81 4.22 56.36
CA THR I 197 2.19 2.88 56.74
C THR I 197 3.44 2.39 56.04
N THR I 198 3.69 2.84 54.81
CA THR I 198 4.95 2.52 54.15
C THR I 198 6.11 3.25 54.80
N CYS I 199 5.92 4.51 55.15
CA CYS I 199 6.99 5.28 55.80
C CYS I 199 7.24 4.83 57.23
N TYR I 200 6.29 4.12 57.85
CA TYR I 200 6.53 3.57 59.17
C TYR I 200 7.10 2.17 59.12
N ALA I 201 6.91 1.44 58.03
CA ALA I 201 7.53 0.14 57.89
C ALA I 201 9.01 0.25 57.52
N ARG I 202 9.40 1.34 56.89
CA ARG I 202 10.81 1.57 56.56
C ARG I 202 11.56 2.27 57.67
N CYS I 203 10.88 3.10 58.47
CA CYS I 203 11.55 3.75 59.58
C CYS I 203 11.88 2.78 60.70
N ARG I 204 11.19 1.64 60.78
CA ARG I 204 11.45 0.64 61.79
C ARG I 204 12.02 -0.64 61.20
N SER I 205 12.68 -0.53 60.05
CA SER I 205 13.37 -1.66 59.48
C SER I 205 14.64 -1.96 60.27
N LYS I 206 15.13 -3.19 60.13
CA LYS I 206 16.29 -3.63 60.89
C LYS I 206 17.61 -3.28 60.22
N VAL I 207 17.61 -3.03 58.92
CA VAL I 207 18.82 -2.76 58.15
C VAL I 207 18.70 -1.37 57.53
N SER I 208 19.83 -0.84 57.10
CA SER I 208 19.88 0.48 56.48
C SER I 208 19.51 0.36 55.00
N TYR I 209 19.72 1.42 54.23
CA TYR I 209 19.26 1.44 52.86
C TYR I 209 20.11 0.57 51.96
N LEU I 210 21.42 0.55 52.18
CA LEU I 210 22.32 -0.18 51.30
C LEU I 210 22.22 -1.69 51.52
N GLN I 211 22.00 -2.12 52.76
CA GLN I 211 21.86 -3.54 53.03
C GLN I 211 20.51 -4.06 52.58
N LEU I 212 19.48 -3.24 52.60
CA LEU I 212 18.18 -3.68 52.09
C LEU I 212 18.16 -3.74 50.57
N SER I 213 19.13 -3.12 49.90
CA SER I 213 19.19 -3.23 48.46
C SER I 213 19.94 -4.46 47.99
N PHE I 214 20.82 -5.01 48.82
CA PHE I 214 21.42 -6.31 48.52
C PHE I 214 20.49 -7.44 48.86
N TRP I 215 19.69 -7.28 49.92
CA TRP I 215 18.71 -8.28 50.31
C TRP I 215 17.63 -8.46 49.24
N LYS I 216 17.25 -7.39 48.56
CA LYS I 216 16.22 -7.51 47.53
C LYS I 216 16.77 -8.09 46.23
N THR I 217 18.06 -7.90 45.95
CA THR I 217 18.67 -8.51 44.78
C THR I 217 18.90 -9.99 44.99
N TYR I 218 19.19 -10.38 46.22
CA TYR I 218 19.44 -11.79 46.53
C TYR I 218 18.16 -12.60 46.40
N ALA I 219 17.06 -12.10 46.94
CA ALA I 219 15.81 -12.85 46.96
C ALA I 219 15.19 -13.01 45.58
N GLN I 220 15.49 -12.12 44.64
CA GLN I 220 15.02 -12.31 43.29
C GLN I 220 15.82 -13.37 42.56
N LYS I 221 17.08 -13.53 42.91
CA LYS I 221 17.94 -14.49 42.23
C LYS I 221 18.12 -15.76 43.04
N GLU I 222 17.37 -15.94 44.10
CA GLU I 222 17.21 -17.28 44.66
C GLU I 222 15.92 -17.92 44.17
N LYS I 223 15.04 -17.16 43.53
CA LYS I 223 13.89 -17.76 42.87
C LYS I 223 14.25 -18.27 41.50
N GLU I 224 15.21 -17.65 40.83
CA GLU I 224 15.63 -18.10 39.51
C GLU I 224 16.41 -19.40 39.60
N GLN I 225 17.32 -19.50 40.56
CA GLN I 225 18.12 -20.71 40.69
C GLN I 225 17.32 -21.87 41.25
N LEU I 226 16.31 -21.59 42.05
CA LEU I 226 15.46 -22.64 42.58
C LEU I 226 14.50 -23.19 41.55
N GLU I 227 14.23 -22.45 40.48
CA GLU I 227 13.45 -22.99 39.38
C GLU I 227 14.30 -23.72 38.36
N ASN I 228 15.62 -23.66 38.49
CA ASN I 228 16.53 -24.38 37.61
C ASN I 228 17.14 -25.60 38.26
N THR I 229 17.13 -25.66 39.60
CA THR I 229 17.57 -26.88 40.28
C THR I 229 16.42 -27.87 40.39
N PHE I 230 15.20 -27.37 40.57
CA PHE I 230 14.03 -28.25 40.58
C PHE I 230 13.80 -28.89 39.22
N LEU I 231 14.21 -28.23 38.15
CA LEU I 231 14.04 -28.73 36.81
C LEU I 231 15.24 -29.54 36.34
N ASP I 232 16.34 -29.50 37.08
CA ASP I 232 17.51 -30.31 36.82
C ASP I 232 17.48 -31.63 37.56
N TYR I 233 16.86 -31.66 38.73
CA TYR I 233 16.70 -32.87 39.52
C TYR I 233 15.42 -33.61 39.21
N ALA I 234 14.53 -33.03 38.39
CA ALA I 234 13.34 -33.74 37.95
C ALA I 234 13.51 -34.38 36.59
N ASN I 235 14.41 -33.85 35.76
CA ASN I 235 14.79 -34.55 34.54
C ASN I 235 15.64 -35.76 34.86
N LYS I 236 16.46 -35.68 35.90
CA LYS I 236 17.35 -36.78 36.24
C LYS I 236 16.68 -37.85 37.09
N LEU I 237 15.48 -37.60 37.59
CA LEU I 237 14.74 -38.60 38.35
C LEU I 237 13.73 -39.33 37.48
N SER I 238 13.10 -38.65 36.53
CA SER I 238 12.15 -39.30 35.66
C SER I 238 12.83 -40.17 34.61
N GLU I 239 14.07 -39.83 34.23
CA GLU I 239 14.82 -40.71 33.33
C GLU I 239 15.21 -42.00 34.02
N ARG I 240 15.46 -41.95 35.32
CA ARG I 240 15.81 -43.14 36.07
C ARG I 240 14.62 -44.04 36.30
N ASN I 241 13.43 -43.48 36.50
CA ASN I 241 12.25 -44.28 36.78
C ASN I 241 11.72 -44.99 35.54
N LEU I 242 11.86 -44.37 34.36
CA LEU I 242 11.31 -44.96 33.15
C LEU I 242 12.20 -46.03 32.57
N LYS I 243 13.51 -45.96 32.81
CA LYS I 243 14.40 -47.01 32.34
C LYS I 243 14.33 -48.25 33.21
N CYS I 244 14.05 -48.08 34.49
CA CYS I 244 13.94 -49.23 35.37
C CYS I 244 12.54 -49.81 35.41
N PHE I 245 11.61 -49.27 34.62
CA PHE I 245 10.29 -49.85 34.46
C PHE I 245 10.16 -50.69 33.21
N PHE I 246 10.74 -50.24 32.10
CA PHE I 246 10.62 -50.98 30.85
C PHE I 246 11.67 -52.07 30.72
N GLU I 247 12.80 -51.93 31.40
CA GLU I 247 13.87 -52.92 31.32
C GLU I 247 13.84 -53.93 32.46
N ASN I 248 12.95 -53.73 33.44
CA ASN I 248 12.79 -54.61 34.61
C ASN I 248 14.09 -54.74 35.39
N LYS I 249 14.67 -53.61 35.77
CA LYS I 249 15.89 -53.56 36.55
C LYS I 249 15.63 -52.96 37.91
N ARG I 250 16.66 -53.00 38.76
CA ARG I 250 16.65 -52.30 40.03
C ARG I 250 17.43 -51.01 39.90
N PRO I 251 16.99 -49.92 40.53
CA PRO I 251 17.62 -48.62 40.29
C PRO I 251 18.71 -48.29 41.30
N ASP I 252 19.58 -47.35 40.89
CA ASP I 252 20.56 -46.77 41.78
C ASP I 252 19.91 -45.70 42.67
N PRO I 253 20.32 -45.60 43.92
CA PRO I 253 19.62 -44.71 44.86
C PRO I 253 19.81 -43.24 44.53
N PHE I 254 18.73 -42.47 44.71
CA PHE I 254 18.71 -41.05 44.37
C PHE I 254 18.85 -40.23 45.63
N PRO I 255 19.91 -39.44 45.79
CA PRO I 255 20.09 -38.63 47.01
C PRO I 255 19.25 -37.36 46.97
N MET I 256 18.19 -37.33 47.75
CA MET I 256 17.28 -36.22 47.94
C MET I 256 17.30 -35.82 49.40
N PRO I 257 16.98 -34.56 49.73
CA PRO I 257 16.92 -34.16 51.14
C PRO I 257 15.80 -34.84 51.89
N THR I 258 15.98 -34.96 53.20
CA THR I 258 15.01 -35.62 54.05
C THR I 258 13.78 -34.75 54.23
N PHE I 259 12.73 -35.34 54.81
CA PHE I 259 11.51 -34.58 55.05
C PHE I 259 11.70 -33.55 56.16
N ALA I 260 12.59 -33.83 57.10
CA ALA I 260 12.83 -32.87 58.18
C ALA I 260 13.60 -31.65 57.71
N ALA I 261 14.32 -31.74 56.60
CA ALA I 261 15.01 -30.59 56.05
C ALA I 261 14.22 -29.88 54.97
N TRP I 262 13.22 -30.53 54.38
CA TRP I 262 12.29 -29.84 53.49
C TRP I 262 11.38 -28.91 54.28
N GLU I 263 11.07 -29.27 55.53
CA GLU I 263 10.18 -28.46 56.36
C GLU I 263 10.89 -27.29 57.02
N ALA I 264 12.19 -27.43 57.29
CA ALA I 264 12.94 -26.36 57.95
C ALA I 264 13.20 -25.20 57.00
N ALA I 265 13.42 -25.48 55.71
CA ALA I 265 13.67 -24.45 54.72
C ALA I 265 12.41 -23.84 54.16
N SER I 266 11.28 -24.02 54.83
CA SER I 266 9.99 -23.46 54.41
C SER I 266 9.35 -22.63 55.53
N GLU I 267 10.14 -22.17 56.48
CA GLU I 267 9.60 -21.42 57.60
C GLU I 267 9.53 -19.94 57.24
N LEU I 268 9.31 -19.10 58.25
CA LEU I 268 9.13 -17.67 58.05
C LEU I 268 10.38 -16.94 58.51
N HIS I 269 10.92 -16.08 57.66
CA HIS I 269 12.20 -15.43 57.91
C HIS I 269 12.04 -14.12 58.67
N SER I 270 12.95 -13.89 59.61
CA SER I 270 13.06 -12.62 60.30
C SER I 270 14.54 -12.29 60.45
N PHE I 271 14.91 -11.04 60.14
CA PHE I 271 16.31 -10.67 60.16
C PHE I 271 16.84 -10.55 61.58
N HIS I 272 18.08 -10.98 61.77
CA HIS I 272 18.83 -10.78 63.00
C HIS I 272 20.13 -10.08 62.65
N GLN I 273 20.45 -9.01 63.37
CA GLN I 273 21.67 -8.28 63.08
C GLN I 273 22.90 -8.85 63.78
N SER I 274 22.78 -10.00 64.43
CA SER I 274 23.95 -10.70 64.95
C SER I 274 24.52 -11.68 63.94
N GLN I 275 23.69 -12.57 63.42
CA GLN I 275 24.03 -13.42 62.29
C GLN I 275 23.22 -12.93 61.10
N GLN I 276 23.86 -12.30 60.14
CA GLN I 276 23.11 -11.71 59.04
C GLN I 276 22.81 -12.78 58.00
N HIS I 277 21.53 -13.15 57.90
CA HIS I 277 21.06 -14.18 56.99
C HIS I 277 19.95 -13.61 56.14
N TYR I 278 20.04 -13.78 54.84
CA TYR I 278 19.15 -13.12 53.90
C TYR I 278 17.99 -13.99 53.43
N SER I 279 17.94 -15.25 53.85
CA SER I 279 16.81 -16.11 53.59
C SER I 279 16.79 -17.21 54.63
N THR I 280 15.69 -17.96 54.68
CA THR I 280 15.62 -19.06 55.60
C THR I 280 16.27 -20.32 55.06
N LEU I 281 16.64 -20.34 53.78
CA LEU I 281 17.50 -21.36 53.22
C LEU I 281 18.97 -21.03 53.43
N HIS I 282 19.31 -19.75 53.58
CA HIS I 282 20.66 -19.36 53.97
C HIS I 282 20.93 -19.66 55.43
N ARG I 283 19.88 -19.79 56.24
CA ARG I 283 20.06 -20.06 57.66
C ARG I 283 20.22 -21.54 57.95
N VAL I 284 19.45 -22.41 57.28
CA VAL I 284 19.56 -23.84 57.51
C VAL I 284 20.82 -24.45 56.92
N VAL I 285 21.52 -23.72 56.06
CA VAL I 285 22.76 -24.19 55.47
C VAL I 285 23.95 -23.80 56.32
N ASP I 286 23.94 -22.58 56.87
CA ASP I 286 25.00 -22.14 57.77
C ASP I 286 24.93 -22.85 59.11
N ASN I 287 23.73 -23.05 59.64
CA ASN I 287 23.52 -23.57 60.98
C ASN I 287 23.37 -25.08 61.00
N GLY I 288 23.98 -25.79 60.04
CA GLY I 288 23.90 -27.23 60.01
C GLY I 288 22.61 -27.76 59.39
N MET J 1 24.39 5.19 12.27
CA MET J 1 25.84 5.02 12.26
C MET J 1 26.50 5.82 13.39
N ASP J 2 26.77 7.10 13.14
CA ASP J 2 27.38 7.97 14.14
C ASP J 2 26.69 9.30 14.32
N ALA J 3 25.93 9.79 13.33
CA ALA J 3 25.20 11.04 13.48
C ALA J 3 23.86 10.84 14.17
N PHE J 4 23.29 9.64 14.12
CA PHE J 4 22.04 9.39 14.81
C PHE J 4 22.23 9.31 16.31
N GLN J 5 23.40 8.86 16.76
CA GLN J 5 23.74 8.88 18.18
C GLN J 5 24.37 10.20 18.60
N GLY J 6 24.81 11.02 17.64
CA GLY J 6 25.32 12.34 17.98
C GLY J 6 24.23 13.32 18.33
N ILE J 7 23.02 13.11 17.81
CA ILE J 7 21.88 13.92 18.22
C ILE J 7 21.15 13.30 19.40
N LEU J 8 21.39 12.02 19.69
CA LEU J 8 20.89 11.43 20.93
C LEU J 8 21.62 12.01 22.14
N LYS J 9 22.86 12.45 21.96
CA LYS J 9 23.59 13.10 23.04
C LYS J 9 23.00 14.47 23.38
N PHE J 10 22.46 15.17 22.36
CA PHE J 10 21.78 16.44 22.62
C PHE J 10 20.45 16.22 23.34
N PHE J 11 19.80 15.08 23.12
CA PHE J 11 18.56 14.77 23.82
C PHE J 11 18.78 14.08 25.15
N LEU J 12 20.03 13.82 25.53
CA LEU J 12 20.33 13.20 26.80
C LEU J 12 21.08 14.12 27.75
N ASN J 13 21.82 15.10 27.23
CA ASN J 13 22.42 16.12 28.09
C ASN J 13 21.34 17.08 28.60
N GLN J 14 20.35 17.38 27.77
CA GLN J 14 19.19 18.16 28.19
C GLN J 14 18.03 17.22 28.52
N LYS J 15 18.21 16.45 29.59
CA LYS J 15 17.19 15.50 30.03
C LYS J 15 16.28 16.06 31.10
N THR J 16 16.69 17.13 31.78
CA THR J 16 15.90 17.73 32.85
C THR J 16 14.91 18.78 32.35
N VAL J 17 14.89 19.08 31.06
CA VAL J 17 13.89 19.96 30.49
C VAL J 17 12.87 19.22 29.64
N ILE J 18 13.15 17.97 29.27
CA ILE J 18 12.17 17.15 28.57
C ILE J 18 11.18 16.55 29.56
N GLY J 19 11.66 16.20 30.76
CA GLY J 19 10.78 15.68 31.78
C GLY J 19 9.85 16.73 32.35
N TYR J 20 10.31 17.98 32.47
CA TYR J 20 9.45 19.04 32.95
C TYR J 20 8.52 19.57 31.87
N SER J 21 8.87 19.39 30.59
CA SER J 21 7.94 19.74 29.52
C SER J 21 6.87 18.68 29.35
N PHE J 22 7.24 17.41 29.49
CA PHE J 22 6.27 16.32 29.40
C PHE J 22 5.35 16.27 30.61
N MET J 23 5.79 16.80 31.75
CA MET J 23 4.91 16.87 32.91
C MET J 23 3.84 17.93 32.73
N ALA J 24 4.18 19.03 32.07
CA ALA J 24 3.20 20.08 31.82
C ALA J 24 2.25 19.73 30.69
N LEU J 25 2.70 18.89 29.75
CA LEU J 25 1.80 18.46 28.69
C LEU J 25 0.80 17.43 29.17
N LEU J 26 1.11 16.73 30.26
CA LEU J 26 0.16 15.80 30.84
C LEU J 26 -0.83 16.49 31.76
N THR J 27 -0.40 17.53 32.47
CA THR J 27 -1.32 18.25 33.36
C THR J 27 -2.31 19.11 32.58
N VAL J 28 -1.95 19.56 31.38
CA VAL J 28 -2.87 20.32 30.56
C VAL J 28 -3.96 19.42 30.00
N GLY J 29 -3.57 18.29 29.43
CA GLY J 29 -4.53 17.39 28.81
C GLY J 29 -5.40 16.63 29.79
N SER J 30 -4.92 16.43 31.02
CA SER J 30 -5.73 15.78 32.03
C SER J 30 -6.73 16.71 32.67
N GLU J 31 -6.46 18.02 32.67
CA GLU J 31 -7.43 18.97 33.20
C GLU J 31 -8.62 19.14 32.26
N ARG J 32 -8.39 19.03 30.94
CA ARG J 32 -9.49 19.12 29.99
C ARG J 32 -10.39 17.90 30.03
N LEU J 33 -9.90 16.78 30.55
CA LEU J 33 -10.73 15.60 30.73
C LEU J 33 -11.64 15.75 31.95
N PHE J 34 -11.31 16.64 32.88
CA PHE J 34 -12.10 16.82 34.09
C PHE J 34 -13.14 17.92 33.93
N SER J 35 -12.77 19.05 33.33
CA SER J 35 -13.68 20.18 33.25
C SER J 35 -14.69 20.06 32.12
N VAL J 36 -14.61 19.02 31.31
CA VAL J 36 -15.56 18.77 30.23
C VAL J 36 -16.46 17.59 30.55
N VAL J 37 -15.87 16.49 31.01
CA VAL J 37 -16.58 15.22 31.13
C VAL J 37 -17.15 15.02 32.53
N ALA J 38 -16.43 15.42 33.58
CA ALA J 38 -16.83 15.14 34.94
C ALA J 38 -17.41 16.33 35.68
N PHE J 39 -16.89 17.54 35.45
CA PHE J 39 -17.33 18.70 36.22
C PHE J 39 -18.65 19.22 35.67
N LYS J 40 -19.63 19.37 36.55
CA LYS J 40 -20.83 20.16 36.25
C LYS J 40 -21.30 20.76 37.55
N CYS J 41 -21.36 22.08 37.60
CA CYS J 41 -21.61 22.78 38.85
C CYS J 41 -23.08 22.65 39.23
N PRO J 42 -23.39 22.39 40.49
CA PRO J 42 -24.77 22.56 40.95
C PRO J 42 -25.09 24.04 41.12
N CYS J 43 -26.27 24.36 41.61
CA CYS J 43 -26.59 25.76 41.82
C CYS J 43 -27.21 25.92 43.20
N SER J 44 -26.55 25.33 44.18
CA SER J 44 -27.03 25.23 45.54
C SER J 44 -26.09 25.97 46.46
N THR J 45 -26.27 25.77 47.77
CA THR J 45 -25.33 26.30 48.75
C THR J 45 -24.04 25.49 48.82
N GLU J 46 -23.97 24.35 48.14
CA GLU J 46 -22.75 23.54 48.10
C GLU J 46 -21.88 23.90 46.90
N ASN J 47 -21.92 25.16 46.44
CA ASN J 47 -21.01 25.60 45.39
C ASN J 47 -19.62 25.84 45.91
N MET J 48 -19.51 26.37 47.14
CA MET J 48 -18.22 26.72 47.70
C MET J 48 -17.39 25.48 48.00
N THR J 49 -18.04 24.37 48.30
CA THR J 49 -17.32 23.14 48.59
C THR J 49 -17.00 22.37 47.31
N TYR J 50 -17.90 22.42 46.33
CA TYR J 50 -17.78 21.55 45.16
C TYR J 50 -16.67 22.01 44.23
N GLY J 51 -16.56 23.31 43.98
CA GLY J 51 -15.53 23.80 43.10
C GLY J 51 -14.17 23.83 43.76
N LEU J 52 -14.14 23.91 45.09
CA LEU J 52 -12.88 24.02 45.82
C LEU J 52 -12.24 22.66 46.06
N VAL J 53 -12.99 21.57 45.88
CA VAL J 53 -12.43 20.22 45.95
C VAL J 53 -11.81 19.83 44.63
N PHE J 54 -12.41 20.21 43.50
CA PHE J 54 -11.81 19.94 42.20
C PHE J 54 -10.57 20.79 41.93
N LEU J 55 -10.32 21.80 42.74
CA LEU J 55 -9.12 22.62 42.65
C LEU J 55 -7.96 22.05 43.45
N PHE J 56 -8.22 21.65 44.69
CA PHE J 56 -7.17 21.34 45.65
C PHE J 56 -6.94 19.85 45.86
N ALA J 57 -7.93 19.02 45.67
CA ALA J 57 -7.73 17.59 45.90
C ALA J 57 -6.88 16.87 44.86
N PRO J 58 -6.87 17.23 43.57
CA PRO J 58 -5.81 16.68 42.69
C PRO J 58 -4.45 17.29 42.92
N ALA J 59 -4.33 18.34 43.71
CA ALA J 59 -3.02 18.85 44.10
C ALA J 59 -2.46 18.13 45.31
N TRP J 60 -3.33 17.60 46.16
CA TRP J 60 -2.90 16.81 47.31
C TRP J 60 -2.48 15.41 46.91
N VAL J 61 -3.09 14.85 45.87
CA VAL J 61 -2.71 13.51 45.42
C VAL J 61 -1.40 13.57 44.67
N LEU J 62 -1.18 14.62 43.88
CA LEU J 62 0.07 14.79 43.15
C LEU J 62 1.24 15.12 44.06
N LEU J 63 0.98 15.61 45.25
CA LEU J 63 2.05 15.88 46.20
C LEU J 63 2.49 14.59 46.90
N ILE J 64 1.55 13.75 47.26
CA ILE J 64 1.86 12.49 47.94
C ILE J 64 2.47 11.50 46.97
N LEU J 65 2.07 11.56 45.71
CA LEU J 65 2.72 10.78 44.66
C LEU J 65 4.14 11.24 44.38
N GLY J 66 4.51 12.46 44.79
CA GLY J 66 5.86 12.93 44.62
C GLY J 66 6.80 12.50 45.72
N PHE J 67 6.28 12.02 46.85
CA PHE J 67 7.11 11.42 47.88
C PHE J 67 7.36 9.95 47.66
N PHE J 68 6.48 9.28 46.93
CA PHE J 68 6.69 7.86 46.64
C PHE J 68 7.78 7.68 45.60
N LEU J 69 7.82 8.55 44.59
CA LEU J 69 8.75 8.39 43.48
C LEU J 69 10.08 9.08 43.70
N ASN J 70 10.29 9.69 44.84
CA ASN J 70 11.55 10.38 45.12
C ASN J 70 12.51 9.38 45.73
N ASN J 71 13.63 9.13 45.04
CA ASN J 71 14.55 8.07 45.44
C ASN J 71 15.35 8.42 46.69
N ARG J 72 15.51 9.69 47.00
CA ARG J 72 16.35 10.08 48.11
C ARG J 72 15.56 10.38 49.38
N SER J 73 14.25 10.16 49.37
CA SER J 73 13.49 10.18 50.60
C SER J 73 13.49 8.83 51.30
N TRP J 74 13.80 7.76 50.57
CA TRP J 74 13.96 6.45 51.17
C TRP J 74 15.37 6.18 51.63
N ARG J 75 16.37 6.78 50.98
CA ARG J 75 17.74 6.68 51.45
C ARG J 75 17.93 7.39 52.78
N LEU J 76 17.17 8.44 53.02
CA LEU J 76 17.30 9.17 54.27
C LEU J 76 16.64 8.44 55.42
N PHE J 77 15.51 7.78 55.17
CA PHE J 77 14.63 7.36 56.25
C PHE J 77 14.67 5.86 56.57
N THR J 78 15.26 5.03 55.72
CA THR J 78 15.26 3.60 55.98
C THR J 78 16.19 3.25 57.14
N GLY J 79 15.68 2.49 58.10
CA GLY J 79 16.46 2.14 59.27
C GLY J 79 16.69 3.29 60.22
N CYS J 80 15.77 4.24 60.26
CA CYS J 80 15.95 5.46 61.05
C CYS J 80 15.87 5.18 62.55
N CYS J 81 14.89 4.40 62.99
CA CYS J 81 14.66 4.20 64.41
C CYS J 81 15.63 3.23 65.07
N VAL J 82 16.53 2.61 64.30
CA VAL J 82 17.57 1.78 64.90
C VAL J 82 18.58 2.66 65.63
N ASN J 83 19.13 3.65 64.94
CA ASN J 83 20.07 4.60 65.51
C ASN J 83 19.75 5.95 64.89
N PRO J 84 19.00 6.81 65.59
CA PRO J 84 18.56 8.08 64.99
C PRO J 84 19.67 9.11 64.82
N ARG J 85 20.81 8.92 65.48
CA ARG J 85 21.88 9.92 65.45
C ARG J 85 22.71 9.87 64.17
N LYS J 86 22.44 8.93 63.27
CA LYS J 86 23.13 8.94 61.99
C LYS J 86 22.42 9.81 60.95
N ILE J 87 21.23 10.30 61.25
CA ILE J 87 20.59 11.33 60.42
C ILE J 87 20.67 12.70 61.07
N PHE J 88 20.91 12.78 62.38
CA PHE J 88 21.22 14.01 63.08
C PHE J 88 22.65 13.96 63.60
N PRO J 89 23.65 14.17 62.74
CA PRO J 89 25.03 14.06 63.22
C PRO J 89 25.42 15.23 64.10
N ARG J 90 26.49 15.02 64.87
CA ARG J 90 26.88 16.00 65.87
C ARG J 90 27.54 17.22 65.25
N GLY J 91 28.35 17.01 64.22
CA GLY J 91 29.06 18.13 63.62
C GLY J 91 28.17 19.03 62.79
N HIS J 92 27.24 18.44 62.03
CA HIS J 92 26.39 19.18 61.10
C HIS J 92 24.94 18.85 61.42
N SER J 93 24.36 19.55 62.40
CA SER J 93 23.03 19.22 62.90
C SER J 93 21.90 19.83 62.07
N CYS J 94 22.22 20.55 61.00
CA CYS J 94 21.20 21.22 60.20
C CYS J 94 21.16 20.74 58.76
N ARG J 95 21.93 19.71 58.40
CA ARG J 95 21.82 19.16 57.07
C ARG J 95 20.58 18.26 56.93
N PHE J 96 19.99 17.82 58.04
CA PHE J 96 18.76 17.07 57.97
C PHE J 96 17.61 17.93 57.44
N PHE J 97 17.53 19.18 57.88
CA PHE J 97 16.52 20.09 57.36
C PHE J 97 16.84 20.60 55.97
N TYR J 98 18.12 20.60 55.59
CA TYR J 98 18.48 20.97 54.23
C TYR J 98 18.05 19.90 53.24
N VAL J 99 18.24 18.63 53.59
CA VAL J 99 17.84 17.55 52.67
C VAL J 99 16.32 17.42 52.66
N LEU J 100 15.69 17.55 53.83
CA LEU J 100 14.23 17.48 53.91
C LEU J 100 13.55 18.62 53.16
N GLY J 101 14.21 19.79 53.07
CA GLY J 101 13.71 20.86 52.22
C GLY J 101 13.93 20.63 50.75
N GLN J 102 14.82 19.70 50.39
CA GLN J 102 15.04 19.43 48.97
C GLN J 102 13.97 18.49 48.40
N ILE J 103 13.50 17.53 49.20
CA ILE J 103 12.41 16.67 48.78
C ILE J 103 11.11 17.46 48.65
N THR J 104 10.88 18.39 49.58
CA THR J 104 9.62 19.12 49.62
C THR J 104 9.48 20.07 48.44
N LEU J 105 10.54 20.79 48.10
CA LEU J 105 10.46 21.72 46.98
C LEU J 105 10.48 21.02 45.63
N SER J 106 11.08 19.84 45.55
CA SER J 106 11.14 19.12 44.28
C SER J 106 9.85 18.35 44.00
N SER J 107 9.02 18.13 45.01
CA SER J 107 7.75 17.46 44.86
C SER J 107 6.58 18.42 44.90
N LEU J 108 6.84 19.72 45.01
CA LEU J 108 5.82 20.75 44.94
C LEU J 108 5.70 21.33 43.53
N VAL J 109 6.32 20.71 42.54
CA VAL J 109 6.30 21.26 41.20
C VAL J 109 5.03 20.85 40.47
N ALA J 110 4.66 19.59 40.57
CA ALA J 110 3.41 19.08 40.00
C ALA J 110 2.12 19.59 40.65
N PRO J 111 2.06 19.93 41.96
CA PRO J 111 0.86 20.66 42.41
C PRO J 111 0.75 22.07 41.89
N VAL J 112 1.86 22.80 41.75
CA VAL J 112 1.79 24.17 41.27
C VAL J 112 1.47 24.21 39.78
N MET J 113 1.88 23.18 39.03
CA MET J 113 1.46 23.08 37.65
C MET J 113 0.02 22.62 37.50
N TRP J 114 -0.64 22.15 38.56
CA TRP J 114 -2.04 21.83 38.45
C TRP J 114 -2.91 23.03 38.75
N LEU J 115 -2.56 23.81 39.79
CA LEU J 115 -3.35 24.97 40.15
C LEU J 115 -3.26 26.08 39.10
N SER J 116 -2.18 26.11 38.33
CA SER J 116 -2.03 27.15 37.32
C SER J 116 -2.89 26.87 36.09
N VAL J 117 -2.92 25.61 35.64
CA VAL J 117 -3.73 25.27 34.48
C VAL J 117 -5.20 25.23 34.85
N ALA J 118 -5.54 24.87 36.08
CA ALA J 118 -6.93 24.81 36.48
C ALA J 118 -7.53 26.18 36.71
N LEU J 119 -6.72 27.19 36.99
CA LEU J 119 -7.23 28.56 37.11
C LEU J 119 -7.25 29.31 35.79
N LEU J 120 -6.45 28.88 34.81
CA LEU J 120 -6.45 29.52 33.50
C LEU J 120 -7.58 29.03 32.61
N ASN J 121 -8.11 27.84 32.89
CA ASN J 121 -9.36 27.37 32.31
C ASN J 121 -10.39 27.60 33.40
N GLY J 122 -10.89 28.82 33.47
CA GLY J 122 -11.51 29.31 34.70
C GLY J 122 -12.90 28.81 35.05
N THR J 123 -13.14 27.50 35.03
CA THR J 123 -14.43 26.97 35.43
C THR J 123 -14.51 26.62 36.90
N PHE J 124 -13.41 26.15 37.51
CA PHE J 124 -13.44 25.77 38.92
C PHE J 124 -13.57 26.98 39.83
N TYR J 125 -13.02 28.12 39.42
CA TYR J 125 -13.13 29.33 40.23
C TYR J 125 -14.49 29.99 40.05
N GLU J 126 -15.12 29.79 38.90
CA GLU J 126 -16.43 30.39 38.65
C GLU J 126 -17.51 29.72 39.49
N CYS J 127 -17.41 28.39 39.66
CA CYS J 127 -18.35 27.68 40.52
C CYS J 127 -18.10 27.98 41.99
N ALA J 128 -16.85 28.10 42.40
CA ALA J 128 -16.52 28.27 43.81
C ALA J 128 -16.66 29.69 44.32
N MET J 129 -16.50 30.69 43.47
CA MET J 129 -16.63 32.08 43.90
C MET J 129 -18.07 32.59 43.80
N SER J 130 -18.91 31.91 43.02
CA SER J 130 -20.33 32.29 42.95
C SER J 130 -21.03 32.10 44.30
N GLY J 131 -20.86 30.95 44.92
CA GLY J 131 -21.39 30.80 46.25
C GLY J 131 -20.46 31.36 47.30
N THR J 132 -20.38 32.68 47.43
CA THR J 132 -19.36 33.25 48.30
C THR J 132 -19.85 33.59 49.70
N ARG J 133 -21.01 34.24 49.83
CA ARG J 133 -21.66 34.59 51.11
C ARG J 133 -20.73 35.37 52.04
N SER J 134 -20.35 36.56 51.59
CA SER J 134 -19.42 37.39 52.34
C SER J 134 -19.77 38.85 52.15
N SER J 135 -19.54 39.64 53.20
CA SER J 135 -19.89 41.07 53.17
C SER J 135 -18.99 41.82 52.20
N GLY J 136 -17.66 41.77 52.43
CA GLY J 136 -16.72 42.11 51.39
C GLY J 136 -16.63 41.00 50.37
N LEU J 137 -15.85 41.25 49.31
CA LEU J 137 -15.58 40.36 48.17
C LEU J 137 -16.81 40.12 47.30
N LEU J 138 -17.96 40.66 47.66
CA LEU J 138 -19.21 40.49 46.92
C LEU J 138 -19.67 41.78 46.26
N GLU J 139 -19.32 42.94 46.83
CA GLU J 139 -19.54 44.20 46.14
C GLU J 139 -18.58 44.38 44.97
N LEU J 140 -17.43 43.71 44.99
CA LEU J 140 -16.52 43.81 43.86
C LEU J 140 -17.04 43.04 42.66
N ILE J 141 -17.83 42.01 42.88
CA ILE J 141 -18.43 41.25 41.78
C ILE J 141 -19.75 41.87 41.34
N CYS J 142 -20.63 42.16 42.29
CA CYS J 142 -21.89 42.84 42.03
C CYS J 142 -21.69 44.32 42.36
N LYS J 143 -21.42 45.13 41.33
CA LYS J 143 -21.21 46.55 41.52
C LYS J 143 -22.26 47.40 40.84
N GLY J 144 -22.46 47.23 39.54
CA GLY J 144 -23.46 48.01 38.83
C GLY J 144 -24.61 47.16 38.33
N LYS J 145 -25.05 46.23 39.17
CA LYS J 145 -26.05 45.24 38.86
C LYS J 145 -27.32 45.47 39.67
N PRO J 146 -28.46 44.83 39.29
CA PRO J 146 -29.67 44.94 40.13
C PRO J 146 -29.55 44.33 41.52
N LYS J 147 -30.62 44.42 42.31
CA LYS J 147 -30.54 44.02 43.71
C LYS J 147 -30.54 42.50 43.87
N GLU J 148 -30.95 41.74 42.86
CA GLU J 148 -30.94 40.28 42.94
C GLU J 148 -29.60 39.68 42.53
N CYS J 149 -28.51 40.45 42.61
CA CYS J 149 -27.17 39.90 42.56
C CYS J 149 -26.66 39.49 43.94
N TRP J 150 -27.23 40.06 44.99
CA TRP J 150 -26.82 39.73 46.35
C TRP J 150 -27.48 38.47 46.87
N GLU J 151 -28.44 37.91 46.16
CA GLU J 151 -29.18 36.75 46.64
C GLU J 151 -29.37 35.64 45.61
N GLU J 152 -29.09 35.88 44.34
CA GLU J 152 -29.20 34.86 43.32
C GLU J 152 -27.92 34.76 42.49
N LEU J 153 -26.78 35.03 43.12
CA LEU J 153 -25.52 34.95 42.38
C LEU J 153 -25.12 33.52 42.09
N HIS J 154 -25.43 32.60 42.99
CA HIS J 154 -24.92 31.23 42.86
C HIS J 154 -25.58 30.44 41.73
N LYS J 155 -26.60 30.99 41.08
CA LYS J 155 -27.23 30.34 39.95
C LYS J 155 -26.75 30.88 38.61
N VAL J 156 -25.70 31.69 38.60
CA VAL J 156 -25.25 32.30 37.35
C VAL J 156 -24.50 31.33 36.46
N SER J 157 -24.11 30.17 36.98
CA SER J 157 -23.36 29.20 36.18
C SER J 157 -24.30 28.30 35.39
N CYS J 158 -25.35 27.79 36.04
CA CYS J 158 -26.29 26.90 35.38
C CYS J 158 -27.18 27.61 34.38
N GLY J 159 -27.31 28.92 34.47
CA GLY J 159 -28.44 29.59 33.88
C GLY J 159 -29.58 29.58 34.88
N LYS J 160 -30.80 29.80 34.37
CA LYS J 160 -32.04 29.81 35.16
C LYS J 160 -31.97 30.85 36.28
N THR J 161 -31.80 32.10 35.87
CA THR J 161 -31.79 33.24 36.78
C THR J 161 -32.62 34.34 36.14
N SER J 162 -33.29 35.14 36.94
CA SER J 162 -34.29 36.06 36.41
C SER J 162 -33.81 37.49 36.34
N MET J 163 -32.55 37.70 35.96
CA MET J 163 -31.99 39.04 35.89
C MET J 163 -31.44 39.39 34.50
N LEU J 164 -32.25 39.18 33.44
CA LEU J 164 -32.04 39.79 32.11
C LEU J 164 -30.73 39.37 31.44
N PRO J 165 -30.72 38.23 30.73
CA PRO J 165 -29.47 37.48 30.44
C PRO J 165 -28.31 38.20 29.75
N THR J 166 -28.45 39.47 29.37
CA THR J 166 -27.25 40.23 29.01
C THR J 166 -26.44 40.56 30.25
N VAL J 167 -27.09 40.63 31.41
CA VAL J 167 -26.37 40.80 32.67
C VAL J 167 -25.74 39.47 33.07
N ASN J 168 -26.39 38.36 32.75
CA ASN J 168 -25.89 37.06 33.17
C ASN J 168 -24.78 36.56 32.27
N GLU J 169 -24.48 37.28 31.19
CA GLU J 169 -23.32 36.94 30.40
C GLU J 169 -22.10 37.72 30.85
N GLU J 170 -22.28 38.97 31.25
CA GLU J 170 -21.18 39.78 31.73
C GLU J 170 -21.04 39.71 33.25
N LEU J 171 -21.65 38.73 33.89
CA LEU J 171 -21.26 38.30 35.23
C LEU J 171 -20.48 37.02 35.21
N LYS J 172 -20.71 36.19 34.20
CA LYS J 172 -19.86 35.02 33.96
C LYS J 172 -18.52 35.41 33.36
N LEU J 173 -18.44 36.54 32.69
CA LEU J 173 -17.19 37.00 32.09
C LEU J 173 -16.31 37.74 33.08
N SER J 174 -16.88 38.32 34.12
CA SER J 174 -16.08 39.01 35.11
C SER J 174 -15.55 38.07 36.17
N LEU J 175 -16.08 36.86 36.27
CA LEU J 175 -15.55 35.83 37.15
C LEU J 175 -14.59 34.91 36.44
N GLN J 176 -14.80 34.68 35.15
CA GLN J 176 -13.87 33.89 34.35
C GLN J 176 -12.59 34.64 34.03
N ALA J 177 -12.55 35.95 34.26
CA ALA J 177 -11.36 36.76 34.04
C ALA J 177 -10.64 37.13 35.32
N GLN J 178 -11.25 36.97 36.47
CA GLN J 178 -10.54 37.12 37.73
C GLN J 178 -9.72 35.89 38.08
N SER J 179 -10.02 34.76 37.48
CA SER J 179 -9.26 33.55 37.71
C SER J 179 -8.09 33.40 36.77
N GLN J 180 -8.16 34.01 35.60
CA GLN J 180 -7.02 34.02 34.70
C GLN J 180 -6.00 35.07 35.09
N ILE J 181 -6.34 36.01 35.95
CA ILE J 181 -5.34 36.90 36.51
C ILE J 181 -4.61 36.23 37.66
N LEU J 182 -5.34 35.53 38.53
CA LEU J 182 -4.71 34.73 39.57
C LEU J 182 -3.98 33.52 39.02
N GLY J 183 -4.35 33.06 37.83
CA GLY J 183 -3.60 31.99 37.20
C GLY J 183 -2.22 32.42 36.75
N TRP J 184 -2.06 33.71 36.43
CA TRP J 184 -0.78 34.23 35.96
C TRP J 184 0.08 34.78 37.09
N CYS J 185 -0.52 35.21 38.20
CA CYS J 185 0.27 35.63 39.35
C CYS J 185 0.92 34.45 40.06
N LEU J 186 0.45 33.23 39.79
CA LEU J 186 1.00 32.03 40.37
C LEU J 186 2.14 31.45 39.56
N ILE J 187 2.09 31.54 38.22
CA ILE J 187 3.22 31.10 37.43
C ILE J 187 4.36 32.09 37.54
N CYS J 188 4.06 33.38 37.70
CA CYS J 188 5.09 34.40 37.69
C CYS J 188 5.83 34.51 39.02
N SER J 189 5.24 34.08 40.12
CA SER J 189 5.91 34.17 41.41
C SER J 189 6.43 32.83 41.91
N ALA J 190 6.02 31.72 41.29
CA ALA J 190 6.64 30.44 41.55
C ALA J 190 7.76 30.13 40.58
N SER J 191 7.93 30.93 39.53
CA SER J 191 9.12 30.86 38.70
C SER J 191 10.22 31.78 39.21
N PHE J 192 9.84 32.86 39.88
CA PHE J 192 10.83 33.75 40.48
C PHE J 192 11.34 33.21 41.80
N PHE J 193 10.50 32.52 42.57
CA PHE J 193 10.95 31.88 43.80
C PHE J 193 11.80 30.65 43.50
N SER J 194 11.52 29.97 42.39
CA SER J 194 12.28 28.78 42.04
C SER J 194 13.67 29.13 41.54
N LEU J 195 13.86 30.33 40.98
CA LEU J 195 15.19 30.75 40.58
C LEU J 195 16.00 31.29 41.75
N LEU J 196 15.33 31.88 42.73
CA LEU J 196 16.04 32.52 43.83
C LEU J 196 16.62 31.51 44.81
N THR J 197 15.98 30.35 44.97
CA THR J 197 16.51 29.32 45.85
C THR J 197 17.50 28.39 45.17
N THR J 198 17.45 28.28 43.84
CA THR J 198 18.50 27.57 43.15
C THR J 198 19.77 28.40 43.05
N CYS J 199 19.62 29.71 42.81
CA CYS J 199 20.79 30.58 42.75
C CYS J 199 21.40 30.83 44.12
N TYR J 200 20.68 30.59 45.20
CA TYR J 200 21.27 30.73 46.52
C TYR J 200 21.90 29.43 47.01
N ALA J 201 21.46 28.29 46.49
CA ALA J 201 22.11 27.03 46.81
C ALA J 201 23.39 26.81 46.03
N ARG J 202 23.57 27.50 44.91
CA ARG J 202 24.82 27.43 44.16
C ARG J 202 25.80 28.51 44.57
N CYS J 203 25.32 29.68 45.00
CA CYS J 203 26.22 30.73 45.43
C CYS J 203 26.91 30.40 46.74
N ARG J 204 26.29 29.54 47.57
CA ARG J 204 26.86 29.13 48.84
C ARG J 204 27.30 27.67 48.80
N SER J 205 27.72 27.20 47.64
CA SER J 205 28.26 25.85 47.52
C SER J 205 29.66 25.80 48.10
N LYS J 206 30.12 24.58 48.37
CA LYS J 206 31.44 24.39 48.96
C LYS J 206 32.54 24.24 47.92
N VAL J 207 32.18 23.95 46.68
CA VAL J 207 33.14 23.69 45.61
C VAL J 207 32.82 24.61 44.44
N SER J 208 33.80 24.77 43.55
CA SER J 208 33.62 25.62 42.39
C SER J 208 32.90 24.84 41.29
N TYR J 209 32.82 25.40 40.09
CA TYR J 209 32.02 24.77 39.04
C TYR J 209 32.68 23.52 38.50
N LEU J 210 34.01 23.52 38.42
CA LEU J 210 34.68 22.41 37.76
C LEU J 210 34.74 21.19 38.66
N GLN J 211 34.85 21.40 39.98
CA GLN J 211 34.82 20.28 40.90
C GLN J 211 33.42 19.70 41.06
N LEU J 212 32.39 20.52 40.91
CA LEU J 212 31.04 20.01 41.01
C LEU J 212 30.62 19.24 39.78
N SER J 213 31.37 19.35 38.69
CA SER J 213 31.08 18.56 37.51
C SER J 213 31.74 17.20 37.54
N PHE J 214 32.76 17.02 38.37
CA PHE J 214 33.35 15.72 38.60
C PHE J 214 32.61 14.96 39.68
N TRP J 215 32.11 15.67 40.69
CA TRP J 215 31.29 15.08 41.74
C TRP J 215 30.00 14.50 41.18
N LYS J 216 29.41 15.14 40.18
CA LYS J 216 28.17 14.63 39.61
C LYS J 216 28.42 13.47 38.64
N THR J 217 29.58 13.41 38.01
CA THR J 217 29.92 12.26 37.18
C THR J 217 30.28 11.05 38.01
N TYR J 218 30.88 11.29 39.18
CA TYR J 218 31.23 10.18 40.06
C TYR J 218 30.00 9.53 40.66
N ALA J 219 29.04 10.33 41.13
CA ALA J 219 27.88 9.79 41.82
C ALA J 219 26.93 9.06 40.89
N GLN J 220 27.06 9.21 39.58
CA GLN J 220 26.26 8.42 38.66
C GLN J 220 26.92 7.10 38.33
N LYS J 221 28.23 6.99 38.48
CA LYS J 221 28.92 5.74 38.22
C LYS J 221 29.13 4.92 39.47
N GLU J 222 28.94 5.49 40.65
CA GLU J 222 28.86 4.67 41.84
C GLU J 222 27.47 4.07 42.02
N LYS J 223 26.52 4.42 41.18
CA LYS J 223 25.25 3.71 41.17
C LYS J 223 25.23 2.60 40.14
N GLU J 224 25.93 2.80 39.02
CA GLU J 224 26.02 1.74 38.02
C GLU J 224 26.90 0.60 38.51
N GLN J 225 28.05 0.92 39.09
CA GLN J 225 28.96 -0.11 39.57
C GLN J 225 28.45 -0.81 40.81
N LEU J 226 27.55 -0.19 41.56
CA LEU J 226 27.01 -0.83 42.76
C LEU J 226 25.89 -1.79 42.43
N GLU J 227 25.18 -1.58 41.33
CA GLU J 227 24.18 -2.55 40.89
C GLU J 227 24.77 -3.71 40.12
N ASN J 228 26.07 -3.69 39.85
CA ASN J 228 26.77 -4.80 39.24
C ASN J 228 27.53 -5.63 40.23
N THR J 229 27.97 -5.04 41.35
CA THR J 229 28.58 -5.82 42.41
C THR J 229 27.53 -6.56 43.21
N PHE J 230 26.37 -5.93 43.43
CA PHE J 230 25.29 -6.56 44.18
C PHE J 230 24.73 -7.76 43.43
N LEU J 231 24.79 -7.74 42.11
CA LEU J 231 24.29 -8.81 41.27
C LEU J 231 25.36 -9.85 40.99
N ASP J 232 26.61 -9.56 41.33
CA ASP J 232 27.72 -10.49 41.21
C ASP J 232 27.96 -11.28 42.48
N TYR J 233 27.67 -10.69 43.63
CA TYR J 233 27.77 -11.38 44.91
C TYR J 233 26.48 -12.07 45.30
N ALA J 234 25.42 -11.93 44.52
CA ALA J 234 24.17 -12.63 44.78
C ALA J 234 24.01 -13.88 43.94
N ASN J 235 24.64 -13.93 42.77
CA ASN J 235 24.74 -15.19 42.05
C ASN J 235 25.73 -16.12 42.72
N LYS J 236 26.80 -15.58 43.28
CA LYS J 236 27.80 -16.41 43.92
C LYS J 236 27.39 -16.90 45.29
N LEU J 237 26.37 -16.30 45.89
CA LEU J 237 25.89 -16.74 47.19
C LEU J 237 24.73 -17.71 47.06
N SER J 238 23.88 -17.52 46.05
CA SER J 238 22.75 -18.41 45.87
C SER J 238 23.16 -19.73 45.23
N GLU J 239 24.27 -19.77 44.48
CA GLU J 239 24.78 -21.04 43.99
C GLU J 239 25.40 -21.85 45.11
N ARG J 240 26.01 -21.19 46.08
CA ARG J 240 26.60 -21.90 47.21
C ARG J 240 25.53 -22.48 48.12
N ASN J 241 24.39 -21.80 48.25
CA ASN J 241 23.36 -22.24 49.17
C ASN J 241 22.55 -23.41 48.64
N LEU J 242 22.34 -23.48 47.33
CA LEU J 242 21.52 -24.54 46.77
C LEU J 242 22.28 -25.85 46.62
N LYS J 243 23.59 -25.78 46.40
CA LYS J 243 24.37 -27.00 46.29
C LYS J 243 24.59 -27.66 47.63
N CYS J 244 24.69 -26.87 48.69
CA CYS J 244 24.88 -27.43 50.02
C CYS J 244 23.58 -27.79 50.69
N PHE J 245 22.44 -27.64 50.00
CA PHE J 245 21.15 -28.08 50.50
C PHE J 245 20.71 -29.40 49.88
N PHE J 246 20.95 -29.60 48.59
CA PHE J 246 20.55 -30.82 47.94
C PHE J 246 21.57 -31.93 48.07
N GLU J 247 22.82 -31.61 48.39
CA GLU J 247 23.87 -32.60 48.51
C GLU J 247 24.19 -32.95 49.95
N ASN J 248 23.55 -32.27 50.91
CA ASN J 248 23.73 -32.46 52.36
C ASN J 248 25.20 -32.28 52.76
N LYS J 249 25.81 -31.21 52.28
CA LYS J 249 27.19 -30.89 52.57
C LYS J 249 27.26 -29.71 53.54
N ARG J 250 28.49 -29.37 53.91
CA ARG J 250 28.78 -28.18 54.68
C ARG J 250 29.46 -27.15 53.79
N PRO J 251 29.13 -25.87 53.91
CA PRO J 251 29.61 -24.87 52.95
C PRO J 251 30.89 -24.19 53.39
N ASP J 252 31.57 -23.60 52.40
CA ASP J 252 32.72 -22.74 52.65
C ASP J 252 32.27 -21.34 53.04
N PRO J 253 33.00 -20.67 53.93
CA PRO J 253 32.54 -19.38 54.45
C PRO J 253 32.55 -18.28 53.40
N PHE J 254 31.52 -17.43 53.44
CA PHE J 254 31.35 -16.36 52.47
C PHE J 254 31.79 -15.05 53.10
N PRO J 255 32.82 -14.38 52.57
CA PRO J 255 33.26 -13.11 53.15
C PRO J 255 32.39 -11.94 52.71
N MET J 256 31.55 -11.46 53.63
CA MET J 256 30.66 -10.33 53.48
C MET J 256 31.02 -9.28 54.51
N PRO J 257 30.74 -8.00 54.25
CA PRO J 257 31.04 -6.97 55.24
C PRO J 257 30.19 -7.09 56.49
N THR J 258 30.71 -6.56 57.59
CA THR J 258 30.03 -6.65 58.87
C THR J 258 28.82 -5.71 58.90
N PHE J 259 27.99 -5.88 59.93
CA PHE J 259 26.84 -5.01 60.08
C PHE J 259 27.25 -3.61 60.48
N ALA J 260 28.38 -3.46 61.19
CA ALA J 260 28.85 -2.14 61.56
C ALA J 260 29.41 -1.37 60.38
N ALA J 261 29.81 -2.06 59.31
CA ALA J 261 30.28 -1.38 58.12
C ALA J 261 29.19 -1.20 57.07
N TRP J 262 28.10 -1.96 57.14
CA TRP J 262 26.94 -1.67 56.31
C TRP J 262 26.21 -0.44 56.79
N GLU J 263 26.28 -0.15 58.09
CA GLU J 263 25.59 0.99 58.66
C GLU J 263 26.37 2.29 58.50
N ALA J 264 27.70 2.22 58.47
CA ALA J 264 28.51 3.42 58.33
C ALA J 264 28.48 3.96 56.91
N ALA J 265 28.39 3.10 55.91
CA ALA J 265 28.36 3.52 54.52
C ALA J 265 26.98 3.95 54.04
N SER J 266 26.03 4.12 54.95
CA SER J 266 24.68 4.55 54.60
C SER J 266 24.31 5.85 55.28
N GLU J 267 25.29 6.64 55.70
CA GLU J 267 25.00 7.87 56.41
C GLU J 267 24.80 9.01 55.42
N LEU J 268 24.75 10.23 55.94
CA LEU J 268 24.51 11.42 55.14
C LEU J 268 25.83 12.12 54.86
N HIS J 269 26.05 12.48 53.60
CA HIS J 269 27.33 13.03 53.17
C HIS J 269 27.33 14.55 53.21
N SER J 270 28.42 15.12 53.73
CA SER J 270 28.66 16.55 53.68
C SER J 270 30.10 16.77 53.26
N PHE J 271 30.32 17.69 52.33
CA PHE J 271 31.66 17.92 51.79
C PHE J 271 32.53 18.67 52.78
N HIS J 272 33.80 18.26 52.83
CA HIS J 272 34.83 18.98 53.56
C HIS J 272 35.97 19.28 52.60
N GLN J 273 36.41 20.53 52.57
CA GLN J 273 37.48 20.91 51.66
C GLN J 273 38.87 20.64 52.23
N SER J 274 38.97 20.02 53.40
CA SER J 274 40.26 19.56 53.92
C SER J 274 40.58 18.15 53.40
N GLN J 275 39.69 17.20 53.67
CA GLN J 275 39.76 15.86 53.10
C GLN J 275 38.64 15.78 52.07
N GLN J 276 38.97 15.79 50.79
CA GLN J 276 37.95 15.87 49.76
C GLN J 276 37.44 14.47 49.41
N HIS J 277 36.22 14.18 49.84
CA HIS J 277 35.58 12.89 49.64
C HIS J 277 34.28 13.12 48.91
N TYR J 278 34.01 12.30 47.90
CA TYR J 278 32.88 12.52 47.00
C TYR J 278 31.69 11.63 47.31
N SER J 279 31.80 10.75 48.30
CA SER J 279 30.68 9.95 48.76
C SER J 279 30.98 9.51 50.18
N THR J 280 29.95 9.01 50.85
CA THR J 280 30.16 8.45 52.18
C THR J 280 30.74 7.05 52.14
N LEU J 281 30.77 6.42 50.97
CA LEU J 281 31.50 5.17 50.78
C LEU J 281 32.97 5.44 50.48
N HIS J 282 33.28 6.59 49.89
CA HIS J 282 34.67 7.00 49.73
C HIS J 282 35.29 7.37 51.07
N ARG J 283 34.48 7.78 52.03
CA ARG J 283 35.00 8.21 53.32
C ARG J 283 35.31 7.01 54.22
N VAL J 284 34.49 5.96 54.18
CA VAL J 284 34.72 4.80 55.02
C VAL J 284 35.82 3.89 54.49
N VAL J 285 36.26 4.10 53.25
CA VAL J 285 37.33 3.30 52.67
C VAL J 285 38.67 3.96 52.86
N ASP J 286 38.74 5.28 52.69
CA ASP J 286 39.98 6.02 52.93
C ASP J 286 40.35 6.10 54.39
N ASN J 287 39.37 5.96 55.29
CA ASN J 287 39.58 6.16 56.70
C ASN J 287 39.35 4.87 57.50
N GLY J 288 39.91 3.77 57.01
CA GLY J 288 39.80 2.49 57.69
C GLY J 288 38.44 1.83 57.53
N MET K 1 26.31 8.12 1.64
CA MET K 1 27.72 7.83 1.42
C MET K 1 28.59 8.99 1.90
N ASP K 2 28.75 10.00 1.05
CA ASP K 2 29.54 11.18 1.39
C ASP K 2 28.86 12.51 1.08
N ALA K 3 27.89 12.53 0.17
CA ALA K 3 27.19 13.77 -0.15
C ALA K 3 26.12 14.13 0.87
N PHE K 4 25.63 13.15 1.62
CA PHE K 4 24.62 13.44 2.63
C PHE K 4 25.23 14.11 3.86
N GLN K 5 26.50 13.81 4.16
CA GLN K 5 27.21 14.51 5.22
C GLN K 5 27.81 15.82 4.75
N GLY K 6 27.90 16.03 3.44
CA GLY K 6 28.36 17.31 2.93
C GLY K 6 27.31 18.40 3.02
N ILE K 7 26.03 18.01 3.00
CA ILE K 7 24.97 18.98 3.25
C ILE K 7 24.58 19.03 4.73
N LEU K 8 24.96 18.00 5.51
CA LEU K 8 24.85 18.10 6.96
C LEU K 8 25.84 19.11 7.52
N LYS K 9 26.96 19.32 6.83
CA LYS K 9 27.94 20.31 7.27
C LYS K 9 27.42 21.74 7.08
N PHE K 10 26.63 21.96 6.01
CA PHE K 10 26.03 23.27 5.80
C PHE K 10 24.93 23.56 6.81
N PHE K 11 24.25 22.53 7.30
CA PHE K 11 23.26 22.71 8.35
C PHE K 11 23.86 22.72 9.74
N LEU K 12 25.17 22.49 9.87
CA LEU K 12 25.85 22.54 11.15
C LEU K 12 26.75 23.74 11.31
N ASN K 13 27.27 24.29 10.21
CA ASN K 13 28.01 25.55 10.29
C ASN K 13 27.08 26.72 10.56
N GLN K 14 25.89 26.69 9.99
CA GLN K 14 24.86 27.68 10.29
C GLN K 14 23.88 27.14 11.33
N LYS K 15 24.40 26.95 12.55
CA LYS K 15 23.59 26.44 13.64
C LYS K 15 22.98 27.53 14.50
N THR K 16 23.49 28.75 14.41
CA THR K 16 22.98 29.86 15.21
C THR K 16 21.84 30.60 14.54
N VAL K 17 21.49 30.26 13.31
CA VAL K 17 20.33 30.84 12.64
C VAL K 17 19.16 29.88 12.54
N ILE K 18 19.39 28.59 12.79
CA ILE K 18 18.30 27.63 12.82
C ILE K 18 17.60 27.65 14.18
N GLY K 19 18.37 27.84 15.25
CA GLY K 19 17.79 27.94 16.57
C GLY K 19 17.00 29.22 16.78
N TYR K 20 17.39 30.31 16.12
CA TYR K 20 16.64 31.54 16.22
C TYR K 20 15.43 31.55 15.29
N SER K 21 15.50 30.80 14.19
CA SER K 21 14.33 30.64 13.33
C SER K 21 13.30 29.73 13.97
N PHE K 22 13.75 28.67 14.63
CA PHE K 22 12.84 27.75 15.31
C PHE K 22 12.25 28.36 16.57
N MET K 23 12.92 29.35 17.16
CA MET K 23 12.35 30.03 18.31
C MET K 23 11.23 30.98 17.91
N ALA K 24 11.36 31.62 16.74
CA ALA K 24 10.30 32.50 16.27
C ALA K 24 9.11 31.72 15.72
N LEU K 25 9.34 30.50 15.25
CA LEU K 25 8.23 29.67 14.79
C LEU K 25 7.43 29.10 15.96
N LEU K 26 8.03 28.97 17.14
CA LEU K 26 7.30 28.50 18.30
C LEU K 26 6.52 29.61 18.97
N THR K 27 7.06 30.83 18.98
CA THR K 27 6.38 31.96 19.62
C THR K 27 5.17 32.41 18.80
N VAL K 28 5.21 32.23 17.48
CA VAL K 28 4.07 32.58 16.64
C VAL K 28 2.92 31.59 16.86
N GLY K 29 3.22 30.30 16.84
CA GLY K 29 2.18 29.29 17.01
C GLY K 29 1.64 29.17 18.42
N SER K 30 2.42 29.59 19.41
CA SER K 30 1.93 29.56 20.79
C SER K 30 1.12 30.79 21.15
N GLU K 31 1.28 31.89 20.41
CA GLU K 31 0.43 33.06 20.63
C GLU K 31 -0.97 32.83 20.08
N ARG K 32 -1.10 32.11 18.97
CA ARG K 32 -2.42 31.81 18.41
C ARG K 32 -3.20 30.84 19.27
N LEU K 33 -2.52 30.04 20.10
CA LEU K 33 -3.20 29.17 21.04
C LEU K 33 -3.79 29.95 22.21
N PHE K 34 -3.25 31.13 22.51
CA PHE K 34 -3.72 31.94 23.62
C PHE K 34 -4.83 32.90 23.22
N SER K 35 -4.68 33.58 22.07
CA SER K 35 -5.62 34.60 21.67
C SER K 35 -6.89 34.05 21.03
N VAL K 36 -6.97 32.74 20.83
CA VAL K 36 -8.15 32.09 20.29
C VAL K 36 -8.89 31.31 21.37
N VAL K 37 -8.17 30.49 22.13
CA VAL K 37 -8.77 29.53 23.03
C VAL K 37 -8.95 30.09 24.44
N ALA K 38 -8.02 30.91 24.91
CA ALA K 38 -8.06 31.35 26.29
C ALA K 38 -8.45 32.80 26.47
N PHE K 39 -8.10 33.70 25.56
CA PHE K 39 -8.39 35.12 25.72
C PHE K 39 -9.83 35.40 25.33
N LYS K 40 -10.59 36.00 26.24
CA LYS K 40 -11.84 36.64 25.89
C LYS K 40 -11.99 37.84 26.80
N CYS K 41 -12.03 39.02 26.21
CA CYS K 41 -11.97 40.26 26.96
C CYS K 41 -13.29 40.46 27.69
N PRO K 42 -13.27 40.86 28.96
CA PRO K 42 -14.50 41.35 29.58
C PRO K 42 -14.81 42.76 29.09
N CYS K 43 -15.84 43.37 29.64
CA CYS K 43 -16.15 44.73 29.27
C CYS K 43 -16.43 45.54 30.53
N SER K 44 -15.51 45.44 31.47
CA SER K 44 -15.62 46.02 32.79
C SER K 44 -14.50 47.04 32.99
N THR K 45 -14.34 47.50 34.22
CA THR K 45 -13.21 48.36 34.57
C THR K 45 -11.91 47.58 34.70
N GLU K 46 -11.96 46.25 34.71
CA GLU K 46 -10.75 45.43 34.76
C GLU K 46 -10.25 45.07 33.37
N ASN K 47 -10.48 45.90 32.36
CA ASN K 47 -9.88 45.69 31.05
C ASN K 47 -8.41 46.03 31.06
N MET K 48 -8.04 47.09 31.77
CA MET K 48 -6.66 47.56 31.79
C MET K 48 -5.71 46.55 32.41
N THR K 49 -6.18 45.79 33.39
CA THR K 49 -5.38 44.77 34.02
C THR K 49 -5.40 43.44 33.25
N TYR K 50 -6.51 43.14 32.58
CA TYR K 50 -6.64 41.83 31.96
C TYR K 50 -5.80 41.71 30.71
N GLY K 51 -5.79 42.75 29.86
CA GLY K 51 -5.03 42.67 28.63
C GLY K 51 -3.55 42.90 28.84
N LEU K 52 -3.19 43.64 29.87
CA LEU K 52 -1.80 43.95 30.18
C LEU K 52 -1.08 42.82 30.87
N VAL K 53 -1.79 41.82 31.36
CA VAL K 53 -1.18 40.64 31.96
C VAL K 53 -0.91 39.58 30.91
N PHE K 54 -1.80 39.40 29.94
CA PHE K 54 -1.56 38.49 28.83
C PHE K 54 -0.47 38.97 27.88
N LEU K 55 -0.04 40.22 28.01
CA LEU K 55 1.01 40.79 27.19
C LEU K 55 2.37 40.66 27.87
N PHE K 56 2.44 40.96 29.16
CA PHE K 56 3.71 41.08 29.88
C PHE K 56 4.07 39.86 30.70
N ALA K 57 3.12 39.13 31.24
CA ALA K 57 3.45 37.99 32.10
C ALA K 57 4.01 36.77 31.37
N PRO K 58 3.62 36.42 30.13
CA PRO K 58 4.40 35.40 29.42
C PRO K 58 5.77 35.86 28.96
N ALA K 59 6.07 37.16 29.00
CA ALA K 59 7.40 37.63 28.69
C ALA K 59 8.31 37.56 29.90
N TRP K 60 7.75 37.65 31.10
CA TRP K 60 8.52 37.52 32.33
C TRP K 60 8.91 36.08 32.60
N VAL K 61 8.10 35.13 32.16
CA VAL K 61 8.42 33.72 32.33
C VAL K 61 9.51 33.30 31.35
N LEU K 62 9.46 33.83 30.13
CA LEU K 62 10.50 33.54 29.14
C LEU K 62 11.83 34.19 29.47
N LEU K 63 11.83 35.24 30.29
CA LEU K 63 13.08 35.82 30.74
C LEU K 63 13.75 34.97 31.81
N ILE K 64 12.96 34.46 32.76
CA ILE K 64 13.48 33.65 33.84
C ILE K 64 13.89 32.27 33.34
N LEU K 65 13.18 31.76 32.33
CA LEU K 65 13.57 30.52 31.69
C LEU K 65 14.86 30.65 30.89
N GLY K 66 15.27 31.86 30.55
CA GLY K 66 16.53 32.06 29.86
C GLY K 66 17.73 32.13 30.76
N PHE K 67 17.52 32.36 32.06
CA PHE K 67 18.61 32.28 33.03
C PHE K 67 18.88 30.86 33.48
N PHE K 68 17.88 29.99 33.42
CA PHE K 68 18.09 28.59 33.79
C PHE K 68 18.91 27.86 32.73
N LEU K 69 18.57 28.05 31.46
CA LEU K 69 19.16 27.30 30.38
C LEU K 69 20.48 27.88 29.90
N ASN K 70 20.97 28.96 30.49
CA ASN K 70 22.23 29.55 30.11
C ASN K 70 23.36 28.84 30.87
N ASN K 71 24.26 28.20 30.13
CA ASN K 71 25.31 27.40 30.74
C ASN K 71 26.38 28.23 31.41
N ARG K 72 26.57 29.48 31.00
CA ARG K 72 27.63 30.29 31.55
C ARG K 72 27.17 31.21 32.67
N SER K 73 25.89 31.15 33.03
CA SER K 73 25.44 31.83 34.24
C SER K 73 25.72 31.01 35.49
N TRP K 74 25.90 29.71 35.35
CA TRP K 74 26.25 28.85 36.46
C TRP K 74 27.75 28.70 36.65
N ARG K 75 28.52 28.83 35.57
CA ARG K 75 29.97 28.84 35.70
C ARG K 75 30.46 30.06 36.44
N LEU K 76 29.76 31.17 36.32
CA LEU K 76 30.18 32.40 36.99
C LEU K 76 29.86 32.35 38.47
N PHE K 77 28.72 31.78 38.84
CA PHE K 77 28.16 31.99 40.17
C PHE K 77 28.35 30.84 41.15
N THR K 78 28.74 29.66 40.70
CA THR K 78 28.90 28.53 41.62
C THR K 78 30.11 28.72 42.51
N GLY K 79 29.92 28.54 43.80
CA GLY K 79 31.00 28.70 44.75
C GLY K 79 31.39 30.15 44.98
N CYS K 80 30.46 31.07 44.78
CA CYS K 80 30.77 32.50 44.82
C CYS K 80 31.08 32.97 46.24
N CYS K 81 30.33 32.51 47.24
CA CYS K 81 30.50 33.04 48.58
C CYS K 81 31.68 32.44 49.33
N VAL K 82 32.37 31.46 48.75
CA VAL K 82 33.60 30.96 49.35
C VAL K 82 34.69 32.01 49.29
N ASN K 83 34.92 32.56 48.11
CA ASN K 83 35.91 33.61 47.92
C ASN K 83 35.37 34.53 46.83
N PRO K 84 34.77 35.67 47.20
CA PRO K 84 34.12 36.52 46.19
C PRO K 84 35.10 37.28 45.33
N ARG K 85 36.36 37.39 45.74
CA ARG K 85 37.35 38.18 45.03
C ARG K 85 37.96 37.43 43.85
N LYS K 86 37.44 36.25 43.51
CA LYS K 86 37.83 35.57 42.29
C LYS K 86 36.88 35.87 41.13
N ILE K 87 35.74 36.50 41.42
CA ILE K 87 34.87 37.02 40.39
C ILE K 87 35.02 38.54 40.25
N PHE K 88 35.55 39.22 41.27
CA PHE K 88 35.96 40.61 41.20
C PHE K 88 37.47 40.67 41.35
N PRO K 89 38.24 40.38 40.30
CA PRO K 89 39.69 40.39 40.43
C PRO K 89 40.21 41.82 40.50
N ARG K 90 41.45 41.94 40.98
CA ARG K 90 42.03 43.27 41.17
C ARG K 90 42.45 43.91 39.86
N GLY K 91 42.96 43.11 38.92
CA GLY K 91 43.45 43.63 37.66
C GLY K 91 42.37 44.13 36.72
N HIS K 92 41.31 43.34 36.56
CA HIS K 92 40.23 43.65 35.63
C HIS K 92 38.92 43.60 36.40
N SER K 93 38.56 44.71 37.05
CA SER K 93 37.37 44.74 37.89
C SER K 93 36.09 45.02 37.13
N CYS K 94 36.13 45.11 35.81
CA CYS K 94 34.96 45.43 35.02
C CYS K 94 34.53 44.28 34.12
N ARG K 95 35.25 43.16 34.14
CA ARG K 95 34.80 42.01 33.35
C ARG K 95 33.67 41.26 34.03
N PHE K 96 33.36 41.55 35.29
CA PHE K 96 32.17 40.97 35.90
C PHE K 96 30.91 41.51 35.24
N PHE K 97 30.84 42.82 35.04
CA PHE K 97 29.67 43.44 34.41
C PHE K 97 29.62 43.20 32.91
N TYR K 98 30.76 42.89 32.29
CA TYR K 98 30.74 42.53 30.87
C TYR K 98 30.11 41.15 30.67
N VAL K 99 30.45 40.19 31.53
CA VAL K 99 29.89 38.85 31.40
C VAL K 99 28.44 38.83 31.89
N LEU K 100 28.14 39.63 32.92
CA LEU K 100 26.77 39.75 33.40
C LEU K 100 25.87 40.43 32.38
N GLY K 101 26.39 41.39 31.62
CA GLY K 101 25.63 41.99 30.54
C GLY K 101 25.44 41.08 29.36
N GLN K 102 26.35 40.13 29.15
CA GLN K 102 26.21 39.17 28.06
C GLN K 102 25.08 38.18 28.33
N ILE K 103 24.86 37.84 29.60
CA ILE K 103 23.81 36.90 29.98
C ILE K 103 22.44 37.55 29.83
N THR K 104 22.33 38.83 30.19
CA THR K 104 21.06 39.52 30.17
C THR K 104 20.57 39.78 28.76
N LEU K 105 21.46 40.23 27.87
CA LEU K 105 21.06 40.51 26.50
C LEU K 105 20.80 39.25 25.70
N SER K 106 21.45 38.13 26.05
CA SER K 106 21.22 36.89 25.33
C SER K 106 19.93 36.21 25.76
N SER K 107 19.38 36.59 26.90
CA SER K 107 18.13 36.03 27.41
C SER K 107 16.94 36.95 27.22
N LEU K 108 17.16 38.15 26.70
CA LEU K 108 16.11 39.10 26.35
C LEU K 108 15.61 38.91 24.93
N VAL K 109 16.02 37.85 24.24
CA VAL K 109 15.62 37.68 22.85
C VAL K 109 14.22 37.08 22.76
N ALA K 110 13.94 36.06 23.56
CA ALA K 110 12.61 35.46 23.60
C ALA K 110 11.51 36.31 24.24
N PRO K 111 11.77 37.17 25.24
CA PRO K 111 10.73 38.15 25.60
C PRO K 111 10.41 39.17 24.51
N VAL K 112 11.42 39.63 23.77
CA VAL K 112 11.18 40.63 22.73
C VAL K 112 10.47 40.00 21.54
N MET K 113 10.70 38.72 21.30
CA MET K 113 9.94 38.02 20.26
C MET K 113 8.53 37.66 20.71
N TRP K 114 8.18 37.82 21.99
CA TRP K 114 6.81 37.61 22.41
C TRP K 114 5.99 38.88 22.28
N LEU K 115 6.56 40.03 22.64
CA LEU K 115 5.82 41.28 22.54
C LEU K 115 5.59 41.71 21.10
N SER K 116 6.46 41.29 20.18
CA SER K 116 6.31 41.67 18.78
C SER K 116 5.18 40.90 18.12
N VAL K 117 5.10 39.60 18.37
CA VAL K 117 4.04 38.80 17.78
C VAL K 117 2.70 39.09 18.46
N ALA K 118 2.72 39.43 19.74
CA ALA K 118 1.46 39.69 20.43
C ALA K 118 0.89 41.05 20.09
N LEU K 119 1.73 42.02 19.73
CA LEU K 119 1.22 43.32 19.30
C LEU K 119 0.85 43.33 17.83
N LEU K 120 1.47 42.48 17.00
CA LEU K 120 1.10 42.38 15.60
C LEU K 120 -0.20 41.64 15.38
N ASN K 121 -0.68 40.92 16.37
CA ASN K 121 -2.01 40.32 16.38
C ASN K 121 -2.77 41.10 17.45
N GLY K 122 -3.33 42.23 17.06
CA GLY K 122 -3.70 43.25 18.02
C GLY K 122 -4.93 43.02 18.86
N THR K 123 -5.04 41.88 19.52
CA THR K 123 -6.16 41.63 20.42
C THR K 123 -5.85 41.97 21.87
N PHE K 124 -4.60 41.79 22.31
CA PHE K 124 -4.27 42.12 23.70
C PHE K 124 -4.21 43.62 23.92
N TYR K 125 -3.82 44.37 22.90
CA TYR K 125 -3.75 45.83 23.02
C TYR K 125 -5.12 46.46 22.89
N GLU K 126 -6.02 45.86 22.10
CA GLU K 126 -7.35 46.41 21.93
C GLU K 126 -8.17 46.30 23.22
N CYS K 127 -7.97 45.21 23.97
CA CYS K 127 -8.63 45.06 25.26
C CYS K 127 -8.05 46.00 26.30
N ALA K 128 -6.73 46.21 26.31
CA ALA K 128 -6.11 47.00 27.37
C ALA K 128 -6.18 48.50 27.12
N MET K 129 -6.23 48.93 25.86
CA MET K 129 -6.30 50.35 25.55
C MET K 129 -7.73 50.89 25.61
N SER K 130 -8.73 50.02 25.49
CA SER K 130 -10.12 50.46 25.61
C SER K 130 -10.43 50.99 27.00
N GLY K 131 -10.08 50.24 28.04
CA GLY K 131 -10.26 50.77 29.38
C GLY K 131 -9.12 51.67 29.77
N THR K 132 -9.05 52.88 29.23
CA THR K 132 -7.87 53.71 29.47
C THR K 132 -8.02 54.69 30.61
N ARG K 133 -9.16 55.41 30.69
CA ARG K 133 -9.48 56.38 31.74
C ARG K 133 -8.39 57.43 31.92
N SER K 134 -8.18 58.22 30.87
CA SER K 134 -7.11 59.21 30.86
C SER K 134 -7.57 60.43 30.08
N SER K 135 -7.13 61.61 30.54
CA SER K 135 -7.54 62.86 29.91
C SER K 135 -6.94 62.99 28.51
N GLY K 136 -5.62 62.93 28.41
CA GLY K 136 -4.98 62.68 27.14
C GLY K 136 -5.12 61.21 26.75
N LEU K 137 -4.65 60.89 25.55
CA LEU K 137 -4.64 59.55 24.93
C LEU K 137 -6.04 59.01 24.65
N LEU K 138 -7.09 59.78 24.92
CA LEU K 138 -8.47 59.39 24.70
C LEU K 138 -9.16 60.22 23.63
N GLU K 139 -8.73 61.47 23.44
CA GLU K 139 -9.17 62.24 22.30
C GLU K 139 -8.52 61.77 21.01
N LEU K 140 -7.36 61.11 21.10
CA LEU K 140 -6.73 60.57 19.90
C LEU K 140 -7.47 59.34 19.39
N ILE K 141 -8.23 58.67 20.24
CA ILE K 141 -9.04 57.53 19.82
C ILE K 141 -10.45 57.96 19.46
N CYS K 142 -11.07 58.78 20.32
CA CYS K 142 -12.39 59.35 20.05
C CYS K 142 -12.17 60.78 19.59
N LYS K 143 -12.20 61.00 18.27
CA LYS K 143 -12.01 62.33 17.72
C LYS K 143 -13.25 62.84 17.00
N GLY K 144 -13.78 62.09 16.04
CA GLY K 144 -14.96 62.51 15.33
C GLY K 144 -16.16 61.61 15.61
N LYS K 145 -16.31 61.24 16.87
CA LYS K 145 -17.31 60.29 17.33
C LYS K 145 -18.34 60.98 18.21
N PRO K 146 -19.51 60.34 18.49
CA PRO K 146 -20.47 60.93 19.42
C PRO K 146 -19.97 61.04 20.86
N LYS K 147 -20.80 61.59 21.74
CA LYS K 147 -20.37 61.88 23.10
C LYS K 147 -20.25 60.63 23.96
N GLU K 148 -20.86 59.51 23.56
CA GLU K 148 -20.77 58.27 24.32
C GLU K 148 -19.54 57.44 23.96
N CYS K 149 -18.50 58.06 23.40
CA CYS K 149 -17.19 57.44 23.31
C CYS K 149 -16.31 57.72 24.51
N TRP K 150 -16.66 58.74 25.30
CA TRP K 150 -15.89 59.08 26.49
C TRP K 150 -16.33 58.29 27.70
N GLU K 151 -17.42 57.54 27.61
CA GLU K 151 -17.96 56.82 28.77
C GLU K 151 -18.36 55.38 28.47
N GLU K 152 -18.36 54.95 27.22
CA GLU K 152 -18.72 53.57 26.89
C GLU K 152 -17.71 52.96 25.94
N LEU K 153 -16.45 53.38 26.02
CA LEU K 153 -15.43 52.86 25.11
C LEU K 153 -15.06 51.42 25.46
N HIS K 154 -15.08 51.07 26.74
CA HIS K 154 -14.59 49.76 27.16
C HIS K 154 -15.48 48.60 26.76
N LYS K 155 -16.64 48.85 26.15
CA LYS K 155 -17.50 47.80 25.66
C LYS K 155 -17.41 47.60 24.16
N VAL K 156 -16.45 48.24 23.49
CA VAL K 156 -16.35 48.15 22.04
C VAL K 156 -15.79 46.80 21.58
N SER K 157 -15.23 46.02 22.50
CA SER K 157 -14.67 44.72 22.12
C SER K 157 -15.74 43.64 22.13
N CYS K 158 -16.56 43.58 23.18
CA CYS K 158 -17.62 42.58 23.28
C CYS K 158 -18.75 42.83 22.30
N GLY K 159 -18.92 44.05 21.85
CA GLY K 159 -20.19 44.48 21.30
C GLY K 159 -21.06 45.00 22.43
N LYS K 160 -22.38 45.04 22.18
CA LYS K 160 -23.39 45.53 23.11
C LYS K 160 -23.10 46.98 23.55
N THR K 161 -23.01 47.84 22.55
CA THR K 161 -22.87 49.28 22.76
C THR K 161 -23.77 49.96 21.76
N SER K 162 -24.68 50.81 22.24
CA SER K 162 -25.69 51.43 21.38
C SER K 162 -25.14 52.74 20.83
N MET K 163 -24.20 52.62 19.89
CA MET K 163 -23.72 53.80 19.18
C MET K 163 -23.54 53.56 17.69
N LEU K 164 -24.52 52.95 16.99
CA LEU K 164 -24.56 52.81 15.54
C LEU K 164 -23.40 51.99 14.98
N PRO K 165 -23.52 50.66 14.96
CA PRO K 165 -22.34 49.76 14.83
C PRO K 165 -21.45 49.94 13.60
N THR K 166 -21.74 50.87 12.69
CA THR K 166 -20.71 51.29 11.74
C THR K 166 -19.64 52.11 12.44
N VAL K 167 -19.99 52.74 13.56
CA VAL K 167 -18.99 53.43 14.39
C VAL K 167 -18.21 52.42 15.21
N ASN K 168 -18.87 51.36 15.67
CA ASN K 168 -18.22 50.35 16.49
C ASN K 168 -17.42 49.36 15.66
N GLU K 169 -17.38 49.54 14.35
CA GLU K 169 -16.46 48.81 13.50
C GLU K 169 -15.21 49.61 13.18
N GLU K 170 -15.33 50.92 13.03
CA GLU K 170 -14.17 51.76 12.81
C GLU K 170 -13.65 52.39 14.09
N LEU K 171 -14.04 51.85 15.25
CA LEU K 171 -13.31 52.05 16.49
C LEU K 171 -12.52 50.82 16.86
N LYS K 172 -12.94 49.64 16.41
CA LYS K 172 -12.12 48.45 16.56
C LYS K 172 -10.98 48.44 15.56
N LEU K 173 -11.16 49.09 14.40
CA LEU K 173 -10.11 49.12 13.39
C LEU K 173 -9.06 50.17 13.66
N SER K 174 -9.37 51.18 14.45
CA SER K 174 -8.40 52.20 14.77
C SER K 174 -7.54 51.83 15.98
N LEU K 175 -7.97 50.86 16.77
CA LEU K 175 -7.16 50.34 17.87
C LEU K 175 -6.38 49.12 17.48
N GLN K 176 -6.89 48.32 16.54
CA GLN K 176 -6.18 47.17 16.05
C GLN K 176 -5.06 47.55 15.09
N ALA K 177 -5.03 48.80 14.63
CA ALA K 177 -3.99 49.31 13.76
C ALA K 177 -2.96 50.17 14.48
N GLN K 178 -3.26 50.65 15.68
CA GLN K 178 -2.24 51.32 16.48
C GLN K 178 -1.31 50.34 17.16
N SER K 179 -1.70 49.08 17.27
CA SER K 179 -0.84 48.08 17.86
C SER K 179 0.05 47.41 16.84
N GLN K 180 -0.38 47.36 15.59
CA GLN K 180 0.48 46.83 14.55
C GLN K 180 1.54 47.84 14.13
N ILE K 181 1.35 49.11 14.43
CA ILE K 181 2.42 50.08 14.23
C ILE K 181 3.44 49.99 15.35
N LEU K 182 2.98 49.81 16.59
CA LEU K 182 3.90 49.61 17.71
C LEU K 182 4.59 48.26 17.65
N GLY K 183 3.98 47.28 16.99
CA GLY K 183 4.62 45.99 16.84
C GLY K 183 5.78 46.03 15.87
N TRP K 184 5.77 46.97 14.93
CA TRP K 184 6.86 47.11 13.98
C TRP K 184 7.94 48.05 14.44
N CYS K 185 7.61 49.00 15.32
CA CYS K 185 8.62 49.87 15.91
C CYS K 185 9.49 49.15 16.92
N LEU K 186 9.04 47.99 17.41
CA LEU K 186 9.81 47.18 18.35
C LEU K 186 10.73 46.20 17.66
N ILE K 187 10.33 45.65 16.51
CA ILE K 187 11.23 44.80 15.75
C ILE K 187 12.33 45.63 15.11
N CYS K 188 12.00 46.83 14.67
CA CYS K 188 12.96 47.65 13.92
C CYS K 188 13.98 48.32 14.82
N SER K 189 13.70 48.50 16.10
CA SER K 189 14.66 49.12 16.99
C SER K 189 15.40 48.11 17.86
N ALA K 190 14.87 46.91 18.03
CA ALA K 190 15.61 45.84 18.69
C ALA K 190 16.49 45.06 17.72
N SER K 191 16.35 45.27 16.43
CA SER K 191 17.30 44.76 15.46
C SER K 191 18.46 45.71 15.23
N PHE K 192 18.20 47.01 15.33
CA PHE K 192 19.27 48.00 15.19
C PHE K 192 20.13 48.10 16.44
N PHE K 193 19.53 47.90 17.61
CA PHE K 193 20.32 47.89 18.85
C PHE K 193 21.10 46.60 18.98
N SER K 194 20.58 45.49 18.45
CA SER K 194 21.28 44.21 18.52
C SER K 194 22.50 44.19 17.62
N LEU K 195 22.45 44.89 16.48
CA LEU K 195 23.62 44.97 15.62
C LEU K 195 24.66 45.94 16.15
N LEU K 196 24.24 46.96 16.90
CA LEU K 196 25.18 47.97 17.35
C LEU K 196 26.01 47.50 18.52
N THR K 197 25.48 46.64 19.38
CA THR K 197 26.26 46.12 20.50
C THR K 197 27.14 44.95 20.08
N THR K 198 26.72 44.18 19.08
CA THR K 198 27.57 43.11 18.58
C THR K 198 28.74 43.69 17.79
N CYS K 199 28.49 44.72 16.97
CA CYS K 199 29.55 45.31 16.17
C CYS K 199 30.51 46.15 17.02
N TYR K 200 30.09 46.60 18.19
CA TYR K 200 31.00 47.32 19.07
C TYR K 200 31.81 46.37 19.95
N ALA K 201 31.30 45.17 20.21
CA ALA K 201 32.08 44.19 20.95
C ALA K 201 33.16 43.55 20.09
N ARG K 202 32.96 43.49 18.78
CA ARG K 202 33.96 42.97 17.88
C ARG K 202 34.99 44.01 17.46
N CYS K 203 34.59 45.28 17.36
CA CYS K 203 35.53 46.33 17.02
C CYS K 203 36.53 46.60 18.13
N ARG K 204 36.20 46.24 19.37
CA ARG K 204 37.09 46.41 20.51
C ARG K 204 37.56 45.07 21.06
N SER K 205 37.68 44.08 20.21
CA SER K 205 38.25 42.81 20.60
C SER K 205 39.76 42.94 20.76
N LYS K 206 40.35 42.01 21.50
CA LYS K 206 41.79 42.02 21.73
C LYS K 206 42.58 41.29 20.67
N VAL K 207 41.92 40.45 19.87
CA VAL K 207 42.58 39.65 18.85
C VAL K 207 41.92 39.95 17.51
N SER K 208 42.62 39.59 16.44
CA SER K 208 42.11 39.79 15.09
C SER K 208 41.18 38.64 14.73
N TYR K 209 40.78 38.56 13.47
CA TYR K 209 39.77 37.58 13.08
C TYR K 209 40.33 36.16 13.05
N LEU K 210 41.59 36.00 12.68
CA LEU K 210 42.14 34.66 12.53
C LEU K 210 42.46 34.04 13.89
N GLN K 211 42.93 34.85 14.84
CA GLN K 211 43.20 34.34 16.18
C GLN K 211 41.91 34.06 16.93
N LEU K 212 40.85 34.80 16.67
CA LEU K 212 39.57 34.54 17.32
C LEU K 212 38.89 33.30 16.78
N SER K 213 39.32 32.80 15.63
CA SER K 213 38.74 31.59 15.09
C SER K 213 39.46 30.35 15.56
N PHE K 214 40.70 30.48 16.04
CA PHE K 214 41.37 29.37 16.72
C PHE K 214 40.95 29.28 18.17
N TRP K 215 40.68 30.42 18.79
CA TRP K 215 40.20 30.47 20.17
C TRP K 215 38.84 29.81 20.30
N LYS K 216 37.95 30.00 19.34
CA LYS K 216 36.64 29.37 19.39
C LYS K 216 36.69 27.88 19.07
N THR K 217 37.67 27.42 18.31
CA THR K 217 37.83 26.00 18.08
C THR K 217 38.43 25.30 19.27
N TYR K 218 39.34 25.97 19.98
CA TYR K 218 39.96 25.36 21.15
C TYR K 218 38.97 25.22 22.29
N ALA K 219 38.14 26.24 22.52
CA ALA K 219 37.21 26.21 23.63
C ALA K 219 36.09 25.20 23.46
N GLN K 220 35.89 24.68 22.25
CA GLN K 220 34.93 23.63 22.04
C GLN K 220 35.55 22.24 22.14
N LYS K 221 36.83 22.09 21.84
CA LYS K 221 37.50 20.82 22.05
C LYS K 221 37.91 20.62 23.49
N GLU K 222 38.07 21.68 24.27
CA GLU K 222 38.38 21.51 25.67
C GLU K 222 37.15 21.12 26.50
N LYS K 223 35.94 21.32 25.99
CA LYS K 223 34.78 20.76 26.68
C LYS K 223 34.59 19.29 26.38
N GLU K 224 34.95 18.85 25.18
CA GLU K 224 34.81 17.44 24.84
C GLU K 224 35.84 16.59 25.56
N GLN K 225 37.08 17.06 25.64
CA GLN K 225 38.12 16.28 26.31
C GLN K 225 37.94 16.31 27.82
N LEU K 226 37.33 17.36 28.36
CA LEU K 226 37.08 17.40 29.80
C LEU K 226 35.99 16.42 30.21
N GLU K 227 34.99 16.22 29.38
CA GLU K 227 33.93 15.27 29.69
C GLU K 227 34.36 13.82 29.51
N ASN K 228 35.48 13.57 28.84
CA ASN K 228 36.02 12.22 28.73
C ASN K 228 37.08 11.92 29.77
N THR K 229 37.73 12.95 30.32
CA THR K 229 38.67 12.74 31.41
C THR K 229 37.94 12.59 32.73
N PHE K 230 36.86 13.35 32.92
CA PHE K 230 36.05 13.22 34.13
C PHE K 230 35.38 11.86 34.20
N LEU K 231 35.10 11.25 33.06
CA LEU K 231 34.46 9.96 32.98
C LEU K 231 35.47 8.82 32.99
N ASP K 232 36.75 9.14 32.89
CA ASP K 232 37.84 8.18 32.94
C ASP K 232 38.43 8.03 34.33
N TYR K 233 38.40 9.10 35.12
CA TYR K 233 38.84 9.08 36.50
C TYR K 233 37.69 8.80 37.46
N ALA K 234 36.48 8.66 36.96
CA ALA K 234 35.34 8.26 37.78
C ALA K 234 35.08 6.77 37.74
N ASN K 235 35.36 6.14 36.60
CA ASN K 235 35.29 4.69 36.54
C ASN K 235 36.45 4.06 37.28
N LYS K 236 37.61 4.70 37.26
CA LYS K 236 38.79 4.18 37.94
C LYS K 236 38.79 4.45 39.43
N LEU K 237 37.91 5.30 39.93
CA LEU K 237 37.81 5.57 41.36
C LEU K 237 36.69 4.77 42.02
N SER K 238 35.60 4.53 41.32
CA SER K 238 34.53 3.73 41.90
C SER K 238 34.85 2.24 41.88
N GLU K 239 35.73 1.79 41.00
CA GLU K 239 36.20 0.41 41.06
C GLU K 239 37.11 0.19 42.26
N ARG K 240 37.93 1.18 42.60
CA ARG K 240 38.81 1.07 43.74
C ARG K 240 38.04 1.11 45.06
N ASN K 241 36.92 1.82 45.10
CA ASN K 241 36.17 1.97 46.33
C ASN K 241 35.31 0.75 46.62
N LEU K 242 34.79 0.10 45.60
CA LEU K 242 33.90 -1.04 45.80
C LEU K 242 34.65 -2.34 46.04
N LYS K 243 35.92 -2.41 45.70
CA LYS K 243 36.68 -3.61 45.99
C LYS K 243 37.26 -3.59 47.39
N CYS K 244 37.55 -2.42 47.93
CA CYS K 244 38.08 -2.33 49.28
C CYS K 244 36.98 -2.23 50.31
N PHE K 245 35.72 -2.26 49.90
CA PHE K 245 34.59 -2.32 50.83
C PHE K 245 34.11 -3.74 51.05
N PHE K 246 34.06 -4.56 50.00
CA PHE K 246 33.56 -5.91 50.12
C PHE K 246 34.63 -6.90 50.54
N GLU K 247 35.90 -6.62 50.26
CA GLU K 247 36.99 -7.51 50.60
C GLU K 247 37.67 -7.12 51.91
N ASN K 248 37.28 -6.00 52.52
CA ASN K 248 37.84 -5.47 53.76
C ASN K 248 39.35 -5.26 53.67
N LYS K 249 39.77 -4.59 52.61
CA LYS K 249 41.17 -4.29 52.37
C LYS K 249 41.43 -2.81 52.56
N ARG K 250 42.70 -2.44 52.43
CA ARG K 250 43.15 -1.06 52.42
C ARG K 250 43.48 -0.64 51.00
N PRO K 251 43.12 0.57 50.59
CA PRO K 251 43.27 0.96 49.19
C PRO K 251 44.61 1.63 48.90
N ASP K 252 44.99 1.58 47.63
CA ASP K 252 46.14 2.33 47.15
C ASP K 252 45.73 3.79 46.94
N PRO K 253 46.63 4.74 47.19
CA PRO K 253 46.24 6.16 47.13
C PRO K 253 45.93 6.63 45.72
N PHE K 254 44.91 7.47 45.61
CA PHE K 254 44.44 7.97 44.32
C PHE K 254 44.94 9.39 44.12
N PRO K 255 45.76 9.66 43.11
CA PRO K 255 46.27 11.02 42.89
C PRO K 255 45.26 11.89 42.15
N MET K 256 44.67 12.84 42.88
CA MET K 256 43.73 13.83 42.40
C MET K 256 44.31 15.22 42.66
N PRO K 257 43.90 16.24 41.90
CA PRO K 257 44.41 17.59 42.15
C PRO K 257 43.93 18.14 43.49
N THR K 258 44.71 19.07 44.02
CA THR K 258 44.39 19.66 45.32
C THR K 258 43.22 20.63 45.18
N PHE K 259 42.68 21.04 46.33
CA PHE K 259 41.56 21.96 46.31
C PHE K 259 41.99 23.35 45.90
N ALA K 260 43.24 23.73 46.15
CA ALA K 260 43.74 25.03 45.74
C ALA K 260 43.93 25.11 44.23
N ALA K 261 44.06 23.99 43.54
CA ALA K 261 44.16 23.97 42.09
C ALA K 261 42.84 23.69 41.39
N TRP K 262 41.85 23.15 42.10
CA TRP K 262 40.51 23.07 41.55
C TRP K 262 39.86 24.44 41.52
N GLU K 263 40.22 25.30 42.49
CA GLU K 263 39.66 26.65 42.59
C GLU K 263 40.30 27.62 41.62
N ALA K 264 41.60 27.46 41.33
CA ALA K 264 42.29 28.38 40.44
C ALA K 264 41.89 28.16 38.99
N ALA K 265 41.57 26.93 38.61
CA ALA K 265 41.18 26.63 37.24
C ALA K 265 39.69 26.87 37.00
N SER K 266 39.01 27.59 37.88
CA SER K 266 37.60 27.92 37.73
C SER K 266 37.36 29.42 37.76
N GLU K 267 38.36 30.22 37.45
CA GLU K 267 38.22 31.66 37.54
C GLU K 267 37.71 32.21 36.20
N LEU K 268 37.74 33.52 36.05
CA LEU K 268 37.24 34.19 34.86
C LEU K 268 38.42 34.54 33.94
N HIS K 269 38.29 34.21 32.66
CA HIS K 269 39.37 34.39 31.71
C HIS K 269 39.29 35.73 31.02
N SER K 270 40.44 36.38 30.88
CA SER K 270 40.58 37.57 30.07
C SER K 270 41.87 37.44 29.26
N PHE K 271 41.81 37.81 27.99
CA PHE K 271 42.96 37.64 27.11
C PHE K 271 44.03 38.69 27.41
N HIS K 272 45.28 38.26 27.32
CA HIS K 272 46.44 39.14 27.37
C HIS K 272 47.28 38.87 26.14
N GLN K 273 47.62 39.92 25.41
CA GLN K 273 48.39 39.73 24.18
C GLN K 273 49.89 39.65 24.41
N SER K 274 50.35 39.64 25.67
CA SER K 274 51.74 39.37 25.97
C SER K 274 52.00 37.87 26.15
N GLN K 275 51.24 37.22 27.02
CA GLN K 275 51.22 35.77 27.14
C GLN K 275 49.87 35.29 26.61
N GLN K 276 49.87 34.70 25.43
CA GLN K 276 48.59 34.36 24.80
C GLN K 276 48.10 33.03 25.36
N HIS K 277 47.07 33.10 26.20
CA HIS K 277 46.46 31.94 26.81
C HIS K 277 45.00 31.89 26.40
N TYR K 278 44.53 30.72 25.98
CA TYR K 278 43.21 30.59 25.40
C TYR K 278 42.17 30.06 26.37
N SER K 279 42.56 29.72 27.59
CA SER K 279 41.63 29.33 28.63
C SER K 279 42.29 29.58 29.97
N THR K 280 41.49 29.53 31.04
CA THR K 280 42.04 29.69 32.36
C THR K 280 42.65 28.40 32.89
N LEU K 281 42.43 27.28 32.23
CA LEU K 281 43.17 26.05 32.49
C LEU K 281 44.50 26.02 31.76
N HIS K 282 44.59 26.71 30.62
CA HIS K 282 45.86 26.89 29.94
C HIS K 282 46.79 27.80 30.73
N ARG K 283 46.23 28.71 31.53
CA ARG K 283 47.06 29.63 32.29
C ARG K 283 47.64 28.98 33.52
N VAL K 284 46.87 28.13 34.21
CA VAL K 284 47.38 27.48 35.43
C VAL K 284 48.32 26.33 35.14
N VAL K 285 48.41 25.88 33.90
CA VAL K 285 49.34 24.82 33.53
C VAL K 285 50.67 25.39 33.08
N ASP K 286 50.65 26.50 32.33
CA ASP K 286 51.87 27.16 31.90
C ASP K 286 52.57 27.90 33.03
N ASN K 287 51.85 28.22 34.10
CA ASN K 287 52.36 29.12 35.14
C ASN K 287 52.40 28.45 36.51
N GLY K 288 52.71 27.17 36.58
CA GLY K 288 52.76 26.47 37.84
C GLY K 288 51.40 26.11 38.39
O1 PA8 L . 30.55 35.40 -10.82
O2 PA8 L . 31.35 36.78 -12.70
P1 PA8 L . 30.14 36.34 -11.92
O3 PA8 L . 29.20 35.59 -12.85
O4 PA8 L . 29.38 37.66 -11.29
C1 PA8 L . 28.06 37.91 -11.67
C2 PA8 L . 27.14 37.24 -10.67
C3 PA8 L . 27.06 38.12 -9.41
O5 PA8 L . 26.10 39.12 -9.62
C4 PA8 L . 25.04 39.13 -8.69
O6 PA8 L . 24.98 38.31 -7.85
C5 PA8 L . 23.97 40.22 -8.76
C6 PA8 L . 22.58 39.64 -8.54
C7 PA8 L . 21.47 40.66 -8.71
O7 PA8 L . 25.87 37.06 -11.22
C12 PA8 L . 25.60 35.77 -11.70
O8 PA8 L . 26.47 35.04 -11.99
C13 PA8 L . 24.16 35.30 -11.85
C14 PA8 L . 23.18 36.05 -10.95
C15 PA8 L . 21.74 35.57 -11.09
C16 PA8 L . 20.80 36.40 -10.22
C17 PA8 L . 19.39 36.52 -10.79
C18 PA8 L . 18.55 35.25 -10.61
C19 PA8 L . 17.20 35.53 -9.98
O1 PA8 M . 29.06 34.48 3.29
O2 PA8 M . 30.56 35.75 1.80
P1 PA8 M . 29.18 35.12 1.94
O3 PA8 M . 29.00 34.09 0.85
O4 PA8 M . 28.04 36.31 1.79
C1 PA8 M . 26.85 36.03 1.11
C2 PA8 M . 25.75 35.74 2.12
C3 PA8 M . 24.61 36.75 1.98
O5 PA8 M . 23.58 36.38 2.83
C4 PA8 M . 22.35 37.01 2.62
O6 PA8 M . 22.30 37.98 1.95
C5 PA8 M . 21.07 36.45 3.24
C6 PA8 M . 19.95 37.47 3.24
C7 PA8 M . 18.66 36.92 3.87
O7 PA8 M . 25.23 34.46 1.89
C12 PA8 M . 25.35 33.58 2.96
O8 PA8 M . 26.42 33.23 3.34
C13 PA8 M . 24.09 33.07 3.66
C14 PA8 M . 24.35 31.77 4.42
C15 PA8 M . 23.16 31.35 5.28
C16 PA8 M . 21.85 31.39 4.52
C17 PA8 M . 20.65 31.10 5.43
C18 PA8 M . 20.43 29.61 5.61
C19 PA8 M . 19.27 29.31 6.56
O1 PA8 N . 32.78 38.01 -6.28
O2 PA8 N . 34.28 39.92 -5.84
P1 PA8 N . 33.12 39.43 -6.69
O3 PA8 N . 33.52 39.45 -8.14
O4 PA8 N . 31.81 40.39 -6.43
C1 PA8 N . 31.21 41.09 -7.49
C2 PA8 N . 30.65 42.39 -6.93
C3 PA8 N . 31.65 43.52 -7.21
O5 PA8 N . 30.97 44.65 -7.66
C4 PA8 N . 30.79 45.62 -6.67
O6 PA8 N . 29.88 45.51 -5.91
C5 PA8 N . 31.71 46.83 -6.56
C6 PA8 N . 31.04 47.96 -5.78
C7 PA8 N . 31.90 49.22 -5.70
O7 PA8 N . 29.41 42.69 -7.51
C12 PA8 N . 28.34 42.85 -6.62
O8 PA8 N . 28.41 42.46 -5.51
C13 PA8 N . 27.06 43.56 -7.09
C14 PA8 N . 25.85 43.20 -6.24
C15 PA8 N . 24.52 43.55 -6.91
C16 PA8 N . 24.06 44.98 -6.61
C17 PA8 N . 22.56 45.05 -6.32
C18 PA8 N . 22.02 46.48 -6.30
C19 PA8 N . 20.51 46.50 -6.07
O1 PA8 O . 26.46 35.32 -4.58
O2 PA8 O . 28.73 34.97 -3.70
P1 PA8 O . 27.27 34.64 -3.51
O3 PA8 O . 26.82 35.11 -2.15
O4 PA8 O . 27.07 33.01 -3.61
C1 PA8 O . 26.46 32.34 -2.54
C2 PA8 O . 24.95 32.27 -2.79
C3 PA8 O . 24.50 30.81 -2.81
O5 PA8 O . 23.76 30.55 -1.65
C4 PA8 O . 23.95 29.26 -1.13
O6 PA8 O . 24.97 28.69 -1.33
C5 PA8 O . 22.87 28.60 -0.29
C6 PA8 O . 21.73 28.06 -1.14
C7 PA8 O . 22.19 27.05 -2.19
O7 PA8 O . 24.28 32.94 -1.75
C12 PA8 O . 23.57 34.07 -2.17
O8 PA8 O . 23.98 34.74 -3.05
C13 PA8 O . 22.27 34.42 -1.46
C14 PA8 O . 21.97 33.43 -0.34
C15 PA8 O . 20.49 33.38 0.01
C16 PA8 O . 20.15 32.19 0.90
C17 PA8 O . 18.67 32.13 1.25
C18 PA8 O . 18.39 31.05 2.28
C19 PA8 O . 17.05 31.24 2.98
O1 PA8 P . -5.01 40.08 -6.84
O2 PA8 P . -3.29 41.83 -7.01
P1 PA8 P . -3.89 40.77 -6.12
O3 PA8 P . -4.42 41.42 -4.87
O4 PA8 P . -2.72 39.66 -5.74
C1 PA8 P . -1.54 39.63 -6.50
C2 PA8 P . -0.90 38.24 -6.44
C3 PA8 P . 0.61 38.43 -6.47
O5 PA8 P . 1.11 38.01 -7.72
C4 PA8 P . 2.48 38.26 -7.88
O6 PA8 P . 2.94 39.30 -7.51
C5 PA8 P . 3.40 37.23 -8.53
C6 PA8 P . 4.88 37.54 -8.29
C7 PA8 P . 5.75 37.30 -9.51
O7 PA8 P . -1.25 37.56 -5.25
C12 PA8 P . -2.24 36.57 -5.36
O8 PA8 P . -3.36 36.87 -5.61
C13 PA8 P . -1.93 35.09 -5.17
C14 PA8 P . -0.64 34.59 -5.84
C15 PA8 P . -0.60 33.07 -5.92
C16 PA8 P . 0.80 32.55 -6.23
C17 PA8 P . 0.81 31.04 -6.50
C18 PA8 P . 2.17 30.54 -6.98
O1 PA8 Q . 25.02 23.27 -33.58
O2 PA8 Q . 25.25 23.59 -36.02
P1 PA8 Q . 24.28 23.63 -34.86
O3 PA8 Q . 23.18 22.62 -35.09
O4 PA8 Q . 23.65 25.14 -34.74
C1 PA8 Q . 22.26 25.29 -34.87
C2 PA8 Q . 21.63 25.23 -33.48
C3 PA8 Q . 21.79 26.60 -32.83
O5 PA8 Q . 20.80 27.46 -33.29
C4 PA8 Q . 20.02 28.06 -32.29
O6 PA8 Q . 20.23 27.84 -31.15
C5 PA8 Q . 18.88 29.00 -32.65
C6 PA8 Q . 17.66 28.79 -31.74
C7 PA8 Q . 16.48 29.64 -32.16
O7 PA8 Q . 20.28 24.90 -33.60
C12 PA8 Q . 19.95 23.56 -33.31
O8 PA8 Q . 20.74 22.70 -33.50
C13 PA8 Q . 18.58 23.21 -32.76
C14 PA8 Q . 17.72 24.44 -32.48
C15 PA8 Q . 16.46 24.11 -31.71
C16 PA8 Q . 15.78 25.38 -31.19
C17 PA8 Q . 14.27 25.39 -31.39
C18 PA8 Q . 13.53 24.36 -30.54
C19 PA8 Q . 12.45 25.00 -29.66
O1 PA8 R . 27.11 29.20 -20.83
O2 PA8 R . 28.24 29.53 -22.99
P1 PA8 R . 26.94 29.15 -22.33
O3 PA8 R . 26.55 27.75 -22.75
O4 PA8 R . 25.77 30.23 -22.78
C1 PA8 R . 24.45 29.80 -22.94
C2 PA8 R . 23.66 30.14 -21.68
C3 PA8 R . 22.54 31.14 -22.01
O5 PA8 R . 21.54 30.94 -21.04
C4 PA8 R . 20.45 31.81 -21.13
O6 PA8 R . 20.47 32.74 -21.85
C5 PA8 R . 19.22 31.55 -20.27
C6 PA8 R . 18.33 32.77 -20.11
C7 PA8 R . 17.22 32.55 -19.09
O7 PA8 R . 23.07 28.97 -21.17
C12 PA8 R . 23.56 28.58 -19.92
O8 PA8 R . 24.62 28.07 -19.83
C13 PA8 R . 22.72 28.80 -18.67
C14 PA8 R . 22.92 27.67 -17.67
C15 PA8 R . 22.16 27.89 -16.36
C16 PA8 R . 20.69 28.23 -16.59
C17 PA8 R . 19.89 28.19 -15.29
C18 PA8 R . 19.80 26.77 -14.73
C19 PA8 R . 18.93 26.69 -13.48
O1 PA8 S . 28.35 27.70 -31.84
O2 PA8 S . 29.85 29.51 -32.55
P1 PA8 S . 28.56 28.79 -32.87
O3 PA8 S . 28.67 28.16 -34.25
O4 PA8 S . 27.29 29.85 -32.83
C1 PA8 S . 26.39 29.93 -33.89
C2 PA8 S . 25.86 31.36 -33.93
C3 PA8 S . 26.62 32.13 -35.01
O5 PA8 S . 25.76 33.08 -35.59
C4 PA8 S . 25.93 34.37 -35.10
O6 PA8 S . 25.44 34.67 -34.06
C5 PA8 S . 26.72 35.41 -35.88
C6 PA8 S . 26.31 36.83 -35.48
C7 PA8 S . 26.97 37.90 -36.33
O7 PA8 S . 24.49 31.37 -34.22
C12 PA8 S . 23.68 32.10 -33.33
O8 PA8 S . 24.05 32.36 -32.24
C13 PA8 S . 22.29 32.56 -33.78
C14 PA8 S . 21.38 32.92 -32.61
C15 PA8 S . 19.90 32.93 -32.98
C16 PA8 S . 19.36 34.33 -33.25
C17 PA8 S . 17.98 34.53 -32.64
C18 PA8 S . 17.39 35.92 -32.91
C19 PA8 S . 16.00 36.06 -32.31
O1 PA8 T . 22.69 26.66 -27.36
O2 PA8 T . 25.12 26.58 -27.00
P1 PA8 T . 23.78 26.46 -26.32
O3 PA8 T . 23.65 27.52 -25.26
O4 PA8 T . 23.64 24.98 -25.64
C1 PA8 T . 23.37 24.89 -24.26
C2 PA8 T . 21.86 24.89 -24.05
C3 PA8 T . 21.45 23.60 -23.33
O5 PA8 T . 21.08 23.92 -22.02
C4 PA8 T . 21.48 22.98 -21.06
O6 PA8 T . 22.40 22.26 -21.29
C5 PA8 T . 20.75 22.87 -19.73
C6 PA8 T . 19.42 22.11 -19.85
C7 PA8 T . 19.59 20.70 -20.39
O7 PA8 T . 21.50 25.98 -23.26
C12 PA8 T . 20.61 26.88 -23.87
O8 PA8 T . 20.70 27.11 -25.03
C13 PA8 T . 19.54 27.57 -23.03
C14 PA8 T . 19.45 26.93 -21.64
C15 PA8 T . 18.41 27.59 -20.76
C16 PA8 T . 17.81 26.60 -19.75
C17 PA8 T . 16.63 27.18 -19.00
C18 PA8 T . 16.87 27.22 -17.49
C19 PA8 T . 16.46 28.55 -16.87
O1 PA8 U . -8.62 32.42 -23.87
O2 PA8 U . -6.85 33.59 -25.13
P1 PA8 U . -7.24 33.03 -23.79
O3 PA8 U . -7.26 34.16 -22.77
O4 PA8 U . -6.16 31.88 -23.32
C1 PA8 U . -5.10 31.56 -24.17
C2 PA8 U . -4.31 30.38 -23.63
C3 PA8 U . -2.90 30.44 -24.20
O5 PA8 U . -2.69 29.38 -25.09
C4 PA8 U . -1.42 29.39 -25.68
O6 PA8 U . -0.97 30.42 -26.08
C5 PA8 U . -0.61 28.11 -25.82
C6 PA8 U . 0.86 28.38 -26.11
C7 PA8 U . 1.36 27.66 -27.36
O7 PA8 U . -4.23 30.39 -22.22
C12 PA8 U . -5.06 29.50 -21.52
O8 PA8 U . -6.23 29.71 -21.44
C13 PA8 U . -4.52 28.27 -20.78
C14 PA8 U . -3.43 27.48 -21.52
C15 PA8 U . -3.18 26.12 -20.90
C16 PA8 U . -1.85 25.52 -21.34
C17 PA8 U . -1.69 24.06 -20.91
C18 PA8 U . -0.43 23.41 -21.49
O1 PA8 V . 14.42 2.28 -45.53
O2 PA8 V . 14.23 1.40 -47.83
P1 PA8 V . 13.48 2.04 -46.69
O3 PA8 V . 12.38 1.11 -46.23
O4 PA8 V . 12.84 3.47 -47.19
C1 PA8 V . 11.47 3.66 -47.06
C2 PA8 V . 11.20 4.29 -45.70
C3 PA8 V . 11.46 5.80 -45.81
O5 PA8 V . 10.34 6.41 -46.40
C4 PA8 V . 9.77 7.44 -45.65
O6 PA8 V . 10.27 7.80 -44.64
C5 PA8 V . 8.48 8.12 -46.12
C6 PA8 V . 7.61 8.56 -44.95
C7 PA8 V . 6.31 9.22 -45.40
O7 PA8 V . 9.88 4.06 -45.33
C12 PA8 V . 9.68 3.02 -44.40
O8 PA8 V . 10.45 2.12 -44.33
C13 PA8 V . 8.48 3.05 -43.47
C14 PA8 V . 7.85 4.44 -43.38
C15 PA8 V . 6.61 4.47 -42.50
C16 PA8 V . 6.11 5.90 -42.27
C17 PA8 V . 4.60 6.01 -42.14
C18 PA8 V . 4.10 5.66 -40.73
C19 PA8 V . 3.26 6.78 -40.14
O1 PA8 W . 19.53 13.27 -38.15
O2 PA8 W . 20.21 12.71 -40.45
P1 PA8 W . 19.08 12.65 -39.44
O3 PA8 W . 18.71 11.21 -39.21
O4 PA8 W . 17.79 13.48 -40.03
C1 PA8 W . 16.50 13.06 -39.69
C2 PA8 W . 15.89 14.07 -38.71
C3 PA8 W . 14.74 14.80 -39.39
O5 PA8 W . 13.65 14.80 -38.50
C4 PA8 W . 12.99 16.02 -38.37
O6 PA8 W . 13.34 16.96 -39.00
C5 PA8 W . 11.80 16.16 -37.42
C6 PA8 W . 11.34 17.60 -37.25
C7 PA8 W . 10.34 17.76 -36.11
O7 PA8 W . 15.40 13.41 -37.58
C12 PA8 W . 16.21 13.53 -36.44
O8 PA8 W . 17.23 12.93 -36.39
C13 PA8 W . 15.79 14.41 -35.29
C14 PA8 W . 16.51 14.03 -33.99
C15 PA8 W . 16.01 14.84 -32.79
C16 PA8 W . 14.49 14.81 -32.67
C17 PA8 W . 14.00 15.60 -31.46
C18 PA8 W . 14.22 14.84 -30.16
C19 PA8 W . 13.70 15.60 -28.95
O1 PA8 X . 17.90 6.76 -46.80
O2 PA8 X . 19.03 7.72 -48.75
P1 PA8 X . 17.75 7.10 -48.26
O3 PA8 X . 17.47 5.83 -49.04
O4 PA8 X . 16.49 8.16 -48.45
C1 PA8 X . 15.38 7.83 -49.22
C2 PA8 X . 14.84 9.12 -49.85
C3 PA8 X . 15.35 9.22 -51.28
O5 PA8 X . 14.33 9.69 -52.10
C4 PA8 X . 14.40 11.06 -52.39
O6 PA8 X . 13.97 11.83 -51.62
C5 PA8 X . 15.02 11.57 -53.69
C6 PA8 X . 14.54 12.98 -54.00
C7 PA8 X . 15.06 13.52 -55.33
O7 PA8 X . 13.44 9.13 -49.84
C12 PA8 X . 12.84 10.21 -49.18
O8 PA8 X . 13.44 10.85 -48.39
C13 PA8 X . 11.38 10.57 -49.47
C14 PA8 X . 10.79 11.50 -48.41
C15 PA8 X . 9.27 11.48 -48.38
C16 PA8 X . 8.63 12.61 -49.19
C17 PA8 X . 7.39 13.16 -48.50
C18 PA8 X . 6.68 14.25 -49.31
C19 PA8 X . 5.47 14.80 -48.55
O1 PA8 Y . 13.71 8.39 -41.28
O2 PA8 Y . 16.15 8.15 -41.54
P1 PA8 Y . 15.05 8.56 -40.60
O3 PA8 Y . 15.22 10.01 -40.22
O4 PA8 Y . 15.12 7.64 -39.25
C1 PA8 Y . 15.15 8.26 -37.99
C2 PA8 Y . 13.72 8.58 -37.56
C3 PA8 Y . 13.44 7.88 -36.23
O5 PA8 Y . 13.51 8.84 -35.20
C4 PA8 Y . 14.27 8.43 -34.10
O6 PA8 Y . 15.14 7.65 -34.24
C5 PA8 Y . 13.99 9.03 -32.72
C6 PA8 Y . 12.72 8.46 -32.10
C7 PA8 Y . 12.75 6.94 -31.99
O7 PA8 Y . 13.57 9.96 -37.39
C12 PA8 Y . 12.53 10.53 -38.12
O8 PA8 Y . 12.31 10.18 -39.22
C13 PA8 Y . 11.66 11.60 -37.46
C14 PA8 Y . 11.90 11.65 -35.96
C15 PA8 Y . 11.13 12.77 -35.26
C16 PA8 Y . 10.81 12.42 -33.82
C17 PA8 Y . 9.93 13.46 -33.16
C18 PA8 Y . 10.58 14.07 -31.92
C19 PA8 Y . 10.20 15.53 -31.71
O1 PA8 Z . -15.77 17.74 -33.40
O2 PA8 Z . -14.66 17.93 -35.60
P1 PA8 Z . -14.56 18.24 -34.13
O3 PA8 Z . -14.45 19.73 -33.94
O4 PA8 Z . -13.22 17.51 -33.51
C1 PA8 Z . -12.52 16.58 -34.30
C2 PA8 Z . -11.58 15.74 -33.43
C3 PA8 Z . -10.33 15.42 -34.26
O5 PA8 Z . -10.30 14.04 -34.55
C4 PA8 Z . -9.27 13.70 -35.42
O6 PA8 Z . -9.04 14.36 -36.38
C5 PA8 Z . -8.42 12.45 -35.16
C6 PA8 Z . -7.27 12.32 -36.16
C7 PA8 Z . -6.88 10.87 -36.42
O7 PA8 Z . -11.19 16.41 -32.26
C12 PA8 Z . -11.84 16.06 -31.06
O8 PA8 Z . -12.97 16.36 -30.89
C13 PA8 Z . -11.12 15.29 -29.94
C14 PA8 Z . -10.26 14.12 -30.39
C15 PA8 Z . -9.95 13.17 -29.24
C16 PA8 Z . -8.65 12.40 -29.45
C17 PA8 Z . -8.44 11.30 -28.42
C18 PA8 Z . -7.34 10.32 -28.81
O1 PA8 AA . 2.21 -20.96 -43.17
O2 PA8 AA . 1.26 -22.86 -44.44
P1 PA8 AA . 0.93 -21.62 -43.63
O3 PA8 AA . 0.12 -22.01 -42.42
O4 PA8 AA . 0.06 -20.59 -44.57
C1 PA8 AA . -1.22 -20.22 -44.13
C2 PA8 AA . -1.10 -18.96 -43.29
C3 PA8 AA . -0.92 -17.77 -44.24
O5 PA8 AA . -2.18 -17.36 -44.69
C4 PA8 AA . -2.54 -16.05 -44.36
O6 PA8 AA . -1.83 -15.39 -43.67
C5 PA8 AA . -3.84 -15.44 -44.88
C6 PA8 AA . -4.51 -14.56 -43.82
C7 PA8 AA . -5.85 -14.01 -44.28
O7 PA8 AA . -2.24 -18.80 -42.49
C12 PA8 AA . -2.11 -19.20 -41.16
O8 PA8 AA . -1.34 -20.05 -40.85
C13 PA8 AA . -2.96 -18.55 -40.07
C14 PA8 AA . -3.80 -17.38 -40.57
C15 PA8 AA . -4.56 -16.68 -39.44
C16 PA8 AA . -5.24 -15.42 -39.93
C17 PA8 AA . -6.66 -15.23 -39.38
C18 PA8 AA . -6.69 -14.73 -37.95
C19 PA8 AA . -7.48 -13.43 -37.80
O1 PA8 BA . 8.50 -8.19 -43.58
O2 PA8 BA . 8.39 -10.10 -45.12
P1 PA8 BA . 7.65 -9.35 -44.04
O3 PA8 BA . 7.38 -10.28 -42.88
O4 PA8 BA . 6.22 -8.78 -44.65
C1 PA8 BA . 5.06 -8.86 -43.88
C2 PA8 BA . 4.73 -7.47 -43.34
C3 PA8 BA . 3.37 -7.00 -43.87
O5 PA8 BA . 2.67 -6.42 -42.81
C4 PA8 BA . 2.00 -5.24 -43.11
O6 PA8 BA . 2.05 -4.79 -44.20
C5 PA8 BA . 1.18 -4.53 -42.03
C6 PA8 BA . 0.63 -3.18 -42.48
C7 PA8 BA . -0.18 -2.49 -41.40
O7 PA8 BA . 4.67 -7.50 -41.95
C12 PA8 BA . 5.75 -6.87 -41.30
O8 PA8 BA . 6.82 -7.35 -41.35
C13 PA8 BA . 5.52 -5.56 -40.56
C14 PA8 BA . 6.58 -5.35 -39.47
C15 PA8 BA . 6.39 -4.03 -38.72
C16 PA8 BA . 4.97 -3.83 -38.23
C17 PA8 BA . 4.80 -2.52 -37.46
C18 PA8 BA . 5.30 -2.65 -36.03
C19 PA8 BA . 5.01 -1.41 -35.21
O1 PA8 CA . 4.91 -17.94 -47.16
O2 PA8 CA . 5.50 -17.97 -49.54
P1 PA8 CA . 4.41 -18.27 -48.55
O3 PA8 CA . 4.06 -19.73 -48.62
O4 PA8 CA . 3.07 -17.35 -48.88
C1 PA8 CA . 1.84 -17.95 -49.17
C2 PA8 CA . 1.10 -17.04 -50.15
C3 PA8 CA . 1.21 -17.60 -51.56
O5 PA8 CA . -0.01 -17.47 -52.22
C4 PA8 CA . -0.05 -16.40 -53.12
O6 PA8 CA . -0.21 -15.30 -52.71
C5 PA8 CA . 0.10 -16.63 -54.62
C6 PA8 CA . -0.31 -15.39 -55.42
C7 PA8 CA . -0.38 -15.65 -56.92
O7 PA8 CA . -0.25 -16.92 -49.79
C12 PA8 CA . -0.72 -15.60 -49.60
O8 PA8 CA . 0.03 -14.70 -49.46
C13 PA8 CA . -2.23 -15.33 -49.59
C14 PA8 CA . -2.56 -13.93 -49.02
C15 PA8 CA . -4.00 -13.80 -48.56
C16 PA8 CA . -4.92 -13.21 -49.62
C17 PA8 CA . -5.92 -12.23 -49.00
C18 PA8 CA . -6.76 -11.47 -50.02
C19 PA8 CA . -7.76 -10.55 -49.35
O1 PA8 DA . 2.14 -13.63 -42.35
O2 PA8 DA . 4.43 -14.10 -43.13
P1 PA8 DA . 3.56 -13.14 -42.36
O3 PA8 DA . 3.60 -11.78 -43.03
O4 PA8 DA . 4.12 -13.00 -40.83
C1 PA8 DA . 4.85 -11.86 -40.47
C2 PA8 DA . 4.01 -11.00 -39.52
C3 PA8 DA . 4.93 -10.27 -38.54
O5 PA8 DA . 4.17 -9.75 -37.49
C4 PA8 DA . 4.78 -9.86 -36.24
O6 PA8 DA . 5.46 -10.80 -35.99
C5 PA8 DA . 4.59 -8.76 -35.20
C6 PA8 DA . 3.47 -9.05 -34.21
C7 PA8 DA . 3.87 -10.09 -33.15
O7 PA8 DA . 3.28 -10.07 -40.27
C12 PA8 DA . 1.90 -10.20 -40.14
O8 PA8 DA . 1.40 -11.27 -40.17
C13 PA8 DA . 1.03 -8.96 -39.96
C14 PA8 DA . 1.76 -7.83 -39.24
C15 PA8 DA . 0.80 -6.93 -38.49
C16 PA8 DA . 1.49 -5.92 -37.59
C17 PA8 DA . 0.54 -5.31 -36.58
C18 PA8 DA . 1.14 -4.09 -35.88
C19 PA8 DA . 1.11 -2.84 -36.75
O1 PA8 EA . -24.73 0.93 -32.89
O2 PA8 EA . -24.21 -0.22 -35.02
P1 PA8 EA . -23.76 0.85 -34.05
O3 PA8 EA . -23.71 2.18 -34.75
O4 PA8 EA . -22.27 0.46 -33.47
C1 PA8 EA . -21.68 -0.75 -33.85
C2 PA8 EA . -20.54 -1.11 -32.89
C3 PA8 EA . -19.48 -1.90 -33.68
O5 PA8 EA . -19.59 -3.25 -33.35
C4 PA8 EA . -18.72 -4.07 -34.10
O6 PA8 EA . -18.71 -3.97 -35.28
C5 PA8 EA . -17.81 -5.08 -33.41
C6 PA8 EA . -16.74 -5.61 -34.35
C7 PA8 EA . -16.58 -7.13 -34.27
O7 PA8 EA . -19.93 0.04 -32.32
C12 PA8 EA . -20.28 0.35 -31.00
O8 PA8 EA . -21.38 0.74 -30.76
C13 PA8 EA . -19.30 0.22 -29.84
C14 PA8 EA . -18.49 -1.07 -29.81
C15 PA8 EA . -17.82 -1.29 -28.46
C16 PA8 EA . -16.66 -2.28 -28.53
C17 PA8 EA . -16.07 -2.56 -27.14
C18 PA8 EA . -15.26 -3.85 -27.10
O1 PA8 FA . -7.95 -38.81 -26.62
O2 PA8 FA . -8.90 -41.09 -26.72
P1 PA8 FA . -9.22 -39.63 -26.49
O3 PA8 FA . -9.79 -39.45 -25.11
O4 PA8 FA . -10.33 -39.14 -27.61
C1 PA8 FA . -11.51 -38.56 -27.17
C2 PA8 FA . -11.29 -37.05 -27.07
C3 PA8 FA . -11.46 -36.44 -28.46
O5 PA8 FA . -12.82 -36.23 -28.71
C4 PA8 FA . -13.16 -34.92 -29.07
O6 PA8 FA . -12.32 -34.10 -29.19
C5 PA8 FA . -14.62 -34.54 -29.32
C6 PA8 FA . -14.89 -33.07 -29.01
C7 PA8 FA . -16.37 -32.72 -29.02
O7 PA8 FA . -12.20 -36.49 -26.18
C12 PA8 FA . -11.71 -36.22 -24.90
O8 PA8 FA . -10.77 -36.79 -24.47
C13 PA8 FA . -12.40 -35.17 -24.01
C14 PA8 FA . -13.14 -34.12 -24.82
C15 PA8 FA . -13.94 -33.15 -23.95
C16 PA8 FA . -14.45 -31.96 -24.74
C17 PA8 FA . -15.77 -31.40 -24.22
C18 PA8 FA . -15.59 -30.31 -23.17
C19 PA8 FA . -16.25 -28.99 -23.60
O1 PA8 GA . -2.52 -28.44 -34.86
O2 PA8 GA . -2.90 -30.85 -35.19
P1 PA8 GA . -3.39 -29.61 -34.48
O3 PA8 GA . -3.29 -29.83 -32.98
O4 PA8 GA . -4.95 -29.31 -34.91
C1 PA8 GA . -5.87 -28.92 -33.93
C2 PA8 GA . -6.16 -27.43 -34.09
C3 PA8 GA . -7.63 -27.21 -34.43
O5 PA8 GA . -8.10 -26.17 -33.62
C4 PA8 GA . -8.96 -25.26 -34.26
O6 PA8 GA . -9.15 -25.35 -35.43
C5 PA8 GA . -9.62 -24.15 -33.45
C6 PA8 GA . -10.07 -22.98 -34.33
C7 PA8 GA . -10.64 -21.83 -33.50
O7 PA8 GA . -5.87 -26.76 -32.90
C12 PA8 GA . -4.68 -26.03 -32.90
O8 PA8 GA . -3.64 -26.59 -32.91
C13 PA8 GA . -4.72 -24.51 -32.89
C14 PA8 GA . -3.58 -23.93 -32.04
C15 PA8 GA . -3.58 -22.40 -32.05
C16 PA8 GA . -4.94 -21.80 -31.74
C17 PA8 GA . -4.89 -20.29 -31.66
C18 PA8 GA . -4.16 -19.82 -30.40
C19 PA8 GA . -4.06 -18.31 -30.32
O1 PA8 HA . -6.44 -38.45 -32.29
O2 PA8 HA . -6.43 -39.73 -34.39
P1 PA8 HA . -7.25 -39.38 -33.16
O3 PA8 HA . -7.56 -40.64 -32.39
O4 PA8 HA . -8.65 -38.64 -33.61
C1 PA8 HA . -9.89 -39.13 -33.19
C2 PA8 HA . -10.92 -38.78 -34.26
C3 PA8 HA . -11.17 -40.00 -35.13
O5 PA8 HA . -12.53 -40.07 -35.47
C4 PA8 HA . -12.81 -39.63 -36.76
O6 PA8 HA . -12.86 -38.48 -36.98
C5 PA8 HA . -13.08 -40.62 -37.90
C6 PA8 HA . -13.83 -39.95 -39.05
C7 PA8 HA . -14.15 -40.90 -40.20
O7 PA8 HA . -12.12 -38.35 -33.68
C12 PA8 HA . -12.61 -37.10 -34.10
O8 PA8 HA . -11.93 -36.35 -34.71
C13 PA8 HA . -14.05 -36.68 -33.76
C14 PA8 HA . -14.22 -35.16 -33.73
C15 PA8 HA . -15.56 -34.73 -33.13
C16 PA8 HA . -16.68 -34.69 -34.16
C17 PA8 HA . -17.69 -33.58 -33.87
C18 PA8 HA . -18.71 -33.36 -34.98
C19 PA8 HA . -19.70 -32.26 -34.64
O1 PA8 IA . -7.95 -32.03 -29.69
O2 PA8 IA . -5.83 -32.96 -30.54
P1 PA8 IA . -6.51 -31.71 -30.01
O3 PA8 IA . -6.45 -30.62 -31.06
O4 PA8 IA . -5.73 -31.20 -28.65
C1 PA8 IA . -5.23 -29.91 -28.60
C2 PA8 IA . -6.35 -28.96 -28.13
C3 PA8 IA . -5.85 -28.14 -26.94
O5 PA8 IA . -5.51 -26.86 -27.37
C4 PA8 IA . -4.36 -26.34 -26.76
O6 PA8 IA . -3.48 -27.08 -26.46
C5 PA8 IA . -4.22 -24.84 -26.51
C6 PA8 IA . -4.91 -24.40 -25.23
C7 PA8 IA . -4.27 -25.00 -23.98
O7 PA8 IA . -6.69 -28.09 -29.16
C12 PA8 IA . -8.04 -28.12 -29.51
O8 PA8 IA . -8.63 -29.15 -29.55
C13 PA8 IA . -8.76 -26.82 -29.86
C14 PA8 IA . -7.86 -25.61 -29.59
C15 PA8 IA . -8.63 -24.29 -29.68
C16 PA8 IA . -7.87 -23.16 -28.99
C17 PA8 IA . -8.81 -22.07 -28.50
C18 PA8 IA . -8.17 -20.69 -28.58
C19 PA8 IA . -8.26 -20.09 -29.98
O1 PA8 JA . -32.19 -12.62 -21.83
O2 PA8 JA . -32.32 -14.57 -23.34
P1 PA8 JA . -31.65 -13.24 -23.09
O3 PA8 JA . -31.94 -12.31 -24.25
O4 PA8 JA . -30.03 -13.46 -22.93
C1 PA8 JA . -29.53 -14.77 -22.94
C2 PA8 JA . -28.20 -14.83 -22.18
C3 PA8 JA . -27.38 -16.01 -22.73
O5 PA8 JA . -27.33 -17.03 -21.78
C4 PA8 JA . -26.65 -18.17 -22.21
O6 PA8 JA . -26.83 -18.58 -23.32
C5 PA8 JA . -25.70 -18.92 -21.29
C6 PA8 JA . -24.69 -19.76 -22.07
C7 PA8 JA . -24.52 -21.16 -21.50
O7 PA8 JA . -27.46 -13.65 -22.34
C12 PA8 JA . -27.43 -12.77 -21.24
O8 PA8 JA . -28.41 -12.20 -20.92
C13 PA8 JA . -26.16 -12.51 -20.43
C14 PA8 JA . -25.35 -13.77 -20.08
C15 PA8 JA . -24.33 -13.51 -18.98
C16 PA8 JA . -23.13 -14.46 -19.06
C17 PA8 JA . -22.26 -14.39 -17.81
C18 PA8 JA . -21.27 -15.56 -17.72
O1 PA8 KA . -12.67 -46.18 -1.80
O2 PA8 KA . -13.71 -48.06 -0.57
P1 PA8 KA . -13.88 -46.62 -1.01
O3 PA8 KA . -14.04 -45.73 0.19
O4 PA8 KA . -15.24 -46.52 -1.95
C1 PA8 KA . -16.28 -45.70 -1.52
C2 PA8 KA . -16.13 -44.33 -2.18
C3 PA8 KA . -16.70 -44.43 -3.60
O5 PA8 KA . -18.08 -44.20 -3.55
C4 PA8 KA . -18.55 -43.22 -4.43
O6 PA8 KA . -17.80 -42.67 -5.16
C5 PA8 KA . -20.03 -42.86 -4.47
C6 PA8 KA . -20.24 -41.35 -4.61
C7 PA8 KA . -21.71 -40.96 -4.54
O7 PA8 KA . -16.81 -43.36 -1.44
C12 PA8 KA . -16.00 -42.57 -0.60
O8 PA8 KA . -15.01 -43.01 -0.12
C13 PA8 KA . -16.39 -41.13 -0.29
C14 PA8 KA . -17.59 -40.63 -1.10
C15 PA8 KA . -17.79 -39.14 -0.97
C16 PA8 KA . -18.84 -38.60 -1.94
C17 PA8 KA . -19.94 -37.78 -1.29
C18 PA8 KA . -19.54 -36.35 -0.99
C19 PA8 KA . -20.30 -35.34 -1.85
O1 PA8 LA . -9.96 -41.31 -14.94
O2 PA8 LA . -10.25 -43.54 -13.93
P1 PA8 LA . -10.63 -42.08 -13.83
O3 PA8 LA . -10.16 -41.55 -12.49
O4 PA8 LA . -12.26 -41.93 -13.97
C1 PA8 LA . -12.94 -41.04 -13.11
C2 PA8 LA . -13.34 -39.80 -13.91
C3 PA8 LA . -14.87 -39.70 -13.95
O5 PA8 LA . -15.23 -38.40 -13.59
C4 PA8 LA . -16.18 -37.80 -14.42
O6 PA8 LA . -16.66 -38.41 -15.31
C5 PA8 LA . -16.62 -36.37 -14.16
C6 PA8 LA . -17.56 -35.85 -15.24
C7 PA8 LA . -17.78 -34.34 -15.16
O7 PA8 LA . -12.83 -38.66 -13.28
C12 PA8 LA . -11.72 -38.10 -13.92
O8 PA8 LA . -10.69 -38.67 -13.92
C13 PA8 LA . -11.85 -36.75 -14.61
C14 PA8 LA . -10.49 -36.06 -14.76
C15 PA8 LA . -10.60 -34.70 -15.44
C16 PA8 LA . -11.67 -33.81 -14.82
C17 PA8 LA . -11.79 -32.48 -15.54
C18 PA8 LA . -10.77 -31.47 -15.04
C19 PA8 LA . -10.85 -30.14 -15.77
O1 PA8 MA . -12.71 -48.61 -7.08
O2 PA8 MA . -13.20 -50.69 -8.30
P1 PA8 MA . -13.68 -49.76 -7.21
O3 PA8 MA . -13.74 -50.51 -5.90
O4 PA8 MA . -15.17 -49.18 -7.59
C1 PA8 MA . -16.24 -49.27 -6.69
C2 PA8 MA . -17.53 -49.39 -7.50
C3 PA8 MA . -17.92 -50.85 -7.63
O5 PA8 MA . -19.31 -50.97 -7.49
C4 PA8 MA . -19.99 -51.11 -8.70
O6 PA8 MA . -20.27 -50.15 -9.32
C5 PA8 MA . -20.39 -52.48 -9.24
C6 PA8 MA . -21.46 -52.37 -10.32
C7 PA8 MA . -22.08 -53.71 -10.68
O7 PA8 MA . -18.56 -48.66 -6.88
C12 PA8 MA . -19.17 -47.67 -7.67
O8 PA8 MA . -18.61 -47.21 -8.62
C13 PA8 MA . -20.57 -47.14 -7.31
C14 PA8 MA . -20.86 -45.78 -7.94
C15 PA8 MA . -22.05 -45.07 -7.29
C16 PA8 MA . -23.36 -45.28 -8.06
C17 PA8 MA . -24.21 -44.01 -8.06
C18 PA8 MA . -25.55 -44.20 -8.76
C19 PA8 MA . -26.35 -42.90 -8.80
O1 PA8 NA . -13.76 -41.57 -7.44
O2 PA8 NA . -12.09 -43.03 -8.49
P1 PA8 NA . -12.61 -41.62 -8.41
O3 PA8 NA . -13.08 -41.18 -9.76
O4 PA8 NA . -11.40 -40.62 -7.88
C1 PA8 NA . -11.05 -39.53 -8.68
C2 PA8 NA . -11.87 -38.32 -8.25
C3 PA8 NA . -10.93 -37.22 -7.74
O5 PA8 NA . -10.91 -36.17 -8.68
C4 PA8 NA . -9.68 -35.51 -8.78
O6 PA8 NA . -8.69 -36.06 -8.43
C5 PA8 NA . -9.61 -34.11 -9.34
C6 PA8 NA . -10.03 -33.03 -8.34
C7 PA8 NA . -9.19 -33.05 -7.07
O7 PA8 NA . -12.60 -37.83 -9.34
C12 PA8 NA . -13.98 -37.95 -9.20
O8 PA8 NA . -14.45 -38.84 -8.57
C13 PA8 NA . -14.90 -36.92 -9.86
C14 PA8 NA . -14.12 -35.92 -10.70
C15 PA8 NA . -14.70 -34.51 -10.59
C16 PA8 NA . -14.11 -33.54 -11.61
C17 PA8 NA . -14.51 -32.11 -11.31
C18 PA8 NA . -13.96 -31.13 -12.35
C19 PA8 NA . -14.77 -31.13 -13.63
O1 PA8 OA . -36.20 -18.86 -4.50
O2 PA8 OA . -36.48 -21.31 -4.77
P1 PA8 OA . -35.84 -20.06 -5.35
O3 PA8 OA . -36.36 -19.85 -6.74
O4 PA8 OA . -34.21 -20.24 -5.36
C1 PA8 OA . -33.64 -21.33 -4.69
C2 PA8 OA . -32.13 -21.11 -4.52
C3 PA8 OA . -31.42 -22.46 -4.68
O5 PA8 OA . -31.09 -22.95 -3.40
C4 PA8 OA . -30.51 -24.23 -3.43
O6 PA8 OA . -30.99 -25.08 -4.09
C5 PA8 OA . -29.26 -24.52 -2.60
C6 PA8 OA . -28.64 -25.87 -2.97
C7 PA8 OA . -28.10 -26.63 -1.76
O7 PA8 OA . -31.62 -20.19 -5.45
C12 PA8 OA . -31.40 -18.88 -4.97
O8 PA8 OA . -32.32 -18.19 -4.68
C13 PA8 OA . -29.99 -18.30 -4.81
C14 PA8 OA . -29.01 -19.18 -4.03
C15 PA8 OA . -27.75 -18.41 -3.62
C16 PA8 OA . -26.67 -19.34 -3.08
C17 PA8 OA . -25.43 -18.55 -2.62
C18 PA8 OA . -24.44 -19.43 -1.86
O1 PA8 PA . -10.52 -39.88 23.82
O2 PA8 PA . -10.91 -41.08 25.94
P1 PA8 PA . -11.41 -39.99 25.02
O3 PA8 PA . -11.42 -38.67 25.76
O4 PA8 PA . -12.95 -40.37 24.56
C1 PA8 PA . -13.95 -39.40 24.70
C2 PA8 PA . -14.01 -38.57 23.42
C3 PA8 PA . -14.87 -39.31 22.40
O5 PA8 PA . -16.22 -39.07 22.70
C4 PA8 PA . -16.96 -38.49 21.66
O6 PA8 PA . -16.45 -38.27 20.62
C5 PA8 PA . -18.42 -38.12 21.87
C6 PA8 PA . -18.81 -36.88 21.08
C7 PA8 PA . -20.30 -36.56 21.17
O7 PA8 PA . -14.55 -37.31 23.70
C12 PA8 PA . -13.64 -36.26 23.86
O8 PA8 PA . -12.53 -36.49 24.19
C13 PA8 PA . -14.06 -34.83 23.60
C14 PA8 PA . -15.36 -34.71 22.79
C15 PA8 PA . -15.73 -33.27 22.48
C16 PA8 PA . -16.98 -33.20 21.60
C17 PA8 PA . -17.89 -32.02 21.93
C18 PA8 PA . -17.40 -30.70 21.33
C19 PA8 PA . -18.45 -30.04 20.44
O1 PA8 QA . -11.54 -42.25 9.68
O2 PA8 QA . -11.61 -43.85 11.56
P1 PA8 QA . -11.93 -42.44 11.14
O3 PA8 QA . -11.14 -41.47 11.99
O4 PA8 QA . -13.55 -42.16 11.32
C1 PA8 QA . -13.99 -40.91 11.75
C2 PA8 QA . -14.53 -40.15 10.54
C3 PA8 QA . -16.03 -39.86 10.71
O5 PA8 QA . -16.27 -38.61 10.15
C4 PA8 QA . -17.60 -38.34 9.82
O6 PA8 QA . -18.44 -39.14 10.05
C5 PA8 QA . -17.97 -37.00 9.19
C6 PA8 QA . -19.38 -36.96 8.64
C7 PA8 QA . -19.67 -35.69 7.84
O7 PA8 QA . -13.85 -38.93 10.42
C12 PA8 QA . -13.03 -38.83 9.29
O8 PA8 QA . -12.01 -39.42 9.25
C13 PA8 QA . -13.43 -37.95 8.11
C14 PA8 QA . -12.23 -37.51 7.30
C15 PA8 QA . -12.61 -36.66 6.09
C16 PA8 QA . -13.56 -35.53 6.44
C17 PA8 QA . -13.88 -34.64 5.24
C18 PA8 QA . -12.75 -33.66 4.97
C19 PA8 QA . -13.07 -32.72 3.80
O1 PA8 RA . -11.79 -44.74 20.52
O2 PA8 RA . -12.43 -47.10 20.74
P1 PA8 RA . -12.68 -45.71 21.27
O3 PA8 RA . -12.33 -45.66 22.74
O4 PA8 RA . -14.26 -45.29 21.04
C1 PA8 RA . -15.06 -44.91 22.13
C2 PA8 RA . -16.50 -45.29 21.80
C3 PA8 RA . -16.87 -46.56 22.54
O5 PA8 RA . -18.21 -46.50 22.95
C4 PA8 RA . -19.09 -47.20 22.12
O6 PA8 RA . -19.44 -46.71 21.11
C5 PA8 RA . -19.62 -48.57 22.51
C6 PA8 RA . -20.88 -48.93 21.73
C7 PA8 RA . -21.55 -50.20 22.22
O7 PA8 RA . -17.38 -44.25 22.15
C12 PA8 RA . -18.24 -43.79 21.13
O8 PA8 RA . -17.97 -43.94 19.99
C13 PA8 RA . -19.54 -43.08 21.51
C14 PA8 RA . -20.06 -42.18 20.38
C15 PA8 RA . -21.03 -41.12 20.87
C16 PA8 RA . -22.49 -41.54 20.75
C17 PA8 RA . -23.39 -40.34 20.45
C18 PA8 RA . -24.85 -40.71 20.20
C19 PA8 RA . -25.64 -39.52 19.67
O1 PA8 SA . -13.29 -38.76 17.06
O2 PA8 SA . -11.60 -40.52 16.72
P1 PA8 SA . -12.24 -39.30 16.11
O3 PA8 SA . -12.91 -39.68 14.81
O4 PA8 SA . -11.10 -38.15 15.84
C1 PA8 SA . -10.99 -37.61 14.55
C2 PA8 SA . -11.98 -36.44 14.43
C3 PA8 SA . -11.21 -35.16 14.10
O5 PA8 SA . -11.24 -34.97 12.71
C4 PA8 SA . -10.03 -34.53 12.16
O6 PA8 SA . -9.00 -34.76 12.72
C5 PA8 SA . -10.02 -33.78 10.83
C6 PA8 SA . -10.39 -32.31 10.99
C7 PA8 SA . -9.39 -31.55 11.85
O7 PA8 SA . -12.89 -36.71 13.40
C12 PA8 SA . -14.23 -36.56 13.76
O8 PA8 SA . -14.62 -36.99 14.78
C13 PA8 SA . -15.19 -35.83 12.82
C14 PA8 SA . -14.42 -34.99 11.79
C15 PA8 SA . -15.33 -34.33 10.76
C16 PA8 SA . -14.79 -32.96 10.35
C17 PA8 SA . -15.69 -32.26 9.35
C18 PA8 SA . -15.12 -32.31 7.92
C19 PA8 SA . -16.19 -32.09 6.86
O1 PA8 TA . -35.35 -15.53 14.61
O2 PA8 TA . -35.40 -17.95 15.06
P1 PA8 TA . -34.92 -16.89 14.10
O3 PA8 TA . -35.54 -17.13 12.75
O4 PA8 TA . -33.28 -16.95 13.97
C1 PA8 TA . -32.65 -18.19 14.09
C2 PA8 TA . -31.13 -18.01 14.27
C3 PA8 TA . -30.60 -19.31 14.87
O5 PA8 TA . -29.68 -19.03 15.89
C4 PA8 TA . -29.08 -20.19 16.42
O6 PA8 TA . -29.73 -21.17 16.54
C5 PA8 TA . -27.62 -20.19 16.83
C6 PA8 TA . -27.06 -21.61 16.88
C7 PA8 TA . -26.49 -21.98 18.25
O7 PA8 TA . -30.51 -17.79 13.04
C12 PA8 TA . -30.25 -16.45 12.68
O8 PA8 TA . -31.15 -15.70 12.50
C13 PA8 TA . -28.83 -15.94 12.49
C14 PA8 TA . -27.77 -16.69 13.29
C15 PA8 TA . -26.39 -16.03 13.22
C16 PA8 TA . -25.26 -17.03 13.43
C17 PA8 TA . -23.92 -16.35 13.68
C18 PA8 TA . -22.86 -17.31 14.19
O1 PA8 UA . -2.13 -22.79 41.90
O2 PA8 UA . -1.80 -22.73 44.35
P1 PA8 UA . -2.61 -22.20 43.21
O3 PA8 UA . -2.46 -20.70 43.15
O4 PA8 UA . -4.20 -22.58 43.45
C1 PA8 UA . -5.16 -21.57 43.33
C2 PA8 UA . -5.56 -21.45 41.87
C3 PA8 UA . -6.64 -22.50 41.57
O5 PA8 UA . -7.88 -21.99 41.95
C4 PA8 UA . -8.90 -22.11 40.99
O6 PA8 UA . -8.67 -22.59 39.94
C5 PA8 UA . -10.31 -21.60 41.30
C6 PA8 UA . -10.91 -20.86 40.11
C7 PA8 UA . -12.26 -20.22 40.44
O7 PA8 UA . -6.06 -20.17 41.62
C12 PA8 UA . -5.17 -19.30 40.97
O8 PA8 UA . -4.00 -19.45 41.07
C13 PA8 UA . -5.70 -18.13 40.14
C14 PA8 UA . -7.18 -18.26 39.82
C15 PA8 UA . -7.69 -17.12 38.94
C16 PA8 UA . -9.09 -17.40 38.42
C17 PA8 UA . -10.00 -16.17 38.40
C18 PA8 UA . -9.79 -15.30 37.15
C19 PA8 UA . -11.10 -15.01 36.43
O1 PA8 VA . -6.72 -31.39 31.23
O2 PA8 VA . -6.18 -32.01 33.56
P1 PA8 VA . -6.66 -30.90 32.65
O3 PA8 VA . -5.71 -29.73 32.75
O4 PA8 VA . -8.17 -30.43 33.14
C1 PA8 VA . -8.53 -29.08 33.04
C2 PA8 VA . -9.47 -28.90 31.85
C3 PA8 VA . -10.85 -28.47 32.35
O5 PA8 VA . -11.29 -27.42 31.54
C4 PA8 VA . -12.65 -27.47 31.19
O6 PA8 VA . -13.31 -28.38 31.54
C5 PA8 VA . -13.27 -26.35 30.36
C6 PA8 VA . -14.55 -26.78 29.67
C7 PA8 VA . -15.12 -25.71 28.74
O7 PA8 VA . -8.95 -27.90 31.01
C12 PA8 VA . -8.39 -28.37 29.83
O8 PA8 VA . -7.34 -28.92 29.84
C13 PA8 VA . -9.12 -28.19 28.50
C14 PA8 VA . -8.19 -28.34 27.31
C15 PA8 VA . -8.89 -28.14 25.97
C16 PA8 VA . -9.77 -26.90 25.95
C17 PA8 VA . -10.44 -26.70 24.59
C18 PA8 VA . -9.47 -26.10 23.57
C19 PA8 VA . -10.13 -25.79 22.24
O1 PA8 WA . -3.96 -28.37 41.69
O2 PA8 WA . -4.51 -30.38 43.00
P1 PA8 WA . -4.65 -28.88 42.95
O3 PA8 WA . -3.98 -28.27 44.16
O4 PA8 WA . -6.24 -28.46 42.90
C1 PA8 WA . -6.77 -27.53 43.81
C2 PA8 WA . -8.22 -27.90 44.09
C3 PA8 WA . -8.30 -28.70 45.38
O5 PA8 WA . -9.42 -28.29 46.11
C4 PA8 WA . -10.52 -29.15 45.99
O6 PA8 WA . -11.23 -29.04 45.05
C5 PA8 WA . -10.82 -30.20 47.05
C6 PA8 WA . -12.27 -30.67 46.96
C7 PA8 WA . -12.68 -31.58 48.11
O7 PA8 WA . -9.02 -26.75 44.18
C12 PA8 WA . -10.10 -26.68 43.29
O8 PA8 WA . -10.10 -27.30 42.27
C13 PA8 WA . -11.31 -25.80 43.62
C14 PA8 WA . -12.11 -25.41 42.39
C15 PA8 WA . -13.03 -24.21 42.63
C16 PA8 WA . -14.48 -24.60 42.86
C17 PA8 WA . -15.45 -23.62 42.20
C18 PA8 WA . -16.92 -23.88 42.51
C19 PA8 WA . -17.82 -22.88 41.81
O1 PA8 XA . -6.65 -24.73 36.23
O2 PA8 XA . -5.10 -26.64 36.33
P1 PA8 XA . -5.88 -25.75 35.41
O3 PA8 XA . -6.86 -26.57 34.61
O4 PA8 XA . -4.84 -24.97 34.39
C1 PA8 XA . -5.05 -25.06 33.01
C2 PA8 XA . -6.07 -23.99 32.60
C3 PA8 XA . -5.46 -23.11 31.51
O5 PA8 XA . -5.94 -23.53 30.27
C4 PA8 XA . -4.95 -23.60 29.27
O6 PA8 XA . -3.83 -23.84 29.56
C5 PA8 XA . -5.32 -23.37 27.81
C6 PA8 XA . -5.51 -21.89 27.47
C7 PA8 XA . -4.26 -21.06 27.75
O7 PA8 XA . -7.21 -24.61 32.09
C12 PA8 XA . -8.40 -24.23 32.72
O8 PA8 XA . -8.46 -24.12 33.89
C13 PA8 XA . -9.64 -23.96 31.86
C14 PA8 XA . -9.25 -23.77 30.39
C15 PA8 XA . -10.46 -23.62 29.47
C16 PA8 XA . -10.08 -22.95 28.16
C17 PA8 XA . -11.30 -22.64 27.30
C18 PA8 XA . -11.08 -23.03 25.85
C19 PA8 XA . -12.38 -23.50 25.17
O1 PA8 YA . -29.50 -3.69 28.18
O2 PA8 YA . -29.46 -5.37 30.00
P1 PA8 YA . -29.33 -5.16 28.51
O3 PA8 YA . -30.41 -5.93 27.80
O4 PA8 YA . -27.85 -5.67 28.01
C1 PA8 YA . -26.96 -6.19 28.96
C2 PA8 YA . -25.55 -6.30 28.37
C3 PA8 YA . -24.78 -7.32 29.21
O5 PA8 YA . -23.72 -6.68 29.87
C4 PA8 YA . -22.99 -7.53 30.69
O6 PA8 YA . -23.54 -8.30 31.39
C5 PA8 YA . -21.45 -7.47 30.72
C6 PA8 YA . -20.85 -8.62 31.52
C7 PA8 YA . -19.70 -8.18 32.41
O7 PA8 YA . -25.58 -6.75 27.04
C12 PA8 YA . -25.37 -5.79 26.03
O8 PA8 YA . -26.19 -5.00 25.78
C13 PA8 YA . -24.08 -5.79 25.19
C14 PA8 YA . -22.77 -5.72 25.99
C15 PA8 YA . -21.62 -5.14 25.17
C16 PA8 YA . -20.38 -6.03 25.19
C17 PA8 YA . -19.16 -5.33 24.62
C18 PA8 YA . -17.86 -5.86 25.20
O1 PA8 ZA . 9.75 0.03 46.89
O2 PA8 ZA . 10.51 1.52 48.70
P1 PA8 ZA . 9.47 1.31 47.63
O3 PA8 ZA . 9.50 2.47 46.65
O4 PA8 ZA . 7.98 1.25 48.34
C1 PA8 ZA . 7.02 2.19 47.96
C2 PA8 ZA . 6.22 1.60 46.81
C3 PA8 ZA . 5.18 0.64 47.39
O5 PA8 ZA . 4.05 1.36 47.79
C4 PA8 ZA . 2.85 0.93 47.21
O6 PA8 ZA . 2.84 0.07 46.41
C5 PA8 ZA . 1.53 1.60 47.60
C6 PA8 ZA . 0.68 1.91 46.37
C7 PA8 ZA . -0.62 2.65 46.71
O7 PA8 ZA . 5.58 2.63 46.11
C12 PA8 ZA . 6.18 3.03 44.91
O8 PA8 ZA . 7.35 2.90 44.76
C13 PA8 ZA . 5.35 3.65 43.79
C14 PA8 ZA . 3.85 3.52 44.03
C15 PA8 ZA . 3.02 4.21 42.95
C16 PA8 ZA . 1.54 3.90 43.11
C17 PA8 ZA . 0.61 4.95 42.48
C18 PA8 ZA . 0.56 4.86 40.96
C19 PA8 ZA . -0.84 5.15 40.42
O1 PA8 AB . 3.01 -12.02 43.39
O2 PA8 AB . 4.23 -11.20 45.37
P1 PA8 AB . 3.40 -10.79 44.17
O3 PA8 AB . 4.21 -9.86 43.29
O4 PA8 AB . 2.03 -10.01 44.71
C1 PA8 AB . 1.56 -8.90 44.00
C2 PA8 AB . 0.39 -9.33 43.11
C3 PA8 AB . -0.90 -8.64 43.56
O5 PA8 AB . -1.60 -8.30 42.40
C4 PA8 AB . -3.00 -8.19 42.54
O6 PA8 AB . -3.50 -8.45 43.58
C5 PA8 AB . -3.85 -7.74 41.36
C6 PA8 AB . -5.31 -8.14 41.50
C7 PA8 AB . -6.14 -7.75 40.27
O7 PA8 AB . 0.67 -8.97 41.79
C12 PA8 AB . 0.87 -10.05 40.92
O8 PA8 AB . 1.83 -10.74 41.06
C13 PA8 AB . -0.13 -10.36 39.81
C14 PA8 AB . 0.50 -11.15 38.68
C15 PA8 AB . -0.51 -11.53 37.60
C16 PA8 AB . -1.30 -10.33 37.10
C17 PA8 AB . -2.40 -10.73 36.12
C18 PA8 AB . -1.86 -10.92 34.71
C19 PA8 AB . -2.97 -11.20 33.70
O1 PA8 BB . 8.21 -4.63 49.86
O2 PA8 BB . 8.08 -5.70 52.06
P1 PA8 BB . 7.87 -4.41 51.31
O3 PA8 BB . 8.79 -3.35 51.88
O4 PA8 BB . 6.30 -3.92 51.44
C1 PA8 BB . 5.97 -2.66 51.95
C2 PA8 BB . 4.64 -2.79 52.68
C3 PA8 BB . 4.89 -2.93 54.17
O5 PA8 BB . 4.04 -2.08 54.87
C4 PA8 BB . 2.93 -2.73 55.43
O6 PA8 BB . 1.96 -2.88 54.77
C5 PA8 BB . 2.95 -3.21 56.87
C6 PA8 BB . 1.54 -3.48 57.39
C7 PA8 BB . 1.49 -3.81 58.88
O7 PA8 BB . 3.84 -1.66 52.43
C12 PA8 BB . 2.59 -1.91 51.84
O8 PA8 BB . 2.36 -2.94 51.30
C13 PA8 BB . 1.48 -0.84 51.89
C14 PA8 BB . 0.34 -1.15 50.91
C15 PA8 BB . -0.53 0.07 50.62
C16 PA8 BB . -1.74 0.17 51.55
C17 PA8 BB . -2.95 0.78 50.82
C18 PA8 BB . -4.25 0.63 51.59
C19 PA8 BB . -5.43 1.21 50.81
O1 PA8 CB . 4.11 -3.79 43.98
O2 PA8 CB . 5.68 -5.57 44.65
P1 PA8 CB . 4.63 -5.16 43.64
O3 PA8 CB . 3.49 -6.15 43.67
O4 PA8 CB . 5.29 -5.15 42.12
C1 PA8 CB . 4.69 -5.91 41.12
C2 PA8 CB . 3.68 -5.04 40.37
C3 PA8 CB . 4.09 -4.94 38.90
O5 PA8 CB . 3.20 -5.71 38.14
C4 PA8 CB . 3.79 -6.37 37.06
O6 PA8 CB . 4.94 -6.60 37.06
C5 PA8 CB . 2.93 -6.79 35.87
C6 PA8 CB . 2.61 -5.63 34.92
C7 PA8 CB . 3.86 -4.98 34.35
O7 PA8 CB . 2.41 -5.60 40.45
C12 PA8 CB . 1.48 -4.84 41.17
O8 PA8 CB . 1.82 -4.19 42.10
C13 PA8 CB . 0.02 -4.85 40.73
C14 PA8 CB . -0.21 -5.80 39.57
C15 PA8 CB . -1.43 -5.41 38.74
C16 PA8 CB . -1.58 -6.27 37.49
C17 PA8 CB . -2.53 -5.64 36.48
C18 PA8 CB . -2.92 -6.61 35.38
C19 PA8 CB . -4.16 -7.43 35.75
O1 PA8 DB . -21.14 12.38 32.83
O2 PA8 DB . -20.40 12.18 35.17
P1 PA8 DB . -20.76 11.42 33.92
O3 PA8 DB . -21.94 10.52 34.21
O4 PA8 DB . -19.47 10.51 33.43
C1 PA8 DB . -18.26 10.62 34.12
C2 PA8 DB . -17.12 10.08 33.26
C3 PA8 DB . -16.07 9.45 34.17
O5 PA8 DB . -14.96 10.29 34.25
C4 PA8 DB . -14.01 9.88 35.19
O6 PA8 DB . -14.36 9.53 36.27
C5 PA8 DB . -12.52 9.88 34.85
C6 PA8 DB . -11.69 9.15 35.90
C7 PA8 DB . -10.30 9.78 36.10
O7 PA8 DB . -17.57 9.12 32.32
C12 PA8 DB . -17.72 9.55 30.99
O8 PA8 DB . -18.58 10.32 30.71
C13 PA8 DB . -16.81 9.05 29.87
C14 PA8 DB . -15.31 9.12 30.17
C15 PA8 DB . -14.47 8.82 28.93
C16 PA8 DB . -12.99 8.70 29.26
C17 PA8 DB . -12.14 8.49 28.01
C18 PA8 DB . -10.63 8.57 28.28
O1 PA8 EB . 21.24 21.42 37.01
O2 PA8 EB . 22.51 23.40 37.77
P1 PA8 EB . 21.20 22.92 37.18
O3 PA8 EB . 21.02 23.56 35.82
O4 PA8 EB . 19.97 23.36 38.17
C1 PA8 EB . 18.92 24.12 37.64
C2 PA8 EB . 17.86 23.16 37.09
C3 PA8 EB . 17.00 22.67 38.25
O5 PA8 EB . 16.06 23.66 38.55
C4 PA8 EB . 14.75 23.20 38.75
O6 PA8 EB . 14.54 22.04 38.88
C5 PA8 EB . 13.57 24.17 38.80
C6 PA8 EB . 12.39 23.67 37.98
C7 PA8 EB . 11.17 24.56 38.10
O7 PA8 EB . 17.08 23.82 36.15
C12 PA8 EB . 17.38 23.54 34.81
O8 PA8 EB . 18.47 23.19 34.49
C13 PA8 EB . 16.30 23.67 33.73
C14 PA8 EB . 14.90 23.82 34.32
C15 PA8 EB . 13.82 23.75 33.25
C16 PA8 EB . 12.42 23.64 33.86
C17 PA8 EB . 11.38 24.49 33.14
C18 PA8 EB . 10.81 23.81 31.90
C19 PA8 EB . 9.29 23.71 31.93
O1 PA8 FB . 14.62 9.87 41.36
O2 PA8 FB . 16.11 11.40 42.58
P1 PA8 FB . 15.08 11.31 41.48
O3 PA8 FB . 15.70 11.75 40.18
O4 PA8 FB . 13.79 12.26 41.85
C1 PA8 FB . 13.11 12.94 40.83
C2 PA8 FB . 11.79 12.24 40.54
C3 PA8 FB . 10.61 13.18 40.86
O5 PA8 FB . 9.44 12.47 40.60
C4 PA8 FB . 8.31 13.27 40.36
O6 PA8 FB . 8.25 14.36 40.80
C5 PA8 FB . 7.14 12.71 39.55
C6 PA8 FB . 5.82 13.35 39.93
C7 PA8 FB . 4.65 12.82 39.10
O7 PA8 FB . 11.73 11.87 39.20
C12 PA8 FB . 11.68 10.50 38.98
O8 PA8 FB . 12.60 9.81 39.27
C13 PA8 FB . 10.44 9.87 38.34
C14 PA8 FB . 10.77 8.55 37.64
C15 PA8 FB . 9.52 7.77 37.24
C16 PA8 FB . 8.47 8.64 36.57
C17 PA8 FB . 7.29 7.82 36.06
C18 PA8 FB . 7.60 7.14 34.73
C19 PA8 FB . 6.40 6.42 34.15
O1 PA8 GB . 20.91 18.99 42.18
O2 PA8 GB . 21.43 19.15 44.57
P1 PA8 GB . 20.97 19.93 43.36
O3 PA8 GB . 21.95 21.04 43.07
O4 PA8 GB . 19.45 20.55 43.63
C1 PA8 GB . 19.21 21.92 43.48
C2 PA8 GB . 18.11 22.30 44.48
C3 PA8 GB . 18.76 22.92 45.71
O5 PA8 GB . 18.00 24.01 46.14
C4 PA8 GB . 17.17 23.72 47.23
O6 PA8 GB . 16.14 23.20 47.05
C5 PA8 GB . 17.59 24.09 48.66
C6 PA8 GB . 16.38 24.17 49.58
C7 PA8 GB . 16.72 24.62 50.99
O7 PA8 GB . 17.21 23.21 43.90
C12 PA8 GB . 15.86 22.84 43.92
O8 PA8 GB . 15.54 21.72 44.10
C13 PA8 GB . 14.77 23.89 43.68
C14 PA8 GB . 13.44 23.28 43.26
C15 PA8 GB . 12.47 24.29 42.68
C16 PA8 GB . 11.50 24.87 43.71
C17 PA8 GB . 10.07 24.95 43.15
C18 PA8 GB . 9.09 25.57 44.13
C19 PA8 GB . 7.72 25.81 43.48
O1 PA8 HB . 15.40 17.25 37.78
O2 PA8 HB . 17.19 15.91 38.80
P1 PA8 HB . 15.90 15.85 38.03
O3 PA8 HB . 14.87 15.10 38.84
O4 PA8 HB . 16.15 15.08 36.60
C1 PA8 HB . 15.32 13.99 36.27
C2 PA8 HB . 14.10 14.52 35.50
C3 PA8 HB . 14.09 13.93 34.09
O5 PA8 HB . 13.11 12.92 34.05
C4 PA8 HB . 13.48 11.78 33.32
O6 PA8 HB . 14.63 11.57 33.08
C5 PA8 HB . 12.41 10.83 32.82
C6 PA8 HB . 11.67 11.35 31.60
C7 PA8 HB . 12.60 11.61 30.42
O7 PA8 HB . 12.94 14.14 36.16
C12 PA8 HB . 12.18 15.20 36.64
O8 PA8 HB . 12.70 16.16 37.07
C13 PA8 HB . 10.66 15.10 36.63
C14 PA8 HB . 10.18 13.72 36.17
C15 PA8 HB . 8.78 13.78 35.57
C16 PA8 HB . 8.35 12.46 34.97
C17 PA8 HB . 7.24 12.63 33.94
C18 PA8 HB . 6.51 11.32 33.66
C19 PA8 HB . 5.57 10.94 34.80
O1 PA8 IB . -12.64 28.33 26.90
O2 PA8 IB . -11.30 29.03 28.86
P1 PA8 IB . -11.93 27.85 28.15
O3 PA8 IB . -12.94 27.21 29.07
O4 PA8 IB . -10.77 26.76 27.74
C1 PA8 IB . -9.43 27.10 27.96
C2 PA8 IB . -8.50 26.11 27.24
C3 PA8 IB . -7.22 25.96 28.06
O5 PA8 IB . -6.20 26.71 27.47
C4 PA8 IB . -5.00 26.68 28.20
O6 PA8 IB . -5.02 26.84 29.37
C5 PA8 IB . -3.67 26.44 27.49
C6 PA8 IB . -2.59 25.95 28.46
C7 PA8 IB . -1.25 26.63 28.25
O7 PA8 IB . -9.09 24.85 27.07
C12 PA8 IB . -9.62 24.54 25.82
O8 PA8 IB . -10.62 25.06 25.45
C13 PA8 IB . -8.96 23.51 24.88
C14 PA8 IB . -7.44 23.61 24.74
C15 PA8 IB . -6.90 22.78 23.59
C16 PA8 IB . -5.39 22.59 23.65
C17 PA8 IB . -4.85 21.87 22.42
C18 PA8 IB . -3.32 21.77 22.43
O1 PA8 JB . 29.10 34.66 15.40
O2 PA8 JB . 30.44 36.65 14.81
P1 PA8 JB . 29.05 36.08 14.88
O3 PA8 JB . 28.44 36.07 13.50
O4 PA8 JB . 28.14 37.02 15.89
C1 PA8 JB . 26.93 37.52 15.42
C2 PA8 JB . 25.82 36.52 15.72
C3 PA8 JB . 25.32 36.74 17.14
O5 PA8 JB . 24.36 37.76 17.12
C4 PA8 JB . 23.13 37.44 17.73
O6 PA8 JB . 22.99 36.39 18.26
C5 PA8 JB . 21.97 38.42 17.70
C6 PA8 JB . 20.62 37.71 17.61
C7 PA8 JB . 19.44 38.66 17.58
O7 PA8 JB . 24.77 36.69 14.81
C12 PA8 JB . 24.73 35.77 13.75
O8 PA8 JB . 25.70 35.20 13.40
C13 PA8 JB . 23.41 35.49 13.03
C14 PA8 JB . 22.20 35.95 13.83
C15 PA8 JB . 20.88 35.57 13.16
C16 PA8 JB . 19.69 35.75 14.09
C17 PA8 JB . 18.43 36.26 13.39
C18 PA8 JB . 17.66 35.15 12.66
C19 PA8 JB . 16.17 35.21 12.93
O1 PA8 KB . 24.44 27.07 26.49
O2 PA8 KB . 26.13 28.87 26.44
P1 PA8 KB . 24.85 28.37 25.83
O3 PA8 KB . 25.07 28.12 24.35
O4 PA8 KB . 23.66 29.50 26.03
C1 PA8 KB . 22.74 29.74 25.01
C2 PA8 KB . 21.40 29.11 25.37
C3 PA8 KB . 20.32 30.18 25.45
O5 PA8 KB . 19.12 29.60 25.01
C4 PA8 KB . 17.96 30.20 25.51
O6 PA8 KB . 18.03 31.08 26.29
C5 PA8 KB . 16.59 29.71 25.04
C6 PA8 KB . 15.46 30.21 25.94
C7 PA8 KB . 14.10 29.65 25.52
O7 PA8 KB . 21.05 28.17 24.39
C12 PA8 KB . 20.98 26.85 24.86
O8 PA8 KB . 21.96 26.28 25.18
C13 PA8 KB . 19.63 26.14 24.94
C14 PA8 KB . 19.79 24.62 24.91
C15 PA8 KB . 18.50 23.90 25.28
C16 PA8 KB . 17.28 24.42 24.53
C17 PA8 KB . 16.04 23.58 24.79
C18 PA8 KB . 16.04 22.31 23.94
C19 PA8 KB . 14.76 21.50 24.12
O1 PA8 LB . 29.98 34.82 21.29
O2 PA8 LB . 31.12 36.02 23.10
P1 PA8 LB . 30.32 36.18 21.83
O3 PA8 LB . 31.16 36.93 20.82
O4 PA8 LB . 28.93 37.01 22.14
C1 PA8 LB . 28.55 38.11 21.35
C2 PA8 LB . 27.76 39.07 22.23
C3 PA8 LB . 28.68 40.17 22.73
O5 PA8 LB . 27.98 41.38 22.79
C4 PA8 LB . 27.53 41.71 24.07
O6 PA8 LB . 26.53 41.24 24.47
C5 PA8 LB . 28.31 42.68 24.95
C6 PA8 LB . 27.39 43.33 25.98
C7 PA8 LB . 28.11 44.35 26.87
O7 PA8 LB . 26.70 39.63 21.51
C12 PA8 LB . 25.42 39.49 22.08
O8 PA8 LB . 25.19 38.64 22.86
C13 PA8 LB . 24.30 40.46 21.67
C14 PA8 LB . 22.91 39.88 21.94
C15 PA8 LB . 21.81 40.66 21.22
C16 PA8 LB . 21.00 41.56 22.15
C17 PA8 LB . 19.50 41.48 21.85
C18 PA8 LB . 18.68 42.57 22.54
C19 PA8 LB . 17.21 42.49 22.13
O1 PA8 MB . 23.71 32.05 19.81
O2 PA8 MB . 25.71 31.14 20.94
P1 PA8 MB . 24.24 30.90 20.64
O3 PA8 MB . 23.47 30.81 21.92
O4 PA8 MB . 24.09 29.49 19.79
C1 PA8 MB . 23.71 28.34 20.48
C2 PA8 MB . 22.24 28.05 20.20
C3 PA8 MB . 21.93 26.59 20.55
O5 PA8 MB . 20.78 26.19 19.86
C4 PA8 MB . 20.93 24.96 19.18
O6 PA8 MB . 21.97 24.70 18.68
C5 PA8 MB . 19.77 23.98 19.11
C6 PA8 MB . 18.93 24.13 17.83
C7 PA8 MB . 19.64 23.59 16.59
O7 PA8 MB . 21.44 28.89 20.99
C12 PA8 MB . 20.55 29.68 20.25
O8 PA8 MB . 20.92 30.23 19.28
C13 PA8 MB . 19.10 29.82 20.71
C14 PA8 MB . 18.57 28.54 21.35
C15 PA8 MB . 17.05 28.43 21.20
C16 PA8 MB . 16.52 27.03 21.49
C17 PA8 MB . 15.18 26.79 20.81
C18 PA8 MB . 14.51 25.51 21.31
C19 PA8 MB . 13.79 25.71 22.64
O1 PA8 NB . -6.66 38.86 11.93
O2 PA8 NB . -4.91 40.09 13.16
P1 PA8 NB . -5.72 38.82 13.11
O3 PA8 NB . -6.52 38.68 14.37
O4 PA8 NB . -4.70 37.53 12.96
C1 PA8 NB . -3.32 37.72 13.13
C2 PA8 NB . -2.56 36.49 12.63
C3 PA8 NB . -1.10 36.62 13.06
O5 PA8 NB . -0.31 36.93 11.95
C4 PA8 NB . 1.04 37.13 12.26
O6 PA8 NB . 1.35 37.78 13.21
C5 PA8 NB . 2.14 36.54 11.38
C6 PA8 NB . 3.48 36.47 12.12
C7 PA8 NB . 4.67 36.81 11.22
O7 PA8 NB . -3.11 35.31 13.14
C12 PA8 NB . -3.86 34.52 12.23
O8 PA8 NB . -4.89 34.91 11.82
C13 PA8 NB . -3.39 33.13 11.80
C14 PA8 NB . -1.93 33.08 11.34
C15 PA8 NB . -1.59 31.75 10.65
C16 PA8 NB . -0.10 31.49 10.58
C17 PA8 NB . 0.24 30.32 9.68
C18 PA8 NB . 1.75 30.17 9.44
#